data_9IVF
#
_entry.id   9IVF
#
_cell.length_a   1.00
_cell.length_b   1.00
_cell.length_c   1.00
_cell.angle_alpha   90.00
_cell.angle_beta   90.00
_cell.angle_gamma   90.00
#
_symmetry.space_group_name_H-M   'P 1'
#
loop_
_entity.id
_entity.type
_entity.pdbx_description
1 polymer 'Putative primase C962R'
2 polymer "DNA (5'-D(P*TP*TP*TP*TP*TP*TP*TP*T)-3')"
3 non-polymer 'PHOSPHOAMINOPHOSPHONIC ACID-ADENYLATE ESTER'
#
loop_
_entity_poly.entity_id
_entity_poly.type
_entity_poly.pdbx_seq_one_letter_code
_entity_poly.pdbx_strand_id
1 'polypeptide(L)'
;MREESWEDHDTIQLTAQRKYLAEVQALETLLTRELSVFLTEPGSKKTNIINRITGKTYALPSTELLRLYEHLEQCRKQGA
LMYFLERQGTYSGLMLDYDLKLNTNAVPPLEPPALSRLCHRIFVHIKNSSVLPEGSHKIHFFFTLKPEVVQGKYGFHVLI
PGLKLAASTKKSIIGSLQHDATVQKILHEQGVTNPESCLDPHSASVPSLLYGSSKLNHKPYQLKTGFELVFDSSDPDYIP
IHQIKNLESYNLVSELSLTNEQGSLVRPVYCAADIAAEKEEEIPTEDHSLSILMLHDPEARYLHKILNLLPPEYYVEYPL
WSNVVFALANTSANYRPLAEWFSQKCPEKWNTGGKEKLEKLWNDASHHTEKKITKRSIMYWAHKHAPQQYKEIVEQGYFS
ILAEYVYSYNGMLEHYMIAKVIYAMMGNKFVVDVDSNGKYVWFEFVLPGQPMNQGEIWKWRKEVNPDELHIYISENFSRV
MDRITEHIKYHLSQPHESNILNYYKKLLKAFERSKSKIFNDSFKKGVIRQAEFLFRQRSFIQTLDTNPHLLGVGNGVLSI
ETIPAKLINHFHEHPIHQYTHICYVPFNPENPWTKLLLNALQDIIPELDARLWIMFYLSTAIFRGLKEALMLLWLGGGCN
GKTFLMRLVAMVLGDHYASKLNISLLTSCRETAEKPNSAFMRLKGRGYGYFEETNKSEVLNTSRLKEMVNPGDVTARELN
QKQESFQMTATMVAASNYNFIIDTTDHGTWRRLRHYRSKVKFCHNPDPSNPYEKKEDPRFIHEYIMDPDCQNAFFSILVY
FWEKLQKEYNGQIKKVFCPTIESETEAYRKSQDTLHRFITERVVESPSAETVYNLSEVVTAYAEWYNTNINVKRHIALEL
SQELENSVLEKYLQWSPNKTRILKGCRILHKFETLQPGESYIGVSTAGTLLNTPICEPKNKWWEWSPNPSAPPEKEASAP
TP
;
A,B,C,D,E,F
2 'polydeoxyribonucleotide' (DT)(DT)(DT)(DT)(DT)(DT)(DT)(DT) G
#
loop_
_chem_comp.id
_chem_comp.type
_chem_comp.name
_chem_comp.formula
ANP non-polymer 'PHOSPHOAMINOPHOSPHONIC ACID-ADENYLATE ESTER' 'C10 H17 N6 O12 P3'
DT DNA linking THYMIDINE-5'-MONOPHOSPHATE 'C10 H15 N2 O8 P'
#
# COMPACT_ATOMS: atom_id res chain seq x y z
N ARG A 301 6.82 -32.85 -44.30
CA ARG A 301 6.55 -34.17 -44.85
C ARG A 301 5.33 -34.80 -44.17
N TYR A 302 5.22 -34.61 -42.86
CA TYR A 302 4.01 -35.04 -42.15
C TYR A 302 2.79 -34.25 -42.62
N LEU A 303 2.95 -32.93 -42.74
CA LEU A 303 1.88 -32.10 -43.26
C LEU A 303 1.59 -32.41 -44.72
N HIS A 304 2.61 -32.85 -45.46
CA HIS A 304 2.40 -33.32 -46.82
C HIS A 304 1.50 -34.56 -46.85
N LYS A 305 1.71 -35.47 -45.90
CA LYS A 305 0.83 -36.64 -45.77
C LYS A 305 -0.58 -36.24 -45.40
N ILE A 306 -0.72 -35.27 -44.49
CA ILE A 306 -2.04 -34.78 -44.09
C ILE A 306 -2.77 -34.17 -45.28
N LEU A 307 -2.05 -33.41 -46.11
CA LEU A 307 -2.62 -32.88 -47.35
C LEU A 307 -2.94 -34.00 -48.34
N ASN A 308 -2.16 -35.09 -48.31
CA ASN A 308 -2.43 -36.21 -49.20
C ASN A 308 -3.71 -36.95 -48.81
N LEU A 309 -4.07 -36.93 -47.53
CA LEU A 309 -5.34 -37.56 -47.16
C LEU A 309 -6.56 -36.70 -47.49
N LEU A 310 -6.37 -35.47 -47.97
CA LEU A 310 -7.48 -34.63 -48.34
C LEU A 310 -8.18 -35.18 -49.59
N PRO A 311 -9.51 -35.10 -49.66
CA PRO A 311 -10.24 -35.66 -50.79
C PRO A 311 -10.05 -34.80 -52.04
N PRO A 312 -10.32 -35.37 -53.23
CA PRO A 312 -10.26 -34.55 -54.46
C PRO A 312 -11.31 -33.46 -54.52
N GLU A 313 -12.38 -33.55 -53.72
CA GLU A 313 -13.44 -32.53 -53.72
C GLU A 313 -12.91 -31.15 -53.36
N TYR A 314 -11.78 -31.08 -52.65
CA TYR A 314 -11.17 -29.81 -52.29
C TYR A 314 -10.64 -29.05 -53.50
N TYR A 315 -10.45 -29.70 -54.66
CA TYR A 315 -10.17 -28.94 -55.86
C TYR A 315 -11.41 -28.79 -56.74
N VAL A 316 -12.50 -29.49 -56.42
CA VAL A 316 -13.74 -29.32 -57.19
C VAL A 316 -14.37 -27.97 -56.88
N GLU A 317 -14.40 -27.58 -55.62
CA GLU A 317 -15.07 -26.34 -55.19
C GLU A 317 -14.03 -25.25 -55.02
N TYR A 318 -14.26 -24.12 -55.70
CA TYR A 318 -13.31 -23.00 -55.64
C TYR A 318 -13.18 -22.34 -54.27
N PRO A 319 -14.26 -22.01 -53.54
CA PRO A 319 -14.04 -21.37 -52.22
C PRO A 319 -13.33 -22.25 -51.20
N LEU A 320 -13.62 -23.55 -51.19
CA LEU A 320 -12.93 -24.46 -50.28
C LEU A 320 -11.46 -24.60 -50.66
N TRP A 321 -11.19 -24.61 -51.96
CA TRP A 321 -9.82 -24.59 -52.47
C TRP A 321 -9.08 -23.34 -52.00
N SER A 322 -9.73 -22.19 -52.09
CA SER A 322 -9.11 -20.95 -51.63
C SER A 322 -8.91 -20.93 -50.12
N ASN A 323 -9.83 -21.54 -49.38
CA ASN A 323 -9.68 -21.62 -47.92
C ASN A 323 -8.46 -22.46 -47.54
N VAL A 324 -8.29 -23.61 -48.19
CA VAL A 324 -7.11 -24.44 -47.92
C VAL A 324 -5.84 -23.74 -48.38
N VAL A 325 -5.91 -22.99 -49.49
CA VAL A 325 -4.76 -22.22 -49.97
C VAL A 325 -4.36 -21.17 -48.94
N PHE A 326 -5.34 -20.46 -48.36
CA PHE A 326 -5.04 -19.46 -47.33
C PHE A 326 -4.50 -20.11 -46.06
N ALA A 327 -5.03 -21.29 -45.71
CA ALA A 327 -4.52 -22.01 -44.54
C ALA A 327 -3.07 -22.39 -44.73
N LEU A 328 -2.72 -22.93 -45.91
CA LEU A 328 -1.34 -23.27 -46.19
C LEU A 328 -0.45 -22.03 -46.26
N ALA A 329 -1.00 -20.91 -46.74
CA ALA A 329 -0.25 -19.65 -46.74
C ALA A 329 0.05 -19.19 -45.32
N ASN A 330 -0.89 -19.40 -44.41
CA ASN A 330 -0.62 -19.10 -43.00
C ASN A 330 0.36 -20.10 -42.38
N THR A 331 0.42 -21.32 -42.91
CA THR A 331 1.41 -22.27 -42.42
C THR A 331 2.82 -21.85 -42.83
N SER A 332 3.09 -21.82 -44.13
CA SER A 332 4.46 -21.75 -44.60
C SER A 332 4.98 -20.35 -44.87
N ALA A 333 4.08 -19.37 -45.06
CA ALA A 333 4.42 -18.01 -45.53
C ALA A 333 5.20 -18.06 -46.85
N ASN A 334 4.90 -19.07 -47.67
CA ASN A 334 5.51 -19.26 -48.98
C ASN A 334 4.55 -20.16 -49.77
N TYR A 335 5.03 -20.73 -50.88
CA TYR A 335 4.17 -21.53 -51.74
C TYR A 335 4.77 -22.89 -52.06
N ARG A 336 5.80 -23.34 -51.33
CA ARG A 336 6.38 -24.66 -51.62
C ARG A 336 5.44 -25.80 -51.25
N PRO A 337 4.91 -25.92 -50.01
CA PRO A 337 3.88 -26.95 -49.79
C PRO A 337 2.59 -26.62 -50.49
N LEU A 338 2.33 -25.36 -50.79
CA LEU A 338 1.19 -25.00 -51.62
C LEU A 338 1.34 -25.58 -53.02
N ALA A 339 2.54 -25.48 -53.60
CA ALA A 339 2.79 -26.09 -54.91
C ALA A 339 2.72 -27.61 -54.84
N GLU A 340 3.21 -28.19 -53.74
CA GLU A 340 3.09 -29.64 -53.57
C GLU A 340 1.63 -30.07 -53.49
N TRP A 341 0.80 -29.30 -52.79
CA TRP A 341 -0.63 -29.61 -52.73
C TRP A 341 -1.31 -29.39 -54.07
N PHE A 342 -0.86 -28.40 -54.84
CA PHE A 342 -1.38 -28.20 -56.19
C PHE A 342 -1.08 -29.41 -57.07
N SER A 343 0.15 -29.92 -56.99
CA SER A 343 0.52 -31.09 -57.78
C SER A 343 -0.17 -32.35 -57.29
N GLN A 344 -0.41 -32.46 -55.97
CA GLN A 344 -1.07 -33.64 -55.43
C GLN A 344 -2.54 -33.68 -55.82
N LYS A 345 -3.25 -32.56 -55.65
CA LYS A 345 -4.68 -32.55 -55.91
C LYS A 345 -4.98 -32.57 -57.40
N CYS A 346 -4.25 -31.80 -58.20
CA CYS A 346 -4.58 -31.62 -59.60
C CYS A 346 -3.30 -31.30 -60.37
N PRO A 347 -2.63 -32.33 -60.90
CA PRO A 347 -1.55 -32.07 -61.88
C PRO A 347 -2.07 -31.80 -63.27
N GLU A 348 -3.32 -32.11 -63.55
CA GLU A 348 -3.95 -31.90 -64.84
C GLU A 348 -5.02 -31.17 -65.66
N LYS A 349 -5.14 -29.85 -65.46
CA LYS A 349 -6.10 -28.97 -66.11
C LYS A 349 -5.10 -27.87 -66.47
N TRP A 350 -4.71 -27.06 -65.50
CA TRP A 350 -3.78 -25.97 -65.80
C TRP A 350 -2.36 -26.47 -66.05
N ASN A 351 -1.97 -27.59 -65.44
CA ASN A 351 -0.66 -28.25 -65.58
C ASN A 351 0.41 -27.27 -65.09
N THR A 352 1.55 -27.17 -65.78
CA THR A 352 2.60 -26.22 -65.38
C THR A 352 2.15 -24.78 -65.64
N GLY A 353 1.37 -24.55 -66.69
CA GLY A 353 0.86 -23.22 -66.97
C GLY A 353 -0.12 -22.75 -65.91
N GLY A 354 -0.17 -21.44 -65.72
CA GLY A 354 -0.98 -20.87 -64.66
C GLY A 354 -0.40 -20.99 -63.27
N LYS A 355 0.87 -21.41 -63.16
CA LYS A 355 1.53 -21.45 -61.86
C LYS A 355 1.70 -20.06 -61.28
N GLU A 356 2.04 -19.09 -62.13
CA GLU A 356 2.08 -17.69 -61.70
C GLU A 356 0.70 -17.20 -61.29
N LYS A 357 -0.35 -17.66 -62.00
CA LYS A 357 -1.71 -17.37 -61.56
C LYS A 357 -2.02 -18.03 -60.23
N LEU A 358 -1.44 -19.21 -59.96
CA LEU A 358 -1.62 -19.83 -58.66
C LEU A 358 -0.93 -19.04 -57.56
N GLU A 359 0.26 -18.49 -57.85
CA GLU A 359 0.91 -17.61 -56.88
C GLU A 359 0.12 -16.33 -56.67
N LYS A 360 -0.49 -15.80 -57.74
CA LYS A 360 -1.34 -14.63 -57.62
C LYS A 360 -2.57 -14.92 -56.75
N LEU A 361 -3.19 -16.09 -56.94
CA LEU A 361 -4.32 -16.48 -56.10
C LEU A 361 -3.90 -16.72 -54.66
N TRP A 362 -2.69 -17.25 -54.45
CA TRP A 362 -2.17 -17.39 -53.09
C TRP A 362 -1.97 -16.04 -52.43
N ASN A 363 -1.44 -15.06 -53.17
CA ASN A 363 -1.26 -13.72 -52.63
C ASN A 363 -2.61 -13.05 -52.36
N ASP A 364 -3.59 -13.29 -53.22
CA ASP A 364 -4.92 -12.72 -53.00
C ASP A 364 -5.62 -13.37 -51.81
N ALA A 365 -5.45 -14.68 -51.63
CA ALA A 365 -6.05 -15.37 -50.49
C ALA A 365 -5.39 -14.96 -49.18
N SER A 366 -4.07 -14.74 -49.21
CA SER A 366 -3.35 -14.33 -48.00
C SER A 366 -3.74 -12.95 -47.52
N HIS A 367 -4.38 -12.14 -48.37
CA HIS A 367 -4.82 -10.80 -48.02
C HIS A 367 -6.35 -10.72 -47.95
N HIS A 368 -6.98 -11.77 -47.42
CA HIS A 368 -8.43 -11.88 -47.46
C HIS A 368 -8.95 -12.58 -46.23
N THR A 369 -10.26 -12.41 -45.99
CA THR A 369 -11.13 -13.15 -45.07
C THR A 369 -10.88 -12.83 -43.59
N GLU A 370 -9.79 -12.10 -43.29
CA GLU A 370 -9.54 -11.48 -41.99
C GLU A 370 -9.47 -12.43 -40.78
N LYS A 371 -9.59 -13.74 -41.01
CA LYS A 371 -9.57 -14.72 -39.93
C LYS A 371 -8.53 -15.76 -40.26
N LYS A 372 -7.50 -15.87 -39.41
CA LYS A 372 -6.36 -16.73 -39.70
C LYS A 372 -6.77 -18.20 -39.57
N ILE A 373 -6.90 -18.86 -40.70
CA ILE A 373 -7.04 -20.31 -40.75
C ILE A 373 -5.64 -20.91 -40.84
N THR A 374 -5.37 -21.93 -40.02
CA THR A 374 -4.01 -22.43 -39.81
C THR A 374 -4.07 -23.95 -39.77
N LYS A 375 -3.00 -24.58 -39.26
CA LYS A 375 -2.79 -26.03 -39.38
C LYS A 375 -3.98 -26.82 -38.83
N ARG A 376 -4.58 -26.31 -37.74
CA ARG A 376 -5.58 -27.05 -36.98
C ARG A 376 -6.82 -27.34 -37.81
N SER A 377 -7.19 -26.43 -38.71
CA SER A 377 -8.32 -26.67 -39.59
C SER A 377 -8.04 -27.82 -40.55
N ILE A 378 -6.83 -27.89 -41.12
CA ILE A 378 -6.47 -28.98 -42.00
C ILE A 378 -6.45 -30.30 -41.24
N MET A 379 -5.91 -30.27 -40.01
CA MET A 379 -5.88 -31.48 -39.18
C MET A 379 -7.28 -31.97 -38.84
N TYR A 380 -8.18 -31.03 -38.55
CA TYR A 380 -9.58 -31.36 -38.27
C TYR A 380 -10.28 -31.90 -39.52
N TRP A 381 -10.00 -31.34 -40.69
CA TRP A 381 -10.60 -31.84 -41.92
C TRP A 381 -10.11 -33.25 -42.25
N ALA A 382 -8.82 -33.51 -41.98
CA ALA A 382 -8.28 -34.85 -42.18
C ALA A 382 -8.88 -35.83 -41.18
N HIS A 383 -9.13 -35.39 -39.95
CA HIS A 383 -9.83 -36.23 -38.97
C HIS A 383 -11.27 -36.51 -39.41
N LYS A 384 -11.95 -35.50 -39.97
CA LYS A 384 -13.35 -35.66 -40.35
C LYS A 384 -13.50 -36.57 -41.56
N HIS A 385 -12.64 -36.36 -42.57
CA HIS A 385 -12.72 -37.15 -43.83
C HIS A 385 -12.04 -38.51 -43.62
N ALA A 386 -10.84 -38.52 -43.02
CA ALA A 386 -10.09 -39.78 -42.84
C ALA A 386 -9.72 -39.95 -41.36
N PRO A 387 -10.67 -40.28 -40.47
CA PRO A 387 -10.39 -40.37 -39.03
C PRO A 387 -9.37 -41.47 -38.69
N GLN A 388 -9.56 -42.67 -39.23
CA GLN A 388 -8.63 -43.79 -38.94
C GLN A 388 -7.25 -43.46 -39.53
N GLN A 389 -7.22 -42.97 -40.76
CA GLN A 389 -5.93 -42.57 -41.39
C GLN A 389 -5.33 -41.42 -40.55
N TYR A 390 -6.19 -40.53 -40.05
CA TYR A 390 -5.72 -39.42 -39.18
C TYR A 390 -5.12 -40.01 -37.90
N LYS A 391 -5.75 -41.06 -37.37
CA LYS A 391 -5.26 -41.70 -36.12
C LYS A 391 -3.82 -42.17 -36.33
N GLU A 392 -3.56 -42.83 -37.46
CA GLU A 392 -2.18 -43.29 -37.77
C GLU A 392 -1.39 -42.10 -38.33
N ILE A 393 -0.17 -42.33 -38.82
CA ILE A 393 0.70 -41.24 -39.33
C ILE A 393 1.14 -40.38 -38.15
N VAL A 394 0.19 -39.70 -37.48
CA VAL A 394 0.51 -38.89 -36.28
C VAL A 394 0.97 -39.85 -35.17
N GLU A 395 0.31 -41.01 -35.07
CA GLU A 395 0.66 -42.00 -34.01
C GLU A 395 2.14 -42.38 -34.14
N GLN A 396 2.64 -42.46 -35.38
CA GLN A 396 4.06 -42.84 -35.62
C GLN A 396 4.90 -41.57 -35.77
N GLY A 397 4.26 -40.44 -36.07
CA GLY A 397 5.01 -39.19 -36.30
C GLY A 397 5.79 -38.76 -35.07
N TYR A 398 5.11 -38.62 -33.93
CA TYR A 398 5.82 -38.26 -32.67
C TYR A 398 6.65 -39.46 -32.21
N PHE A 399 6.15 -40.68 -32.44
CA PHE A 399 6.90 -41.91 -32.06
C PHE A 399 8.28 -41.87 -32.72
N SER A 400 8.36 -41.37 -33.96
CA SER A 400 9.65 -41.31 -34.69
C SER A 400 10.53 -40.24 -34.06
N ILE A 401 9.97 -39.05 -33.81
CA ILE A 401 10.74 -37.95 -33.14
C ILE A 401 11.36 -38.52 -31.87
N LEU A 402 10.54 -39.12 -31.01
CA LEU A 402 11.02 -39.69 -29.76
C LEU A 402 12.08 -40.76 -30.02
N ALA A 403 11.90 -41.57 -31.06
CA ALA A 403 12.88 -42.59 -31.41
C ALA A 403 14.18 -41.97 -31.87
N GLU A 404 14.11 -40.88 -32.64
CA GLU A 404 15.33 -40.20 -33.07
C GLU A 404 16.09 -39.63 -31.88
N TYR A 405 15.38 -39.03 -30.93
CA TYR A 405 16.03 -38.53 -29.72
C TYR A 405 16.65 -39.66 -28.90
N VAL A 406 15.94 -40.78 -28.78
CA VAL A 406 16.42 -41.90 -27.97
C VAL A 406 17.66 -42.53 -28.58
N TYR A 407 17.64 -42.76 -29.90
CA TYR A 407 18.79 -43.38 -30.54
C TYR A 407 19.96 -42.42 -30.68
N SER A 408 19.71 -41.11 -30.77
CA SER A 408 20.82 -40.19 -30.95
C SER A 408 21.35 -39.62 -29.64
N TYR A 409 20.70 -39.91 -28.50
CA TYR A 409 21.27 -39.50 -27.22
C TYR A 409 21.38 -40.67 -26.25
N ASN A 410 21.39 -41.90 -26.77
CA ASN A 410 21.66 -43.12 -26.02
C ASN A 410 20.68 -43.33 -24.86
N GLY A 411 19.42 -43.01 -25.10
CA GLY A 411 18.38 -43.28 -24.13
C GLY A 411 18.29 -42.30 -22.99
N MET A 412 19.12 -41.26 -22.97
CA MET A 412 19.08 -40.24 -21.94
C MET A 412 18.16 -39.13 -22.42
N LEU A 413 17.03 -38.96 -21.73
CA LEU A 413 16.00 -38.02 -22.14
C LEU A 413 15.99 -36.81 -21.22
N GLU A 414 15.77 -35.64 -21.79
CA GLU A 414 15.76 -34.40 -21.04
C GLU A 414 14.45 -33.65 -21.30
N HIS A 415 14.33 -32.46 -20.69
CA HIS A 415 13.07 -31.74 -20.68
C HIS A 415 12.64 -31.29 -22.07
N TYR A 416 13.58 -30.81 -22.88
CA TYR A 416 13.22 -30.27 -24.18
C TYR A 416 12.78 -31.35 -25.15
N MET A 417 13.36 -32.55 -25.04
CA MET A 417 12.99 -33.64 -25.95
C MET A 417 11.52 -34.00 -25.80
N ILE A 418 11.09 -34.28 -24.57
CA ILE A 418 9.72 -34.70 -24.38
C ILE A 418 8.78 -33.51 -24.45
N ALA A 419 9.28 -32.29 -24.21
CA ALA A 419 8.47 -31.10 -24.49
C ALA A 419 8.17 -30.99 -25.98
N LYS A 420 9.15 -31.27 -26.83
CA LYS A 420 8.93 -31.22 -28.27
C LYS A 420 7.96 -32.30 -28.73
N VAL A 421 8.08 -33.50 -28.19
CA VAL A 421 7.13 -34.56 -28.55
C VAL A 421 5.72 -34.21 -28.07
N ILE A 422 5.60 -33.70 -26.85
CA ILE A 422 4.31 -33.32 -26.30
C ILE A 422 3.67 -32.20 -27.11
N TYR A 423 4.48 -31.24 -27.57
CA TYR A 423 3.97 -30.20 -28.45
C TYR A 423 3.52 -30.78 -29.78
N ALA A 424 4.23 -31.79 -30.28
CA ALA A 424 3.82 -32.41 -31.53
C ALA A 424 2.50 -33.15 -31.39
N MET A 425 2.16 -33.63 -30.19
CA MET A 425 0.94 -34.40 -30.06
C MET A 425 -0.17 -33.71 -29.28
N MET A 426 0.04 -32.48 -28.79
CA MET A 426 -1.02 -31.71 -28.15
C MET A 426 -0.97 -30.23 -28.53
N GLY A 427 -0.39 -29.91 -29.69
CA GLY A 427 -0.21 -28.52 -30.06
C GLY A 427 -1.48 -27.82 -30.49
N ASN A 428 -2.51 -28.57 -30.87
CA ASN A 428 -3.77 -28.01 -31.33
C ASN A 428 -4.74 -27.71 -30.20
N LYS A 429 -4.39 -28.05 -28.96
CA LYS A 429 -5.30 -27.92 -27.84
C LYS A 429 -4.86 -26.93 -26.77
N PHE A 430 -3.59 -26.54 -26.75
CA PHE A 430 -3.08 -25.65 -25.73
C PHE A 430 -2.36 -24.50 -26.39
N VAL A 431 -2.29 -23.37 -25.69
CA VAL A 431 -1.54 -22.22 -26.18
C VAL A 431 -1.01 -21.45 -24.98
N VAL A 432 0.12 -20.76 -25.18
CA VAL A 432 0.76 -19.97 -24.14
C VAL A 432 0.91 -18.55 -24.64
N ASP A 433 0.65 -17.57 -23.77
CA ASP A 433 0.97 -16.20 -24.14
C ASP A 433 1.38 -15.42 -22.90
N VAL A 434 2.02 -14.28 -23.13
CA VAL A 434 2.49 -13.40 -22.07
C VAL A 434 1.50 -12.26 -21.89
N ASP A 435 1.04 -12.06 -20.66
CA ASP A 435 0.05 -11.02 -20.37
C ASP A 435 0.75 -9.71 -20.04
N SER A 436 -0.01 -8.75 -19.53
CA SER A 436 0.55 -7.43 -19.21
C SER A 436 1.47 -7.45 -18.01
N ASN A 437 1.31 -8.42 -17.11
CA ASN A 437 2.19 -8.54 -15.95
C ASN A 437 3.48 -9.29 -16.25
N GLY A 438 3.66 -9.77 -17.48
CA GLY A 438 4.87 -10.48 -17.83
C GLY A 438 4.89 -11.93 -17.42
N LYS A 439 3.72 -12.56 -17.28
CA LYS A 439 3.63 -13.95 -16.91
C LYS A 439 3.12 -14.78 -18.07
N TYR A 440 3.63 -16.02 -18.16
CA TYR A 440 3.18 -16.95 -19.18
C TYR A 440 1.90 -17.62 -18.70
N VAL A 441 0.85 -17.53 -19.51
CA VAL A 441 -0.49 -17.98 -19.15
C VAL A 441 -0.89 -19.05 -20.14
N TRP A 442 -1.47 -20.15 -19.65
CA TRP A 442 -1.90 -21.23 -20.52
C TRP A 442 -3.37 -21.08 -20.85
N PHE A 443 -3.74 -21.54 -22.04
CA PHE A 443 -5.12 -21.58 -22.46
C PHE A 443 -5.40 -22.93 -23.08
N GLU A 444 -6.56 -23.51 -22.71
CA GLU A 444 -6.93 -24.86 -23.20
C GLU A 444 -8.29 -24.80 -23.90
N PHE A 445 -8.37 -25.36 -25.11
CA PHE A 445 -9.61 -25.43 -25.87
C PHE A 445 -10.46 -26.56 -25.32
N VAL A 446 -11.68 -26.26 -24.93
CA VAL A 446 -12.53 -27.23 -24.23
C VAL A 446 -13.39 -27.98 -25.25
N LEU A 447 -13.35 -29.30 -25.16
CA LEU A 447 -14.07 -30.26 -25.98
C LEU A 447 -15.28 -30.79 -25.24
N PRO A 448 -16.30 -31.33 -25.96
CA PRO A 448 -17.56 -31.71 -25.29
C PRO A 448 -17.43 -32.74 -24.18
N GLY A 449 -16.60 -33.77 -24.34
CA GLY A 449 -16.47 -34.71 -23.26
C GLY A 449 -15.30 -34.38 -22.36
N GLN A 450 -15.56 -33.65 -21.28
CA GLN A 450 -14.50 -33.09 -20.45
C GLN A 450 -15.11 -32.71 -19.10
N PRO A 451 -14.32 -32.76 -18.03
CA PRO A 451 -14.79 -32.19 -16.76
C PRO A 451 -14.80 -30.68 -16.85
N MET A 452 -15.91 -30.15 -17.34
CA MET A 452 -15.98 -28.80 -17.87
C MET A 452 -16.94 -27.96 -17.04
N ASN A 453 -16.53 -26.73 -16.72
CA ASN A 453 -17.41 -25.77 -16.07
C ASN A 453 -18.53 -25.35 -17.02
N GLN A 454 -19.64 -24.88 -16.44
CA GLN A 454 -20.83 -24.60 -17.25
C GLN A 454 -20.60 -23.44 -18.21
N GLY A 455 -20.94 -23.67 -19.48
CA GLY A 455 -20.81 -22.66 -20.50
C GLY A 455 -19.46 -22.53 -21.15
N GLU A 456 -18.52 -23.41 -20.83
CA GLU A 456 -17.15 -23.28 -21.30
C GLU A 456 -16.87 -24.04 -22.58
N ILE A 457 -17.88 -24.65 -23.18
CA ILE A 457 -17.66 -25.55 -24.31
C ILE A 457 -17.30 -24.76 -25.56
N TRP A 458 -16.39 -25.33 -26.37
CA TRP A 458 -15.91 -24.75 -27.62
C TRP A 458 -15.28 -23.36 -27.42
N LYS A 459 -14.52 -23.20 -26.34
CA LYS A 459 -13.89 -21.92 -26.04
C LYS A 459 -12.53 -22.17 -25.43
N TRP A 460 -11.77 -21.11 -25.27
CA TRP A 460 -10.46 -21.16 -24.62
C TRP A 460 -10.63 -20.76 -23.16
N ARG A 461 -10.22 -21.64 -22.25
CA ARG A 461 -10.25 -21.34 -20.84
C ARG A 461 -8.84 -21.11 -20.33
N LYS A 462 -8.72 -20.23 -19.32
CA LYS A 462 -7.37 -19.89 -18.79
C LYS A 462 -7.00 -20.90 -17.70
N GLU A 463 -5.76 -21.38 -17.73
CA GLU A 463 -5.31 -22.40 -16.73
C GLU A 463 -4.09 -21.88 -15.98
N VAL A 464 -4.14 -21.82 -14.65
CA VAL A 464 -2.96 -21.42 -13.85
C VAL A 464 -1.83 -22.41 -14.17
N ASN A 465 -2.18 -23.69 -14.31
CA ASN A 465 -1.18 -24.72 -14.68
C ASN A 465 -1.83 -25.66 -15.72
N PRO A 466 -1.06 -26.23 -16.68
CA PRO A 466 -1.62 -27.16 -17.65
C PRO A 466 -1.89 -28.51 -16.97
N ASP A 467 -2.79 -28.54 -15.99
CA ASP A 467 -3.07 -29.78 -15.24
C ASP A 467 -3.29 -30.94 -16.21
N GLU A 468 -4.08 -30.71 -17.27
CA GLU A 468 -4.38 -31.77 -18.25
C GLU A 468 -3.07 -32.22 -18.92
N LEU A 469 -2.21 -31.26 -19.28
CA LEU A 469 -0.93 -31.59 -19.97
C LEU A 469 -0.04 -32.39 -19.02
N HIS A 470 -0.05 -32.06 -17.72
CA HIS A 470 0.75 -32.82 -16.72
C HIS A 470 0.28 -34.28 -16.72
N ILE A 471 -1.03 -34.49 -16.63
CA ILE A 471 -1.59 -35.87 -16.64
C ILE A 471 -1.24 -36.53 -17.97
N TYR A 472 -1.31 -35.77 -19.07
CA TYR A 472 -0.99 -36.31 -20.42
C TYR A 472 0.41 -36.90 -20.40
N ILE A 473 1.36 -36.22 -19.75
CA ILE A 473 2.78 -36.68 -19.72
C ILE A 473 2.86 -38.02 -18.96
N SER A 474 2.19 -38.12 -17.82
CA SER A 474 2.30 -39.36 -16.99
C SER A 474 1.34 -40.44 -17.48
N GLU A 475 0.61 -40.18 -18.57
CA GLU A 475 -0.39 -41.16 -19.07
C GLU A 475 -0.16 -41.43 -20.57
N ASN A 476 -0.67 -40.54 -21.44
CA ASN A 476 -0.57 -40.76 -22.91
C ASN A 476 0.91 -40.87 -23.31
N PHE A 477 1.75 -39.95 -22.84
CA PHE A 477 3.17 -39.95 -23.24
C PHE A 477 3.85 -41.24 -22.75
N SER A 478 3.50 -41.68 -21.54
CA SER A 478 4.09 -42.94 -21.00
C SER A 478 3.77 -44.10 -21.95
N ARG A 479 2.58 -44.09 -22.55
CA ARG A 479 2.15 -45.18 -23.46
C ARG A 479 3.07 -45.22 -24.69
N VAL A 480 3.32 -44.06 -25.30
CA VAL A 480 4.24 -43.99 -26.48
C VAL A 480 5.64 -44.38 -26.02
N MET A 481 6.00 -44.01 -24.78
CA MET A 481 7.33 -44.38 -24.21
C MET A 481 7.43 -45.91 -24.15
N ASP A 482 6.34 -46.57 -23.77
CA ASP A 482 6.33 -48.07 -23.72
C ASP A 482 6.57 -48.62 -25.13
N ARG A 483 5.81 -48.14 -26.12
CA ARG A 483 6.02 -48.56 -27.50
C ARG A 483 7.50 -48.55 -27.87
N ILE A 484 8.24 -47.53 -27.41
CA ILE A 484 9.69 -47.48 -27.65
C ILE A 484 10.39 -48.68 -27.01
N THR A 485 9.99 -49.01 -25.77
CA THR A 485 10.57 -50.16 -25.09
C THR A 485 10.29 -51.47 -25.84
N GLU A 486 9.07 -51.62 -26.35
CA GLU A 486 8.72 -52.81 -27.13
C GLU A 486 9.55 -52.88 -28.41
N HIS A 487 9.83 -51.73 -29.01
CA HIS A 487 10.67 -51.69 -30.25
C HIS A 487 12.10 -52.14 -29.92
N ILE A 488 12.65 -51.64 -28.82
CA ILE A 488 14.05 -51.98 -28.43
C ILE A 488 14.13 -53.51 -28.21
N LYS A 489 13.12 -54.08 -27.56
CA LYS A 489 13.10 -55.54 -27.28
C LYS A 489 13.16 -56.30 -28.61
N TYR A 490 12.46 -55.80 -29.63
CA TYR A 490 12.47 -56.45 -30.97
C TYR A 490 13.90 -56.49 -31.50
N HIS A 491 14.61 -55.35 -31.41
CA HIS A 491 16.02 -55.29 -31.89
C HIS A 491 16.86 -56.28 -31.08
N LEU A 492 16.63 -56.33 -29.76
CA LEU A 492 17.39 -57.26 -28.89
C LEU A 492 17.06 -58.70 -29.31
N SER A 493 15.79 -58.96 -29.64
CA SER A 493 15.39 -60.32 -30.11
C SER A 493 16.15 -60.63 -31.41
N GLN A 494 16.34 -59.60 -32.25
CA GLN A 494 17.09 -59.78 -33.53
C GLN A 494 18.50 -60.30 -33.20
N PRO A 495 19.14 -61.12 -34.07
CA PRO A 495 20.46 -61.70 -33.76
C PRO A 495 21.47 -60.68 -33.22
N HIS A 496 22.32 -61.13 -32.28
CA HIS A 496 23.35 -60.23 -31.66
C HIS A 496 24.34 -59.76 -32.72
N GLU A 497 24.50 -60.53 -33.80
CA GLU A 497 25.48 -60.18 -34.85
C GLU A 497 26.84 -60.04 -34.16
N SER A 498 27.41 -58.83 -34.16
CA SER A 498 28.72 -58.60 -33.48
C SER A 498 28.52 -58.10 -32.05
N ASN A 499 27.95 -56.89 -31.90
CA ASN A 499 27.70 -56.32 -30.55
C ASN A 499 26.46 -55.42 -30.62
N ILE A 500 25.64 -55.58 -31.66
CA ILE A 500 24.45 -54.72 -31.84
C ILE A 500 23.51 -54.93 -30.65
N LEU A 501 23.33 -56.18 -30.21
CA LEU A 501 22.49 -56.45 -29.02
C LEU A 501 23.17 -55.86 -27.78
N ASN A 502 24.49 -55.86 -27.75
CA ASN A 502 25.21 -55.20 -26.62
C ASN A 502 24.77 -53.73 -26.60
N TYR A 503 24.72 -53.09 -27.76
CA TYR A 503 24.23 -51.69 -27.83
C TYR A 503 22.79 -51.63 -27.35
N TYR A 504 21.95 -52.55 -27.85
CA TYR A 504 20.52 -52.55 -27.46
C TYR A 504 20.42 -52.71 -25.93
N LYS A 505 21.24 -53.60 -25.36
CA LYS A 505 21.21 -53.83 -23.90
C LYS A 505 21.58 -52.53 -23.18
N LYS A 506 22.68 -51.89 -23.60
CA LYS A 506 23.11 -50.61 -22.97
C LYS A 506 22.04 -49.54 -23.19
N LEU A 507 21.53 -49.43 -24.42
CA LEU A 507 20.49 -48.43 -24.72
C LEU A 507 19.25 -48.74 -23.87
N LEU A 508 18.89 -50.02 -23.78
CA LEU A 508 17.71 -50.44 -22.98
C LEU A 508 17.93 -50.00 -21.52
N LYS A 509 19.07 -50.39 -20.93
CA LYS A 509 19.29 -50.05 -19.52
C LYS A 509 19.16 -48.55 -19.29
N ALA A 510 19.75 -47.74 -20.17
CA ALA A 510 19.65 -46.29 -20.03
C ALA A 510 18.22 -45.80 -20.21
N PHE A 511 17.48 -46.40 -21.15
CA PHE A 511 16.11 -45.96 -21.38
C PHE A 511 15.19 -46.35 -20.23
N GLU A 512 15.37 -47.54 -19.66
CA GLU A 512 14.56 -47.90 -18.49
C GLU A 512 14.93 -47.07 -17.27
N ARG A 513 16.19 -46.63 -17.17
CA ARG A 513 16.55 -45.71 -16.11
C ARG A 513 15.87 -44.37 -16.29
N SER A 514 15.81 -43.87 -17.52
CA SER A 514 15.22 -42.55 -17.77
C SER A 514 13.70 -42.57 -17.97
N LYS A 515 13.08 -43.75 -18.03
CA LYS A 515 11.65 -43.82 -18.24
C LYS A 515 10.86 -43.39 -17.01
N SER A 516 11.43 -43.55 -15.82
CA SER A 516 10.74 -43.20 -14.59
C SER A 516 10.72 -41.70 -14.32
N LYS A 517 11.46 -40.90 -15.09
CA LYS A 517 11.47 -39.46 -14.89
C LYS A 517 10.16 -38.81 -15.30
N ILE A 518 9.36 -39.48 -16.13
CA ILE A 518 8.09 -38.96 -16.60
C ILE A 518 7.09 -38.77 -15.45
N PHE A 519 7.24 -39.51 -14.36
CA PHE A 519 6.36 -39.40 -13.21
C PHE A 519 6.92 -38.50 -12.12
N ASN A 520 8.10 -37.92 -12.31
CA ASN A 520 8.72 -37.08 -11.29
C ASN A 520 8.20 -35.66 -11.38
N ASP A 521 7.95 -35.04 -10.23
CA ASP A 521 7.30 -33.73 -10.20
C ASP A 521 8.21 -32.63 -10.73
N SER A 522 9.49 -32.64 -10.33
CA SER A 522 10.42 -31.62 -10.80
C SER A 522 10.70 -31.76 -12.28
N PHE A 523 10.79 -33.00 -12.78
CA PHE A 523 10.99 -33.21 -14.21
C PHE A 523 9.80 -32.72 -15.01
N LYS A 524 8.58 -32.98 -14.53
CA LYS A 524 7.40 -32.50 -15.25
C LYS A 524 7.29 -30.99 -15.19
N LYS A 525 7.70 -30.38 -14.09
CA LYS A 525 7.73 -28.92 -14.02
C LYS A 525 8.72 -28.34 -15.01
N GLY A 526 9.90 -28.97 -15.14
CA GLY A 526 10.86 -28.52 -16.13
C GLY A 526 10.38 -28.71 -17.55
N VAL A 527 9.67 -29.80 -17.81
CA VAL A 527 9.12 -30.05 -19.14
C VAL A 527 8.07 -29.00 -19.49
N ILE A 528 7.19 -28.68 -18.54
CA ILE A 528 6.16 -27.66 -18.78
C ILE A 528 6.80 -26.29 -18.97
N ARG A 529 7.87 -26.00 -18.21
CA ARG A 529 8.56 -24.73 -18.38
C ARG A 529 9.25 -24.63 -19.75
N GLN A 530 9.77 -25.76 -20.24
CA GLN A 530 10.39 -25.75 -21.56
C GLN A 530 9.36 -25.70 -22.68
N ALA A 531 8.16 -26.22 -22.45
CA ALA A 531 7.11 -26.21 -23.45
C ALA A 531 6.43 -24.86 -23.59
N GLU A 532 6.73 -23.91 -22.71
CA GLU A 532 6.15 -22.58 -22.84
C GLU A 532 6.71 -21.84 -24.04
N PHE A 533 7.91 -22.19 -24.49
CA PHE A 533 8.48 -21.56 -25.68
C PHE A 533 8.00 -22.22 -26.97
N LEU A 534 7.43 -23.42 -26.89
CA LEU A 534 6.99 -24.13 -28.07
C LEU A 534 5.50 -23.94 -28.34
N PHE A 535 4.70 -23.84 -27.29
CA PHE A 535 3.27 -23.60 -27.41
C PHE A 535 2.94 -22.13 -27.57
N ARG A 536 3.94 -21.25 -27.57
CA ARG A 536 3.70 -19.81 -27.53
C ARG A 536 3.17 -19.31 -28.86
N GLN A 537 2.08 -18.57 -28.81
CA GLN A 537 1.55 -17.83 -29.95
C GLN A 537 1.58 -16.34 -29.61
N ARG A 538 2.20 -15.55 -30.47
CA ARG A 538 2.62 -14.21 -30.08
C ARG A 538 1.50 -13.18 -30.03
N SER A 539 0.38 -13.42 -30.69
CA SER A 539 -0.70 -12.45 -30.75
C SER A 539 -2.01 -13.05 -30.30
N PHE A 540 -2.00 -13.74 -29.16
CA PHE A 540 -3.18 -14.44 -28.70
C PHE A 540 -4.01 -13.62 -27.71
N ILE A 541 -3.38 -13.13 -26.64
CA ILE A 541 -4.11 -12.39 -25.62
C ILE A 541 -4.61 -11.06 -26.17
N GLN A 542 -3.82 -10.43 -27.03
CA GLN A 542 -4.23 -9.18 -27.66
C GLN A 542 -5.43 -9.38 -28.59
N THR A 543 -5.55 -10.54 -29.22
CA THR A 543 -6.61 -10.83 -30.16
C THR A 543 -7.75 -11.62 -29.50
N LEU A 544 -7.75 -11.72 -28.17
CA LEU A 544 -8.53 -12.75 -27.47
C LEU A 544 -10.03 -12.53 -27.61
N ASP A 545 -10.52 -11.34 -27.31
CA ASP A 545 -11.94 -11.05 -27.50
C ASP A 545 -12.04 -9.70 -28.22
N THR A 546 -11.89 -9.73 -29.54
CA THR A 546 -11.84 -8.52 -30.33
C THR A 546 -12.79 -8.53 -31.51
N ASN A 547 -13.28 -9.67 -31.94
CA ASN A 547 -14.30 -9.72 -32.96
C ASN A 547 -15.64 -9.36 -32.34
N PRO A 548 -16.29 -8.27 -32.77
CA PRO A 548 -17.57 -7.90 -32.18
C PRO A 548 -18.75 -8.70 -32.71
N HIS A 549 -18.54 -9.51 -33.74
CA HIS A 549 -19.60 -10.32 -34.31
C HIS A 549 -19.66 -11.73 -33.74
N LEU A 550 -18.82 -12.06 -32.78
CA LEU A 550 -18.80 -13.37 -32.15
C LEU A 550 -19.05 -13.23 -30.67
N LEU A 551 -19.93 -14.06 -30.13
CA LEU A 551 -20.32 -14.00 -28.73
C LEU A 551 -20.28 -15.40 -28.14
N GLY A 552 -19.55 -15.57 -27.04
CA GLY A 552 -19.55 -16.86 -26.38
C GLY A 552 -20.86 -17.09 -25.66
N VAL A 553 -21.47 -18.26 -25.89
CA VAL A 553 -22.72 -18.62 -25.25
C VAL A 553 -22.56 -20.01 -24.65
N GLY A 554 -23.53 -20.38 -23.80
CA GLY A 554 -23.44 -21.60 -23.02
C GLY A 554 -23.41 -22.88 -23.82
N ASN A 555 -23.77 -22.82 -25.10
CA ASN A 555 -23.70 -23.99 -25.97
C ASN A 555 -22.81 -23.75 -27.18
N GLY A 556 -21.85 -22.83 -27.06
CA GLY A 556 -20.91 -22.65 -28.17
C GLY A 556 -20.58 -21.20 -28.47
N VAL A 557 -20.45 -20.86 -29.74
CA VAL A 557 -20.15 -19.49 -30.15
C VAL A 557 -21.25 -19.02 -31.11
N LEU A 558 -21.93 -17.95 -30.76
CA LEU A 558 -22.93 -17.36 -31.63
C LEU A 558 -22.26 -16.36 -32.57
N SER A 559 -22.55 -16.48 -33.85
CA SER A 559 -21.99 -15.62 -34.88
C SER A 559 -23.12 -14.83 -35.51
N ILE A 560 -23.00 -13.50 -35.48
CA ILE A 560 -23.97 -12.60 -36.08
C ILE A 560 -23.30 -11.89 -37.26
N GLU A 561 -22.32 -12.56 -37.88
CA GLU A 561 -21.66 -12.01 -39.06
C GLU A 561 -22.63 -11.92 -40.23
N THR A 562 -23.47 -12.94 -40.41
CA THR A 562 -24.38 -13.01 -41.54
C THR A 562 -25.74 -13.45 -41.03
N ILE A 563 -26.79 -12.77 -41.47
CA ILE A 563 -28.17 -13.15 -41.14
C ILE A 563 -28.51 -14.44 -41.89
N PRO A 564 -29.06 -15.47 -41.23
CA PRO A 564 -29.41 -15.59 -39.80
C PRO A 564 -28.22 -15.99 -38.94
N ALA A 565 -28.26 -15.63 -37.66
CA ALA A 565 -27.15 -15.91 -36.76
C ALA A 565 -26.96 -17.41 -36.57
N LYS A 566 -25.70 -17.83 -36.56
CA LYS A 566 -25.36 -19.25 -36.56
C LYS A 566 -24.69 -19.63 -35.24
N LEU A 567 -25.01 -20.82 -34.76
CA LEU A 567 -24.39 -21.36 -33.57
C LEU A 567 -23.27 -22.31 -33.97
N ILE A 568 -22.04 -21.87 -33.79
CA ILE A 568 -20.86 -22.73 -33.97
C ILE A 568 -20.76 -23.61 -32.74
N ASN A 569 -21.03 -24.90 -32.92
CA ASN A 569 -20.91 -25.92 -31.89
C ASN A 569 -20.00 -27.04 -32.35
N HIS A 570 -18.92 -26.68 -33.04
CA HIS A 570 -17.93 -27.63 -33.51
C HIS A 570 -16.57 -26.95 -33.42
N PHE A 571 -15.56 -27.57 -34.05
CA PHE A 571 -14.22 -27.02 -33.99
C PHE A 571 -14.11 -25.76 -34.83
N HIS A 572 -13.34 -24.79 -34.33
CA HIS A 572 -13.15 -23.53 -35.03
C HIS A 572 -11.83 -22.94 -34.58
N GLU A 573 -11.38 -21.91 -35.30
CA GLU A 573 -10.15 -21.21 -34.99
C GLU A 573 -10.36 -19.82 -34.42
N HIS A 574 -11.59 -19.45 -34.12
CA HIS A 574 -11.87 -18.14 -33.56
C HIS A 574 -11.40 -18.08 -32.11
N PRO A 575 -10.57 -17.11 -31.74
CA PRO A 575 -10.23 -16.95 -30.32
C PRO A 575 -11.41 -16.40 -29.53
N ILE A 576 -11.99 -17.23 -28.67
CA ILE A 576 -13.09 -16.81 -27.80
C ILE A 576 -12.75 -17.27 -26.40
N HIS A 577 -12.77 -16.36 -25.45
CA HIS A 577 -12.52 -16.67 -24.04
C HIS A 577 -13.72 -16.37 -23.16
N GLN A 578 -14.25 -15.15 -23.22
CA GLN A 578 -15.39 -14.78 -22.42
C GLN A 578 -16.67 -15.33 -23.02
N TYR A 579 -17.71 -15.42 -22.19
CA TYR A 579 -18.97 -16.00 -22.62
C TYR A 579 -20.07 -15.55 -21.68
N THR A 580 -21.31 -15.87 -22.06
CA THR A 580 -22.46 -15.76 -21.20
C THR A 580 -23.02 -17.15 -20.92
N HIS A 581 -23.71 -17.29 -19.79
CA HIS A 581 -24.25 -18.58 -19.41
C HIS A 581 -25.49 -18.97 -20.20
N ILE A 582 -26.05 -18.05 -20.96
CA ILE A 582 -27.30 -18.27 -21.68
C ILE A 582 -27.01 -19.13 -22.90
N CYS A 583 -27.80 -20.18 -23.09
CA CYS A 583 -27.74 -20.97 -24.31
C CYS A 583 -28.61 -20.33 -25.39
N TYR A 584 -28.14 -20.39 -26.63
CA TYR A 584 -28.84 -19.76 -27.74
C TYR A 584 -29.77 -20.75 -28.41
N VAL A 585 -31.06 -20.40 -28.47
CA VAL A 585 -32.06 -21.12 -29.24
C VAL A 585 -32.63 -20.13 -30.24
N PRO A 586 -32.90 -20.52 -31.49
CA PRO A 586 -33.49 -19.58 -32.45
C PRO A 586 -34.86 -19.10 -32.01
N PHE A 587 -35.20 -17.89 -32.47
CA PHE A 587 -36.41 -17.20 -32.01
C PHE A 587 -37.66 -17.95 -32.43
N ASN A 588 -38.56 -18.17 -31.48
CA ASN A 588 -39.81 -18.88 -31.71
C ASN A 588 -40.89 -18.28 -30.84
N PRO A 589 -41.86 -17.55 -31.42
CA PRO A 589 -42.89 -16.90 -30.60
C PRO A 589 -43.89 -17.86 -29.99
N GLU A 590 -43.89 -19.13 -30.39
CA GLU A 590 -44.80 -20.12 -29.82
C GLU A 590 -44.30 -20.68 -28.50
N ASN A 591 -43.08 -20.38 -28.11
CA ASN A 591 -42.57 -20.78 -26.80
C ASN A 591 -43.35 -20.06 -25.71
N PRO A 592 -43.79 -20.77 -24.66
CA PRO A 592 -44.53 -20.08 -23.58
C PRO A 592 -43.76 -18.97 -22.91
N TRP A 593 -42.45 -19.16 -22.69
CA TRP A 593 -41.64 -18.10 -22.09
C TRP A 593 -41.50 -16.92 -23.04
N THR A 594 -41.29 -17.19 -24.33
CA THR A 594 -41.19 -16.13 -25.32
C THR A 594 -42.50 -15.37 -25.44
N LYS A 595 -43.63 -16.08 -25.44
CA LYS A 595 -44.93 -15.42 -25.51
C LYS A 595 -45.19 -14.58 -24.27
N LEU A 596 -44.82 -15.07 -23.09
CA LEU A 596 -44.97 -14.31 -21.86
C LEU A 596 -44.12 -13.04 -21.90
N LEU A 597 -42.88 -13.15 -22.38
CA LEU A 597 -42.01 -11.97 -22.45
C LEU A 597 -42.51 -10.96 -23.47
N LEU A 598 -43.02 -11.43 -24.61
CA LEU A 598 -43.56 -10.50 -25.60
C LEU A 598 -44.83 -9.82 -25.10
N ASN A 599 -45.64 -10.53 -24.31
CA ASN A 599 -46.81 -9.90 -23.70
C ASN A 599 -46.39 -8.82 -22.72
N ALA A 600 -45.36 -9.09 -21.91
CA ALA A 600 -44.85 -8.07 -21.00
C ALA A 600 -44.30 -6.86 -21.75
N LEU A 601 -43.59 -7.10 -22.86
CA LEU A 601 -43.03 -6.02 -23.65
C LEU A 601 -44.13 -5.17 -24.29
N GLN A 602 -45.20 -5.81 -24.78
CA GLN A 602 -46.32 -5.06 -25.34
C GLN A 602 -47.05 -4.27 -24.26
N ASP A 603 -47.17 -4.84 -23.06
CA ASP A 603 -47.92 -4.18 -22.00
C ASP A 603 -47.14 -2.99 -21.43
N ILE A 604 -45.81 -3.07 -21.44
CA ILE A 604 -45.01 -1.98 -20.87
C ILE A 604 -45.04 -0.75 -21.77
N ILE A 605 -44.79 -0.95 -23.06
CA ILE A 605 -44.77 0.16 -24.02
C ILE A 605 -46.05 0.08 -24.85
N PRO A 606 -47.00 1.00 -24.69
CA PRO A 606 -48.26 0.88 -25.43
C PRO A 606 -48.17 1.32 -26.89
N GLU A 607 -47.40 2.35 -27.23
CA GLU A 607 -47.30 2.72 -28.63
C GLU A 607 -46.32 1.79 -29.35
N LEU A 608 -46.66 1.45 -30.59
CA LEU A 608 -45.91 0.45 -31.34
C LEU A 608 -44.57 1.00 -31.81
N ASP A 609 -44.55 2.24 -32.30
CA ASP A 609 -43.34 2.82 -32.86
C ASP A 609 -42.25 2.95 -31.81
N ALA A 610 -42.61 3.40 -30.61
CA ALA A 610 -41.65 3.51 -29.52
C ALA A 610 -41.20 2.14 -29.04
N ARG A 611 -42.09 1.15 -29.04
CA ARG A 611 -41.70 -0.20 -28.66
C ARG A 611 -40.67 -0.77 -29.63
N LEU A 612 -40.89 -0.54 -30.92
CA LEU A 612 -39.92 -0.95 -31.92
C LEU A 612 -38.59 -0.21 -31.75
N TRP A 613 -38.65 1.08 -31.40
CA TRP A 613 -37.41 1.84 -31.22
C TRP A 613 -36.61 1.35 -30.02
N ILE A 614 -37.24 1.19 -28.85
CA ILE A 614 -36.49 0.72 -27.68
C ILE A 614 -36.00 -0.70 -27.88
N MET A 615 -36.78 -1.54 -28.58
CA MET A 615 -36.30 -2.90 -28.82
C MET A 615 -35.11 -2.91 -29.79
N PHE A 616 -35.15 -2.07 -30.83
CA PHE A 616 -34.00 -1.94 -31.71
C PHE A 616 -32.79 -1.37 -30.98
N TYR A 617 -33.02 -0.50 -30.01
CA TYR A 617 -31.91 0.09 -29.23
C TYR A 617 -31.29 -0.93 -28.30
N LEU A 618 -32.12 -1.70 -27.59
CA LEU A 618 -31.60 -2.68 -26.65
C LEU A 618 -31.04 -3.91 -27.35
N SER A 619 -31.41 -4.16 -28.60
CA SER A 619 -30.80 -5.26 -29.33
C SER A 619 -29.36 -4.99 -29.70
N THR A 620 -28.95 -3.73 -29.75
CA THR A 620 -27.56 -3.38 -30.04
C THR A 620 -26.63 -3.63 -28.87
N ALA A 621 -27.15 -4.05 -27.72
CA ALA A 621 -26.30 -4.40 -26.60
C ALA A 621 -25.52 -5.68 -26.83
N ILE A 622 -25.95 -6.52 -27.78
CA ILE A 622 -25.19 -7.72 -28.11
C ILE A 622 -24.01 -7.44 -29.04
N PHE A 623 -23.92 -6.22 -29.56
CA PHE A 623 -22.82 -5.82 -30.42
C PHE A 623 -21.79 -5.08 -29.59
N ARG A 624 -20.52 -5.49 -29.70
CA ARG A 624 -19.44 -4.89 -28.93
C ARG A 624 -18.52 -4.07 -29.83
N GLY A 625 -19.03 -3.60 -30.95
CA GLY A 625 -18.27 -2.78 -31.87
C GLY A 625 -18.60 -1.31 -31.74
N LEU A 626 -18.27 -0.56 -32.79
CA LEU A 626 -18.55 0.87 -32.81
C LEU A 626 -20.00 1.10 -33.20
N LYS A 627 -20.75 1.75 -32.33
CA LYS A 627 -22.15 2.09 -32.58
C LYS A 627 -22.32 3.59 -32.60
N GLU A 628 -23.53 4.03 -32.91
CA GLU A 628 -23.83 5.45 -32.94
C GLU A 628 -23.79 6.04 -31.53
N ALA A 629 -23.33 7.29 -31.45
CA ALA A 629 -23.26 7.98 -30.17
C ALA A 629 -24.65 8.34 -29.71
N LEU A 630 -25.24 7.51 -28.88
CA LEU A 630 -26.62 7.68 -28.43
C LEU A 630 -26.69 7.48 -26.93
N MET A 631 -27.74 8.05 -26.34
CA MET A 631 -28.03 7.88 -24.93
C MET A 631 -29.53 7.97 -24.77
N LEU A 632 -30.13 6.99 -24.11
CA LEU A 632 -31.57 6.95 -23.91
C LEU A 632 -31.88 7.23 -22.45
N LEU A 633 -32.68 8.26 -22.21
CA LEU A 633 -33.22 8.55 -20.89
C LEU A 633 -34.67 8.11 -20.82
N TRP A 634 -34.94 7.19 -19.90
CA TRP A 634 -36.28 6.68 -19.65
C TRP A 634 -36.73 7.18 -18.29
N LEU A 635 -37.76 8.02 -18.28
CA LEU A 635 -38.20 8.71 -17.08
C LEU A 635 -39.57 8.19 -16.67
N GLY A 636 -39.69 7.79 -15.40
CA GLY A 636 -40.93 7.31 -14.84
C GLY A 636 -40.92 7.28 -13.33
N GLY A 637 -42.09 7.30 -12.71
CA GLY A 637 -42.21 7.41 -11.27
C GLY A 637 -41.92 6.15 -10.49
N GLY A 638 -41.17 5.22 -11.06
CA GLY A 638 -40.88 3.96 -10.41
C GLY A 638 -42.02 2.98 -10.40
N CYS A 639 -43.07 3.24 -11.18
CA CYS A 639 -44.25 2.38 -11.23
C CYS A 639 -44.37 1.63 -12.55
N ASN A 640 -43.35 1.68 -13.40
CA ASN A 640 -43.37 1.00 -14.68
C ASN A 640 -42.30 -0.09 -14.64
N GLY A 641 -42.32 -0.93 -15.67
CA GLY A 641 -41.32 -1.98 -15.81
C GLY A 641 -40.13 -1.58 -16.65
N LYS A 642 -39.69 -0.32 -16.56
CA LYS A 642 -38.41 0.05 -17.18
C LYS A 642 -37.27 -0.67 -16.48
N THR A 643 -37.34 -0.75 -15.15
CA THR A 643 -36.27 -1.39 -14.37
C THR A 643 -36.25 -2.89 -14.59
N PHE A 644 -37.39 -3.48 -14.94
CA PHE A 644 -37.42 -4.91 -15.25
C PHE A 644 -36.62 -5.21 -16.51
N LEU A 645 -36.62 -4.30 -17.47
CA LEU A 645 -35.95 -4.55 -18.74
C LEU A 645 -34.43 -4.50 -18.60
N MET A 646 -33.90 -3.51 -17.87
CA MET A 646 -32.45 -3.31 -17.81
C MET A 646 -31.76 -4.45 -17.08
N ARG A 647 -32.32 -4.90 -15.95
CA ARG A 647 -31.74 -6.03 -15.27
C ARG A 647 -31.85 -7.31 -16.10
N LEU A 648 -32.91 -7.43 -16.90
CA LEU A 648 -33.04 -8.57 -17.80
C LEU A 648 -31.96 -8.58 -18.86
N VAL A 649 -31.70 -7.43 -19.48
CA VAL A 649 -30.66 -7.34 -20.51
C VAL A 649 -29.29 -7.64 -19.90
N ALA A 650 -29.02 -7.06 -18.72
CA ALA A 650 -27.76 -7.30 -18.05
C ALA A 650 -27.60 -8.77 -17.67
N MET A 651 -28.69 -9.42 -17.28
CA MET A 651 -28.60 -10.82 -16.86
C MET A 651 -28.44 -11.76 -18.04
N VAL A 652 -29.07 -11.49 -19.18
CA VAL A 652 -28.85 -12.34 -20.34
C VAL A 652 -27.52 -12.04 -21.02
N LEU A 653 -26.90 -10.90 -20.73
CA LEU A 653 -25.59 -10.64 -21.31
C LEU A 653 -24.44 -11.08 -20.41
N GLY A 654 -24.61 -11.07 -19.10
CA GLY A 654 -23.58 -11.51 -18.19
C GLY A 654 -22.65 -10.38 -17.76
N ASP A 655 -21.76 -10.73 -16.83
CA ASP A 655 -20.85 -9.74 -16.26
C ASP A 655 -19.73 -9.36 -17.22
N HIS A 656 -19.36 -10.25 -18.13
CA HIS A 656 -18.31 -9.92 -19.09
C HIS A 656 -18.82 -8.95 -20.15
N TYR A 657 -20.12 -9.00 -20.45
CA TYR A 657 -20.68 -8.24 -21.55
C TYR A 657 -21.60 -7.10 -21.10
N ALA A 658 -21.91 -7.00 -19.81
CA ALA A 658 -22.77 -5.94 -19.32
C ALA A 658 -22.41 -5.65 -17.87
N SER A 659 -22.69 -4.41 -17.44
CA SER A 659 -22.35 -4.00 -16.09
C SER A 659 -23.30 -2.90 -15.63
N LYS A 660 -23.32 -2.70 -14.31
CA LYS A 660 -24.15 -1.69 -13.67
C LYS A 660 -23.28 -0.50 -13.30
N LEU A 661 -23.63 0.68 -13.80
CA LEU A 661 -22.82 1.88 -13.62
C LEU A 661 -23.57 2.88 -12.75
N ASN A 662 -22.94 3.31 -11.66
CA ASN A 662 -23.56 4.26 -10.75
C ASN A 662 -23.61 5.64 -11.38
N ILE A 663 -24.61 6.43 -10.94
CA ILE A 663 -24.83 7.76 -11.49
C ILE A 663 -23.80 8.76 -10.99
N SER A 664 -22.97 8.38 -10.02
CA SER A 664 -21.90 9.25 -9.54
C SER A 664 -20.89 9.58 -10.64
N LEU A 665 -20.73 8.68 -11.61
CA LEU A 665 -19.85 8.91 -12.75
C LEU A 665 -20.38 9.97 -13.70
N LEU A 666 -21.63 10.41 -13.53
CA LEU A 666 -22.20 11.47 -14.34
C LEU A 666 -22.50 12.74 -13.56
N THR A 667 -22.80 12.63 -12.27
CA THR A 667 -23.34 13.77 -11.53
C THR A 667 -22.25 14.70 -11.01
N SER A 668 -21.42 14.22 -10.08
CA SER A 668 -20.53 15.10 -9.35
C SER A 668 -19.06 14.73 -9.47
N CYS A 669 -18.71 13.46 -9.25
CA CYS A 669 -17.32 13.10 -9.05
C CYS A 669 -16.51 13.20 -10.35
N ARG A 670 -15.25 13.60 -10.22
CA ARG A 670 -14.38 13.74 -11.37
C ARG A 670 -13.64 12.44 -11.64
N GLU A 671 -13.23 12.26 -12.89
CA GLU A 671 -12.44 11.10 -13.28
C GLU A 671 -10.99 11.32 -12.84
N THR A 672 -10.47 10.38 -12.05
CA THR A 672 -9.10 10.49 -11.57
C THR A 672 -8.11 10.21 -12.70
N ALA A 673 -8.15 9.00 -13.25
CA ALA A 673 -7.26 8.48 -14.29
C ALA A 673 -5.79 8.47 -13.89
N GLU A 674 -5.49 8.58 -12.59
CA GLU A 674 -4.14 8.42 -12.06
C GLU A 674 -4.06 7.46 -10.90
N LYS A 675 -5.16 7.20 -10.20
CA LYS A 675 -5.27 6.17 -9.17
C LYS A 675 -5.63 4.87 -9.87
N PRO A 676 -5.66 3.72 -9.17
CA PRO A 676 -6.16 2.47 -9.77
C PRO A 676 -7.49 2.58 -10.50
N ASN A 677 -8.55 3.03 -9.81
CA ASN A 677 -9.87 3.29 -10.40
C ASN A 677 -10.46 2.05 -11.08
N SER A 678 -10.77 1.04 -10.25
CA SER A 678 -11.35 -0.19 -10.75
C SER A 678 -12.80 -0.03 -11.20
N ALA A 679 -13.47 1.03 -10.78
CA ALA A 679 -14.87 1.23 -11.18
C ALA A 679 -15.00 1.64 -12.65
N PHE A 680 -14.06 2.44 -13.16
CA PHE A 680 -14.08 2.82 -14.56
C PHE A 680 -13.56 1.72 -15.48
N MET A 681 -13.02 0.65 -14.93
CA MET A 681 -12.65 -0.52 -15.71
C MET A 681 -13.81 -1.47 -15.89
N ARG A 682 -14.99 -1.10 -15.41
CA ARG A 682 -16.19 -1.91 -15.51
C ARG A 682 -16.99 -1.64 -16.77
N LEU A 683 -16.40 -0.99 -17.77
CA LEU A 683 -17.03 -0.94 -19.09
C LEU A 683 -15.99 -1.08 -20.20
N LYS A 684 -14.92 -1.83 -19.91
CA LYS A 684 -13.81 -1.98 -20.83
C LYS A 684 -14.21 -2.76 -22.08
N GLY A 685 -14.65 -4.01 -21.91
CA GLY A 685 -14.98 -4.83 -23.05
C GLY A 685 -16.43 -5.27 -23.06
N ARG A 686 -17.33 -4.39 -22.66
CA ARG A 686 -18.74 -4.72 -22.54
C ARG A 686 -19.56 -3.83 -23.46
N GLY A 687 -20.67 -4.38 -23.95
CA GLY A 687 -21.54 -3.67 -24.87
C GLY A 687 -22.82 -3.13 -24.28
N TYR A 688 -22.96 -3.10 -22.96
CA TYR A 688 -24.19 -2.62 -22.34
C TYR A 688 -23.86 -2.00 -20.99
N GLY A 689 -24.36 -0.78 -20.78
CA GLY A 689 -24.25 -0.11 -19.49
C GLY A 689 -25.55 0.57 -19.12
N TYR A 690 -26.01 0.35 -17.89
CA TYR A 690 -27.27 0.91 -17.44
C TYR A 690 -27.08 1.59 -16.09
N PHE A 691 -27.68 2.76 -15.96
CA PHE A 691 -27.68 3.55 -14.73
C PHE A 691 -28.98 3.27 -13.98
N GLU A 692 -28.85 2.71 -12.78
CA GLU A 692 -29.97 2.27 -11.96
C GLU A 692 -29.87 2.86 -10.55
N GLU A 693 -29.60 4.16 -10.46
CA GLU A 693 -29.53 4.83 -9.17
C GLU A 693 -29.85 6.30 -9.36
N THR A 694 -30.81 6.80 -8.57
CA THR A 694 -31.19 8.21 -8.58
C THR A 694 -31.54 8.59 -7.15
N ASN A 695 -30.68 9.38 -6.51
CA ASN A 695 -30.89 9.73 -5.12
C ASN A 695 -32.01 10.76 -4.98
N LYS A 696 -31.80 11.98 -5.48
CA LYS A 696 -32.87 12.98 -5.51
C LYS A 696 -32.58 13.94 -6.66
N SER A 697 -33.14 13.62 -7.83
CA SER A 697 -33.14 14.48 -9.02
C SER A 697 -31.73 14.98 -9.38
N GLU A 698 -30.87 14.04 -9.73
CA GLU A 698 -29.46 14.35 -9.97
C GLU A 698 -29.29 15.19 -11.23
N VAL A 699 -28.35 16.13 -11.18
CA VAL A 699 -27.99 16.97 -12.30
C VAL A 699 -26.68 16.43 -12.86
N LEU A 700 -26.69 16.01 -14.12
CA LEU A 700 -25.55 15.37 -14.73
C LEU A 700 -24.73 16.39 -15.51
N ASN A 701 -23.41 16.28 -15.41
CA ASN A 701 -22.51 17.24 -16.04
C ASN A 701 -22.46 17.01 -17.55
N THR A 702 -22.19 18.09 -18.26
CA THR A 702 -22.08 18.02 -19.72
C THR A 702 -20.78 17.36 -20.15
N SER A 703 -19.71 17.55 -19.36
CA SER A 703 -18.39 17.04 -19.73
C SER A 703 -18.35 15.52 -19.75
N ARG A 704 -18.91 14.87 -18.71
CA ARG A 704 -18.95 13.41 -18.71
C ARG A 704 -19.90 12.88 -19.78
N LEU A 705 -20.98 13.61 -20.03
CA LEU A 705 -21.96 13.23 -21.05
C LEU A 705 -21.38 13.34 -22.44
N LYS A 706 -20.39 14.19 -22.65
CA LYS A 706 -19.63 14.23 -23.89
C LYS A 706 -18.38 13.36 -23.85
N GLU A 707 -17.98 12.87 -22.68
CA GLU A 707 -16.80 12.02 -22.60
C GLU A 707 -17.11 10.57 -22.89
N MET A 708 -18.13 10.00 -22.23
CA MET A 708 -18.34 8.56 -22.31
C MET A 708 -19.42 8.15 -23.30
N VAL A 709 -20.07 9.11 -23.97
CA VAL A 709 -21.08 8.80 -24.98
C VAL A 709 -20.46 8.66 -26.36
N ASN A 710 -19.60 9.61 -26.75
CA ASN A 710 -19.05 9.59 -28.10
C ASN A 710 -18.06 8.44 -28.25
N PRO A 711 -17.99 7.81 -29.41
CA PRO A 711 -17.05 6.71 -29.60
C PRO A 711 -15.62 7.18 -29.82
N GLY A 712 -14.97 7.61 -28.76
CA GLY A 712 -13.57 7.97 -28.76
C GLY A 712 -12.73 6.90 -28.09
N ASP A 713 -11.61 7.33 -27.50
CA ASP A 713 -10.73 6.45 -26.75
C ASP A 713 -10.51 7.03 -25.36
N VAL A 714 -10.66 6.18 -24.35
CA VAL A 714 -10.47 6.60 -22.97
C VAL A 714 -9.32 5.80 -22.36
N THR A 715 -8.69 6.36 -21.34
CA THR A 715 -7.48 5.80 -20.75
C THR A 715 -7.66 5.64 -19.25
N ALA A 716 -7.38 4.44 -18.75
CA ALA A 716 -7.43 4.16 -17.32
C ALA A 716 -6.53 2.97 -17.01
N ARG A 717 -6.23 2.80 -15.74
CA ARG A 717 -5.45 1.67 -15.24
C ARG A 717 -6.32 0.84 -14.30
N GLU A 718 -5.69 -0.13 -13.64
CA GLU A 718 -6.36 -0.99 -12.67
C GLU A 718 -5.28 -1.54 -11.74
N LEU A 719 -5.63 -2.49 -10.89
CA LEU A 719 -4.68 -3.08 -9.95
C LEU A 719 -3.62 -3.87 -10.69
N ASN A 720 -2.35 -3.51 -10.50
CA ASN A 720 -1.24 -4.19 -11.23
C ASN A 720 -1.35 -3.92 -12.73
N GLN A 721 -1.88 -2.76 -13.12
CA GLN A 721 -2.05 -2.48 -14.54
C GLN A 721 -1.57 -1.07 -14.83
N LYS A 722 -1.05 -0.84 -16.03
CA LYS A 722 -0.65 0.50 -16.45
C LYS A 722 -1.82 1.24 -17.06
N GLN A 723 -1.62 2.53 -17.35
CA GLN A 723 -2.67 3.39 -17.91
C GLN A 723 -2.91 2.99 -19.36
N GLU A 724 -3.74 1.97 -19.55
CA GLU A 724 -4.05 1.49 -20.89
C GLU A 724 -5.28 2.21 -21.44
N SER A 725 -5.36 2.22 -22.76
CA SER A 725 -6.45 2.89 -23.47
C SER A 725 -7.36 1.86 -24.12
N PHE A 726 -8.65 2.17 -24.16
CA PHE A 726 -9.63 1.31 -24.82
C PHE A 726 -10.72 2.19 -25.42
N GLN A 727 -11.67 1.51 -26.06
CA GLN A 727 -12.72 2.14 -26.85
C GLN A 727 -14.06 1.97 -26.17
N MET A 728 -14.93 2.95 -26.33
CA MET A 728 -16.27 2.89 -25.76
C MET A 728 -17.20 2.19 -26.75
N THR A 729 -17.72 1.01 -26.36
CA THR A 729 -18.55 0.21 -27.23
C THR A 729 -19.88 -0.16 -26.59
N ALA A 730 -20.29 0.55 -25.55
CA ALA A 730 -21.44 0.17 -24.74
C ALA A 730 -22.68 0.96 -25.13
N THR A 731 -23.80 0.24 -25.29
CA THR A 731 -25.10 0.87 -25.39
C THR A 731 -25.55 1.29 -24.00
N MET A 732 -25.91 2.57 -23.87
CA MET A 732 -26.11 3.19 -22.56
C MET A 732 -27.58 3.50 -22.34
N VAL A 733 -28.09 3.12 -21.18
CA VAL A 733 -29.47 3.40 -20.79
C VAL A 733 -29.48 3.91 -19.35
N ALA A 734 -30.10 5.07 -19.13
CA ALA A 734 -30.18 5.67 -17.80
C ALA A 734 -31.62 5.73 -17.35
N ALA A 735 -31.89 5.27 -16.13
CA ALA A 735 -33.23 5.31 -15.56
C ALA A 735 -33.39 6.56 -14.71
N SER A 736 -34.49 7.27 -14.90
CA SER A 736 -34.77 8.48 -14.14
C SER A 736 -36.06 8.33 -13.36
N ASN A 737 -35.99 8.54 -12.04
CA ASN A 737 -37.18 8.55 -11.20
C ASN A 737 -37.79 9.94 -11.17
N TYR A 738 -37.01 10.95 -10.78
CA TYR A 738 -37.53 12.30 -10.68
C TYR A 738 -37.36 13.10 -11.97
N ASN A 739 -36.10 13.39 -12.33
CA ASN A 739 -35.83 14.26 -13.47
C ASN A 739 -34.34 14.26 -13.77
N PHE A 740 -34.02 14.60 -15.01
CA PHE A 740 -32.66 14.86 -15.45
C PHE A 740 -32.62 16.27 -16.01
N ILE A 741 -31.68 17.07 -15.51
CA ILE A 741 -31.61 18.49 -15.83
C ILE A 741 -30.37 18.72 -16.70
N ILE A 742 -30.60 19.10 -17.94
CA ILE A 742 -29.52 19.35 -18.90
C ILE A 742 -29.23 20.84 -18.85
N ASP A 743 -28.05 21.19 -18.31
CA ASP A 743 -27.73 22.59 -18.08
C ASP A 743 -27.29 23.33 -19.34
N THR A 744 -27.10 22.64 -20.45
CA THR A 744 -26.58 23.24 -21.66
C THR A 744 -27.69 23.41 -22.69
N THR A 745 -27.28 23.92 -23.85
CA THR A 745 -28.11 23.97 -25.05
C THR A 745 -27.25 23.65 -26.28
N ASP A 746 -26.24 22.82 -26.10
CA ASP A 746 -25.27 22.55 -27.16
C ASP A 746 -25.89 21.71 -28.26
N HIS A 747 -25.61 22.09 -29.51
CA HIS A 747 -26.13 21.37 -30.66
C HIS A 747 -25.50 19.99 -30.78
N GLY A 748 -24.23 19.85 -30.42
CA GLY A 748 -23.58 18.55 -30.48
C GLY A 748 -23.97 17.63 -29.35
N THR A 749 -24.30 18.18 -28.18
CA THR A 749 -24.75 17.35 -27.07
C THR A 749 -26.16 16.82 -27.31
N TRP A 750 -27.07 17.68 -27.77
CA TRP A 750 -28.46 17.32 -27.92
C TRP A 750 -28.73 16.45 -29.13
N ARG A 751 -27.75 16.26 -30.01
CA ARG A 751 -27.90 15.33 -31.11
C ARG A 751 -27.72 13.88 -30.69
N ARG A 752 -27.20 13.64 -29.49
CA ARG A 752 -26.92 12.29 -29.00
C ARG A 752 -27.81 11.89 -27.85
N LEU A 753 -28.84 12.67 -27.54
CA LEU A 753 -29.68 12.42 -26.37
C LEU A 753 -31.08 12.07 -26.83
N ARG A 754 -31.65 11.04 -26.22
CA ARG A 754 -33.01 10.59 -26.52
C ARG A 754 -33.78 10.42 -25.24
N HIS A 755 -35.05 10.82 -25.26
CA HIS A 755 -35.91 10.74 -24.09
C HIS A 755 -37.23 10.07 -24.46
N TYR A 756 -37.76 9.32 -23.50
CA TYR A 756 -39.06 8.69 -23.63
C TYR A 756 -39.67 8.60 -22.24
N ARG A 757 -40.97 8.90 -22.15
CA ARG A 757 -41.68 8.94 -20.89
C ARG A 757 -42.42 7.64 -20.64
N SER A 758 -42.31 7.12 -19.42
CA SER A 758 -43.14 6.01 -18.99
C SER A 758 -44.60 6.47 -18.89
N LYS A 759 -45.52 5.62 -19.34
CA LYS A 759 -46.93 5.96 -19.34
C LYS A 759 -47.79 4.99 -18.54
N VAL A 760 -47.23 3.91 -18.01
CA VAL A 760 -48.00 2.86 -17.38
C VAL A 760 -47.55 2.70 -15.94
N LYS A 761 -48.50 2.71 -15.01
CA LYS A 761 -48.25 2.41 -13.61
C LYS A 761 -48.57 0.95 -13.31
N PHE A 762 -48.15 0.51 -12.12
CA PHE A 762 -48.40 -0.86 -11.67
C PHE A 762 -48.57 -0.81 -10.16
N CYS A 763 -49.63 -1.44 -9.64
CA CYS A 763 -49.92 -1.45 -8.20
C CYS A 763 -50.32 -2.85 -7.75
N HIS A 764 -50.00 -3.15 -6.48
CA HIS A 764 -50.21 -4.50 -5.95
C HIS A 764 -51.67 -4.81 -5.60
N ASN A 765 -52.18 -4.14 -4.57
CA ASN A 765 -53.49 -4.47 -4.01
C ASN A 765 -54.69 -3.89 -4.77
N PRO A 766 -54.83 -2.54 -4.94
CA PRO A 766 -56.14 -2.00 -5.34
C PRO A 766 -56.55 -2.35 -6.76
N ASP A 767 -55.67 -2.05 -7.72
CA ASP A 767 -55.83 -2.29 -9.15
C ASP A 767 -57.13 -1.74 -9.72
N PRO A 768 -57.30 -0.41 -9.78
CA PRO A 768 -58.56 0.15 -10.30
C PRO A 768 -58.75 -0.03 -11.80
N SER A 769 -59.82 0.57 -12.33
CA SER A 769 -60.16 0.48 -13.74
C SER A 769 -59.42 1.48 -14.60
N ASN A 770 -58.25 1.95 -14.15
CA ASN A 770 -57.43 2.84 -14.94
C ASN A 770 -56.85 2.08 -16.13
N PRO A 771 -56.97 2.60 -17.36
CA PRO A 771 -56.37 1.92 -18.52
C PRO A 771 -54.85 1.89 -18.48
N TYR A 772 -54.22 2.71 -17.66
CA TYR A 772 -52.76 2.82 -17.62
C TYR A 772 -52.19 2.34 -16.29
N GLU A 773 -52.94 1.54 -15.54
CA GLU A 773 -52.41 0.90 -14.34
C GLU A 773 -52.91 -0.54 -14.29
N LYS A 774 -51.97 -1.47 -14.10
CA LYS A 774 -52.28 -2.90 -14.06
C LYS A 774 -51.75 -3.43 -12.73
N LYS A 775 -51.71 -4.76 -12.55
CA LYS A 775 -51.31 -5.36 -11.29
C LYS A 775 -49.90 -5.93 -11.44
N GLU A 776 -49.11 -5.79 -10.39
CA GLU A 776 -47.75 -6.31 -10.36
C GLU A 776 -47.75 -7.82 -10.10
N ASP A 777 -46.59 -8.44 -10.19
CA ASP A 777 -46.43 -9.87 -9.94
C ASP A 777 -45.24 -10.10 -9.02
N PRO A 778 -45.45 -10.84 -7.92
CA PRO A 778 -44.33 -11.17 -7.02
C PRO A 778 -43.20 -11.97 -7.64
N ARG A 779 -43.46 -12.76 -8.67
CA ARG A 779 -42.47 -13.65 -9.27
C ARG A 779 -41.59 -12.98 -10.31
N PHE A 780 -42.10 -11.96 -11.00
CA PHE A 780 -41.47 -11.31 -12.14
C PHE A 780 -40.07 -10.79 -11.84
N ILE A 781 -39.82 -10.46 -10.58
CA ILE A 781 -38.50 -10.07 -10.12
C ILE A 781 -37.86 -11.18 -9.28
N HIS A 782 -38.69 -11.94 -8.54
CA HIS A 782 -38.14 -12.92 -7.61
C HIS A 782 -37.91 -14.28 -8.24
N GLU A 783 -38.63 -14.63 -9.29
CA GLU A 783 -38.47 -15.95 -9.88
C GLU A 783 -38.24 -15.92 -11.38
N TYR A 784 -38.88 -15.00 -12.10
CA TYR A 784 -38.83 -15.03 -13.56
C TYR A 784 -37.53 -14.46 -14.11
N ILE A 785 -36.76 -13.76 -13.29
CA ILE A 785 -35.48 -13.22 -13.73
C ILE A 785 -34.32 -14.13 -13.34
N MET A 786 -34.53 -15.04 -12.39
CA MET A 786 -33.55 -16.07 -12.07
C MET A 786 -33.67 -17.29 -12.95
N ASP A 787 -34.73 -17.40 -13.73
CA ASP A 787 -35.01 -18.61 -14.48
C ASP A 787 -34.15 -18.66 -15.74
N PRO A 788 -33.43 -19.77 -15.98
CA PRO A 788 -32.63 -19.85 -17.20
C PRO A 788 -33.44 -19.87 -18.49
N ASP A 789 -34.63 -20.46 -18.49
CA ASP A 789 -35.41 -20.55 -19.73
C ASP A 789 -35.96 -19.20 -20.14
N CYS A 790 -36.36 -18.37 -19.17
CA CYS A 790 -36.79 -17.01 -19.48
C CYS A 790 -35.65 -16.18 -20.04
N GLN A 791 -34.45 -16.36 -19.49
CA GLN A 791 -33.28 -15.65 -20.02
C GLN A 791 -32.93 -16.11 -21.42
N ASN A 792 -33.05 -17.42 -21.70
CA ASN A 792 -32.83 -17.93 -23.04
C ASN A 792 -33.83 -17.33 -24.04
N ALA A 793 -35.10 -17.28 -23.63
CA ALA A 793 -36.12 -16.69 -24.51
C ALA A 793 -35.87 -15.22 -24.76
N PHE A 794 -35.47 -14.47 -23.73
CA PHE A 794 -35.21 -13.05 -23.90
C PHE A 794 -33.99 -12.79 -24.78
N PHE A 795 -32.95 -13.63 -24.66
CA PHE A 795 -31.80 -13.51 -25.54
C PHE A 795 -32.18 -13.81 -26.98
N SER A 796 -33.06 -14.79 -27.20
CA SER A 796 -33.55 -15.06 -28.55
C SER A 796 -34.32 -13.87 -29.10
N ILE A 797 -35.11 -13.20 -28.25
CA ILE A 797 -35.83 -11.99 -28.66
C ILE A 797 -34.85 -10.89 -29.06
N LEU A 798 -33.78 -10.71 -28.27
CA LEU A 798 -32.79 -9.69 -28.57
C LEU A 798 -32.08 -9.97 -29.89
N VAL A 799 -31.74 -11.24 -30.16
CA VAL A 799 -31.09 -11.57 -31.42
C VAL A 799 -32.04 -11.36 -32.60
N TYR A 800 -33.32 -11.70 -32.41
CA TYR A 800 -34.30 -11.46 -33.46
C TYR A 800 -34.44 -9.98 -33.78
N PHE A 801 -34.44 -9.13 -32.75
CA PHE A 801 -34.57 -7.70 -32.99
C PHE A 801 -33.31 -7.10 -33.61
N TRP A 802 -32.13 -7.62 -33.23
CA TRP A 802 -30.90 -7.19 -33.91
C TRP A 802 -30.95 -7.55 -35.39
N GLU A 803 -31.43 -8.75 -35.70
CA GLU A 803 -31.53 -9.17 -37.10
C GLU A 803 -32.53 -8.31 -37.85
N LYS A 804 -33.65 -7.95 -37.20
CA LYS A 804 -34.64 -7.07 -37.80
C LYS A 804 -34.06 -5.70 -38.10
N LEU A 805 -33.27 -5.14 -37.17
CA LEU A 805 -32.63 -3.86 -37.40
C LEU A 805 -31.63 -3.94 -38.55
N GLN A 806 -30.86 -5.02 -38.62
CA GLN A 806 -29.91 -5.17 -39.73
C GLN A 806 -30.61 -5.42 -41.06
N LYS A 807 -31.84 -5.93 -41.04
CA LYS A 807 -32.54 -6.25 -42.28
C LYS A 807 -33.31 -5.06 -42.83
N GLU A 808 -34.20 -4.47 -42.02
CA GLU A 808 -35.06 -3.39 -42.52
C GLU A 808 -34.27 -2.12 -42.80
N TYR A 809 -33.21 -1.88 -42.03
CA TYR A 809 -32.36 -0.71 -42.17
C TYR A 809 -30.92 -1.18 -42.23
N ASN A 810 -30.01 -0.26 -42.52
CA ASN A 810 -28.61 -0.66 -42.63
C ASN A 810 -27.89 -0.56 -41.29
N GLY A 811 -28.52 -1.12 -40.26
CA GLY A 811 -27.95 -1.12 -38.92
C GLY A 811 -27.93 0.22 -38.22
N GLN A 812 -28.49 1.26 -38.82
CA GLN A 812 -28.45 2.61 -38.26
C GLN A 812 -29.76 2.88 -37.54
N ILE A 813 -29.67 3.20 -36.25
CA ILE A 813 -30.86 3.54 -35.49
C ILE A 813 -31.33 4.97 -35.76
N LYS A 814 -30.49 5.79 -36.41
CA LYS A 814 -30.94 7.11 -36.84
C LYS A 814 -31.99 6.99 -37.94
N LYS A 815 -31.84 6.01 -38.84
CA LYS A 815 -32.78 5.84 -39.93
C LYS A 815 -34.10 5.23 -39.49
N VAL A 816 -34.19 4.74 -38.26
CA VAL A 816 -35.45 4.22 -37.74
C VAL A 816 -36.35 5.41 -37.44
N PHE A 817 -37.58 5.38 -37.96
CA PHE A 817 -38.50 6.50 -37.84
C PHE A 817 -39.49 6.22 -36.72
N CYS A 818 -39.35 6.95 -35.62
CA CYS A 818 -40.30 6.93 -34.51
C CYS A 818 -40.69 8.36 -34.20
N PRO A 819 -41.80 8.84 -34.76
CA PRO A 819 -42.22 10.23 -34.50
C PRO A 819 -42.51 10.53 -33.04
N THR A 820 -42.92 9.53 -32.26
CA THR A 820 -43.14 9.74 -30.83
C THR A 820 -41.85 10.11 -30.12
N ILE A 821 -40.76 9.42 -30.45
CA ILE A 821 -39.46 9.69 -29.83
C ILE A 821 -38.96 11.07 -30.22
N GLU A 822 -39.12 11.45 -31.49
CA GLU A 822 -38.69 12.77 -31.95
C GLU A 822 -39.50 13.88 -31.27
N SER A 823 -40.82 13.70 -31.15
CA SER A 823 -41.64 14.69 -30.47
C SER A 823 -41.28 14.81 -29.00
N GLU A 824 -41.03 13.68 -28.33
CA GLU A 824 -40.66 13.73 -26.93
C GLU A 824 -39.29 14.39 -26.74
N THR A 825 -38.34 14.12 -27.64
CA THR A 825 -37.01 14.73 -27.51
C THR A 825 -37.07 16.23 -27.73
N GLU A 826 -37.86 16.67 -28.73
CA GLU A 826 -38.02 18.10 -28.95
C GLU A 826 -38.70 18.77 -27.77
N ALA A 827 -39.71 18.12 -27.18
CA ALA A 827 -40.38 18.67 -26.01
C ALA A 827 -39.42 18.74 -24.82
N TYR A 828 -38.59 17.72 -24.63
CA TYR A 828 -37.64 17.75 -23.52
C TYR A 828 -36.59 18.83 -23.71
N ARG A 829 -36.12 19.03 -24.94
CA ARG A 829 -35.15 20.08 -25.20
C ARG A 829 -35.76 21.47 -25.03
N LYS A 830 -37.05 21.62 -25.37
CA LYS A 830 -37.73 22.88 -25.10
C LYS A 830 -37.91 23.12 -23.60
N SER A 831 -38.23 22.06 -22.85
CA SER A 831 -38.43 22.20 -21.41
C SER A 831 -37.12 22.39 -20.67
N GLN A 832 -36.00 22.00 -21.25
CA GLN A 832 -34.72 22.12 -20.58
C GLN A 832 -33.98 23.41 -20.93
N ASP A 833 -34.62 24.31 -21.69
CA ASP A 833 -34.04 25.61 -22.03
C ASP A 833 -34.54 26.63 -21.00
N THR A 834 -33.74 26.84 -19.97
CA THR A 834 -34.15 27.72 -18.87
C THR A 834 -34.07 29.20 -19.26
N LEU A 835 -33.20 29.54 -20.21
CA LEU A 835 -33.09 30.92 -20.66
C LEU A 835 -34.37 31.39 -21.35
N HIS A 836 -34.95 30.53 -22.18
CA HIS A 836 -36.22 30.86 -22.83
C HIS A 836 -37.33 31.04 -21.81
N ARG A 837 -37.35 30.19 -20.78
CA ARG A 837 -38.36 30.33 -19.73
C ARG A 837 -38.18 31.62 -18.96
N PHE A 838 -36.93 32.00 -18.67
CA PHE A 838 -36.68 33.26 -17.97
C PHE A 838 -37.10 34.46 -18.81
N ILE A 839 -36.79 34.44 -20.10
CA ILE A 839 -37.17 35.55 -20.97
C ILE A 839 -38.69 35.64 -21.08
N THR A 840 -39.36 34.49 -21.21
CA THR A 840 -40.81 34.47 -21.28
C THR A 840 -41.45 34.98 -19.99
N GLU A 841 -40.90 34.62 -18.84
CA GLU A 841 -41.51 34.94 -17.56
C GLU A 841 -41.22 36.37 -17.09
N ARG A 842 -39.94 36.77 -17.06
CA ARG A 842 -39.55 38.00 -16.38
C ARG A 842 -39.26 39.17 -17.32
N VAL A 843 -39.34 38.98 -18.63
CA VAL A 843 -39.06 40.04 -19.59
C VAL A 843 -40.30 40.26 -20.44
N VAL A 844 -40.82 41.49 -20.43
CA VAL A 844 -42.08 41.82 -21.06
C VAL A 844 -41.88 43.03 -21.97
N GLU A 845 -42.54 43.03 -23.12
CA GLU A 845 -42.27 44.13 -24.10
C GLU A 845 -42.91 45.43 -23.59
N SER A 846 -42.10 46.32 -23.02
CA SER A 846 -42.62 47.62 -22.54
C SER A 846 -42.53 48.67 -23.67
N PRO A 847 -43.66 49.05 -24.29
CA PRO A 847 -43.65 50.02 -25.39
C PRO A 847 -43.24 51.40 -24.88
N SER A 848 -42.50 52.16 -25.68
CA SER A 848 -42.07 53.53 -25.28
C SER A 848 -41.42 53.49 -23.89
N ALA A 849 -40.62 52.45 -23.62
CA ALA A 849 -39.92 52.34 -22.32
C ALA A 849 -38.48 52.83 -22.48
N GLU A 850 -38.00 53.63 -21.53
CA GLU A 850 -36.61 54.16 -21.60
C GLU A 850 -35.71 53.31 -20.69
N THR A 851 -36.24 52.20 -20.18
CA THR A 851 -35.45 51.32 -19.28
C THR A 851 -34.19 50.85 -20.01
N VAL A 852 -33.02 51.04 -19.39
CA VAL A 852 -31.73 50.59 -20.00
C VAL A 852 -31.30 49.28 -19.34
N TYR A 853 -31.10 48.23 -20.13
CA TYR A 853 -30.75 46.90 -19.56
C TYR A 853 -29.48 46.37 -20.21
N ASN A 854 -28.32 46.62 -19.59
CA ASN A 854 -27.05 46.07 -20.12
C ASN A 854 -27.04 44.55 -19.85
N LEU A 855 -26.22 43.80 -20.59
CA LEU A 855 -26.22 42.32 -20.45
C LEU A 855 -26.00 41.96 -18.97
N SER A 856 -25.21 42.75 -18.25
CA SER A 856 -24.92 42.45 -16.83
C SER A 856 -26.24 42.37 -16.04
N GLU A 857 -27.13 43.33 -16.27
CA GLU A 857 -28.45 43.34 -15.57
C GLU A 857 -29.19 42.05 -15.93
N VAL A 858 -29.25 41.71 -17.22
CA VAL A 858 -29.94 40.47 -17.67
C VAL A 858 -29.26 39.27 -17.02
N VAL A 859 -27.91 39.26 -17.01
CA VAL A 859 -27.15 38.12 -16.42
C VAL A 859 -27.58 37.95 -14.96
N THR A 860 -27.57 39.05 -14.19
CA THR A 860 -27.92 38.98 -12.75
C THR A 860 -29.36 38.49 -12.61
N ALA A 861 -30.30 39.07 -13.36
CA ALA A 861 -31.72 38.68 -13.25
C ALA A 861 -31.87 37.19 -13.60
N TYR A 862 -31.25 36.75 -14.70
CA TYR A 862 -31.35 35.33 -15.13
C TYR A 862 -30.72 34.44 -14.07
N ALA A 863 -29.59 34.87 -13.51
CA ALA A 863 -28.89 34.07 -12.47
C ALA A 863 -29.83 33.85 -11.28
N GLU A 864 -30.49 34.91 -10.81
CA GLU A 864 -31.47 34.77 -9.71
C GLU A 864 -32.61 33.87 -10.17
N TRP A 865 -33.11 34.10 -11.39
CA TRP A 865 -34.23 33.28 -11.93
C TRP A 865 -33.84 31.81 -11.95
N TYR A 866 -32.66 31.50 -12.49
CA TYR A 866 -32.20 30.09 -12.57
C TYR A 866 -32.05 29.53 -11.16
N ASN A 867 -31.30 30.21 -10.30
CA ASN A 867 -31.06 29.69 -8.91
C ASN A 867 -32.41 29.53 -8.19
N THR A 868 -33.31 30.51 -8.35
CA THR A 868 -34.63 30.45 -7.66
C THR A 868 -35.52 29.38 -8.29
N ASN A 869 -35.60 29.32 -9.62
CA ASN A 869 -36.52 28.36 -10.30
C ASN A 869 -35.81 27.01 -10.47
N ILE A 870 -34.62 27.01 -11.06
CA ILE A 870 -33.84 25.75 -11.26
C ILE A 870 -33.00 25.50 -10.01
N ASN A 871 -32.17 24.45 -10.01
CA ASN A 871 -31.27 24.19 -8.86
C ASN A 871 -30.28 25.35 -8.73
N VAL A 872 -30.03 25.82 -7.50
CA VAL A 872 -29.05 26.91 -7.28
C VAL A 872 -27.67 26.40 -7.74
N LYS A 873 -27.00 27.17 -8.60
CA LYS A 873 -25.65 26.78 -9.09
C LYS A 873 -24.90 28.03 -9.57
N ARG A 874 -23.56 27.96 -9.64
CA ARG A 874 -22.75 29.13 -10.06
C ARG A 874 -22.94 29.39 -11.56
N HIS A 875 -22.71 30.62 -12.00
CA HIS A 875 -22.86 30.97 -13.44
C HIS A 875 -21.65 31.79 -13.90
N ILE A 876 -21.33 31.73 -15.20
CA ILE A 876 -20.22 32.55 -15.75
C ILE A 876 -20.81 33.84 -16.32
N ALA A 877 -20.41 35.00 -15.79
CA ALA A 877 -21.00 36.28 -16.23
C ALA A 877 -20.86 36.43 -17.75
N LEU A 878 -19.65 36.21 -18.27
CA LEU A 878 -19.41 36.36 -19.74
C LEU A 878 -20.24 35.32 -20.50
N GLU A 879 -20.10 34.04 -20.13
CA GLU A 879 -20.84 32.96 -20.84
C GLU A 879 -22.34 33.29 -20.81
N LEU A 880 -22.85 33.69 -19.65
CA LEU A 880 -24.29 34.05 -19.52
C LEU A 880 -24.61 35.20 -20.48
N SER A 881 -23.72 36.19 -20.57
CA SER A 881 -23.94 37.35 -21.47
C SER A 881 -24.10 36.84 -22.91
N GLN A 882 -23.21 35.95 -23.34
CA GLN A 882 -23.29 35.39 -24.71
C GLN A 882 -24.60 34.61 -24.84
N GLU A 883 -24.97 33.83 -23.83
CA GLU A 883 -26.20 33.01 -23.89
C GLU A 883 -27.41 33.92 -24.11
N LEU A 884 -27.59 34.93 -23.23
CA LEU A 884 -28.76 35.84 -23.35
C LEU A 884 -28.62 36.65 -24.64
N GLU A 885 -27.38 36.94 -25.05
CA GLU A 885 -27.16 37.67 -26.32
C GLU A 885 -27.78 36.87 -27.47
N ASN A 886 -27.53 35.56 -27.49
CA ASN A 886 -28.10 34.68 -28.56
C ASN A 886 -29.53 34.30 -28.18
N SER A 887 -30.49 35.20 -28.45
CA SER A 887 -31.92 34.93 -28.13
C SER A 887 -32.80 36.04 -28.70
N VAL A 888 -34.10 36.02 -28.37
CA VAL A 888 -35.04 37.07 -28.86
C VAL A 888 -34.52 38.44 -28.40
N LEU A 889 -33.73 38.46 -27.32
CA LEU A 889 -33.19 39.73 -26.78
C LEU A 889 -32.52 40.50 -27.93
N GLU A 890 -31.88 39.81 -28.87
CA GLU A 890 -31.19 40.47 -30.00
C GLU A 890 -32.11 41.54 -30.60
N LYS A 891 -33.39 41.22 -30.77
CA LYS A 891 -34.36 42.17 -31.37
C LYS A 891 -34.34 43.48 -30.56
N TYR A 892 -34.30 43.38 -29.23
CA TYR A 892 -34.35 44.59 -28.37
C TYR A 892 -32.98 44.86 -27.75
N LEU A 893 -31.95 44.18 -28.24
CA LEU A 893 -30.57 44.37 -27.70
C LEU A 893 -29.76 45.19 -28.70
N GLN A 894 -29.18 46.31 -28.26
CA GLN A 894 -28.44 47.21 -29.19
C GLN A 894 -27.16 47.70 -28.52
N TRP A 895 -26.15 48.07 -29.32
CA TRP A 895 -24.88 48.61 -28.77
C TRP A 895 -25.12 50.02 -28.21
N SER A 896 -24.27 50.46 -27.28
CA SER A 896 -24.40 51.83 -26.72
C SER A 896 -23.41 52.77 -27.42
N PRO A 897 -23.53 54.10 -27.28
CA PRO A 897 -22.54 55.02 -27.86
C PRO A 897 -21.16 54.65 -27.30
N ASN A 898 -21.13 54.08 -26.09
CA ASN A 898 -19.85 53.65 -25.47
C ASN A 898 -19.58 52.20 -25.86
N LYS A 899 -20.28 51.70 -26.88
CA LYS A 899 -20.06 50.30 -27.37
C LYS A 899 -20.38 49.31 -26.25
N THR A 900 -21.57 49.37 -25.66
CA THR A 900 -21.97 48.40 -24.62
C THR A 900 -23.36 47.83 -24.97
N ARG A 901 -23.50 46.51 -24.96
CA ARG A 901 -24.81 45.87 -25.28
C ARG A 901 -25.86 46.40 -24.31
N ILE A 902 -27.02 46.83 -24.83
CA ILE A 902 -28.11 47.36 -23.97
C ILE A 902 -29.45 46.85 -24.49
N LEU A 903 -30.41 46.58 -23.59
CA LEU A 903 -31.75 46.13 -24.01
C LEU A 903 -32.70 47.33 -23.98
N LYS A 904 -33.05 47.86 -25.16
CA LYS A 904 -33.94 49.06 -25.23
C LYS A 904 -35.30 48.73 -24.62
N GLY A 905 -35.80 49.60 -23.74
CA GLY A 905 -37.12 49.37 -23.11
C GLY A 905 -37.23 47.97 -22.54
N CYS A 906 -38.33 47.28 -22.85
CA CYS A 906 -38.50 45.88 -22.39
C CYS A 906 -38.28 45.80 -20.88
N ARG A 907 -39.07 46.56 -20.10
CA ARG A 907 -38.91 46.59 -18.63
C ARG A 907 -38.95 45.16 -18.09
N ILE A 908 -38.04 44.82 -17.15
CA ILE A 908 -38.03 43.47 -16.54
C ILE A 908 -39.03 43.46 -15.37
N LEU A 909 -39.71 42.32 -15.16
CA LEU A 909 -40.73 42.23 -14.08
C LEU A 909 -40.05 42.51 -12.74
N HIS A 910 -38.89 41.88 -12.50
CA HIS A 910 -38.14 42.09 -11.23
C HIS A 910 -38.92 41.47 -10.07
N LYS A 911 -40.09 40.90 -10.37
CA LYS A 911 -40.94 40.26 -9.32
C LYS A 911 -42.11 39.55 -10.00
N PHE A 912 -42.95 38.87 -9.21
CA PHE A 912 -44.15 38.19 -9.76
C PHE A 912 -45.08 39.23 -10.38
N GLU A 913 -45.90 38.82 -11.34
CA GLU A 913 -46.81 39.78 -12.03
C GLU A 913 -45.97 40.98 -12.49
N THR A 914 -46.40 42.20 -12.16
CA THR A 914 -45.61 43.41 -12.50
C THR A 914 -45.15 43.31 -13.96
N LEU A 915 -46.06 42.92 -14.86
CA LEU A 915 -45.71 42.76 -16.30
C LEU A 915 -46.23 43.96 -17.09
N GLN A 916 -45.65 44.21 -18.27
CA GLN A 916 -46.10 45.34 -19.13
C GLN A 916 -47.29 44.87 -19.97
N PRO A 917 -48.51 45.39 -19.76
CA PRO A 917 -49.66 45.02 -20.58
C PRO A 917 -49.42 45.45 -22.04
N GLY A 918 -48.88 46.65 -22.24
CA GLY A 918 -48.61 47.15 -23.60
C GLY A 918 -47.68 46.22 -24.35
N GLU A 919 -47.98 45.93 -25.61
CA GLU A 919 -47.10 45.07 -26.46
C GLU A 919 -46.90 43.72 -25.78
N SER A 920 -47.79 43.33 -24.85
CA SER A 920 -47.71 42.01 -24.19
C SER A 920 -46.29 41.73 -23.67
N TYR A 921 -45.91 40.45 -23.59
CA TYR A 921 -44.56 40.08 -23.09
C TYR A 921 -43.57 40.02 -24.26
N ILE A 922 -42.34 39.56 -24.00
CA ILE A 922 -41.34 39.40 -25.10
C ILE A 922 -41.23 37.91 -25.43
N GLY A 923 -41.20 37.05 -24.39
CA GLY A 923 -41.10 35.60 -24.61
C GLY A 923 -42.40 35.03 -25.16
N VAL A 924 -42.40 34.65 -26.45
CA VAL A 924 -43.63 34.11 -27.10
C VAL A 924 -44.34 33.17 -26.12
N SER A 925 -45.61 33.44 -25.83
CA SER A 925 -46.35 32.61 -24.89
C SER A 925 -47.65 32.13 -25.49
N CYS A 936 -48.92 3.72 -34.34
CA CYS A 936 -50.14 3.11 -34.85
C CYS A 936 -50.71 2.10 -33.85
N GLU A 937 -51.25 0.99 -34.38
CA GLU A 937 -51.88 -0.03 -33.54
C GLU A 937 -51.36 -1.40 -33.95
N PRO A 938 -50.96 -2.25 -33.01
CA PRO A 938 -50.51 -3.61 -33.35
C PRO A 938 -51.70 -4.49 -33.69
N LYS A 939 -51.66 -5.09 -34.89
CA LYS A 939 -52.83 -5.83 -35.36
C LYS A 939 -52.88 -7.23 -34.75
N ASN A 940 -51.92 -8.07 -35.13
CA ASN A 940 -51.85 -9.45 -34.56
C ASN A 940 -50.58 -9.58 -33.73
N LYS A 941 -49.40 -9.44 -34.35
CA LYS A 941 -48.11 -9.55 -33.62
C LYS A 941 -47.38 -8.21 -33.69
N TRP A 942 -46.85 -7.72 -32.55
CA TRP A 942 -46.20 -6.38 -32.53
C TRP A 942 -44.70 -6.50 -32.82
N TRP A 943 -44.11 -7.68 -32.60
CA TRP A 943 -42.63 -7.81 -32.76
C TRP A 943 -42.23 -7.42 -34.19
N GLU A 944 -43.02 -7.83 -35.19
CA GLU A 944 -42.71 -7.49 -36.61
C GLU A 944 -43.57 -6.31 -37.04
N TRP A 945 -43.11 -5.54 -38.04
CA TRP A 945 -43.90 -4.40 -38.56
C TRP A 945 -43.64 -4.02 -40.02
N SER A 946 -44.13 -2.86 -40.45
CA SER A 946 -43.82 -2.35 -41.81
C SER A 946 -42.29 -2.40 -41.92
N PRO A 947 -41.74 -2.93 -43.03
CA PRO A 947 -40.28 -2.94 -43.24
C PRO A 947 -39.98 -1.56 -43.84
N ASN A 948 -40.90 -1.05 -44.67
CA ASN A 948 -40.72 0.29 -45.29
C ASN A 948 -41.96 1.14 -44.99
N PRO A 949 -42.15 1.61 -43.74
CA PRO A 949 -43.34 2.38 -43.37
C PRO A 949 -43.70 3.42 -44.45
N LEU B 290 -25.49 -44.22 6.99
CA LEU B 290 -24.95 -45.40 7.64
C LEU B 290 -23.45 -45.54 7.33
N SER B 291 -23.04 -45.00 6.19
CA SER B 291 -21.68 -45.10 5.66
C SER B 291 -21.25 -46.55 5.56
N ILE B 292 -21.92 -47.26 4.64
CA ILE B 292 -21.67 -48.69 4.44
C ILE B 292 -20.26 -48.92 3.92
N LEU B 293 -19.74 -47.98 3.13
CA LEU B 293 -18.35 -48.00 2.69
C LEU B 293 -17.66 -46.83 3.37
N MET B 294 -17.03 -47.12 4.50
CA MET B 294 -16.44 -46.06 5.33
C MET B 294 -15.28 -45.41 4.58
N LEU B 295 -15.21 -44.08 4.66
CA LEU B 295 -14.16 -43.36 3.96
C LEU B 295 -12.81 -43.55 4.61
N HIS B 296 -12.77 -43.98 5.87
CA HIS B 296 -11.51 -44.23 6.54
C HIS B 296 -10.93 -45.61 6.23
N ASP B 297 -11.69 -46.46 5.53
CA ASP B 297 -11.24 -47.81 5.18
C ASP B 297 -11.59 -48.11 3.74
N PRO B 298 -10.64 -47.98 2.80
CA PRO B 298 -10.94 -48.30 1.40
C PRO B 298 -11.04 -49.79 1.10
N GLU B 299 -10.60 -50.65 2.02
CA GLU B 299 -10.79 -52.08 1.85
C GLU B 299 -12.26 -52.48 1.92
N ALA B 300 -13.10 -51.67 2.58
CA ALA B 300 -14.54 -51.91 2.52
C ALA B 300 -15.09 -51.73 1.11
N ARG B 301 -14.64 -50.68 0.41
CA ARG B 301 -15.02 -50.52 -1.00
C ARG B 301 -14.44 -51.63 -1.87
N TYR B 302 -13.19 -52.00 -1.60
CA TYR B 302 -12.55 -53.12 -2.31
C TYR B 302 -13.36 -54.41 -2.18
N LEU B 303 -13.82 -54.70 -0.96
CA LEU B 303 -14.59 -55.92 -0.73
C LEU B 303 -16.02 -55.81 -1.22
N HIS B 304 -16.59 -54.59 -1.23
CA HIS B 304 -17.93 -54.40 -1.78
C HIS B 304 -17.94 -54.61 -3.28
N LYS B 305 -16.86 -54.24 -3.97
CA LYS B 305 -16.77 -54.53 -5.40
C LYS B 305 -16.77 -56.05 -5.65
N ILE B 306 -16.08 -56.80 -4.80
CA ILE B 306 -16.06 -58.26 -4.91
C ILE B 306 -17.43 -58.84 -4.58
N LEU B 307 -18.12 -58.27 -3.60
CA LEU B 307 -19.45 -58.76 -3.24
C LEU B 307 -20.48 -58.48 -4.33
N ASN B 308 -20.32 -57.34 -5.04
CA ASN B 308 -21.10 -57.12 -6.26
C ASN B 308 -20.72 -58.14 -7.33
N LEU B 309 -19.43 -58.47 -7.41
CA LEU B 309 -18.93 -59.42 -8.39
C LEU B 309 -19.42 -60.84 -8.16
N LEU B 310 -19.90 -61.15 -6.95
CA LEU B 310 -20.40 -62.49 -6.65
C LEU B 310 -21.66 -62.78 -7.45
N PRO B 311 -21.96 -64.06 -7.72
CA PRO B 311 -23.15 -64.37 -8.52
C PRO B 311 -24.43 -64.02 -7.78
N PRO B 312 -25.51 -63.74 -8.50
CA PRO B 312 -26.77 -63.37 -7.84
C PRO B 312 -27.54 -64.57 -7.29
N GLU B 313 -26.89 -65.74 -7.22
CA GLU B 313 -27.51 -66.87 -6.53
C GLU B 313 -27.48 -66.70 -5.02
N TYR B 314 -26.52 -65.95 -4.48
CA TYR B 314 -26.53 -65.59 -3.07
C TYR B 314 -27.64 -64.58 -2.76
N TYR B 315 -28.08 -63.83 -3.76
CA TYR B 315 -29.19 -62.90 -3.59
C TYR B 315 -30.48 -63.67 -3.31
N VAL B 316 -31.25 -63.16 -2.34
CA VAL B 316 -32.47 -63.75 -1.74
C VAL B 316 -32.48 -65.24 -1.37
N GLU B 317 -31.42 -65.68 -0.70
CA GLU B 317 -31.31 -67.07 -0.27
C GLU B 317 -30.65 -67.16 1.09
N TYR B 318 -30.97 -68.22 1.83
CA TYR B 318 -30.37 -68.45 3.14
C TYR B 318 -28.98 -69.11 3.15
N PRO B 319 -28.77 -70.34 2.55
CA PRO B 319 -27.62 -71.14 3.00
C PRO B 319 -26.25 -70.65 2.57
N LEU B 320 -26.05 -70.42 1.26
CA LEU B 320 -24.74 -70.00 0.77
C LEU B 320 -24.46 -68.54 1.09
N TRP B 321 -25.52 -67.73 1.22
CA TRP B 321 -25.37 -66.38 1.74
C TRP B 321 -24.75 -66.41 3.14
N SER B 322 -25.27 -67.30 3.99
CA SER B 322 -24.69 -67.48 5.32
C SER B 322 -23.28 -68.06 5.26
N ASN B 323 -23.00 -68.90 4.26
CA ASN B 323 -21.66 -69.45 4.10
C ASN B 323 -20.65 -68.35 3.77
N VAL B 324 -21.00 -67.47 2.84
CA VAL B 324 -20.12 -66.36 2.50
C VAL B 324 -20.02 -65.37 3.68
N VAL B 325 -21.10 -65.18 4.43
CA VAL B 325 -21.05 -64.34 5.62
C VAL B 325 -20.08 -64.92 6.65
N PHE B 326 -20.13 -66.23 6.85
CA PHE B 326 -19.20 -66.91 7.75
C PHE B 326 -17.76 -66.76 7.30
N ALA B 327 -17.51 -66.94 5.99
CA ALA B 327 -16.17 -66.78 5.45
C ALA B 327 -15.66 -65.35 5.61
N LEU B 328 -16.52 -64.38 5.33
CA LEU B 328 -16.13 -62.97 5.41
C LEU B 328 -15.89 -62.55 6.85
N ALA B 329 -16.65 -63.10 7.80
CA ALA B 329 -16.38 -62.84 9.20
C ALA B 329 -15.10 -63.52 9.66
N ASN B 330 -14.76 -64.67 9.07
CA ASN B 330 -13.47 -65.29 9.33
C ASN B 330 -12.34 -64.39 8.85
N THR B 331 -12.49 -63.80 7.66
CA THR B 331 -11.44 -62.92 7.14
C THR B 331 -11.34 -61.63 7.94
N SER B 332 -12.48 -60.98 8.20
CA SER B 332 -12.48 -59.72 8.95
C SER B 332 -13.85 -59.55 9.58
N ALA B 333 -13.91 -59.62 10.91
CA ALA B 333 -15.16 -59.48 11.64
C ALA B 333 -15.22 -58.10 12.29
N ASN B 334 -15.63 -57.10 11.49
CA ASN B 334 -15.80 -55.74 11.99
C ASN B 334 -17.06 -55.10 11.43
N TYR B 335 -18.10 -55.92 11.18
CA TYR B 335 -19.42 -55.51 10.72
C TYR B 335 -19.41 -54.88 9.33
N ARG B 336 -18.29 -54.94 8.61
CA ARG B 336 -18.18 -54.40 7.27
C ARG B 336 -18.77 -55.31 6.18
N PRO B 337 -18.37 -56.59 6.06
CA PRO B 337 -18.83 -57.35 4.87
C PRO B 337 -20.30 -57.73 4.91
N LEU B 338 -20.88 -57.96 6.09
CA LEU B 338 -22.33 -58.19 6.13
C LEU B 338 -23.08 -56.91 5.79
N ALA B 339 -22.53 -55.74 6.14
CA ALA B 339 -23.13 -54.48 5.72
C ALA B 339 -23.06 -54.32 4.22
N GLU B 340 -21.94 -54.74 3.61
CA GLU B 340 -21.85 -54.72 2.15
C GLU B 340 -22.84 -55.69 1.51
N TRP B 341 -23.08 -56.83 2.18
CA TRP B 341 -24.12 -57.76 1.72
C TRP B 341 -25.50 -57.11 1.80
N PHE B 342 -25.77 -56.37 2.87
CA PHE B 342 -27.05 -55.65 2.98
C PHE B 342 -27.17 -54.55 1.93
N SER B 343 -26.04 -53.93 1.56
CA SER B 343 -26.08 -52.82 0.62
C SER B 343 -26.27 -53.30 -0.82
N GLN B 344 -25.34 -54.14 -1.29
CA GLN B 344 -25.34 -54.54 -2.69
C GLN B 344 -26.54 -55.44 -3.01
N LYS B 345 -26.74 -56.47 -2.20
CA LYS B 345 -27.87 -57.37 -2.39
C LYS B 345 -29.00 -56.96 -1.45
N CYS B 346 -30.04 -57.78 -1.41
CA CYS B 346 -31.16 -57.51 -0.53
C CYS B 346 -30.77 -57.77 0.92
N PRO B 347 -31.10 -56.86 1.84
CA PRO B 347 -30.79 -57.11 3.26
C PRO B 347 -31.63 -58.23 3.86
N GLU B 348 -32.96 -58.16 3.72
CA GLU B 348 -33.84 -59.12 4.39
C GLU B 348 -35.02 -59.53 3.51
N LYS B 349 -34.84 -59.57 2.18
CA LYS B 349 -35.95 -59.99 1.32
C LYS B 349 -36.24 -61.47 1.46
N TRP B 350 -35.22 -62.28 1.75
CA TRP B 350 -35.43 -63.72 1.94
C TRP B 350 -36.32 -64.00 3.14
N ASN B 351 -36.16 -63.24 4.21
CA ASN B 351 -37.04 -63.33 5.37
C ASN B 351 -37.12 -61.97 6.02
N THR B 352 -38.31 -61.37 6.01
CA THR B 352 -38.50 -60.08 6.68
C THR B 352 -38.38 -60.26 8.18
N GLY B 353 -37.58 -59.40 8.81
CA GLY B 353 -37.28 -59.56 10.23
C GLY B 353 -36.25 -60.62 10.53
N GLY B 354 -35.57 -61.15 9.52
CA GLY B 354 -34.59 -62.21 9.72
C GLY B 354 -33.18 -61.69 9.91
N LYS B 355 -33.07 -60.40 10.24
CA LYS B 355 -31.75 -59.80 10.46
C LYS B 355 -31.04 -60.40 11.67
N GLU B 356 -31.77 -60.61 12.77
CA GLU B 356 -31.15 -61.04 14.02
C GLU B 356 -30.60 -62.46 13.92
N LYS B 357 -31.20 -63.31 13.10
CA LYS B 357 -30.65 -64.65 12.88
C LYS B 357 -29.27 -64.57 12.22
N LEU B 358 -29.14 -63.71 11.20
CA LEU B 358 -27.84 -63.53 10.55
C LEU B 358 -26.85 -62.82 11.46
N GLU B 359 -27.34 -61.94 12.35
CA GLU B 359 -26.45 -61.31 13.32
C GLU B 359 -25.92 -62.35 14.31
N LYS B 360 -26.77 -63.29 14.74
CA LYS B 360 -26.32 -64.36 15.63
C LYS B 360 -25.35 -65.29 14.91
N LEU B 361 -25.59 -65.56 13.62
CA LEU B 361 -24.66 -66.37 12.84
C LEU B 361 -23.31 -65.66 12.70
N TRP B 362 -23.33 -64.34 12.52
CA TRP B 362 -22.10 -63.56 12.47
C TRP B 362 -21.38 -63.59 13.82
N ASN B 363 -22.14 -63.55 14.92
CA ASN B 363 -21.53 -63.65 16.25
C ASN B 363 -20.86 -65.01 16.44
N ASP B 364 -21.53 -66.09 16.02
CA ASP B 364 -20.94 -67.42 16.13
C ASP B 364 -19.72 -67.57 15.24
N ALA B 365 -19.73 -66.90 14.07
CA ALA B 365 -18.53 -66.86 13.24
C ALA B 365 -17.40 -66.09 13.90
N SER B 366 -17.73 -64.98 14.57
CA SER B 366 -16.72 -64.14 15.19
C SER B 366 -16.10 -64.80 16.42
N HIS B 367 -16.89 -65.67 17.08
CA HIS B 367 -16.33 -66.44 18.22
C HIS B 367 -15.38 -67.51 17.67
N HIS B 368 -14.76 -68.29 18.55
CA HIS B 368 -13.87 -69.39 18.10
C HIS B 368 -14.66 -70.32 17.18
N THR B 369 -14.16 -70.54 15.95
CA THR B 369 -14.87 -71.42 14.98
C THR B 369 -13.89 -72.47 14.43
N GLU B 370 -14.24 -73.75 14.55
CA GLU B 370 -13.38 -74.84 14.03
C GLU B 370 -13.01 -74.51 12.57
N LYS B 371 -14.00 -74.48 11.68
CA LYS B 371 -13.75 -74.13 10.29
C LYS B 371 -13.31 -72.67 10.21
N LYS B 372 -12.35 -72.39 9.34
CA LYS B 372 -11.87 -71.03 9.07
C LYS B 372 -11.70 -70.89 7.56
N ILE B 373 -12.72 -70.38 6.89
CA ILE B 373 -12.68 -70.19 5.45
C ILE B 373 -11.90 -68.93 5.14
N THR B 374 -10.96 -69.03 4.21
CA THR B 374 -10.14 -67.90 3.80
C THR B 374 -10.87 -67.07 2.75
N LYS B 375 -10.26 -65.92 2.41
CA LYS B 375 -10.81 -65.06 1.37
C LYS B 375 -10.59 -65.63 -0.03
N ARG B 376 -9.63 -66.55 -0.18
CA ARG B 376 -9.36 -67.18 -1.47
C ARG B 376 -10.56 -67.96 -1.98
N SER B 377 -11.39 -68.48 -1.09
CA SER B 377 -12.66 -69.09 -1.53
C SER B 377 -13.57 -68.04 -2.17
N ILE B 378 -13.58 -66.82 -1.63
CA ILE B 378 -14.39 -65.76 -2.21
C ILE B 378 -13.84 -65.34 -3.57
N MET B 379 -12.51 -65.25 -3.71
CA MET B 379 -11.94 -65.02 -5.04
C MET B 379 -12.24 -66.17 -6.01
N TYR B 380 -12.25 -67.41 -5.52
CA TYR B 380 -12.57 -68.54 -6.39
C TYR B 380 -14.01 -68.47 -6.89
N TRP B 381 -14.94 -68.11 -6.00
CA TRP B 381 -16.35 -67.97 -6.42
C TRP B 381 -16.53 -66.81 -7.39
N ALA B 382 -15.82 -65.70 -7.15
CA ALA B 382 -15.91 -64.56 -8.04
C ALA B 382 -15.33 -64.87 -9.42
N HIS B 383 -14.23 -65.63 -9.45
CA HIS B 383 -13.67 -66.06 -10.73
C HIS B 383 -14.54 -67.09 -11.42
N LYS B 384 -15.24 -67.92 -10.64
CA LYS B 384 -16.17 -68.90 -11.22
C LYS B 384 -17.34 -68.22 -11.88
N HIS B 385 -17.92 -67.20 -11.24
CA HIS B 385 -19.10 -66.54 -11.78
C HIS B 385 -18.79 -65.80 -13.07
N ALA B 386 -17.74 -64.98 -13.07
CA ALA B 386 -17.37 -64.19 -14.24
C ALA B 386 -15.88 -63.89 -14.17
N PRO B 387 -15.05 -64.58 -14.95
CA PRO B 387 -13.60 -64.36 -14.90
C PRO B 387 -13.19 -63.00 -15.45
N GLN B 388 -13.74 -62.63 -16.61
CA GLN B 388 -13.41 -61.35 -17.23
C GLN B 388 -13.88 -60.17 -16.38
N GLN B 389 -15.07 -60.27 -15.80
CA GLN B 389 -15.55 -59.22 -14.90
C GLN B 389 -14.72 -59.15 -13.63
N TYR B 390 -14.26 -60.30 -13.13
CA TYR B 390 -13.37 -60.31 -11.96
C TYR B 390 -12.06 -59.61 -12.27
N LYS B 391 -11.48 -59.90 -13.43
CA LYS B 391 -10.23 -59.27 -13.82
C LYS B 391 -10.40 -57.77 -14.00
N GLU B 392 -11.50 -57.38 -14.65
CA GLU B 392 -11.78 -55.95 -14.88
C GLU B 392 -12.05 -55.22 -13.56
N ILE B 393 -12.68 -55.89 -12.61
CA ILE B 393 -12.90 -55.28 -11.30
C ILE B 393 -11.57 -55.11 -10.56
N VAL B 394 -10.70 -56.11 -10.61
CA VAL B 394 -9.48 -56.01 -9.82
C VAL B 394 -8.40 -55.14 -10.44
N GLU B 395 -8.46 -54.81 -11.74
CA GLU B 395 -7.45 -53.86 -12.25
C GLU B 395 -7.62 -52.46 -11.67
N GLN B 396 -8.81 -52.07 -11.23
CA GLN B 396 -9.04 -50.73 -10.74
C GLN B 396 -8.80 -50.59 -9.24
N GLY B 397 -8.36 -51.65 -8.58
CA GLY B 397 -8.05 -51.57 -7.17
C GLY B 397 -6.73 -50.88 -6.90
N TYR B 398 -6.51 -50.57 -5.63
CA TYR B 398 -5.32 -49.82 -5.24
C TYR B 398 -4.08 -50.69 -5.32
N PHE B 399 -4.19 -51.92 -4.81
CA PHE B 399 -3.08 -52.84 -4.78
C PHE B 399 -2.63 -53.23 -6.18
N SER B 400 -3.58 -53.41 -7.10
CA SER B 400 -3.21 -53.79 -8.46
C SER B 400 -2.52 -52.65 -9.18
N ILE B 401 -2.97 -51.41 -8.95
CA ILE B 401 -2.32 -50.25 -9.56
C ILE B 401 -0.90 -50.11 -9.04
N LEU B 402 -0.72 -50.24 -7.72
CA LEU B 402 0.63 -50.11 -7.15
C LEU B 402 1.54 -51.25 -7.58
N ALA B 403 1.00 -52.47 -7.64
CA ALA B 403 1.81 -53.61 -8.05
C ALA B 403 2.17 -53.53 -9.52
N GLU B 404 1.26 -53.03 -10.35
CA GLU B 404 1.55 -52.85 -11.76
C GLU B 404 2.66 -51.82 -11.95
N TYR B 405 2.61 -50.73 -11.18
CA TYR B 405 3.68 -49.74 -11.24
C TYR B 405 5.01 -50.33 -10.79
N VAL B 406 5.00 -51.08 -9.69
CA VAL B 406 6.23 -51.64 -9.14
C VAL B 406 6.86 -52.63 -10.11
N TYR B 407 6.05 -53.51 -10.71
CA TYR B 407 6.59 -54.51 -11.63
C TYR B 407 6.99 -53.89 -12.95
N SER B 408 6.28 -52.86 -13.42
CA SER B 408 6.60 -52.29 -14.72
C SER B 408 7.73 -51.29 -14.67
N TYR B 409 8.11 -50.80 -13.49
CA TYR B 409 9.20 -49.84 -13.39
C TYR B 409 10.33 -50.32 -12.49
N ASN B 410 10.41 -51.63 -12.27
CA ASN B 410 11.51 -52.29 -11.55
C ASN B 410 11.71 -51.74 -10.15
N GLY B 411 10.59 -51.53 -9.45
CA GLY B 411 10.64 -51.12 -8.06
C GLY B 411 10.95 -49.67 -7.82
N MET B 412 11.07 -48.86 -8.87
CA MET B 412 11.34 -47.43 -8.71
C MET B 412 10.02 -46.69 -8.69
N LEU B 413 9.72 -46.04 -7.57
CA LEU B 413 8.44 -45.38 -7.37
C LEU B 413 8.63 -43.88 -7.37
N GLU B 414 7.73 -43.18 -8.07
CA GLU B 414 7.83 -41.74 -8.23
C GLU B 414 6.56 -41.07 -7.70
N HIS B 415 6.50 -39.75 -7.88
CA HIS B 415 5.46 -38.95 -7.24
C HIS B 415 4.07 -39.27 -7.79
N TYR B 416 3.96 -39.38 -9.12
CA TYR B 416 2.65 -39.58 -9.73
C TYR B 416 2.09 -40.95 -9.45
N MET B 417 2.95 -41.97 -9.31
CA MET B 417 2.46 -43.32 -9.07
C MET B 417 1.75 -43.42 -7.71
N ILE B 418 2.41 -42.98 -6.66
CA ILE B 418 1.77 -43.07 -5.36
C ILE B 418 0.71 -42.00 -5.20
N ALA B 419 0.78 -40.90 -5.95
CA ALA B 419 -0.35 -39.96 -5.99
C ALA B 419 -1.59 -40.61 -6.59
N LYS B 420 -1.41 -41.40 -7.65
CA LYS B 420 -2.52 -42.12 -8.26
C LYS B 420 -3.11 -43.15 -7.31
N VAL B 421 -2.25 -43.89 -6.59
CA VAL B 421 -2.75 -44.88 -5.64
C VAL B 421 -3.49 -44.19 -4.48
N ILE B 422 -2.94 -43.08 -3.98
CA ILE B 422 -3.56 -42.35 -2.88
C ILE B 422 -4.92 -41.79 -3.30
N TYR B 423 -5.01 -41.29 -4.53
CA TYR B 423 -6.31 -40.83 -5.04
C TYR B 423 -7.29 -41.99 -5.18
N ALA B 424 -6.80 -43.16 -5.59
CA ALA B 424 -7.68 -44.32 -5.71
C ALA B 424 -8.25 -44.71 -4.36
N MET B 425 -7.45 -44.67 -3.31
CA MET B 425 -7.89 -45.14 -2.01
C MET B 425 -8.40 -44.04 -1.07
N MET B 426 -8.30 -42.77 -1.46
CA MET B 426 -8.73 -41.70 -0.55
C MET B 426 -9.43 -40.56 -1.29
N GLY B 427 -9.99 -40.84 -2.46
CA GLY B 427 -10.48 -39.78 -3.32
C GLY B 427 -11.84 -39.22 -2.97
N ASN B 428 -12.60 -39.88 -2.11
CA ASN B 428 -13.92 -39.40 -1.74
C ASN B 428 -13.92 -38.51 -0.51
N LYS B 429 -12.77 -38.33 0.14
CA LYS B 429 -12.68 -37.55 1.36
C LYS B 429 -12.01 -36.21 1.19
N PHE B 430 -11.32 -35.99 0.07
CA PHE B 430 -10.59 -34.76 -0.16
C PHE B 430 -10.95 -34.21 -1.52
N VAL B 431 -10.78 -32.89 -1.68
CA VAL B 431 -11.03 -32.24 -2.96
C VAL B 431 -10.08 -31.06 -3.06
N VAL B 432 -9.76 -30.67 -4.30
CA VAL B 432 -8.88 -29.54 -4.59
C VAL B 432 -9.62 -28.61 -5.52
N ASP B 433 -9.50 -27.31 -5.29
CA ASP B 433 -9.97 -26.36 -6.30
C ASP B 433 -9.13 -25.10 -6.28
N VAL B 434 -9.18 -24.36 -7.38
CA VAL B 434 -8.45 -23.12 -7.53
C VAL B 434 -9.36 -21.95 -7.16
N ASP B 435 -8.88 -21.08 -6.27
CA ASP B 435 -9.67 -19.95 -5.81
C ASP B 435 -9.47 -18.75 -6.75
N SER B 436 -9.96 -17.58 -6.32
CA SER B 436 -9.87 -16.39 -7.14
C SER B 436 -8.45 -15.86 -7.26
N ASN B 437 -7.58 -16.17 -6.30
CA ASN B 437 -6.20 -15.70 -6.33
C ASN B 437 -5.28 -16.62 -7.11
N GLY B 438 -5.80 -17.71 -7.67
CA GLY B 438 -4.99 -18.62 -8.44
C GLY B 438 -4.22 -19.65 -7.65
N LYS B 439 -4.66 -19.98 -6.45
CA LYS B 439 -3.99 -20.95 -5.60
C LYS B 439 -4.85 -22.20 -5.43
N TYR B 440 -4.19 -23.35 -5.36
CA TYR B 440 -4.88 -24.61 -5.14
C TYR B 440 -5.15 -24.79 -3.65
N VAL B 441 -6.42 -24.96 -3.30
CA VAL B 441 -6.88 -25.06 -1.92
C VAL B 441 -7.44 -26.45 -1.72
N TRP B 442 -7.16 -27.06 -0.56
CA TRP B 442 -7.67 -28.38 -0.26
C TRP B 442 -8.91 -28.28 0.61
N PHE B 443 -9.78 -29.27 0.50
CA PHE B 443 -10.95 -29.37 1.36
C PHE B 443 -11.07 -30.81 1.81
N GLU B 444 -11.42 -31.00 3.08
CA GLU B 444 -11.58 -32.32 3.65
C GLU B 444 -12.97 -32.47 4.25
N PHE B 445 -13.63 -33.60 3.95
CA PHE B 445 -14.89 -33.93 4.58
C PHE B 445 -14.64 -34.49 5.97
N VAL B 446 -15.35 -33.97 6.97
CA VAL B 446 -15.10 -34.29 8.36
C VAL B 446 -16.08 -35.35 8.83
N LEU B 447 -15.55 -36.42 9.41
CA LEU B 447 -16.27 -37.57 9.92
C LEU B 447 -16.33 -37.50 11.44
N PRO B 448 -17.28 -38.21 12.09
CA PRO B 448 -17.43 -38.09 13.55
C PRO B 448 -16.21 -38.43 14.37
N GLY B 449 -15.45 -39.47 14.00
CA GLY B 449 -14.27 -39.77 14.77
C GLY B 449 -13.04 -39.10 14.18
N GLN B 450 -12.70 -37.92 14.70
CA GLN B 450 -11.65 -37.09 14.11
C GLN B 450 -11.29 -35.96 15.07
N PRO B 451 -10.04 -35.52 15.09
CA PRO B 451 -9.69 -34.31 15.85
C PRO B 451 -10.24 -33.07 15.17
N MET B 452 -11.47 -32.74 15.54
CA MET B 452 -12.33 -31.84 14.78
C MET B 452 -12.63 -30.58 15.58
N ASN B 453 -12.54 -29.43 14.92
CA ASN B 453 -13.00 -28.18 15.50
C ASN B 453 -14.52 -28.20 15.64
N GLN B 454 -15.04 -27.63 16.74
CA GLN B 454 -16.43 -27.82 17.12
C GLN B 454 -17.40 -27.24 16.08
N GLY B 455 -18.33 -28.08 15.63
CA GLY B 455 -19.31 -27.69 14.65
C GLY B 455 -18.97 -28.02 13.21
N GLU B 456 -17.84 -28.69 12.97
CA GLU B 456 -17.36 -28.95 11.62
C GLU B 456 -17.80 -30.30 11.07
N ILE B 457 -18.61 -31.06 11.81
CA ILE B 457 -18.93 -32.42 11.41
C ILE B 457 -19.84 -32.42 10.20
N TRP B 458 -19.64 -33.40 9.31
CA TRP B 458 -20.41 -33.59 8.08
C TRP B 458 -20.31 -32.38 7.16
N LYS B 459 -19.15 -31.74 7.11
CA LYS B 459 -18.95 -30.59 6.26
C LYS B 459 -17.56 -30.65 5.66
N TRP B 460 -17.31 -29.77 4.70
CA TRP B 460 -15.99 -29.62 4.11
C TRP B 460 -15.26 -28.49 4.83
N ARG B 461 -14.10 -28.81 5.41
CA ARG B 461 -13.26 -27.80 6.02
C ARG B 461 -12.09 -27.49 5.11
N LYS B 462 -11.68 -26.22 5.13
CA LYS B 462 -10.64 -25.72 4.26
C LYS B 462 -9.27 -26.04 4.83
N GLU B 463 -8.34 -26.43 3.95
CA GLU B 463 -6.99 -26.81 4.33
C GLU B 463 -6.01 -26.08 3.43
N VAL B 464 -4.99 -25.46 4.05
CA VAL B 464 -3.90 -24.82 3.26
C VAL B 464 -2.98 -25.97 2.83
N ASN B 465 -2.88 -27.01 3.67
CA ASN B 465 -2.07 -28.22 3.31
C ASN B 465 -2.89 -29.45 3.68
N PRO B 466 -2.85 -30.55 2.89
CA PRO B 466 -3.57 -31.78 3.26
C PRO B 466 -2.89 -32.42 4.48
N ASP B 467 -3.21 -31.93 5.68
CA ASP B 467 -2.58 -32.44 6.92
C ASP B 467 -2.79 -33.95 7.05
N GLU B 468 -4.02 -34.42 6.83
CA GLU B 468 -4.34 -35.86 7.00
C GLU B 468 -3.62 -36.69 5.93
N LEU B 469 -3.60 -36.23 4.69
CA LEU B 469 -2.99 -37.02 3.58
C LEU B 469 -1.52 -37.31 3.90
N HIS B 470 -0.80 -36.33 4.44
CA HIS B 470 0.65 -36.51 4.73
C HIS B 470 0.83 -37.68 5.70
N ILE B 471 0.06 -37.66 6.79
CA ILE B 471 0.16 -38.75 7.81
C ILE B 471 -0.28 -40.07 7.16
N TYR B 472 -1.33 -40.03 6.35
CA TYR B 472 -1.84 -41.27 5.67
C TYR B 472 -0.72 -41.89 4.84
N ILE B 473 0.04 -41.05 4.12
CA ILE B 473 1.14 -41.56 3.25
C ILE B 473 2.17 -42.29 4.11
N SER B 474 2.51 -41.73 5.27
CA SER B 474 3.59 -42.34 6.12
C SER B 474 3.00 -43.42 7.03
N GLU B 475 1.70 -43.71 6.93
CA GLU B 475 1.06 -44.72 7.82
C GLU B 475 0.30 -45.75 6.99
N ASN B 476 -0.90 -45.40 6.51
CA ASN B 476 -1.74 -46.37 5.77
C ASN B 476 -0.98 -46.84 4.52
N PHE B 477 -0.39 -45.91 3.77
CA PHE B 477 0.32 -46.28 2.52
C PHE B 477 1.51 -47.19 2.84
N SER B 478 2.20 -46.90 3.95
CA SER B 478 3.36 -47.73 4.36
C SER B 478 2.89 -49.19 4.54
N ARG B 479 1.69 -49.38 5.09
CA ARG B 479 1.16 -50.74 5.33
C ARG B 479 1.02 -51.48 4.00
N VAL B 480 0.43 -50.84 3.00
CA VAL B 480 0.21 -51.50 1.67
C VAL B 480 1.59 -51.78 1.04
N MET B 481 2.54 -50.84 1.22
CA MET B 481 3.92 -51.05 0.69
C MET B 481 4.46 -52.35 1.30
N ASP B 482 4.20 -52.58 2.58
CA ASP B 482 4.64 -53.80 3.25
C ASP B 482 4.00 -55.04 2.64
N ARG B 483 2.72 -54.93 2.26
CA ARG B 483 2.05 -56.04 1.57
C ARG B 483 2.72 -56.35 0.24
N ILE B 484 3.13 -55.32 -0.50
CA ILE B 484 3.84 -55.55 -1.76
C ILE B 484 5.19 -56.20 -1.51
N THR B 485 5.88 -55.80 -0.44
CA THR B 485 7.12 -56.47 -0.05
C THR B 485 6.91 -57.96 0.21
N GLU B 486 5.83 -58.30 0.91
CA GLU B 486 5.53 -59.71 1.18
C GLU B 486 5.21 -60.47 -0.11
N HIS B 487 4.51 -59.82 -1.04
CA HIS B 487 4.23 -60.46 -2.33
C HIS B 487 5.52 -60.74 -3.11
N ILE B 488 6.46 -59.79 -3.09
CA ILE B 488 7.74 -60.00 -3.75
C ILE B 488 8.52 -61.13 -3.07
N LYS B 489 8.43 -61.22 -1.75
CA LYS B 489 9.09 -62.31 -1.04
C LYS B 489 8.49 -63.67 -1.41
N TYR B 490 7.15 -63.71 -1.57
CA TYR B 490 6.51 -64.94 -2.02
C TYR B 490 6.99 -65.33 -3.41
N HIS B 491 7.08 -64.36 -4.33
CA HIS B 491 7.56 -64.69 -5.67
C HIS B 491 9.05 -65.04 -5.67
N LEU B 492 9.80 -64.57 -4.69
CA LEU B 492 11.18 -65.02 -4.50
C LEU B 492 11.22 -66.46 -4.00
N SER B 493 10.26 -66.84 -3.16
CA SER B 493 10.22 -68.20 -2.61
C SER B 493 9.87 -69.26 -3.65
N GLN B 494 9.43 -68.85 -4.85
CA GLN B 494 9.21 -69.78 -5.93
C GLN B 494 10.54 -70.34 -6.44
N PRO B 495 10.52 -71.49 -7.12
CA PRO B 495 11.76 -72.06 -7.67
C PRO B 495 12.44 -71.14 -8.68
N HIS B 496 13.74 -71.40 -8.88
CA HIS B 496 14.60 -70.50 -9.62
C HIS B 496 14.21 -70.39 -11.09
N GLU B 497 13.64 -71.45 -11.65
CA GLU B 497 13.31 -71.59 -13.07
C GLU B 497 14.62 -71.41 -13.86
N SER B 498 14.78 -70.36 -14.66
CA SER B 498 16.00 -70.18 -15.45
C SER B 498 16.82 -68.99 -15.00
N ASN B 499 16.24 -67.78 -15.04
CA ASN B 499 16.96 -66.59 -14.64
C ASN B 499 16.10 -65.59 -13.89
N ILE B 500 14.86 -65.94 -13.55
CA ILE B 500 13.94 -64.97 -12.96
C ILE B 500 14.30 -64.64 -11.52
N LEU B 501 15.11 -65.47 -10.87
CA LEU B 501 15.36 -65.27 -9.44
C LEU B 501 16.32 -64.11 -9.20
N ASN B 502 17.32 -63.92 -10.08
CA ASN B 502 18.17 -62.74 -9.99
C ASN B 502 17.38 -61.47 -10.26
N TYR B 503 16.46 -61.51 -11.23
CA TYR B 503 15.58 -60.37 -11.49
C TYR B 503 14.70 -60.07 -10.28
N TYR B 504 14.24 -61.12 -9.60
CA TYR B 504 13.40 -60.92 -8.42
C TYR B 504 14.19 -60.34 -7.27
N LYS B 505 15.46 -60.75 -7.09
CA LYS B 505 16.24 -60.15 -6.02
C LYS B 505 16.60 -58.70 -6.34
N LYS B 506 16.82 -58.39 -7.63
CA LYS B 506 17.05 -57.00 -8.02
C LYS B 506 15.81 -56.16 -7.77
N LEU B 507 14.64 -56.69 -8.08
CA LEU B 507 13.38 -56.00 -7.85
C LEU B 507 13.15 -55.77 -6.37
N LEU B 508 13.44 -56.77 -5.54
CA LEU B 508 13.28 -56.62 -4.09
C LEU B 508 14.24 -55.58 -3.54
N LYS B 509 15.49 -55.57 -4.01
CA LYS B 509 16.46 -54.58 -3.55
C LYS B 509 16.06 -53.16 -3.95
N ALA B 510 15.61 -52.98 -5.19
CA ALA B 510 15.19 -51.66 -5.64
C ALA B 510 13.95 -51.18 -4.90
N PHE B 511 12.98 -52.07 -4.66
CA PHE B 511 11.80 -51.65 -3.94
C PHE B 511 12.09 -51.37 -2.47
N GLU B 512 13.02 -52.10 -1.86
CA GLU B 512 13.42 -51.79 -0.50
C GLU B 512 14.14 -50.46 -0.43
N ARG B 513 14.92 -50.12 -1.46
CA ARG B 513 15.53 -48.79 -1.53
C ARG B 513 14.45 -47.71 -1.65
N SER B 514 13.45 -47.94 -2.49
CA SER B 514 12.43 -46.92 -2.74
C SER B 514 11.38 -46.84 -1.64
N LYS B 515 11.30 -47.83 -0.76
CA LYS B 515 10.28 -47.84 0.28
C LYS B 515 10.51 -46.74 1.31
N SER B 516 11.76 -46.32 1.51
CA SER B 516 12.06 -45.31 2.52
C SER B 516 11.65 -43.91 2.08
N LYS B 517 11.38 -43.71 0.79
CA LYS B 517 11.07 -42.39 0.26
C LYS B 517 9.71 -41.89 0.72
N ILE B 518 8.85 -42.77 1.22
CA ILE B 518 7.54 -42.41 1.74
C ILE B 518 7.63 -41.48 2.95
N PHE B 519 8.68 -41.60 3.75
CA PHE B 519 8.84 -40.78 4.95
C PHE B 519 9.65 -39.52 4.70
N ASN B 520 10.09 -39.28 3.47
CA ASN B 520 10.89 -38.11 3.15
C ASN B 520 10.01 -36.91 2.85
N ASP B 521 10.41 -35.75 3.39
CA ASP B 521 9.57 -34.55 3.31
C ASP B 521 9.42 -34.06 1.88
N SER B 522 10.51 -34.02 1.11
CA SER B 522 10.45 -33.52 -0.25
C SER B 522 9.63 -34.45 -1.14
N PHE B 523 9.76 -35.76 -0.94
CA PHE B 523 8.97 -36.71 -1.72
C PHE B 523 7.48 -36.57 -1.42
N LYS B 524 7.13 -36.40 -0.14
CA LYS B 524 5.72 -36.22 0.22
C LYS B 524 5.17 -34.92 -0.35
N LYS B 525 5.99 -33.86 -0.34
CA LYS B 525 5.58 -32.60 -0.93
C LYS B 525 5.34 -32.74 -2.43
N GLY B 526 6.21 -33.46 -3.13
CA GLY B 526 6.01 -33.69 -4.55
C GLY B 526 4.81 -34.55 -4.85
N VAL B 527 4.54 -35.54 -3.99
CA VAL B 527 3.36 -36.38 -4.15
C VAL B 527 2.09 -35.56 -3.97
N ILE B 528 2.06 -34.69 -2.96
CA ILE B 528 0.89 -33.85 -2.73
C ILE B 528 0.72 -32.84 -3.86
N ARG B 529 1.83 -32.30 -4.38
CA ARG B 529 1.77 -31.38 -5.50
C ARG B 529 1.23 -32.05 -6.76
N GLN B 530 1.61 -33.31 -6.99
CA GLN B 530 1.08 -34.03 -8.14
C GLN B 530 -0.34 -34.51 -7.92
N ALA B 531 -0.76 -34.68 -6.67
CA ALA B 531 -2.11 -35.15 -6.38
C ALA B 531 -3.15 -34.05 -6.56
N GLU B 532 -2.72 -32.80 -6.63
CA GLU B 532 -3.65 -31.69 -6.85
C GLU B 532 -4.32 -31.76 -8.21
N PHE B 533 -3.69 -32.39 -9.18
CA PHE B 533 -4.29 -32.54 -10.51
C PHE B 533 -5.24 -33.72 -10.59
N LEU B 534 -5.18 -34.65 -9.65
CA LEU B 534 -6.08 -35.80 -9.63
C LEU B 534 -7.30 -35.59 -8.74
N PHE B 535 -7.13 -34.86 -7.63
CA PHE B 535 -8.21 -34.56 -6.71
C PHE B 535 -9.03 -33.35 -7.14
N ARG B 536 -8.70 -32.76 -8.29
CA ARG B 536 -9.32 -31.50 -8.68
C ARG B 536 -10.76 -31.68 -9.12
N GLN B 537 -11.65 -30.87 -8.59
CA GLN B 537 -13.02 -30.75 -9.04
C GLN B 537 -13.24 -29.33 -9.53
N ARG B 538 -13.71 -29.19 -10.76
CA ARG B 538 -13.58 -27.92 -11.47
C ARG B 538 -14.53 -26.84 -10.97
N SER B 539 -15.69 -27.22 -10.45
CA SER B 539 -16.71 -26.24 -10.06
C SER B 539 -17.12 -26.47 -8.61
N PHE B 540 -16.13 -26.60 -7.73
CA PHE B 540 -16.42 -26.86 -6.32
C PHE B 540 -16.56 -25.58 -5.52
N ILE B 541 -15.65 -24.63 -5.71
CA ILE B 541 -15.66 -23.40 -4.91
C ILE B 541 -16.85 -22.52 -5.27
N GLN B 542 -17.17 -22.44 -6.57
CA GLN B 542 -18.31 -21.65 -7.01
C GLN B 542 -19.65 -22.26 -6.64
N THR B 543 -19.67 -23.51 -6.18
CA THR B 543 -20.88 -24.21 -5.78
C THR B 543 -20.96 -24.34 -4.26
N LEU B 544 -19.94 -23.83 -3.56
CA LEU B 544 -19.67 -24.24 -2.18
C LEU B 544 -20.78 -23.83 -1.22
N ASP B 545 -21.20 -22.57 -1.24
CA ASP B 545 -22.33 -22.16 -0.41
C ASP B 545 -23.30 -21.38 -1.29
N THR B 546 -24.12 -22.11 -2.04
CA THR B 546 -25.04 -21.51 -2.99
C THR B 546 -26.47 -22.01 -2.85
N ASN B 547 -26.70 -23.10 -2.16
CA ASN B 547 -28.04 -23.56 -1.86
C ASN B 547 -28.54 -22.83 -0.62
N PRO B 548 -29.58 -22.00 -0.73
CA PRO B 548 -30.07 -21.28 0.44
C PRO B 548 -30.96 -22.12 1.34
N HIS B 549 -31.30 -23.33 0.94
CA HIS B 549 -32.13 -24.22 1.75
C HIS B 549 -31.32 -25.17 2.60
N LEU B 550 -29.99 -25.07 2.58
CA LEU B 550 -29.12 -25.89 3.41
C LEU B 550 -28.32 -24.97 4.32
N LEU B 551 -28.27 -25.30 5.60
CA LEU B 551 -27.61 -24.48 6.61
C LEU B 551 -26.70 -25.36 7.44
N GLY B 552 -25.41 -25.08 7.45
CA GLY B 552 -24.50 -25.82 8.30
C GLY B 552 -24.75 -25.51 9.75
N VAL B 553 -24.93 -26.53 10.57
CA VAL B 553 -25.20 -26.39 11.99
C VAL B 553 -24.26 -27.31 12.76
N GLY B 554 -24.20 -27.10 14.07
CA GLY B 554 -23.21 -27.74 14.91
C GLY B 554 -23.29 -29.25 14.97
N ASN B 555 -24.42 -29.84 14.58
CA ASN B 555 -24.55 -31.28 14.52
C ASN B 555 -24.84 -31.78 13.11
N GLY B 556 -24.48 -31.02 12.08
CA GLY B 556 -24.67 -31.50 10.73
C GLY B 556 -25.15 -30.46 9.74
N VAL B 557 -26.06 -30.82 8.85
CA VAL B 557 -26.61 -29.87 7.89
C VAL B 557 -28.12 -29.87 8.04
N LEU B 558 -28.69 -28.70 8.33
CA LEU B 558 -30.13 -28.54 8.41
C LEU B 558 -30.69 -28.25 7.03
N SER B 559 -31.68 -29.02 6.63
CA SER B 559 -32.34 -28.87 5.33
C SER B 559 -33.76 -28.36 5.57
N ILE B 560 -34.06 -27.20 4.99
CA ILE B 560 -35.39 -26.59 5.10
C ILE B 560 -36.06 -26.59 3.73
N GLU B 561 -35.69 -27.57 2.88
CA GLU B 561 -36.32 -27.67 1.56
C GLU B 561 -37.78 -28.05 1.65
N THR B 562 -38.10 -29.01 2.52
CA THR B 562 -39.46 -29.49 2.71
C THR B 562 -39.84 -29.36 4.18
N ILE B 563 -41.13 -29.28 4.43
CA ILE B 563 -41.65 -29.22 5.79
C ILE B 563 -41.99 -30.64 6.21
N PRO B 564 -41.50 -31.14 7.35
CA PRO B 564 -40.66 -30.47 8.34
C PRO B 564 -39.18 -30.47 7.96
N ALA B 565 -38.42 -29.53 8.51
CA ALA B 565 -36.99 -29.46 8.24
C ALA B 565 -36.29 -30.66 8.84
N LYS B 566 -35.31 -31.19 8.13
CA LYS B 566 -34.61 -32.39 8.57
C LYS B 566 -33.15 -32.10 8.87
N LEU B 567 -32.53 -33.00 9.61
CA LEU B 567 -31.13 -32.89 9.99
C LEU B 567 -30.35 -34.00 9.30
N ILE B 568 -29.49 -33.62 8.36
CA ILE B 568 -28.56 -34.54 7.72
C ILE B 568 -27.36 -34.66 8.63
N ASN B 569 -27.24 -35.79 9.32
CA ASN B 569 -26.09 -36.09 10.15
C ASN B 569 -25.47 -37.40 9.70
N HIS B 570 -25.32 -37.55 8.38
CA HIS B 570 -24.68 -38.72 7.80
C HIS B 570 -23.95 -38.26 6.55
N PHE B 571 -23.47 -39.21 5.75
CA PHE B 571 -22.77 -38.85 4.54
C PHE B 571 -23.73 -38.28 3.50
N HIS B 572 -23.26 -37.30 2.75
CA HIS B 572 -24.10 -36.64 1.74
C HIS B 572 -23.18 -36.03 0.70
N GLU B 573 -23.79 -35.50 -0.36
CA GLU B 573 -23.07 -34.92 -1.48
C GLU B 573 -23.27 -33.41 -1.60
N HIS B 574 -23.97 -32.80 -0.66
CA HIS B 574 -24.15 -31.35 -0.70
C HIS B 574 -22.86 -30.65 -0.29
N PRO B 575 -22.34 -29.73 -1.09
CA PRO B 575 -21.17 -28.95 -0.65
C PRO B 575 -21.59 -27.94 0.41
N ILE B 576 -21.05 -28.10 1.62
CA ILE B 576 -21.32 -27.19 2.73
C ILE B 576 -20.00 -26.90 3.41
N HIS B 577 -19.64 -25.63 3.51
CA HIS B 577 -18.42 -25.21 4.17
C HIS B 577 -18.70 -24.39 5.43
N GLN B 578 -19.45 -23.29 5.30
CA GLN B 578 -19.77 -22.44 6.43
C GLN B 578 -20.83 -23.09 7.31
N TYR B 579 -20.87 -22.68 8.57
CA TYR B 579 -21.78 -23.26 9.53
C TYR B 579 -22.00 -22.27 10.66
N THR B 580 -22.89 -22.64 11.58
CA THR B 580 -23.06 -21.97 12.85
C THR B 580 -22.82 -22.98 13.97
N HIS B 581 -22.38 -22.48 15.12
CA HIS B 581 -22.07 -23.37 16.24
C HIS B 581 -23.30 -23.96 16.91
N ILE B 582 -24.49 -23.48 16.56
CA ILE B 582 -25.71 -23.88 17.25
C ILE B 582 -26.16 -25.23 16.70
N CYS B 583 -26.51 -26.14 17.61
CA CYS B 583 -27.06 -27.44 17.23
C CYS B 583 -28.56 -27.37 17.09
N TYR B 584 -29.10 -28.02 16.06
CA TYR B 584 -30.52 -27.95 15.75
C TYR B 584 -31.27 -29.08 16.47
N VAL B 585 -32.15 -28.70 17.38
CA VAL B 585 -33.08 -29.61 18.03
C VAL B 585 -34.47 -29.16 17.60
N PRO B 586 -35.42 -30.07 17.34
CA PRO B 586 -36.76 -29.64 16.93
C PRO B 586 -37.47 -28.85 18.00
N PHE B 587 -38.36 -27.96 17.56
CA PHE B 587 -39.04 -27.03 18.44
C PHE B 587 -39.97 -27.77 19.40
N ASN B 588 -39.76 -27.56 20.68
CA ASN B 588 -40.57 -28.17 21.72
C ASN B 588 -40.86 -27.15 22.80
N PRO B 589 -42.11 -26.71 22.95
CA PRO B 589 -42.41 -25.67 23.95
C PRO B 589 -42.24 -26.11 25.39
N GLU B 590 -42.18 -27.41 25.66
CA GLU B 590 -42.00 -27.90 27.02
C GLU B 590 -40.57 -27.76 27.53
N ASN B 591 -39.63 -27.42 26.65
CA ASN B 591 -38.27 -27.15 27.08
C ASN B 591 -38.24 -25.93 27.99
N PRO B 592 -37.57 -25.98 29.13
CA PRO B 592 -37.52 -24.81 30.03
C PRO B 592 -36.88 -23.58 29.39
N TRP B 593 -35.87 -23.77 28.54
CA TRP B 593 -35.28 -22.63 27.86
C TRP B 593 -36.21 -22.07 26.80
N THR B 594 -36.92 -22.95 26.07
CA THR B 594 -37.88 -22.49 25.09
C THR B 594 -39.04 -21.76 25.75
N LYS B 595 -39.50 -22.26 26.89
CA LYS B 595 -40.55 -21.59 27.65
C LYS B 595 -40.10 -20.22 28.14
N LEU B 596 -38.87 -20.14 28.66
CA LEU B 596 -38.33 -18.87 29.11
C LEU B 596 -38.20 -17.87 27.97
N LEU B 597 -37.76 -18.34 26.80
CA LEU B 597 -37.61 -17.45 25.65
C LEU B 597 -38.95 -16.98 25.11
N LEU B 598 -39.96 -17.85 25.11
CA LEU B 598 -41.27 -17.44 24.64
C LEU B 598 -41.92 -16.45 25.61
N ASN B 599 -41.72 -16.65 26.92
CA ASN B 599 -42.20 -15.67 27.89
C ASN B 599 -41.48 -14.34 27.74
N ALA B 600 -40.17 -14.38 27.45
CA ALA B 600 -39.43 -13.16 27.20
C ALA B 600 -39.95 -12.44 25.95
N LEU B 601 -40.28 -13.20 24.90
CA LEU B 601 -40.83 -12.60 23.69
C LEU B 601 -42.19 -11.97 23.96
N GLN B 602 -43.02 -12.60 24.79
CA GLN B 602 -44.26 -11.99 25.21
C GLN B 602 -44.01 -10.73 26.04
N ASP B 603 -42.91 -10.69 26.78
CA ASP B 603 -42.58 -9.50 27.57
C ASP B 603 -42.13 -8.34 26.68
N ILE B 604 -41.33 -8.62 25.64
CA ILE B 604 -40.77 -7.55 24.82
C ILE B 604 -41.86 -6.90 23.96
N ILE B 605 -42.69 -7.72 23.33
CA ILE B 605 -43.73 -7.19 22.44
C ILE B 605 -45.10 -7.55 23.01
N PRO B 606 -45.83 -6.59 23.59
CA PRO B 606 -47.13 -6.93 24.18
C PRO B 606 -48.21 -7.23 23.15
N GLU B 607 -48.21 -6.53 22.02
CA GLU B 607 -49.23 -6.78 21.00
C GLU B 607 -48.99 -8.12 20.34
N LEU B 608 -50.07 -8.89 20.17
CA LEU B 608 -49.93 -10.24 19.63
C LEU B 608 -49.61 -10.21 18.14
N ASP B 609 -50.29 -9.37 17.38
CA ASP B 609 -50.06 -9.30 15.94
C ASP B 609 -48.67 -8.75 15.63
N ALA B 610 -48.22 -7.75 16.38
CA ALA B 610 -46.87 -7.22 16.19
C ALA B 610 -45.82 -8.26 16.55
N ARG B 611 -46.06 -9.04 17.60
CA ARG B 611 -45.14 -10.11 17.97
C ARG B 611 -45.06 -11.17 16.88
N LEU B 612 -46.22 -11.56 16.33
CA LEU B 612 -46.23 -12.55 15.25
C LEU B 612 -45.53 -12.02 14.00
N TRP B 613 -45.76 -10.75 13.65
CA TRP B 613 -45.11 -10.17 12.49
C TRP B 613 -43.60 -10.08 12.67
N ILE B 614 -43.15 -9.66 13.85
CA ILE B 614 -41.72 -9.54 14.10
C ILE B 614 -41.05 -10.91 14.10
N MET B 615 -41.74 -11.93 14.65
CA MET B 615 -41.17 -13.28 14.63
C MET B 615 -41.12 -13.84 13.22
N PHE B 616 -42.16 -13.59 12.42
CA PHE B 616 -42.13 -14.00 11.01
C PHE B 616 -41.02 -13.31 10.24
N TYR B 617 -40.79 -12.03 10.54
CA TYR B 617 -39.74 -11.29 9.86
C TYR B 617 -38.35 -11.76 10.26
N LEU B 618 -38.14 -12.03 11.55
CA LEU B 618 -36.84 -12.49 11.99
C LEU B 618 -36.58 -13.94 11.62
N SER B 619 -37.64 -14.71 11.35
CA SER B 619 -37.44 -16.09 10.92
C SER B 619 -36.85 -16.19 9.52
N THR B 620 -37.07 -15.17 8.69
CA THR B 620 -36.53 -15.16 7.34
C THR B 620 -35.03 -14.88 7.31
N ALA B 621 -34.42 -14.60 8.46
CA ALA B 621 -32.98 -14.42 8.52
C ALA B 621 -32.22 -15.72 8.29
N ILE B 622 -32.86 -16.88 8.48
CA ILE B 622 -32.20 -18.16 8.22
C ILE B 622 -32.16 -18.51 6.75
N PHE B 623 -32.86 -17.77 5.90
CA PHE B 623 -32.85 -17.98 4.46
C PHE B 623 -31.85 -17.01 3.83
N ARG B 624 -31.03 -17.52 2.92
CA ARG B 624 -30.01 -16.72 2.26
C ARG B 624 -30.26 -16.59 0.77
N GLY B 625 -31.54 -16.60 0.37
CA GLY B 625 -31.92 -16.38 -1.00
C GLY B 625 -32.51 -15.00 -1.23
N LEU B 626 -33.09 -14.83 -2.41
CA LEU B 626 -33.74 -13.57 -2.74
C LEU B 626 -35.05 -13.46 -1.97
N LYS B 627 -35.14 -12.45 -1.12
CA LYS B 627 -36.34 -12.21 -0.31
C LYS B 627 -36.92 -10.84 -0.64
N GLU B 628 -38.07 -10.56 -0.04
CA GLU B 628 -38.82 -9.35 -0.35
C GLU B 628 -38.11 -8.12 0.19
N ALA B 629 -38.29 -7.01 -0.51
CA ALA B 629 -37.63 -5.75 -0.18
C ALA B 629 -38.35 -5.13 1.01
N LEU B 630 -37.84 -5.42 2.21
CA LEU B 630 -38.41 -4.93 3.44
C LEU B 630 -37.30 -4.45 4.35
N MET B 631 -37.63 -3.55 5.26
CA MET B 631 -36.67 -3.05 6.22
C MET B 631 -37.44 -2.61 7.46
N LEU B 632 -36.98 -3.04 8.63
CA LEU B 632 -37.65 -2.75 9.88
C LEU B 632 -36.82 -1.77 10.70
N LEU B 633 -37.47 -0.73 11.21
CA LEU B 633 -36.84 0.24 12.11
C LEU B 633 -37.48 0.09 13.48
N TRP B 634 -36.66 -0.17 14.48
CA TRP B 634 -37.10 -0.33 15.86
C TRP B 634 -36.66 0.89 16.65
N LEU B 635 -37.61 1.54 17.31
CA LEU B 635 -37.37 2.74 18.09
C LEU B 635 -37.72 2.46 19.55
N GLY B 636 -36.79 2.76 20.44
CA GLY B 636 -37.01 2.56 21.86
C GLY B 636 -36.35 3.66 22.66
N GLY B 637 -37.01 4.03 23.76
CA GLY B 637 -36.53 5.12 24.59
C GLY B 637 -35.33 4.80 25.44
N GLY B 638 -35.50 3.90 26.41
CA GLY B 638 -34.44 3.56 27.32
C GLY B 638 -34.03 2.10 27.24
N CYS B 639 -34.17 1.36 28.35
CA CYS B 639 -33.85 -0.06 28.38
C CYS B 639 -35.03 -0.84 27.82
N ASN B 640 -34.85 -1.35 26.61
CA ASN B 640 -35.87 -2.09 25.91
C ASN B 640 -35.31 -3.42 25.42
N GLY B 641 -36.08 -4.12 24.59
CA GLY B 641 -35.67 -5.42 24.11
C GLY B 641 -34.63 -5.45 23.02
N LYS B 642 -34.26 -4.30 22.44
CA LYS B 642 -33.17 -4.23 21.49
C LYS B 642 -31.88 -4.65 22.17
N THR B 643 -30.89 -5.09 21.38
CA THR B 643 -29.58 -5.60 21.84
C THR B 643 -29.73 -6.92 22.60
N PHE B 644 -30.95 -7.33 22.92
CA PHE B 644 -31.18 -8.70 23.36
C PHE B 644 -31.77 -9.54 22.27
N LEU B 645 -32.77 -9.04 21.54
CA LEU B 645 -33.42 -9.82 20.51
C LEU B 645 -32.58 -9.87 19.23
N MET B 646 -32.17 -8.70 18.74
CA MET B 646 -31.38 -8.63 17.52
C MET B 646 -30.03 -9.29 17.67
N ARG B 647 -29.38 -9.07 18.82
CA ARG B 647 -28.14 -9.77 19.10
C ARG B 647 -28.36 -11.26 19.26
N LEU B 648 -29.52 -11.70 19.76
CA LEU B 648 -29.81 -13.12 19.84
C LEU B 648 -29.89 -13.75 18.45
N VAL B 649 -30.56 -13.07 17.52
CA VAL B 649 -30.61 -13.57 16.15
C VAL B 649 -29.22 -13.65 15.55
N ALA B 650 -28.40 -12.61 15.80
CA ALA B 650 -27.03 -12.60 15.27
C ALA B 650 -26.18 -13.72 15.86
N MET B 651 -26.30 -13.98 17.16
CA MET B 651 -25.49 -15.04 17.78
C MET B 651 -26.00 -16.44 17.46
N VAL B 652 -27.29 -16.63 17.21
CA VAL B 652 -27.69 -17.96 16.79
C VAL B 652 -27.38 -18.21 15.32
N LEU B 653 -27.21 -17.15 14.51
CA LEU B 653 -26.82 -17.38 13.13
C LEU B 653 -25.30 -17.42 12.94
N GLY B 654 -24.53 -16.77 13.81
CA GLY B 654 -23.09 -16.86 13.71
C GLY B 654 -22.49 -15.81 12.81
N ASP B 655 -21.16 -15.87 12.69
CA ASP B 655 -20.42 -14.86 11.94
C ASP B 655 -20.58 -15.02 10.44
N HIS B 656 -20.73 -16.25 9.96
CA HIS B 656 -20.82 -16.46 8.51
C HIS B 656 -22.20 -16.10 7.97
N TYR B 657 -23.24 -16.21 8.79
CA TYR B 657 -24.61 -16.03 8.33
C TYR B 657 -25.25 -14.73 8.79
N ALA B 658 -24.64 -14.02 9.73
CA ALA B 658 -25.18 -12.76 10.22
C ALA B 658 -24.03 -11.84 10.57
N SER B 659 -24.31 -10.55 10.61
CA SER B 659 -23.27 -9.57 10.92
C SER B 659 -23.89 -8.33 11.54
N LYS B 660 -23.06 -7.62 12.29
CA LYS B 660 -23.39 -6.31 12.80
C LYS B 660 -22.84 -5.27 11.84
N LEU B 661 -23.66 -4.31 11.46
CA LEU B 661 -23.27 -3.30 10.49
C LEU B 661 -23.28 -1.92 11.13
N ASN B 662 -22.44 -1.03 10.62
CA ASN B 662 -22.37 0.34 11.13
C ASN B 662 -23.33 1.26 10.39
N ILE B 663 -23.81 2.27 11.11
CA ILE B 663 -24.82 3.19 10.57
C ILE B 663 -24.26 4.13 9.52
N SER B 664 -22.94 4.20 9.35
CA SER B 664 -22.35 5.03 8.31
C SER B 664 -22.68 4.53 6.91
N LEU B 665 -23.04 3.25 6.77
CA LEU B 665 -23.50 2.73 5.48
C LEU B 665 -24.87 3.28 5.09
N LEU B 666 -25.64 3.79 6.04
CA LEU B 666 -27.00 4.26 5.77
C LEU B 666 -27.15 5.77 5.81
N THR B 667 -26.37 6.46 6.64
CA THR B 667 -26.56 7.89 6.85
C THR B 667 -25.57 8.74 6.06
N SER B 668 -24.28 8.41 6.12
CA SER B 668 -23.28 9.21 5.45
C SER B 668 -23.35 9.01 3.94
N CYS B 669 -22.86 10.01 3.21
CA CYS B 669 -22.82 9.94 1.76
C CYS B 669 -21.86 8.85 1.31
N ARG B 670 -22.15 8.27 0.16
CA ARG B 670 -21.36 7.14 -0.32
C ARG B 670 -19.97 7.60 -0.76
N GLU B 671 -19.05 6.64 -0.77
CA GLU B 671 -17.69 6.87 -1.21
C GLU B 671 -17.54 6.49 -2.68
N THR B 672 -16.50 7.02 -3.32
CA THR B 672 -16.19 6.68 -4.70
C THR B 672 -15.86 5.19 -4.80
N ALA B 673 -16.49 4.51 -5.76
CA ALA B 673 -16.64 3.06 -5.75
C ALA B 673 -15.33 2.30 -5.95
N GLU B 674 -14.26 2.94 -6.41
CA GLU B 674 -12.99 2.23 -6.51
C GLU B 674 -12.29 2.12 -5.17
N LYS B 675 -12.74 2.86 -4.16
CA LYS B 675 -12.22 2.67 -2.81
C LYS B 675 -12.74 1.35 -2.25
N PRO B 676 -11.88 0.53 -1.65
CA PRO B 676 -12.32 -0.79 -1.19
C PRO B 676 -13.11 -0.75 0.11
N ASN B 677 -14.42 -0.54 0.03
CA ASN B 677 -15.28 -0.50 1.20
C ASN B 677 -15.42 -1.90 1.78
N SER B 678 -14.64 -2.21 2.80
CA SER B 678 -14.70 -3.53 3.42
C SER B 678 -15.89 -3.68 4.37
N ALA B 679 -16.53 -2.59 4.75
CA ALA B 679 -17.76 -2.68 5.53
C ALA B 679 -18.95 -3.06 4.65
N PHE B 680 -18.95 -2.63 3.39
CA PHE B 680 -20.01 -3.03 2.47
C PHE B 680 -19.88 -4.47 2.03
N MET B 681 -18.71 -5.06 2.16
CA MET B 681 -18.53 -6.47 1.86
C MET B 681 -18.94 -7.38 3.02
N ARG B 682 -19.40 -6.80 4.12
CA ARG B 682 -19.82 -7.56 5.29
C ARG B 682 -21.27 -8.02 5.21
N LEU B 683 -21.86 -8.03 4.02
CA LEU B 683 -23.19 -8.57 3.85
C LEU B 683 -23.30 -9.39 2.58
N LYS B 684 -22.20 -10.04 2.17
CA LYS B 684 -22.18 -10.75 0.90
C LYS B 684 -22.99 -12.04 0.97
N GLY B 685 -22.60 -12.95 1.85
CA GLY B 685 -23.26 -14.24 1.91
C GLY B 685 -23.99 -14.48 3.20
N ARG B 686 -24.64 -13.44 3.73
CA ARG B 686 -25.33 -13.52 5.00
C ARG B 686 -26.78 -13.09 4.83
N GLY B 687 -27.65 -13.72 5.60
CA GLY B 687 -29.07 -13.45 5.55
C GLY B 687 -29.61 -12.55 6.65
N TYR B 688 -28.74 -11.94 7.45
CA TYR B 688 -29.20 -11.08 8.53
C TYR B 688 -28.19 -9.97 8.77
N GLY B 689 -28.70 -8.77 8.99
CA GLY B 689 -27.89 -7.62 9.35
C GLY B 689 -28.66 -6.68 10.26
N TYR B 690 -27.98 -6.11 11.24
CA TYR B 690 -28.63 -5.19 12.16
C TYR B 690 -27.73 -4.01 12.46
N PHE B 691 -28.33 -2.83 12.44
CA PHE B 691 -27.70 -1.57 12.80
C PHE B 691 -28.11 -1.19 14.22
N GLU B 692 -27.19 -0.54 14.93
CA GLU B 692 -27.40 -0.34 16.36
C GLU B 692 -27.01 1.04 16.88
N GLU B 693 -26.56 1.94 16.03
CA GLU B 693 -26.03 3.22 16.49
C GLU B 693 -26.79 4.38 15.86
N THR B 694 -27.11 5.37 16.69
CA THR B 694 -27.70 6.62 16.22
C THR B 694 -27.08 7.77 17.01
N ASN B 695 -26.61 8.78 16.29
CA ASN B 695 -25.92 9.88 16.97
C ASN B 695 -26.90 10.87 17.57
N LYS B 696 -27.63 11.59 16.72
CA LYS B 696 -28.73 12.44 17.19
C LYS B 696 -29.68 12.63 16.01
N SER B 697 -30.70 11.76 15.94
CA SER B 697 -31.73 11.78 14.90
C SER B 697 -31.11 11.84 13.50
N GLU B 698 -30.45 10.76 13.14
CA GLU B 698 -29.73 10.69 11.88
C GLU B 698 -30.69 10.72 10.69
N VAL B 699 -30.22 11.31 9.59
CA VAL B 699 -30.96 11.30 8.34
C VAL B 699 -30.31 10.27 7.43
N LEU B 700 -31.09 9.30 6.97
CA LEU B 700 -30.53 8.19 6.20
C LEU B 700 -30.58 8.49 4.71
N ASN B 701 -29.51 8.10 4.02
CA ASN B 701 -29.44 8.26 2.58
C ASN B 701 -30.37 7.25 1.91
N THR B 702 -31.36 7.76 1.18
CA THR B 702 -32.34 6.88 0.56
C THR B 702 -31.75 6.08 -0.60
N SER B 703 -30.70 6.57 -1.24
CA SER B 703 -30.05 5.81 -2.30
C SER B 703 -29.42 4.53 -1.76
N ARG B 704 -28.76 4.63 -0.60
CA ARG B 704 -28.23 3.44 0.06
C ARG B 704 -29.34 2.50 0.50
N LEU B 705 -30.48 3.06 0.91
CA LEU B 705 -31.63 2.23 1.29
C LEU B 705 -32.15 1.45 0.09
N LYS B 706 -32.31 2.11 -1.05
CA LYS B 706 -32.76 1.42 -2.25
C LYS B 706 -31.71 0.43 -2.75
N GLU B 707 -30.44 0.72 -2.52
CA GLU B 707 -29.36 -0.16 -2.98
C GLU B 707 -29.29 -1.43 -2.14
N MET B 708 -29.45 -1.31 -0.82
CA MET B 708 -29.21 -2.42 0.09
C MET B 708 -30.46 -3.20 0.47
N VAL B 709 -31.64 -2.83 -0.04
CA VAL B 709 -32.87 -3.53 0.31
C VAL B 709 -33.47 -4.26 -0.89
N ASN B 710 -33.38 -3.71 -2.09
CA ASN B 710 -34.01 -4.31 -3.26
C ASN B 710 -33.33 -5.63 -3.61
N PRO B 711 -34.09 -6.60 -4.14
CA PRO B 711 -33.50 -7.88 -4.59
C PRO B 711 -32.85 -7.77 -5.96
N GLY B 712 -31.67 -7.15 -5.97
CA GLY B 712 -30.91 -6.99 -7.19
C GLY B 712 -29.43 -7.27 -6.95
N ASP B 713 -28.57 -6.66 -7.76
CA ASP B 713 -27.14 -6.86 -7.64
C ASP B 713 -26.48 -5.60 -7.08
N VAL B 714 -25.43 -5.80 -6.30
CA VAL B 714 -24.66 -4.72 -5.70
C VAL B 714 -23.20 -4.91 -6.06
N THR B 715 -22.56 -3.84 -6.52
CA THR B 715 -21.16 -3.88 -6.91
C THR B 715 -20.32 -3.16 -5.86
N ALA B 716 -19.24 -3.82 -5.43
CA ALA B 716 -18.34 -3.27 -4.44
C ALA B 716 -17.00 -4.00 -4.55
N ARG B 717 -15.98 -3.40 -3.95
CA ARG B 717 -14.62 -3.91 -4.01
C ARG B 717 -14.20 -4.42 -2.65
N GLU B 718 -13.85 -5.69 -2.57
CA GLU B 718 -13.21 -6.22 -1.39
C GLU B 718 -11.79 -5.65 -1.28
N LEU B 719 -11.34 -5.47 -0.04
CA LEU B 719 -10.04 -4.86 0.21
C LEU B 719 -8.91 -5.69 -0.38
N ASN B 720 -8.02 -5.01 -1.12
CA ASN B 720 -6.89 -5.59 -1.84
C ASN B 720 -7.35 -6.63 -2.86
N GLN B 721 -8.55 -6.48 -3.40
CA GLN B 721 -9.12 -7.44 -4.32
C GLN B 721 -9.78 -6.69 -5.48
N LYS B 722 -10.37 -7.43 -6.39
CA LYS B 722 -10.99 -6.88 -7.59
C LYS B 722 -12.43 -6.48 -7.31
N GLN B 723 -12.90 -5.47 -8.04
CA GLN B 723 -14.28 -5.03 -7.93
C GLN B 723 -15.22 -6.10 -8.45
N GLU B 724 -16.26 -6.42 -7.69
CA GLU B 724 -17.15 -7.51 -8.04
C GLU B 724 -18.58 -7.20 -7.63
N SER B 725 -19.51 -7.94 -8.23
CA SER B 725 -20.93 -7.80 -7.94
C SER B 725 -21.46 -9.06 -7.27
N PHE B 726 -22.33 -8.88 -6.29
CA PHE B 726 -22.97 -10.00 -5.61
C PHE B 726 -24.45 -9.66 -5.39
N GLN B 727 -25.14 -10.53 -4.67
CA GLN B 727 -26.59 -10.47 -4.54
C GLN B 727 -26.97 -10.10 -3.11
N MET B 728 -28.01 -9.28 -2.99
CA MET B 728 -28.53 -8.88 -1.68
C MET B 728 -29.50 -9.92 -1.17
N THR B 729 -29.15 -10.59 -0.05
CA THR B 729 -29.97 -11.65 0.50
C THR B 729 -30.21 -11.46 2.00
N ALA B 730 -30.09 -10.25 2.52
CA ALA B 730 -30.05 -10.02 3.96
C ALA B 730 -31.37 -9.43 4.46
N THR B 731 -31.81 -9.90 5.63
CA THR B 731 -32.91 -9.32 6.37
C THR B 731 -32.33 -8.30 7.34
N MET B 732 -32.80 -7.06 7.28
CA MET B 732 -32.14 -5.93 7.91
C MET B 732 -33.02 -5.30 8.97
N VAL B 733 -32.44 -5.04 10.14
CA VAL B 733 -33.15 -4.41 11.26
C VAL B 733 -32.25 -3.32 11.83
N ALA B 734 -32.81 -2.13 12.06
CA ALA B 734 -32.08 -1.02 12.65
C ALA B 734 -32.74 -0.60 13.96
N ALA B 735 -31.96 -0.51 15.03
CA ALA B 735 -32.43 -0.06 16.33
C ALA B 735 -31.93 1.35 16.59
N SER B 736 -32.86 2.24 16.95
CA SER B 736 -32.56 3.65 17.13
C SER B 736 -32.99 4.07 18.52
N ASN B 737 -32.55 5.25 18.93
CA ASN B 737 -32.95 5.81 20.22
C ASN B 737 -33.85 7.03 20.10
N TYR B 738 -33.75 7.82 19.03
CA TYR B 738 -34.62 8.98 18.86
C TYR B 738 -35.57 8.83 17.67
N ASN B 739 -35.03 8.76 16.45
CA ASN B 739 -35.79 8.67 15.20
C ASN B 739 -34.88 8.61 14.00
N PHE B 740 -35.48 8.43 12.83
CA PHE B 740 -34.81 8.57 11.54
C PHE B 740 -35.57 9.59 10.72
N ILE B 741 -34.85 10.41 9.96
CA ILE B 741 -35.47 11.39 9.08
C ILE B 741 -35.44 10.84 7.66
N ILE B 742 -36.62 10.76 7.05
CA ILE B 742 -36.76 10.36 5.65
C ILE B 742 -37.05 11.62 4.86
N ASP B 743 -36.08 12.03 4.04
CA ASP B 743 -36.22 13.28 3.29
C ASP B 743 -37.22 13.14 2.14
N THR B 744 -37.18 12.02 1.44
CA THR B 744 -38.00 11.81 0.26
C THR B 744 -39.41 11.35 0.64
N THR B 745 -40.32 11.45 -0.32
CA THR B 745 -41.71 11.04 -0.12
C THR B 745 -42.21 10.20 -1.29
N ASP B 746 -41.31 9.67 -2.11
CA ASP B 746 -41.71 8.85 -3.24
C ASP B 746 -42.18 7.48 -2.77
N HIS B 747 -42.86 6.76 -3.67
CA HIS B 747 -43.37 5.44 -3.35
C HIS B 747 -42.26 4.42 -3.17
N GLY B 748 -41.09 4.65 -3.76
CA GLY B 748 -40.03 3.65 -3.71
C GLY B 748 -39.47 3.41 -2.32
N THR B 749 -39.21 4.48 -1.57
CA THR B 749 -38.63 4.31 -0.24
C THR B 749 -39.66 3.94 0.82
N TRP B 750 -40.95 4.15 0.56
CA TRP B 750 -41.95 3.91 1.57
C TRP B 750 -42.67 2.57 1.40
N ARG B 751 -42.45 1.88 0.29
CA ARG B 751 -42.97 0.53 0.15
C ARG B 751 -42.02 -0.51 0.70
N ARG B 752 -40.84 -0.10 1.17
CA ARG B 752 -39.85 -1.02 1.71
C ARG B 752 -39.42 -0.63 3.12
N LEU B 753 -40.17 0.22 3.79
CA LEU B 753 -39.84 0.69 5.13
C LEU B 753 -40.93 0.26 6.10
N ARG B 754 -40.53 -0.30 7.23
CA ARG B 754 -41.44 -0.66 8.31
C ARG B 754 -40.89 -0.12 9.63
N HIS B 755 -41.80 0.24 10.53
CA HIS B 755 -41.46 0.93 11.76
C HIS B 755 -42.18 0.28 12.94
N TYR B 756 -41.47 0.16 14.06
CA TYR B 756 -42.06 -0.31 15.30
C TYR B 756 -41.49 0.50 16.45
N ARG B 757 -42.31 0.78 17.44
CA ARG B 757 -41.91 1.48 18.64
C ARG B 757 -42.18 0.61 19.86
N SER B 758 -41.18 0.42 20.69
CA SER B 758 -41.31 -0.44 21.86
C SER B 758 -42.14 0.23 22.94
N LYS B 759 -43.08 -0.53 23.52
CA LYS B 759 -43.99 -0.01 24.53
C LYS B 759 -43.66 -0.48 25.94
N VAL B 760 -42.52 -1.13 26.14
CA VAL B 760 -42.17 -1.70 27.43
C VAL B 760 -40.85 -1.08 27.91
N LYS B 761 -40.86 -0.53 29.12
CA LYS B 761 -39.69 0.04 29.75
C LYS B 761 -39.17 -0.93 30.81
N PHE B 762 -37.89 -1.27 30.74
CA PHE B 762 -37.30 -2.25 31.70
C PHE B 762 -36.55 -1.53 32.82
N CYS B 763 -37.23 -1.27 33.95
CA CYS B 763 -36.54 -0.64 35.11
C CYS B 763 -36.80 -1.49 36.35
N HIS B 764 -35.91 -2.46 36.61
CA HIS B 764 -36.12 -3.40 37.75
C HIS B 764 -36.31 -2.61 39.05
N ASN B 765 -35.25 -1.91 39.50
CA ASN B 765 -35.33 -1.19 40.80
C ASN B 765 -36.61 -0.35 40.86
N PRO B 766 -36.84 0.61 39.93
CA PRO B 766 -38.01 1.48 40.00
C PRO B 766 -39.18 0.97 39.16
N ASP B 767 -39.64 -0.26 39.42
CA ASP B 767 -40.77 -0.84 38.67
C ASP B 767 -42.09 -0.45 39.36
N PRO B 768 -42.86 0.53 38.83
CA PRO B 768 -44.14 0.92 39.41
C PRO B 768 -45.29 0.01 38.95
N SER B 769 -46.53 0.38 39.29
CA SER B 769 -47.71 -0.45 38.91
C SER B 769 -47.94 -0.35 37.39
N ASN B 770 -47.23 0.55 36.72
CA ASN B 770 -47.38 0.71 35.24
C ASN B 770 -47.33 -0.67 34.59
N PRO B 771 -48.33 -1.07 33.79
CA PRO B 771 -48.37 -2.39 33.18
C PRO B 771 -47.21 -2.56 32.18
N TYR B 772 -46.99 -1.54 31.34
CA TYR B 772 -45.89 -1.60 30.33
C TYR B 772 -44.54 -1.54 31.04
N GLU B 773 -44.55 -1.30 32.36
CA GLU B 773 -43.29 -1.23 33.15
C GLU B 773 -43.06 -2.59 33.82
N LYS B 774 -41.86 -3.14 33.68
CA LYS B 774 -41.56 -4.48 34.27
C LYS B 774 -40.14 -4.49 34.86
N LYS B 775 -39.91 -5.30 35.89
CA LYS B 775 -38.57 -5.42 36.45
C LYS B 775 -37.71 -6.32 35.56
N GLU B 776 -36.46 -5.91 35.39
CA GLU B 776 -35.54 -6.55 34.46
C GLU B 776 -34.61 -7.50 35.18
N ASP B 777 -34.05 -8.45 34.41
CA ASP B 777 -32.93 -9.27 34.83
C ASP B 777 -31.73 -8.93 33.97
N PRO B 778 -30.59 -8.60 34.58
CA PRO B 778 -29.37 -8.39 33.77
C PRO B 778 -28.87 -9.67 33.09
N ARG B 779 -29.28 -10.85 33.57
CA ARG B 779 -28.83 -12.11 33.00
C ARG B 779 -29.14 -12.23 31.52
N PHE B 780 -30.29 -11.68 31.10
CA PHE B 780 -30.68 -11.69 29.69
C PHE B 780 -29.63 -11.07 28.79
N ILE B 781 -28.90 -10.07 29.30
CA ILE B 781 -27.85 -9.45 28.50
C ILE B 781 -26.48 -9.97 28.87
N HIS B 782 -26.35 -10.73 29.96
CA HIS B 782 -25.04 -11.12 30.45
C HIS B 782 -24.81 -12.62 30.40
N GLU B 783 -25.80 -13.43 30.77
CA GLU B 783 -25.63 -14.87 30.81
C GLU B 783 -26.51 -15.62 29.82
N TYR B 784 -27.74 -15.17 29.59
CA TYR B 784 -28.65 -15.95 28.76
C TYR B 784 -28.28 -15.86 27.29
N ILE B 785 -27.73 -14.72 26.87
CA ILE B 785 -27.33 -14.54 25.48
C ILE B 785 -26.04 -15.30 25.18
N MET B 786 -25.28 -15.67 26.20
CA MET B 786 -24.06 -16.45 26.04
C MET B 786 -24.27 -17.94 26.22
N ASP B 787 -25.45 -18.36 26.62
CA ASP B 787 -25.68 -19.75 26.95
C ASP B 787 -26.02 -20.54 25.70
N PRO B 788 -25.30 -21.61 25.41
CA PRO B 788 -25.60 -22.41 24.20
C PRO B 788 -26.96 -23.06 24.21
N ASP B 789 -27.50 -23.43 25.37
CA ASP B 789 -28.84 -24.02 25.41
C ASP B 789 -29.91 -23.00 25.03
N CYS B 790 -29.75 -21.76 25.52
CA CYS B 790 -30.68 -20.70 25.14
C CYS B 790 -30.60 -20.40 23.65
N GLN B 791 -29.39 -20.40 23.09
CA GLN B 791 -29.22 -20.19 21.66
C GLN B 791 -29.85 -21.31 20.84
N ASN B 792 -29.70 -22.56 21.29
CA ASN B 792 -30.33 -23.69 20.61
C ASN B 792 -31.85 -23.57 20.63
N ALA B 793 -32.41 -23.18 21.78
CA ALA B 793 -33.86 -23.03 21.89
C ALA B 793 -34.37 -21.91 21.00
N PHE B 794 -33.64 -20.79 20.94
CA PHE B 794 -34.08 -19.68 20.09
C PHE B 794 -33.97 -20.02 18.62
N PHE B 795 -32.94 -20.79 18.24
CA PHE B 795 -32.84 -21.23 16.85
C PHE B 795 -33.99 -22.16 16.48
N SER B 796 -34.39 -23.04 17.41
CA SER B 796 -35.55 -23.88 17.17
C SER B 796 -36.82 -23.05 16.99
N ILE B 797 -36.96 -21.98 17.78
CA ILE B 797 -38.10 -21.08 17.64
C ILE B 797 -38.10 -20.41 16.27
N LEU B 798 -36.94 -19.96 15.81
CA LEU B 798 -36.83 -19.33 14.50
C LEU B 798 -37.20 -20.29 13.38
N VAL B 799 -36.72 -21.54 13.46
CA VAL B 799 -37.05 -22.53 12.44
C VAL B 799 -38.54 -22.84 12.43
N TYR B 800 -39.13 -22.93 13.63
CA TYR B 800 -40.58 -23.17 13.73
C TYR B 800 -41.37 -22.03 13.09
N PHE B 801 -40.96 -20.79 13.33
CA PHE B 801 -41.70 -19.67 12.74
C PHE B 801 -41.49 -19.57 11.24
N TRP B 802 -40.31 -19.96 10.74
CA TRP B 802 -40.11 -20.02 9.29
C TRP B 802 -41.04 -21.05 8.66
N GLU B 803 -41.16 -22.23 9.28
CA GLU B 803 -42.07 -23.25 8.77
C GLU B 803 -43.52 -22.79 8.85
N LYS B 804 -43.87 -22.07 9.91
CA LYS B 804 -45.21 -21.51 10.04
C LYS B 804 -45.52 -20.52 8.94
N LEU B 805 -44.55 -19.67 8.60
CA LEU B 805 -44.73 -18.73 7.49
C LEU B 805 -44.86 -19.47 6.16
N GLN B 806 -44.08 -20.53 5.96
CA GLN B 806 -44.18 -21.29 4.72
C GLN B 806 -45.50 -22.05 4.62
N LYS B 807 -46.10 -22.39 5.75
CA LYS B 807 -47.33 -23.16 5.75
C LYS B 807 -48.57 -22.30 5.63
N GLU B 808 -48.71 -21.29 6.50
CA GLU B 808 -49.93 -20.49 6.52
C GLU B 808 -50.03 -19.58 5.29
N TYR B 809 -48.95 -18.88 4.98
CA TYR B 809 -48.84 -18.10 3.75
C TYR B 809 -47.92 -18.85 2.80
N ASN B 810 -47.71 -18.30 1.62
CA ASN B 810 -46.75 -18.89 0.70
C ASN B 810 -45.38 -18.23 0.83
N GLY B 811 -44.90 -18.13 2.07
CA GLY B 811 -43.64 -17.50 2.36
C GLY B 811 -43.61 -16.00 2.15
N GLN B 812 -44.73 -15.37 1.86
CA GLN B 812 -44.78 -13.95 1.54
C GLN B 812 -45.20 -13.18 2.78
N ILE B 813 -44.36 -12.22 3.18
CA ILE B 813 -44.56 -11.52 4.43
C ILE B 813 -45.51 -10.33 4.30
N LYS B 814 -45.85 -9.91 3.09
CA LYS B 814 -46.85 -8.86 2.93
C LYS B 814 -48.24 -9.37 3.25
N LYS B 815 -48.49 -10.67 3.09
CA LYS B 815 -49.78 -11.24 3.44
C LYS B 815 -49.99 -11.36 4.94
N VAL B 816 -48.95 -11.19 5.74
CA VAL B 816 -49.09 -11.21 7.20
C VAL B 816 -49.83 -9.95 7.61
N PHE B 817 -51.09 -10.09 8.00
CA PHE B 817 -51.95 -8.95 8.27
C PHE B 817 -51.78 -8.55 9.74
N CYS B 818 -51.01 -7.51 9.97
CA CYS B 818 -50.82 -6.97 11.31
C CYS B 818 -51.19 -5.49 11.30
N PRO B 819 -52.30 -5.09 11.92
CA PRO B 819 -52.72 -3.68 11.86
C PRO B 819 -51.81 -2.75 12.65
N THR B 820 -51.17 -3.23 13.70
CA THR B 820 -50.35 -2.37 14.55
C THR B 820 -49.13 -1.83 13.80
N ILE B 821 -48.42 -2.71 13.09
CA ILE B 821 -47.24 -2.32 12.34
C ILE B 821 -47.62 -1.37 11.22
N GLU B 822 -48.72 -1.67 10.51
CA GLU B 822 -49.18 -0.83 9.41
C GLU B 822 -49.58 0.57 9.91
N SER B 823 -50.28 0.62 11.05
CA SER B 823 -50.69 1.92 11.60
C SER B 823 -49.48 2.73 12.08
N GLU B 824 -48.50 2.06 12.69
CA GLU B 824 -47.30 2.77 13.13
C GLU B 824 -46.50 3.30 11.94
N THR B 825 -46.43 2.53 10.85
CA THR B 825 -45.76 3.01 9.64
C THR B 825 -46.51 4.19 9.04
N GLU B 826 -47.85 4.14 9.04
CA GLU B 826 -48.63 5.25 8.51
C GLU B 826 -48.40 6.53 9.32
N ALA B 827 -48.41 6.41 10.64
CA ALA B 827 -48.17 7.57 11.49
C ALA B 827 -46.76 8.11 11.31
N TYR B 828 -45.77 7.22 11.18
CA TYR B 828 -44.39 7.65 10.93
C TYR B 828 -44.25 8.35 9.59
N ARG B 829 -44.90 7.82 8.56
CA ARG B 829 -44.85 8.43 7.23
C ARG B 829 -45.49 9.81 7.22
N LYS B 830 -46.65 9.96 7.87
CA LYS B 830 -47.31 11.25 7.91
C LYS B 830 -46.53 12.23 8.76
N SER B 831 -45.82 11.75 9.79
CA SER B 831 -44.93 12.63 10.55
C SER B 831 -43.77 13.11 9.69
N GLN B 832 -43.22 12.23 8.85
CA GLN B 832 -42.09 12.61 8.02
C GLN B 832 -42.48 13.45 6.81
N ASP B 833 -43.71 13.31 6.32
CA ASP B 833 -44.19 14.08 5.18
C ASP B 833 -44.45 15.51 5.63
N THR B 834 -43.52 16.42 5.31
CA THR B 834 -43.65 17.81 5.70
C THR B 834 -44.50 18.65 4.75
N LEU B 835 -44.81 18.11 3.56
CA LEU B 835 -45.62 18.86 2.60
C LEU B 835 -47.00 19.14 3.15
N HIS B 836 -47.69 18.10 3.64
CA HIS B 836 -49.03 18.26 4.17
C HIS B 836 -49.03 19.12 5.43
N ARG B 837 -47.97 19.03 6.24
CA ARG B 837 -47.87 19.88 7.42
C ARG B 837 -47.73 21.34 7.04
N PHE B 838 -46.91 21.65 6.02
CA PHE B 838 -46.78 23.03 5.56
C PHE B 838 -48.08 23.53 4.95
N ILE B 839 -48.77 22.69 4.18
CA ILE B 839 -50.00 23.12 3.52
C ILE B 839 -51.10 23.35 4.55
N THR B 840 -51.18 22.50 5.58
CA THR B 840 -52.18 22.68 6.62
C THR B 840 -51.83 23.84 7.55
N GLU B 841 -50.55 24.15 7.72
CA GLU B 841 -50.15 25.18 8.68
C GLU B 841 -50.13 26.57 8.09
N ARG B 842 -49.43 26.76 6.96
CA ARG B 842 -49.18 28.08 6.42
C ARG B 842 -50.20 28.53 5.38
N VAL B 843 -50.63 27.62 4.50
CA VAL B 843 -51.58 27.96 3.45
C VAL B 843 -52.98 27.86 4.01
N VAL B 844 -53.75 28.95 3.91
CA VAL B 844 -55.09 29.03 4.47
C VAL B 844 -56.06 29.51 3.40
N GLU B 845 -57.33 29.23 3.62
CA GLU B 845 -58.37 29.68 2.69
C GLU B 845 -58.64 31.17 2.89
N SER B 846 -58.77 31.88 1.78
CA SER B 846 -59.03 33.33 1.80
C SER B 846 -60.16 33.65 0.85
N PRO B 847 -61.32 34.09 1.33
CA PRO B 847 -62.41 34.45 0.43
C PRO B 847 -62.15 35.80 -0.24
N SER B 848 -62.42 35.83 -1.55
CA SER B 848 -62.32 37.04 -2.39
C SER B 848 -60.92 37.65 -2.32
N ALA B 849 -59.90 36.80 -2.30
CA ALA B 849 -58.52 37.27 -2.19
C ALA B 849 -58.05 37.78 -3.55
N GLU B 850 -57.55 39.01 -3.57
CA GLU B 850 -57.02 39.61 -4.78
C GLU B 850 -55.51 39.45 -4.90
N THR B 851 -54.86 38.76 -3.96
CA THR B 851 -53.43 38.51 -4.03
C THR B 851 -53.15 37.26 -4.84
N VAL B 852 -52.03 37.27 -5.55
CA VAL B 852 -51.64 36.19 -6.45
C VAL B 852 -50.34 35.59 -5.93
N TYR B 853 -50.34 34.27 -5.74
CA TYR B 853 -49.19 33.54 -5.21
C TYR B 853 -48.78 32.48 -6.22
N ASN B 854 -47.59 32.62 -6.80
CA ASN B 854 -47.08 31.71 -7.79
C ASN B 854 -46.13 30.70 -7.12
N LEU B 855 -45.50 29.84 -7.93
CA LEU B 855 -44.73 28.73 -7.36
C LEU B 855 -43.42 29.16 -6.73
N SER B 856 -42.79 30.23 -7.23
CA SER B 856 -41.54 30.67 -6.63
C SER B 856 -41.76 31.19 -5.21
N GLU B 857 -42.89 31.86 -4.97
CA GLU B 857 -43.20 32.39 -3.65
C GLU B 857 -43.41 31.28 -2.64
N VAL B 858 -44.20 30.26 -3.00
CA VAL B 858 -44.46 29.18 -2.06
C VAL B 858 -43.22 28.29 -1.91
N VAL B 859 -42.40 28.18 -2.96
CA VAL B 859 -41.15 27.44 -2.83
C VAL B 859 -40.20 28.15 -1.87
N THR B 860 -40.12 29.48 -1.93
CA THR B 860 -39.30 30.21 -0.97
C THR B 860 -39.89 30.15 0.44
N ALA B 861 -41.22 30.14 0.56
CA ALA B 861 -41.85 29.97 1.86
C ALA B 861 -41.53 28.60 2.45
N TYR B 862 -41.53 27.56 1.61
CA TYR B 862 -41.09 26.24 2.05
C TYR B 862 -39.62 26.24 2.41
N ALA B 863 -38.80 27.00 1.68
CA ALA B 863 -37.38 27.09 2.01
C ALA B 863 -37.17 27.70 3.40
N GLU B 864 -37.90 28.78 3.70
CA GLU B 864 -37.74 29.38 5.03
C GLU B 864 -38.37 28.50 6.11
N TRP B 865 -39.45 27.79 5.78
CA TRP B 865 -40.04 26.84 6.72
C TRP B 865 -39.06 25.72 7.08
N TYR B 866 -38.38 25.18 6.06
CA TYR B 866 -37.39 24.14 6.29
C TYR B 866 -36.15 24.71 6.97
N ASN B 867 -35.85 25.99 6.78
CA ASN B 867 -34.83 26.64 7.58
C ASN B 867 -35.22 26.65 9.05
N THR B 868 -36.50 26.90 9.34
CA THR B 868 -37.01 26.73 10.70
C THR B 868 -37.23 25.27 11.08
N ASN B 869 -37.18 24.36 10.11
CA ASN B 869 -37.26 22.92 10.36
C ASN B 869 -35.86 22.35 10.50
N ILE B 870 -35.73 21.02 10.29
CA ILE B 870 -34.64 20.13 10.69
C ILE B 870 -33.24 20.70 10.54
N ASN B 871 -32.88 21.14 9.34
CA ASN B 871 -31.53 21.64 9.10
C ASN B 871 -31.58 22.57 7.89
N VAL B 872 -30.40 22.91 7.36
CA VAL B 872 -30.33 23.81 6.21
C VAL B 872 -30.96 23.16 4.99
N LYS B 873 -30.43 21.99 4.58
CA LYS B 873 -31.04 21.10 3.59
C LYS B 873 -31.32 21.83 2.26
N ARG B 874 -30.23 22.21 1.60
CA ARG B 874 -30.38 22.81 0.27
C ARG B 874 -31.00 21.80 -0.67
N HIS B 875 -31.92 22.27 -1.51
CA HIS B 875 -32.72 21.39 -2.34
C HIS B 875 -32.81 21.95 -3.76
N ILE B 876 -33.66 21.32 -4.56
CA ILE B 876 -33.84 21.69 -5.96
C ILE B 876 -35.25 22.27 -6.08
N ALA B 877 -35.34 23.48 -6.62
CA ALA B 877 -36.63 24.15 -6.69
C ALA B 877 -37.52 23.59 -7.79
N LEU B 878 -36.92 23.07 -8.85
CA LEU B 878 -37.70 22.47 -9.94
C LEU B 878 -38.42 21.21 -9.46
N GLU B 879 -37.70 20.35 -8.74
CA GLU B 879 -38.32 19.13 -8.22
C GLU B 879 -39.33 19.46 -7.12
N LEU B 880 -39.12 20.54 -6.38
CA LEU B 880 -40.13 20.97 -5.40
C LEU B 880 -41.38 21.48 -6.10
N SER B 881 -41.21 22.15 -7.24
CA SER B 881 -42.36 22.61 -8.02
C SER B 881 -43.16 21.44 -8.55
N GLN B 882 -42.49 20.45 -9.17
CA GLN B 882 -43.23 19.28 -9.63
C GLN B 882 -43.72 18.40 -8.50
N GLU B 883 -43.17 18.54 -7.29
CA GLU B 883 -43.60 17.74 -6.16
C GLU B 883 -44.83 18.33 -5.49
N LEU B 884 -44.92 19.66 -5.42
CA LEU B 884 -46.14 20.31 -4.98
C LEU B 884 -47.14 20.50 -6.11
N GLU B 885 -46.77 20.10 -7.34
CA GLU B 885 -47.72 20.10 -8.44
C GLU B 885 -48.89 19.18 -8.17
N ASN B 886 -48.64 17.99 -7.63
CA ASN B 886 -49.75 17.11 -7.28
C ASN B 886 -50.34 17.52 -5.94
N SER B 887 -49.57 17.35 -4.85
CA SER B 887 -49.85 17.73 -3.46
C SER B 887 -51.31 17.65 -3.07
N VAL B 888 -51.85 18.73 -2.52
CA VAL B 888 -53.29 18.90 -2.33
C VAL B 888 -53.79 20.25 -2.82
N LEU B 889 -52.94 21.06 -3.44
CA LEU B 889 -53.34 22.35 -3.99
C LEU B 889 -53.75 22.27 -5.46
N GLU B 890 -53.76 21.06 -6.04
CA GLU B 890 -54.10 20.91 -7.45
C GLU B 890 -55.54 21.31 -7.74
N LYS B 891 -56.43 21.19 -6.75
CA LYS B 891 -57.81 21.62 -6.92
C LYS B 891 -57.89 23.13 -7.15
N TYR B 892 -57.09 23.89 -6.41
CA TYR B 892 -57.14 25.35 -6.48
C TYR B 892 -56.17 25.92 -7.51
N LEU B 893 -55.23 25.11 -8.01
CA LEU B 893 -54.19 25.61 -8.91
C LEU B 893 -54.74 25.77 -10.33
N GLN B 894 -54.34 26.85 -10.98
CA GLN B 894 -54.81 27.16 -12.33
C GLN B 894 -53.65 27.67 -13.17
N TRP B 895 -53.89 27.75 -14.48
CA TRP B 895 -52.89 28.13 -15.45
C TRP B 895 -52.94 29.63 -15.74
N SER B 896 -51.82 30.16 -16.22
CA SER B 896 -51.61 31.56 -16.52
C SER B 896 -51.49 31.78 -18.03
N PRO B 897 -51.82 32.98 -18.53
CA PRO B 897 -51.52 33.29 -19.94
C PRO B 897 -50.05 33.31 -20.26
N ASN B 898 -49.19 33.48 -19.26
CA ASN B 898 -47.74 33.49 -19.42
C ASN B 898 -47.14 32.10 -19.22
N LYS B 899 -47.91 31.05 -19.52
CA LYS B 899 -47.66 29.63 -19.29
C LYS B 899 -47.00 29.35 -17.94
N THR B 900 -47.47 29.99 -16.89
CA THR B 900 -46.97 29.83 -15.53
C THR B 900 -48.12 29.39 -14.63
N ARG B 901 -47.86 29.33 -13.33
CA ARG B 901 -48.85 28.96 -12.34
C ARG B 901 -49.24 30.18 -11.53
N ILE B 902 -50.52 30.54 -11.56
CA ILE B 902 -51.01 31.83 -11.10
C ILE B 902 -52.06 31.60 -10.00
N LEU B 903 -51.80 30.57 -9.17
CA LEU B 903 -52.70 30.10 -8.11
C LEU B 903 -53.23 31.25 -7.25
N LYS B 904 -54.54 31.47 -7.32
CA LYS B 904 -55.19 32.59 -6.68
C LYS B 904 -55.76 32.19 -5.33
N GLY B 905 -55.96 33.20 -4.48
CA GLY B 905 -56.29 32.92 -3.11
C GLY B 905 -55.10 32.29 -2.42
N CYS B 906 -55.41 31.56 -1.33
CA CYS B 906 -54.44 30.75 -0.59
C CYS B 906 -53.25 31.58 -0.10
N ARG B 907 -53.57 32.69 0.55
CA ARG B 907 -52.52 33.60 1.02
C ARG B 907 -51.74 32.94 2.15
N ILE B 908 -50.41 33.04 2.07
CA ILE B 908 -49.56 32.46 3.10
C ILE B 908 -49.49 33.42 4.28
N LEU B 909 -49.36 32.85 5.48
CA LEU B 909 -49.31 33.68 6.67
C LEU B 909 -47.97 34.38 6.82
N HIS B 910 -46.89 33.70 6.43
CA HIS B 910 -45.47 34.11 6.50
C HIS B 910 -45.10 34.79 7.82
N LYS B 911 -45.72 34.36 8.92
CA LYS B 911 -45.48 34.88 10.26
C LYS B 911 -46.19 33.94 11.24
N PHE B 912 -46.11 34.29 12.52
CA PHE B 912 -46.82 33.55 13.54
C PHE B 912 -48.22 34.14 13.72
N GLU B 913 -49.17 33.24 14.03
CA GLU B 913 -50.60 33.54 14.20
C GLU B 913 -51.11 34.14 12.89
N THR B 914 -51.57 35.39 12.87
CA THR B 914 -52.18 36.05 11.71
C THR B 914 -53.32 35.20 11.13
N LEU B 915 -54.33 35.01 11.96
CA LEU B 915 -55.47 34.17 11.58
C LEU B 915 -56.32 34.86 10.52
N GLN B 916 -56.81 34.07 9.58
CA GLN B 916 -57.65 34.61 8.51
C GLN B 916 -59.02 34.96 9.05
N PRO B 917 -59.58 36.13 8.71
CA PRO B 917 -60.93 36.47 9.16
C PRO B 917 -62.03 35.61 8.54
N GLY B 918 -61.74 34.89 7.45
CA GLY B 918 -62.73 34.04 6.83
C GLY B 918 -62.87 32.71 7.54
N GLU B 919 -62.83 31.61 6.78
CA GLU B 919 -62.95 30.28 7.35
C GLU B 919 -62.28 29.28 6.42
N SER B 920 -62.38 27.99 6.79
CA SER B 920 -61.92 26.82 6.05
C SER B 920 -60.41 26.73 5.91
N TYR B 921 -59.92 25.53 5.61
CA TYR B 921 -58.51 25.27 5.38
C TYR B 921 -58.34 24.44 4.11
N ILE B 922 -57.25 24.71 3.40
CA ILE B 922 -57.00 24.03 2.13
C ILE B 922 -56.46 22.61 2.35
N GLY B 923 -55.95 22.31 3.54
CA GLY B 923 -55.37 21.01 3.80
C GLY B 923 -56.32 20.01 4.42
N VAL B 924 -57.62 20.29 4.29
CA VAL B 924 -58.78 19.57 4.87
C VAL B 924 -58.48 19.13 6.31
N SER B 925 -58.08 20.09 7.13
CA SER B 925 -57.77 19.83 8.53
C SER B 925 -59.05 19.63 9.34
N CYS B 936 -57.69 -9.73 19.88
CA CYS B 936 -57.76 -10.58 21.09
C CYS B 936 -56.34 -11.05 21.46
N GLU B 937 -55.97 -10.91 22.73
CA GLU B 937 -54.62 -11.36 23.20
C GLU B 937 -54.58 -12.89 23.20
N PRO B 938 -53.39 -13.52 23.12
CA PRO B 938 -53.29 -14.98 23.19
C PRO B 938 -53.66 -15.46 24.60
N LYS B 939 -54.45 -16.52 24.71
CA LYS B 939 -54.85 -17.07 26.04
C LYS B 939 -53.75 -18.01 26.53
N ASN B 940 -52.74 -17.47 27.23
CA ASN B 940 -51.62 -18.30 27.75
C ASN B 940 -51.12 -19.23 26.63
N LYS B 941 -51.18 -18.76 25.38
CA LYS B 941 -50.76 -19.60 24.23
C LYS B 941 -50.62 -18.72 22.99
N TRP B 942 -49.58 -18.94 22.19
CA TRP B 942 -49.39 -18.17 20.92
C TRP B 942 -48.44 -18.94 20.00
N TRP B 943 -47.79 -18.25 19.06
CA TRP B 943 -46.82 -18.90 18.13
C TRP B 943 -47.52 -19.98 17.30
N GLU B 944 -48.82 -20.20 17.56
CA GLU B 944 -49.62 -21.18 16.76
C GLU B 944 -50.94 -20.50 16.41
N TRP B 945 -51.21 -19.35 17.03
CA TRP B 945 -52.42 -18.59 16.75
C TRP B 945 -52.60 -18.46 15.24
N SER B 946 -53.72 -18.94 14.73
CA SER B 946 -54.20 -18.61 13.39
C SER B 946 -55.69 -18.85 13.18
N PRO B 947 -56.61 -18.20 13.93
CA PRO B 947 -58.03 -18.32 13.58
C PRO B 947 -58.38 -17.43 12.40
N ASN B 948 -57.88 -16.19 12.41
CA ASN B 948 -58.12 -15.28 11.30
C ASN B 948 -57.50 -15.74 9.99
N PRO B 949 -56.25 -16.22 9.92
CA PRO B 949 -55.87 -16.79 8.62
C PRO B 949 -56.48 -18.16 8.39
N ARG C 301 -1.99 -49.10 24.95
CA ARG C 301 -1.30 -50.10 25.76
C ARG C 301 -0.24 -49.45 26.64
N TYR C 302 0.56 -48.56 26.04
CA TYR C 302 1.54 -47.80 26.80
C TYR C 302 0.85 -46.80 27.72
N LEU C 303 -0.22 -46.18 27.23
CA LEU C 303 -1.10 -45.40 28.10
C LEU C 303 -1.75 -46.28 29.15
N HIS C 304 -2.03 -47.55 28.82
CA HIS C 304 -2.52 -48.47 29.84
C HIS C 304 -1.44 -48.78 30.88
N LYS C 305 -0.16 -48.80 30.48
CA LYS C 305 0.91 -48.94 31.45
C LYS C 305 0.98 -47.72 32.37
N ILE C 306 0.79 -46.53 31.81
CA ILE C 306 0.77 -45.31 32.62
C ILE C 306 -0.43 -45.32 33.57
N LEU C 307 -1.58 -45.83 33.09
CA LEU C 307 -2.76 -45.93 33.95
C LEU C 307 -2.54 -46.97 35.05
N ASN C 308 -1.81 -48.04 34.75
CA ASN C 308 -1.45 -49.01 35.77
C ASN C 308 -0.46 -48.44 36.77
N LEU C 309 0.30 -47.42 36.37
CA LEU C 309 1.15 -46.72 37.32
C LEU C 309 0.36 -45.89 38.33
N LEU C 310 -0.89 -45.54 38.00
CA LEU C 310 -1.70 -44.71 38.88
C LEU C 310 -2.08 -45.49 40.14
N PRO C 311 -2.23 -44.81 41.28
CA PRO C 311 -2.52 -45.52 42.54
C PRO C 311 -3.96 -45.98 42.60
N PRO C 312 -4.28 -46.93 43.50
CA PRO C 312 -5.69 -47.30 43.68
C PRO C 312 -6.57 -46.21 44.26
N GLU C 313 -6.00 -45.22 44.96
CA GLU C 313 -6.83 -44.19 45.58
C GLU C 313 -7.56 -43.33 44.55
N TYR C 314 -7.16 -43.39 43.28
CA TYR C 314 -7.89 -42.70 42.23
C TYR C 314 -9.28 -43.28 41.99
N TYR C 315 -9.53 -44.53 42.37
CA TYR C 315 -10.91 -45.01 42.39
C TYR C 315 -11.57 -44.85 43.75
N VAL C 316 -10.82 -44.42 44.77
CA VAL C 316 -11.42 -44.18 46.08
C VAL C 316 -12.24 -42.89 46.06
N GLU C 317 -11.67 -41.82 45.52
CA GLU C 317 -12.33 -40.51 45.50
C GLU C 317 -13.02 -40.33 44.16
N TYR C 318 -14.33 -40.09 44.20
CA TYR C 318 -15.16 -39.95 43.01
C TYR C 318 -14.83 -38.76 42.10
N PRO C 319 -14.57 -37.53 42.61
CA PRO C 319 -14.16 -36.47 41.66
C PRO C 319 -12.85 -36.75 40.94
N LEU C 320 -11.89 -37.40 41.61
CA LEU C 320 -10.65 -37.79 40.95
C LEU C 320 -10.91 -38.85 39.88
N TRP C 321 -11.79 -39.79 40.20
CA TRP C 321 -12.26 -40.80 39.24
C TRP C 321 -12.85 -40.14 38.00
N SER C 322 -13.76 -39.17 38.21
CA SER C 322 -14.38 -38.49 37.09
C SER C 322 -13.39 -37.64 36.30
N ASN C 323 -12.39 -37.06 36.98
CA ASN C 323 -11.35 -36.33 36.28
C ASN C 323 -10.54 -37.24 35.37
N VAL C 324 -10.21 -38.43 35.84
CA VAL C 324 -9.47 -39.38 35.00
C VAL C 324 -10.32 -39.83 33.83
N VAL C 325 -11.62 -40.07 34.07
CA VAL C 325 -12.53 -40.48 32.99
C VAL C 325 -12.63 -39.38 31.93
N PHE C 326 -12.79 -38.14 32.37
CA PHE C 326 -12.89 -37.01 31.44
C PHE C 326 -11.59 -36.80 30.67
N ALA C 327 -10.44 -37.02 31.33
CA ALA C 327 -9.16 -36.92 30.65
C ALA C 327 -9.02 -37.99 29.58
N LEU C 328 -9.42 -39.22 29.89
CA LEU C 328 -9.32 -40.29 28.91
C LEU C 328 -10.30 -40.12 27.76
N ALA C 329 -11.48 -39.55 28.03
CA ALA C 329 -12.52 -39.44 27.02
C ALA C 329 -12.21 -38.40 25.96
N ASN C 330 -11.27 -37.49 26.21
CA ASN C 330 -10.94 -36.43 25.27
C ASN C 330 -9.80 -36.79 24.32
N THR C 331 -9.25 -38.00 24.41
CA THR C 331 -8.12 -38.39 23.57
C THR C 331 -8.47 -39.49 22.59
N SER C 332 -8.93 -40.64 23.07
CA SER C 332 -9.22 -41.77 22.19
C SER C 332 -10.67 -41.81 21.72
N ALA C 333 -11.53 -40.94 22.27
CA ALA C 333 -12.94 -40.81 21.89
C ALA C 333 -13.71 -42.13 22.04
N ASN C 334 -13.30 -42.97 22.98
CA ASN C 334 -13.93 -44.25 23.22
C ASN C 334 -13.79 -44.57 24.70
N TYR C 335 -14.04 -45.83 25.06
CA TYR C 335 -13.91 -46.27 26.45
C TYR C 335 -13.15 -47.58 26.59
N ARG C 336 -12.43 -48.02 25.55
CA ARG C 336 -11.66 -49.26 25.68
C ARG C 336 -10.52 -49.17 26.69
N PRO C 337 -9.64 -48.15 26.67
CA PRO C 337 -8.71 -48.02 27.80
C PRO C 337 -9.41 -47.66 29.10
N LEU C 338 -10.55 -46.96 29.02
CA LEU C 338 -11.35 -46.71 30.21
C LEU C 338 -11.85 -48.01 30.83
N ALA C 339 -12.39 -48.92 30.00
CA ALA C 339 -12.87 -50.19 30.51
C ALA C 339 -11.72 -51.06 31.01
N GLU C 340 -10.56 -51.00 30.33
CA GLU C 340 -9.40 -51.75 30.79
C GLU C 340 -8.92 -51.26 32.15
N TRP C 341 -8.86 -49.93 32.34
CA TRP C 341 -8.46 -49.38 33.62
C TRP C 341 -9.49 -49.69 34.71
N PHE C 342 -10.77 -49.69 34.34
CA PHE C 342 -11.83 -50.00 35.30
C PHE C 342 -11.72 -51.45 35.77
N SER C 343 -11.50 -52.37 34.84
CA SER C 343 -11.33 -53.77 35.20
C SER C 343 -10.03 -54.00 35.97
N GLN C 344 -8.99 -53.22 35.67
CA GLN C 344 -7.73 -53.35 36.41
C GLN C 344 -7.84 -52.81 37.83
N LYS C 345 -8.67 -51.79 38.05
CA LYS C 345 -8.74 -51.20 39.39
C LYS C 345 -9.84 -51.80 40.24
N CYS C 346 -11.10 -51.69 39.80
CA CYS C 346 -12.25 -52.12 40.60
C CYS C 346 -13.12 -53.05 39.80
N PRO C 347 -12.91 -54.37 39.92
CA PRO C 347 -13.80 -55.32 39.24
C PRO C 347 -15.24 -55.27 39.72
N GLU C 348 -15.46 -55.00 41.00
CA GLU C 348 -16.82 -54.90 41.51
C GLU C 348 -17.55 -53.69 40.94
N LYS C 349 -16.86 -52.55 40.85
CA LYS C 349 -17.48 -51.36 40.26
C LYS C 349 -17.57 -51.46 38.75
N TRP C 350 -16.71 -52.26 38.11
CA TRP C 350 -16.84 -52.48 36.67
C TRP C 350 -17.98 -53.43 36.33
N ASN C 351 -18.24 -54.41 37.19
CA ASN C 351 -19.25 -55.43 36.93
C ASN C 351 -20.58 -55.14 37.64
N THR C 352 -20.77 -53.93 38.17
CA THR C 352 -22.01 -53.62 38.88
C THR C 352 -23.19 -53.55 37.93
N GLY C 353 -23.03 -52.88 36.79
CA GLY C 353 -24.12 -52.77 35.84
C GLY C 353 -23.76 -53.28 34.46
N GLY C 354 -22.75 -54.16 34.39
CA GLY C 354 -22.29 -54.65 33.11
C GLY C 354 -21.64 -53.59 32.25
N LYS C 355 -20.91 -52.65 32.87
CA LYS C 355 -20.15 -51.56 32.27
C LYS C 355 -21.01 -50.53 31.52
N GLU C 356 -22.33 -50.73 31.50
CA GLU C 356 -23.22 -49.81 30.80
C GLU C 356 -23.29 -48.45 31.49
N LYS C 357 -23.34 -48.45 32.84
CA LYS C 357 -23.38 -47.18 33.55
C LYS C 357 -22.03 -46.46 33.46
N LEU C 358 -20.93 -47.20 33.29
CA LEU C 358 -19.65 -46.56 33.07
C LEU C 358 -19.60 -45.87 31.71
N GLU C 359 -20.24 -46.48 30.70
CA GLU C 359 -20.45 -45.79 29.44
C GLU C 359 -21.38 -44.58 29.60
N LYS C 360 -22.31 -44.65 30.55
CA LYS C 360 -23.16 -43.49 30.83
C LYS C 360 -22.34 -42.32 31.39
N LEU C 361 -21.44 -42.59 32.35
CA LEU C 361 -20.58 -41.51 32.82
C LEU C 361 -19.58 -41.06 31.74
N TRP C 362 -19.18 -41.97 30.85
CA TRP C 362 -18.34 -41.57 29.72
C TRP C 362 -19.07 -40.60 28.79
N ASN C 363 -20.35 -40.87 28.52
CA ASN C 363 -21.16 -39.95 27.73
C ASN C 363 -21.41 -38.64 28.47
N ASP C 364 -21.54 -38.71 29.80
CA ASP C 364 -21.68 -37.49 30.60
C ASP C 364 -20.43 -36.62 30.50
N ALA C 365 -19.25 -37.24 30.56
CA ALA C 365 -18.00 -36.50 30.36
C ALA C 365 -17.87 -36.00 28.93
N SER C 366 -18.44 -36.72 27.97
CA SER C 366 -18.43 -36.26 26.58
C SER C 366 -19.41 -35.10 26.37
N HIS C 367 -20.44 -34.98 27.20
CA HIS C 367 -21.45 -33.94 27.00
C HIS C 367 -20.94 -32.56 27.42
N HIS C 368 -20.64 -32.41 28.71
CA HIS C 368 -20.12 -31.16 29.25
C HIS C 368 -18.59 -31.20 29.29
N THR C 369 -17.98 -30.03 29.32
CA THR C 369 -16.52 -29.95 29.33
C THR C 369 -15.98 -29.46 30.67
N GLU C 370 -16.36 -28.26 31.11
CA GLU C 370 -15.74 -27.56 32.24
C GLU C 370 -14.21 -27.58 32.11
N LYS C 371 -13.75 -26.88 31.06
CA LYS C 371 -12.38 -26.85 30.57
C LYS C 371 -11.94 -28.22 30.06
N LYS C 372 -10.68 -28.32 29.63
CA LYS C 372 -10.19 -29.50 28.93
C LYS C 372 -9.12 -30.18 29.78
N ILE C 373 -9.33 -31.47 30.05
CA ILE C 373 -8.32 -32.33 30.65
C ILE C 373 -8.03 -33.43 29.64
N THR C 374 -6.75 -33.74 29.45
CA THR C 374 -6.33 -34.65 28.39
C THR C 374 -5.27 -35.57 28.96
N LYS C 375 -4.55 -36.25 28.07
CA LYS C 375 -3.54 -37.22 28.50
C LYS C 375 -2.34 -36.56 29.17
N ARG C 376 -2.11 -35.27 28.94
CA ARG C 376 -0.98 -34.58 29.56
C ARG C 376 -1.14 -34.51 31.07
N SER C 377 -2.38 -34.35 31.55
CA SER C 377 -2.62 -34.37 32.99
C SER C 377 -2.33 -35.74 33.59
N ILE C 378 -2.64 -36.81 32.85
CA ILE C 378 -2.32 -38.15 33.28
C ILE C 378 -0.81 -38.35 33.37
N MET C 379 -0.08 -37.83 32.36
CA MET C 379 1.38 -37.87 32.38
C MET C 379 1.93 -37.13 33.59
N TYR C 380 1.37 -35.96 33.88
CA TYR C 380 1.82 -35.15 35.01
C TYR C 380 1.54 -35.85 36.34
N TRP C 381 0.37 -36.47 36.48
CA TRP C 381 0.05 -37.18 37.72
C TRP C 381 0.95 -38.40 37.91
N ALA C 382 1.20 -39.15 36.84
CA ALA C 382 2.08 -40.32 36.93
C ALA C 382 3.51 -39.91 37.22
N HIS C 383 3.97 -38.77 36.70
CA HIS C 383 5.27 -38.26 37.06
C HIS C 383 5.31 -37.74 38.48
N LYS C 384 4.15 -37.27 38.96
CA LYS C 384 4.05 -36.77 40.36
C LYS C 384 4.12 -37.97 41.32
N HIS C 385 3.22 -38.94 41.14
CA HIS C 385 3.19 -40.14 42.03
C HIS C 385 4.46 -40.96 41.84
N ALA C 386 4.80 -41.29 40.59
CA ALA C 386 5.97 -42.17 40.34
C ALA C 386 6.89 -41.51 39.30
N PRO C 387 7.70 -40.50 39.66
CA PRO C 387 8.56 -39.80 38.70
C PRO C 387 9.59 -40.75 38.07
N GLN C 388 10.28 -41.55 38.90
CA GLN C 388 11.31 -42.49 38.39
C GLN C 388 10.64 -43.53 37.50
N GLN C 389 9.52 -44.09 37.96
CA GLN C 389 8.78 -45.10 37.15
C GLN C 389 8.33 -44.44 35.85
N TYR C 390 7.79 -43.21 35.94
CA TYR C 390 7.37 -42.48 34.72
C TYR C 390 8.60 -42.21 33.85
N LYS C 391 9.73 -41.89 34.48
CA LYS C 391 10.99 -41.62 33.73
C LYS C 391 11.31 -42.83 32.86
N GLU C 392 11.22 -44.03 33.45
CA GLU C 392 11.46 -45.28 32.66
C GLU C 392 10.18 -45.63 31.90
N ILE C 393 10.17 -46.76 31.18
CA ILE C 393 8.99 -47.20 30.37
C ILE C 393 8.78 -46.19 29.23
N VAL C 394 8.57 -44.91 29.54
CA VAL C 394 8.44 -43.87 28.48
C VAL C 394 9.81 -43.72 27.82
N GLU C 395 10.89 -43.83 28.61
CA GLU C 395 12.26 -43.72 28.06
C GLU C 395 12.45 -44.80 26.99
N GLN C 396 12.02 -46.03 27.28
CA GLN C 396 12.19 -47.15 26.31
C GLN C 396 11.11 -47.06 25.22
N GLY C 397 9.94 -46.50 25.55
CA GLY C 397 8.83 -46.46 24.57
C GLY C 397 9.25 -45.77 23.29
N TYR C 398 9.75 -44.54 23.37
CA TYR C 398 10.21 -43.81 22.17
C TYR C 398 11.45 -44.51 21.61
N PHE C 399 12.28 -45.07 22.50
CA PHE C 399 13.48 -45.82 22.05
C PHE C 399 13.03 -47.01 21.20
N SER C 400 11.97 -47.69 21.64
CA SER C 400 11.44 -48.86 20.88
C SER C 400 10.95 -48.39 19.51
N ILE C 401 10.31 -47.22 19.45
CA ILE C 401 9.81 -46.66 18.16
C ILE C 401 11.01 -46.50 17.20
N LEU C 402 12.09 -45.86 17.69
CA LEU C 402 13.28 -45.64 16.83
C LEU C 402 13.86 -46.99 16.42
N ALA C 403 13.94 -47.93 17.36
CA ALA C 403 14.51 -49.27 17.06
C ALA C 403 13.69 -49.92 15.95
N GLU C 404 12.36 -49.84 16.04
CA GLU C 404 11.47 -50.45 15.02
C GLU C 404 11.80 -49.86 13.66
N TYR C 405 11.90 -48.53 13.57
CA TYR C 405 12.20 -47.86 12.27
C TYR C 405 13.55 -48.35 11.74
N VAL C 406 14.56 -48.41 12.60
CA VAL C 406 15.94 -48.81 12.16
C VAL C 406 15.87 -50.23 11.58
N TYR C 407 15.29 -51.17 12.32
CA TYR C 407 15.23 -52.59 11.87
C TYR C 407 14.27 -52.72 10.68
N SER C 408 13.12 -52.07 10.75
CA SER C 408 12.09 -52.22 9.68
C SER C 408 12.55 -51.55 8.38
N TYR C 409 13.56 -50.68 8.45
CA TYR C 409 13.98 -49.96 7.25
C TYR C 409 15.49 -49.98 7.06
N ASN C 410 16.16 -50.97 7.67
CA ASN C 410 17.58 -51.25 7.46
C ASN C 410 18.48 -50.07 7.84
N GLY C 411 18.10 -49.36 8.90
CA GLY C 411 18.94 -48.30 9.42
C GLY C 411 18.90 -47.01 8.65
N MET C 412 18.06 -46.90 7.63
CA MET C 412 17.90 -45.66 6.88
C MET C 412 16.78 -44.85 7.50
N LEU C 413 17.11 -43.68 8.03
CA LEU C 413 16.16 -42.86 8.78
C LEU C 413 15.77 -41.63 7.99
N GLU C 414 14.48 -41.33 7.96
CA GLU C 414 13.95 -40.19 7.23
C GLU C 414 13.24 -39.24 8.20
N HIS C 415 12.65 -38.19 7.64
CA HIS C 415 12.15 -37.07 8.44
C HIS C 415 10.97 -37.47 9.32
N TYR C 416 10.04 -38.25 8.77
CA TYR C 416 8.83 -38.58 9.51
C TYR C 416 9.11 -39.49 10.70
N MET C 417 10.09 -40.38 10.57
CA MET C 417 10.38 -41.31 11.66
C MET C 417 10.91 -40.59 12.89
N ILE C 418 11.92 -39.74 12.70
CA ILE C 418 12.45 -39.03 13.86
C ILE C 418 11.50 -37.93 14.31
N ALA C 419 10.65 -37.42 13.42
CA ALA C 419 9.60 -36.50 13.87
C ALA C 419 8.60 -37.22 14.78
N LYS C 420 8.25 -38.46 14.45
CA LYS C 420 7.36 -39.24 15.29
C LYS C 420 7.98 -39.55 16.65
N VAL C 421 9.27 -39.89 16.66
CA VAL C 421 9.94 -40.14 17.94
C VAL C 421 10.02 -38.87 18.77
N ILE C 422 10.34 -37.74 18.13
CA ILE C 422 10.43 -36.46 18.82
C ILE C 422 9.08 -36.06 19.40
N TYR C 423 8.00 -36.30 18.66
CA TYR C 423 6.66 -36.06 19.20
C TYR C 423 6.34 -36.98 20.37
N ALA C 424 6.85 -38.20 20.34
CA ALA C 424 6.68 -39.08 21.50
C ALA C 424 7.39 -38.52 22.74
N MET C 425 8.60 -37.98 22.57
CA MET C 425 9.32 -37.53 23.76
C MET C 425 9.10 -36.07 24.10
N MET C 426 8.42 -35.29 23.26
CA MET C 426 8.24 -33.86 23.54
C MET C 426 6.83 -33.37 23.20
N GLY C 427 5.83 -34.23 23.16
CA GLY C 427 4.52 -33.82 22.71
C GLY C 427 3.74 -33.00 23.71
N ASN C 428 4.11 -33.04 24.99
CA ASN C 428 3.41 -32.31 26.03
C ASN C 428 3.93 -30.90 26.23
N LYS C 429 4.98 -30.51 25.51
CA LYS C 429 5.62 -29.22 25.73
C LYS C 429 5.46 -28.25 24.56
N PHE C 430 5.08 -28.73 23.39
CA PHE C 430 4.98 -27.89 22.20
C PHE C 430 3.62 -28.11 21.55
N VAL C 431 3.15 -27.09 20.85
CA VAL C 431 1.88 -27.18 20.12
C VAL C 431 2.02 -26.37 18.84
N VAL C 432 1.25 -26.75 17.82
CA VAL C 432 1.25 -26.09 16.53
C VAL C 432 -0.18 -25.74 16.19
N ASP C 433 -0.39 -24.54 15.64
CA ASP C 433 -1.71 -24.24 15.10
C ASP C 433 -1.60 -23.29 13.93
N VAL C 434 -2.65 -23.23 13.12
CA VAL C 434 -2.71 -22.37 11.95
C VAL C 434 -3.47 -21.10 12.32
N ASP C 435 -2.88 -19.95 12.00
CA ASP C 435 -3.50 -18.67 12.33
C ASP C 435 -4.35 -18.17 11.16
N SER C 436 -4.78 -16.92 11.23
CA SER C 436 -5.64 -16.34 10.20
C SER C 436 -4.89 -16.05 8.90
N ASN C 437 -3.56 -15.97 8.95
CA ASN C 437 -2.76 -15.77 7.75
C ASN C 437 -2.44 -17.06 7.03
N GLY C 438 -2.85 -18.20 7.57
CA GLY C 438 -2.54 -19.47 6.96
C GLY C 438 -1.14 -19.97 7.19
N LYS C 439 -0.55 -19.61 8.34
CA LYS C 439 0.80 -20.04 8.69
C LYS C 439 0.76 -20.92 9.92
N TYR C 440 1.69 -21.88 9.97
CA TYR C 440 1.82 -22.74 11.13
C TYR C 440 2.69 -22.06 12.18
N VAL C 441 2.15 -21.88 13.38
CA VAL C 441 2.80 -21.16 14.47
C VAL C 441 3.06 -22.14 15.60
N TRP C 442 4.26 -22.06 16.20
CA TRP C 442 4.59 -22.93 17.30
C TRP C 442 4.34 -22.22 18.62
N PHE C 443 4.01 -23.00 19.64
CA PHE C 443 3.84 -22.49 20.99
C PHE C 443 4.56 -23.43 21.94
N GLU C 444 5.25 -22.86 22.91
CA GLU C 444 6.02 -23.63 23.88
C GLU C 444 5.55 -23.33 25.29
N PHE C 445 5.33 -24.37 26.08
CA PHE C 445 5.05 -24.21 27.50
C PHE C 445 6.34 -23.99 28.27
N VAL C 446 6.39 -22.96 29.09
CA VAL C 446 7.61 -22.52 29.74
C VAL C 446 7.65 -23.06 31.16
N LEU C 447 8.76 -23.70 31.52
CA LEU C 447 9.03 -24.32 32.79
C LEU C 447 10.00 -23.46 33.62
N PRO C 448 10.03 -23.64 34.95
CA PRO C 448 10.86 -22.74 35.79
C PRO C 448 12.34 -22.70 35.45
N GLY C 449 12.98 -23.82 35.12
CA GLY C 449 14.38 -23.75 34.77
C GLY C 449 14.57 -23.63 33.27
N GLN C 450 14.69 -22.40 32.78
CA GLN C 450 14.68 -22.14 31.34
C GLN C 450 15.20 -20.74 31.10
N PRO C 451 15.89 -20.50 29.99
CA PRO C 451 16.23 -19.12 29.62
C PRO C 451 14.99 -18.38 29.16
N MET C 452 14.31 -17.78 30.12
CA MET C 452 12.92 -17.35 29.99
C MET C 452 12.82 -15.84 30.12
N ASN C 453 12.02 -15.23 29.24
CA ASN C 453 11.68 -13.82 29.37
C ASN C 453 10.82 -13.60 30.60
N GLN C 454 11.02 -12.46 31.27
CA GLN C 454 10.42 -12.23 32.59
C GLN C 454 8.90 -12.18 32.52
N GLY C 455 8.25 -13.05 33.29
CA GLY C 455 6.82 -13.15 33.33
C GLY C 455 6.21 -14.24 32.49
N GLU C 456 7.02 -15.09 31.86
CA GLU C 456 6.53 -16.07 30.91
C GLU C 456 6.34 -17.45 31.51
N ILE C 457 6.53 -17.61 32.82
CA ILE C 457 6.52 -18.94 33.42
C ILE C 457 5.09 -19.49 33.47
N TRP C 458 4.96 -20.80 33.25
CA TRP C 458 3.69 -21.53 33.26
C TRP C 458 2.70 -20.99 32.23
N LYS C 459 3.20 -20.63 31.06
CA LYS C 459 2.36 -20.11 29.99
C LYS C 459 2.89 -20.62 28.66
N TRP C 460 2.15 -20.32 27.59
CA TRP C 460 2.56 -20.64 26.23
C TRP C 460 3.15 -19.40 25.57
N ARG C 461 4.35 -19.52 25.05
CA ARG C 461 4.99 -18.44 24.32
C ARG C 461 5.05 -18.77 22.84
N LYS C 462 4.90 -17.74 22.01
CA LYS C 462 4.87 -17.96 20.54
C LYS C 462 6.31 -18.00 20.02
N GLU C 463 6.67 -19.06 19.29
CA GLU C 463 8.05 -19.20 18.75
C GLU C 463 8.00 -19.12 17.22
N VAL C 464 8.76 -18.21 16.61
CA VAL C 464 8.82 -18.16 15.12
C VAL C 464 9.22 -19.57 14.65
N ASN C 465 10.17 -20.19 15.34
CA ASN C 465 10.56 -21.60 15.03
C ASN C 465 10.80 -22.32 16.36
N PRO C 466 10.56 -23.64 16.46
CA PRO C 466 10.83 -24.38 17.69
C PRO C 466 12.34 -24.51 17.87
N ASP C 467 13.02 -23.42 18.28
CA ASP C 467 14.50 -23.44 18.41
C ASP C 467 14.91 -24.51 19.42
N GLU C 468 14.19 -24.59 20.55
CA GLU C 468 14.53 -25.61 21.59
C GLU C 468 14.29 -27.01 21.03
N LEU C 469 13.27 -27.18 20.17
CA LEU C 469 12.92 -28.53 19.66
C LEU C 469 14.09 -29.12 18.85
N HIS C 470 14.61 -28.37 17.87
CA HIS C 470 15.68 -28.94 17.00
C HIS C 470 16.99 -29.02 17.79
N ILE C 471 17.22 -28.09 18.73
CA ILE C 471 18.42 -28.19 19.60
C ILE C 471 18.29 -29.49 20.40
N TYR C 472 17.07 -29.81 20.85
CA TYR C 472 16.81 -31.07 21.58
C TYR C 472 17.13 -32.24 20.66
N ILE C 473 16.78 -32.12 19.38
CA ILE C 473 17.05 -33.21 18.39
C ILE C 473 18.56 -33.45 18.33
N SER C 474 19.36 -32.37 18.38
CA SER C 474 20.84 -32.51 18.24
C SER C 474 21.47 -32.99 19.54
N GLU C 475 20.77 -32.93 20.67
CA GLU C 475 21.36 -33.46 21.91
C GLU C 475 20.62 -34.67 22.47
N ASN C 476 19.35 -34.51 22.84
CA ASN C 476 18.67 -35.57 23.56
C ASN C 476 18.27 -36.71 22.65
N PHE C 477 17.95 -36.42 21.39
CA PHE C 477 17.69 -37.48 20.44
C PHE C 477 18.98 -38.18 20.02
N SER C 478 20.09 -37.45 19.98
CA SER C 478 21.38 -38.07 19.68
C SER C 478 21.77 -39.06 20.77
N ARG C 479 21.37 -38.80 22.02
CA ARG C 479 21.62 -39.77 23.07
C ARG C 479 20.90 -41.09 22.83
N VAL C 480 19.64 -41.06 22.39
CA VAL C 480 18.95 -42.31 22.12
C VAL C 480 19.45 -42.96 20.83
N MET C 481 19.99 -42.19 19.90
CA MET C 481 20.67 -42.79 18.75
C MET C 481 21.93 -43.54 19.21
N ASP C 482 22.64 -42.99 20.20
CA ASP C 482 23.78 -43.70 20.78
C ASP C 482 23.34 -44.98 21.47
N ARG C 483 22.17 -44.95 22.13
CA ARG C 483 21.63 -46.18 22.71
C ARG C 483 21.34 -47.23 21.64
N ILE C 484 20.80 -46.81 20.49
CA ILE C 484 20.55 -47.72 19.39
C ILE C 484 21.86 -48.33 18.88
N THR C 485 22.90 -47.51 18.76
CA THR C 485 24.21 -48.01 18.32
C THR C 485 24.78 -49.03 19.30
N GLU C 486 24.63 -48.76 20.60
CA GLU C 486 25.09 -49.71 21.62
C GLU C 486 24.34 -51.03 21.53
N HIS C 487 23.03 -50.97 21.29
CA HIS C 487 22.23 -52.19 21.16
C HIS C 487 22.64 -52.98 19.91
N ILE C 488 22.93 -52.28 18.81
CA ILE C 488 23.37 -52.95 17.60
C ILE C 488 24.72 -53.63 17.80
N LYS C 489 25.63 -52.98 18.53
CA LYS C 489 26.92 -53.61 18.83
C LYS C 489 26.75 -54.83 19.74
N TYR C 490 25.83 -54.76 20.70
CA TYR C 490 25.55 -55.92 21.55
C TYR C 490 25.02 -57.08 20.72
N HIS C 491 24.14 -56.78 19.76
CA HIS C 491 23.69 -57.83 18.86
C HIS C 491 24.80 -58.30 17.92
N LEU C 492 25.78 -57.45 17.65
CA LEU C 492 26.95 -57.84 16.87
C LEU C 492 27.86 -58.77 17.67
N SER C 493 27.78 -58.75 19.00
CA SER C 493 28.54 -59.69 19.82
C SER C 493 27.99 -61.12 19.75
N GLN C 494 26.83 -61.32 19.13
CA GLN C 494 26.24 -62.64 18.99
C GLN C 494 27.10 -63.52 18.07
N PRO C 495 27.12 -64.84 18.30
CA PRO C 495 27.81 -65.75 17.38
C PRO C 495 27.24 -65.71 15.96
N HIS C 496 28.09 -66.14 15.01
CA HIS C 496 27.87 -65.86 13.60
C HIS C 496 26.64 -66.56 13.03
N GLU C 497 26.29 -67.72 13.57
CA GLU C 497 25.24 -68.59 13.05
C GLU C 497 25.57 -68.85 11.58
N SER C 498 24.69 -68.47 10.67
CA SER C 498 24.94 -68.67 9.24
C SER C 498 25.33 -67.42 8.46
N ASN C 499 24.48 -66.39 8.45
CA ASN C 499 24.79 -65.17 7.72
C ASN C 499 24.34 -63.89 8.40
N ILE C 500 23.79 -63.98 9.62
CA ILE C 500 23.15 -62.80 10.21
C ILE C 500 24.16 -61.78 10.74
N LEU C 501 25.42 -62.16 10.91
CA LEU C 501 26.42 -61.17 11.31
C LEU C 501 26.76 -60.22 10.17
N ASN C 502 26.73 -60.69 8.92
CA ASN C 502 26.86 -59.78 7.79
C ASN C 502 25.69 -58.81 7.74
N TYR C 503 24.48 -59.30 8.05
CA TYR C 503 23.31 -58.43 8.12
C TYR C 503 23.45 -57.38 9.20
N TYR C 504 23.93 -57.78 10.38
CA TYR C 504 24.12 -56.83 11.47
C TYR C 504 25.23 -55.83 11.16
N LYS C 505 26.28 -56.26 10.45
CA LYS C 505 27.32 -55.34 10.03
C LYS C 505 26.80 -54.31 9.03
N LYS C 506 25.98 -54.77 8.08
CA LYS C 506 25.36 -53.85 7.12
C LYS C 506 24.42 -52.87 7.83
N LEU C 507 23.67 -53.35 8.82
CA LEU C 507 22.79 -52.49 9.59
C LEU C 507 23.58 -51.45 10.38
N LEU C 508 24.70 -51.86 10.98
CA LEU C 508 25.56 -50.93 11.71
C LEU C 508 26.14 -49.87 10.77
N LYS C 509 26.57 -50.29 9.59
CA LYS C 509 27.13 -49.34 8.62
C LYS C 509 26.08 -48.34 8.15
N ALA C 510 24.88 -48.82 7.83
CA ALA C 510 23.81 -47.93 7.37
C ALA C 510 23.36 -46.98 8.47
N PHE C 511 23.23 -47.46 9.70
CA PHE C 511 22.83 -46.59 10.79
C PHE C 511 23.91 -45.58 11.15
N GLU C 512 25.18 -45.97 11.05
CA GLU C 512 26.27 -45.03 11.30
C GLU C 512 26.30 -43.96 10.22
N ARG C 513 26.01 -44.32 8.97
CA ARG C 513 25.93 -43.33 7.92
C ARG C 513 24.76 -42.38 8.10
N SER C 514 23.61 -42.89 8.55
CA SER C 514 22.43 -42.06 8.71
C SER C 514 22.38 -41.29 10.03
N LYS C 515 23.26 -41.62 10.98
CA LYS C 515 23.25 -40.93 12.27
C LYS C 515 23.69 -39.47 12.15
N SER C 516 24.55 -39.16 11.18
CA SER C 516 25.09 -37.81 11.04
C SER C 516 24.08 -36.80 10.52
N LYS C 517 22.94 -37.25 9.99
CA LYS C 517 21.92 -36.34 9.48
C LYS C 517 21.21 -35.57 10.57
N ILE C 518 21.35 -35.98 11.84
CA ILE C 518 20.73 -35.29 12.96
C ILE C 518 21.27 -33.87 13.10
N PHE C 519 22.51 -33.64 12.72
CA PHE C 519 23.15 -32.35 12.85
C PHE C 519 23.08 -31.52 11.57
N ASN C 520 22.41 -32.00 10.54
CA ASN C 520 22.31 -31.29 9.28
C ASN C 520 21.14 -30.32 9.31
N ASP C 521 21.34 -29.13 8.76
CA ASP C 521 20.33 -28.07 8.85
C ASP C 521 19.11 -28.39 8.00
N SER C 522 19.31 -28.86 6.78
CA SER C 522 18.18 -29.17 5.89
C SER C 522 17.38 -30.34 6.41
N PHE C 523 18.05 -31.36 6.95
CA PHE C 523 17.35 -32.50 7.54
C PHE C 523 16.51 -32.08 8.73
N LYS C 524 17.06 -31.23 9.60
CA LYS C 524 16.30 -30.78 10.76
C LYS C 524 15.14 -29.89 10.37
N LYS C 525 15.30 -29.07 9.31
CA LYS C 525 14.19 -28.29 8.81
C LYS C 525 13.08 -29.19 8.27
N GLY C 526 13.46 -30.26 7.56
CA GLY C 526 12.46 -31.22 7.10
C GLY C 526 11.77 -31.95 8.22
N VAL C 527 12.50 -32.27 9.28
CA VAL C 527 11.93 -32.92 10.45
C VAL C 527 10.93 -32.01 11.15
N ILE C 528 11.27 -30.73 11.31
CA ILE C 528 10.36 -29.78 11.94
C ILE C 528 9.13 -29.57 11.05
N ARG C 529 9.33 -29.52 9.73
CA ARG C 529 8.19 -29.40 8.81
C ARG C 529 7.26 -30.59 8.90
N GLN C 530 7.82 -31.79 9.07
CA GLN C 530 6.98 -32.97 9.20
C GLN C 530 6.32 -33.06 10.58
N ALA C 531 6.95 -32.52 11.61
CA ALA C 531 6.38 -32.57 12.95
C ALA C 531 5.24 -31.58 13.14
N GLU C 532 5.02 -30.68 12.19
CA GLU C 532 3.91 -29.75 12.30
C GLU C 532 2.57 -30.44 12.17
N PHE C 533 2.49 -31.54 11.43
CA PHE C 533 1.26 -32.31 11.32
C PHE C 533 1.02 -33.23 12.51
N LEU C 534 2.04 -33.45 13.34
CA LEU C 534 1.91 -34.31 14.50
C LEU C 534 1.66 -33.54 15.78
N PHE C 535 2.23 -32.36 15.92
CA PHE C 535 2.04 -31.51 17.09
C PHE C 535 0.79 -30.64 16.98
N ARG C 536 0.03 -30.76 15.89
CA ARG C 536 -1.07 -29.84 15.61
C ARG C 536 -2.24 -30.08 16.55
N GLN C 537 -2.74 -29.00 17.15
CA GLN C 537 -3.96 -29.01 17.94
C GLN C 537 -4.95 -28.08 17.25
N ARG C 538 -6.13 -28.59 16.93
CA ARG C 538 -6.97 -27.96 15.93
C ARG C 538 -7.72 -26.73 16.43
N SER C 539 -7.87 -26.56 17.74
CA SER C 539 -8.63 -25.44 18.28
C SER C 539 -7.85 -24.74 19.37
N PHE C 540 -6.57 -24.45 19.10
CA PHE C 540 -5.72 -23.84 20.12
C PHE C 540 -5.72 -22.32 20.01
N ILE C 541 -5.57 -21.78 18.80
CA ILE C 541 -5.45 -20.34 18.63
C ILE C 541 -6.79 -19.66 18.91
N GLN C 542 -7.88 -20.26 18.45
CA GLN C 542 -9.21 -19.71 18.69
C GLN C 542 -9.65 -19.78 20.14
N THR C 543 -8.91 -20.51 20.98
CA THR C 543 -9.24 -20.70 22.38
C THR C 543 -8.22 -20.01 23.28
N LEU C 544 -7.22 -19.35 22.69
CA LEU C 544 -5.95 -19.05 23.34
C LEU C 544 -6.12 -18.12 24.54
N ASP C 545 -6.82 -17.00 24.36
CA ASP C 545 -7.14 -16.13 25.50
C ASP C 545 -8.63 -15.82 25.41
N THR C 546 -9.44 -16.74 25.93
CA THR C 546 -10.89 -16.63 25.83
C THR C 546 -11.59 -16.87 27.15
N ASN C 547 -10.89 -17.37 28.17
CA ASN C 547 -11.46 -17.50 29.51
C ASN C 547 -11.24 -16.18 30.22
N PRO C 548 -12.30 -15.43 30.54
CA PRO C 548 -12.11 -14.15 31.25
C PRO C 548 -11.81 -14.31 32.73
N HIS C 549 -11.89 -15.53 33.27
CA HIS C 549 -11.64 -15.77 34.67
C HIS C 549 -10.21 -16.23 34.95
N LEU C 550 -9.34 -16.25 33.95
CA LEU C 550 -7.94 -16.60 34.10
C LEU C 550 -7.09 -15.45 33.63
N LEU C 551 -6.08 -15.09 34.42
CA LEU C 551 -5.22 -13.94 34.14
C LEU C 551 -3.77 -14.37 34.25
N GLY C 552 -2.98 -14.14 33.20
CA GLY C 552 -1.57 -14.44 33.26
C GLY C 552 -0.83 -13.42 34.10
N VAL C 553 -0.09 -13.88 35.11
CA VAL C 553 0.67 -13.01 35.98
C VAL C 553 2.12 -13.47 35.99
N GLY C 554 2.98 -12.62 36.55
CA GLY C 554 4.41 -12.82 36.49
C GLY C 554 4.92 -14.07 37.19
N ASN C 555 4.11 -14.67 38.06
CA ASN C 555 4.49 -15.94 38.69
C ASN C 555 3.49 -17.05 38.38
N GLY C 556 2.76 -16.97 37.28
CA GLY C 556 1.88 -18.07 36.94
C GLY C 556 0.54 -17.65 36.36
N VAL C 557 -0.52 -18.37 36.71
CA VAL C 557 -1.85 -18.04 36.23
C VAL C 557 -2.74 -17.79 37.45
N LEU C 558 -3.35 -16.62 37.51
CA LEU C 558 -4.30 -16.29 38.57
C LEU C 558 -5.69 -16.71 38.13
N SER C 559 -6.37 -17.46 38.98
CA SER C 559 -7.72 -17.93 38.73
C SER C 559 -8.67 -17.26 39.71
N ILE C 560 -9.66 -16.54 39.19
CA ILE C 560 -10.64 -15.83 39.99
C ILE C 560 -12.02 -16.44 39.77
N GLU C 561 -12.06 -17.74 39.46
CA GLU C 561 -13.34 -18.42 39.27
C GLU C 561 -14.03 -18.68 40.59
N THR C 562 -13.27 -19.08 41.60
CA THR C 562 -13.80 -19.42 42.91
C THR C 562 -13.10 -18.56 43.95
N ILE C 563 -13.88 -17.95 44.84
CA ILE C 563 -13.32 -17.19 45.95
C ILE C 563 -12.76 -18.17 46.99
N PRO C 564 -11.52 -18.00 47.47
CA PRO C 564 -10.52 -16.98 47.12
C PRO C 564 -9.75 -17.32 45.87
N ALA C 565 -9.21 -16.30 45.19
CA ALA C 565 -8.47 -16.51 43.95
C ALA C 565 -7.20 -17.31 44.21
N LYS C 566 -6.87 -18.20 43.28
CA LYS C 566 -5.75 -19.09 43.48
C LYS C 566 -4.68 -18.85 42.42
N LEU C 567 -3.46 -19.22 42.75
CA LEU C 567 -2.31 -19.06 41.86
C LEU C 567 -1.88 -20.44 41.38
N ILE C 568 -2.15 -20.72 40.10
CA ILE C 568 -1.64 -21.91 39.44
C ILE C 568 -0.17 -21.65 39.10
N ASN C 569 0.72 -22.30 39.82
CA ASN C 569 2.15 -22.25 39.58
C ASN C 569 2.71 -23.65 39.38
N HIS C 570 1.97 -24.48 38.65
CA HIS C 570 2.39 -25.82 38.30
C HIS C 570 1.85 -26.12 36.91
N PHE C 571 1.97 -27.37 36.47
CA PHE C 571 1.48 -27.75 35.16
C PHE C 571 -0.04 -27.71 35.12
N HIS C 572 -0.57 -27.29 33.97
CA HIS C 572 -2.00 -27.16 33.79
C HIS C 572 -2.31 -27.23 32.29
N GLU C 573 -3.59 -27.30 31.97
CA GLU C 573 -4.05 -27.39 30.60
C GLU C 573 -4.77 -26.14 30.11
N HIS C 574 -4.81 -25.09 30.92
CA HIS C 574 -5.45 -23.86 30.49
C HIS C 574 -4.58 -23.17 29.45
N PRO C 575 -5.10 -22.86 28.28
CA PRO C 575 -4.32 -22.09 27.32
C PRO C 575 -4.21 -20.64 27.75
N ILE C 576 -3.00 -20.20 28.07
CA ILE C 576 -2.74 -18.81 28.46
C ILE C 576 -1.50 -18.35 27.73
N HIS C 577 -1.61 -17.24 27.01
CA HIS C 577 -0.50 -16.67 26.27
C HIS C 577 -0.12 -15.28 26.78
N GLN C 578 -1.08 -14.36 26.86
CA GLN C 578 -0.82 -13.02 27.36
C GLN C 578 -0.68 -13.02 28.87
N TYR C 579 -0.04 -11.98 29.39
CA TYR C 579 0.23 -11.89 30.82
C TYR C 579 0.51 -10.45 31.19
N THR C 580 0.67 -10.23 32.49
CA THR C 580 1.19 -8.99 33.04
C THR C 580 2.46 -9.30 33.83
N HIS C 581 3.35 -8.33 33.91
CA HIS C 581 4.62 -8.52 34.61
C HIS C 581 4.47 -8.56 36.11
N ILE C 582 3.30 -8.20 36.63
CA ILE C 582 3.07 -8.11 38.06
C ILE C 582 2.95 -9.52 38.62
N CYS C 583 3.65 -9.78 39.72
CA CYS C 583 3.48 -11.02 40.46
C CYS C 583 2.32 -10.89 41.45
N TYR C 584 1.64 -12.00 41.69
CA TYR C 584 0.47 -12.01 42.55
C TYR C 584 0.85 -12.51 43.93
N VAL C 585 0.69 -11.65 44.94
CA VAL C 585 0.79 -12.01 46.34
C VAL C 585 -0.58 -11.74 46.93
N PRO C 586 -1.10 -12.60 47.83
CA PRO C 586 -2.42 -12.33 48.42
C PRO C 586 -2.44 -11.08 49.27
N PHE C 587 -3.64 -10.53 49.46
CA PHE C 587 -3.82 -9.25 50.11
C PHE C 587 -3.42 -9.32 51.57
N ASN C 588 -2.57 -8.39 51.98
CA ASN C 588 -2.11 -8.31 53.35
C ASN C 588 -1.98 -6.85 53.74
N PRO C 589 -2.86 -6.34 54.61
CA PRO C 589 -2.79 -4.92 55.00
C PRO C 589 -1.57 -4.58 55.85
N GLU C 590 -0.86 -5.57 56.38
CA GLU C 590 0.34 -5.31 57.16
C GLU C 590 1.58 -5.10 56.31
N ASN C 591 1.48 -5.30 55.00
CA ASN C 591 2.58 -4.96 54.10
C ASN C 591 2.79 -3.45 54.10
N PRO C 592 4.03 -2.96 54.18
CA PRO C 592 4.24 -1.50 54.15
C PRO C 592 3.76 -0.83 52.87
N TRP C 593 3.94 -1.48 51.72
CA TRP C 593 3.46 -0.90 50.47
C TRP C 593 1.93 -0.89 50.42
N THR C 594 1.31 -1.97 50.91
CA THR C 594 -0.16 -2.01 50.95
C THR C 594 -0.72 -0.97 51.91
N LYS C 595 -0.07 -0.79 53.07
CA LYS C 595 -0.50 0.23 54.01
C LYS C 595 -0.36 1.63 53.42
N LEU C 596 0.76 1.88 52.73
CA LEU C 596 0.96 3.17 52.07
C LEU C 596 -0.09 3.43 51.01
N LEU C 597 -0.43 2.40 50.22
CA LEU C 597 -1.41 2.57 49.16
C LEU C 597 -2.81 2.78 49.71
N LEU C 598 -3.16 2.07 50.79
CA LEU C 598 -4.47 2.28 51.40
C LEU C 598 -4.57 3.67 52.03
N ASN C 599 -3.49 4.16 52.62
CA ASN C 599 -3.48 5.53 53.13
C ASN C 599 -3.61 6.55 52.00
N ALA C 600 -2.93 6.31 50.88
CA ALA C 600 -3.05 7.22 49.74
C ALA C 600 -4.46 7.21 49.16
N LEU C 601 -5.10 6.04 49.14
CA LEU C 601 -6.49 5.97 48.68
C LEU C 601 -7.42 6.69 49.63
N GLN C 602 -7.17 6.59 50.94
CA GLN C 602 -7.97 7.35 51.91
C GLN C 602 -7.75 8.84 51.75
N ASP C 603 -6.55 9.26 51.37
CA ASP C 603 -6.28 10.68 51.17
C ASP C 603 -6.94 11.21 49.90
N ILE C 604 -6.96 10.40 48.84
CA ILE C 604 -7.45 10.86 47.56
C ILE C 604 -8.97 11.02 47.58
N ILE C 605 -9.68 10.04 48.11
CA ILE C 605 -11.13 10.10 48.22
C ILE C 605 -11.49 10.16 49.71
N PRO C 606 -11.91 11.32 50.22
CA PRO C 606 -12.20 11.40 51.66
C PRO C 606 -13.45 10.67 52.08
N GLU C 607 -14.54 10.77 51.32
CA GLU C 607 -15.78 10.13 51.71
C GLU C 607 -15.68 8.62 51.52
N LEU C 608 -16.22 7.87 52.49
CA LEU C 608 -15.97 6.44 52.54
C LEU C 608 -16.75 5.69 51.47
N ASP C 609 -18.02 6.04 51.27
CA ASP C 609 -18.86 5.30 50.32
C ASP C 609 -18.39 5.49 48.89
N ALA C 610 -17.97 6.71 48.53
CA ALA C 610 -17.43 6.93 47.20
C ALA C 610 -16.11 6.22 47.00
N ARG C 611 -15.29 6.13 48.06
CA ARG C 611 -14.05 5.37 47.98
C ARG C 611 -14.32 3.89 47.73
N LEU C 612 -15.30 3.33 48.44
CA LEU C 612 -15.66 1.94 48.23
C LEU C 612 -16.24 1.71 46.83
N TRP C 613 -17.08 2.64 46.36
CA TRP C 613 -17.65 2.51 45.02
C TRP C 613 -16.58 2.59 43.94
N ILE C 614 -15.63 3.52 44.08
CA ILE C 614 -14.59 3.68 43.07
C ILE C 614 -13.65 2.47 43.08
N MET C 615 -13.34 1.94 44.27
CA MET C 615 -12.51 0.73 44.32
C MET C 615 -13.23 -0.48 43.74
N PHE C 616 -14.54 -0.60 43.99
CA PHE C 616 -15.32 -1.68 43.37
C PHE C 616 -15.35 -1.54 41.85
N TYR C 617 -15.46 -0.30 41.35
CA TYR C 617 -15.48 -0.07 39.92
C TYR C 617 -14.13 -0.39 39.29
N LEU C 618 -13.04 0.01 39.95
CA LEU C 618 -11.71 -0.24 39.40
C LEU C 618 -11.31 -1.69 39.51
N SER C 619 -11.87 -2.44 40.47
CA SER C 619 -11.56 -3.86 40.57
C SER C 619 -12.14 -4.67 39.43
N THR C 620 -13.19 -4.17 38.77
CA THR C 620 -13.76 -4.87 37.63
C THR C 620 -12.90 -4.78 36.39
N ALA C 621 -11.81 -4.00 36.42
CA ALA C 621 -10.90 -3.93 35.30
C ALA C 621 -10.09 -5.20 35.10
N ILE C 622 -10.01 -6.05 36.12
CA ILE C 622 -9.29 -7.32 35.98
C ILE C 622 -10.13 -8.40 35.30
N PHE C 623 -11.41 -8.13 35.05
CA PHE C 623 -12.30 -9.05 34.38
C PHE C 623 -12.42 -8.66 32.91
N ARG C 624 -12.26 -9.64 32.02
CA ARG C 624 -12.30 -9.41 30.58
C ARG C 624 -13.56 -9.99 29.94
N GLY C 625 -14.68 -9.93 30.66
CA GLY C 625 -15.93 -10.42 30.11
C GLY C 625 -16.98 -9.34 30.01
N LEU C 626 -18.23 -9.74 29.83
CA LEU C 626 -19.32 -8.78 29.72
C LEU C 626 -19.63 -8.19 31.09
N LYS C 627 -19.54 -6.88 31.20
CA LYS C 627 -19.81 -6.17 32.45
C LYS C 627 -20.95 -5.19 32.26
N GLU C 628 -21.31 -4.52 33.36
CA GLU C 628 -22.40 -3.56 33.33
C GLU C 628 -22.03 -2.34 32.51
N ALA C 629 -23.00 -1.82 31.77
CA ALA C 629 -22.76 -0.66 30.92
C ALA C 629 -22.68 0.60 31.77
N LEU C 630 -21.46 0.99 32.15
CA LEU C 630 -21.22 2.13 33.00
C LEU C 630 -19.94 2.84 32.55
N MET C 631 -19.86 4.12 32.86
CA MET C 631 -18.65 4.89 32.65
C MET C 631 -18.54 5.91 33.76
N LEU C 632 -17.32 6.11 34.27
CA LEU C 632 -17.06 7.07 35.33
C LEU C 632 -16.39 8.30 34.74
N LEU C 633 -16.94 9.47 35.06
CA LEU C 633 -16.35 10.74 34.71
C LEU C 633 -15.79 11.38 35.97
N TRP C 634 -14.50 11.66 35.97
CA TRP C 634 -13.80 12.20 37.12
C TRP C 634 -13.38 13.63 36.83
N LEU C 635 -13.80 14.56 37.69
CA LEU C 635 -13.56 15.98 37.50
C LEU C 635 -12.76 16.52 38.67
N GLY C 636 -11.69 17.25 38.37
CA GLY C 636 -10.89 17.86 39.41
C GLY C 636 -10.21 19.11 38.89
N GLY C 637 -10.01 20.07 39.79
CA GLY C 637 -9.43 21.34 39.41
C GLY C 637 -7.96 21.29 39.11
N GLY C 638 -7.15 20.99 40.12
CA GLY C 638 -5.71 21.08 39.97
C GLY C 638 -4.96 19.77 40.09
N CYS C 639 -4.27 19.59 41.22
CA CYS C 639 -3.48 18.38 41.48
C CYS C 639 -4.29 17.50 42.42
N ASN C 640 -4.87 16.44 41.88
CA ASN C 640 -5.76 15.56 42.62
C ASN C 640 -5.30 14.11 42.48
N GLY C 641 -6.17 13.20 42.87
CA GLY C 641 -5.85 11.78 42.78
C GLY C 641 -5.84 11.21 41.37
N LYS C 642 -6.30 11.95 40.37
CA LYS C 642 -6.28 11.49 39.00
C LYS C 642 -4.85 11.41 38.49
N THR C 643 -4.67 10.69 37.38
CA THR C 643 -3.43 10.53 36.61
C THR C 643 -2.40 9.72 37.38
N PHE C 644 -2.64 9.45 38.66
CA PHE C 644 -1.85 8.53 39.45
C PHE C 644 -2.60 7.23 39.69
N LEU C 645 -3.87 7.31 40.09
CA LEU C 645 -4.67 6.11 40.34
C LEU C 645 -4.99 5.38 39.04
N MET C 646 -5.44 6.12 38.03
CA MET C 646 -5.79 5.53 36.74
C MET C 646 -4.57 4.94 36.05
N ARG C 647 -3.45 5.68 36.09
CA ARG C 647 -2.20 5.15 35.56
C ARG C 647 -1.71 3.97 36.37
N LEU C 648 -1.99 3.93 37.68
CA LEU C 648 -1.63 2.77 38.49
C LEU C 648 -2.37 1.52 38.04
N VAL C 649 -3.68 1.65 37.78
CA VAL C 649 -4.45 0.51 37.28
C VAL C 649 -3.92 0.04 35.94
N ALA C 650 -3.59 1.00 35.05
CA ALA C 650 -3.03 0.63 33.76
C ALA C 650 -1.68 -0.07 33.89
N MET C 651 -0.82 0.41 34.80
CA MET C 651 0.50 -0.19 34.95
C MET C 651 0.43 -1.58 35.56
N VAL C 652 -0.47 -1.80 36.52
CA VAL C 652 -0.55 -3.13 37.10
C VAL C 652 -1.26 -4.10 36.18
N LEU C 653 -2.08 -3.63 35.23
CA LEU C 653 -2.70 -4.56 34.30
C LEU C 653 -1.84 -4.85 33.08
N GLY C 654 -1.00 -3.89 32.65
CA GLY C 654 -0.11 -4.16 31.54
C GLY C 654 -0.68 -3.75 30.20
N ASP C 655 0.13 -3.96 29.16
CA ASP C 655 -0.23 -3.53 27.83
C ASP C 655 -1.24 -4.46 27.16
N HIS C 656 -1.23 -5.74 27.50
CA HIS C 656 -2.20 -6.67 26.92
C HIS C 656 -3.58 -6.48 27.51
N TYR C 657 -3.67 -6.10 28.79
CA TYR C 657 -4.91 -6.06 29.51
C TYR C 657 -5.43 -4.65 29.77
N ALA C 658 -4.65 -3.62 29.47
CA ALA C 658 -5.10 -2.25 29.68
C ALA C 658 -4.44 -1.37 28.64
N SER C 659 -5.07 -0.21 28.39
CA SER C 659 -4.56 0.71 27.40
C SER C 659 -5.04 2.12 27.73
N LYS C 660 -4.35 3.08 27.15
CA LYS C 660 -4.73 4.49 27.22
C LYS C 660 -5.34 4.87 25.89
N LEU C 661 -6.49 5.52 25.93
CA LEU C 661 -7.25 5.85 24.72
C LEU C 661 -7.37 7.36 24.60
N ASN C 662 -7.24 7.86 23.37
CA ASN C 662 -7.37 9.29 23.13
C ASN C 662 -8.82 9.72 23.10
N ILE C 663 -9.07 10.97 23.51
CA ILE C 663 -10.43 11.50 23.60
C ILE C 663 -11.05 11.84 22.26
N SER C 664 -10.31 11.68 21.16
CA SER C 664 -10.91 11.84 19.84
C SER C 664 -11.92 10.73 19.56
N LEU C 665 -11.72 9.54 20.17
CA LEU C 665 -12.70 8.48 20.08
C LEU C 665 -14.00 8.82 20.78
N LEU C 666 -13.97 9.79 21.70
CA LEU C 666 -15.14 10.15 22.48
C LEU C 666 -15.77 11.46 22.08
N THR C 667 -15.00 12.38 21.51
CA THR C 667 -15.47 13.73 21.22
C THR C 667 -15.73 13.98 19.75
N SER C 668 -14.86 13.52 18.86
CA SER C 668 -15.04 13.78 17.44
C SER C 668 -16.04 12.80 16.84
N CYS C 669 -16.48 13.11 15.63
CA CYS C 669 -17.38 12.23 14.91
C CYS C 669 -16.64 11.00 14.39
N ARG C 670 -17.39 9.94 14.12
CA ARG C 670 -16.82 8.71 13.61
C ARG C 670 -16.38 8.88 12.17
N GLU C 671 -15.39 8.09 11.78
CA GLU C 671 -14.91 8.07 10.41
C GLU C 671 -15.85 7.25 9.53
N THR C 672 -15.68 7.39 8.22
CA THR C 672 -16.53 6.67 7.28
C THR C 672 -16.14 5.19 7.23
N ALA C 673 -17.01 4.40 6.61
CA ALA C 673 -16.96 2.95 6.74
C ALA C 673 -15.76 2.30 6.05
N GLU C 674 -15.10 2.98 5.13
CA GLU C 674 -13.99 2.35 4.40
C GLU C 674 -12.63 2.58 5.05
N LYS C 675 -12.47 3.68 5.87
CA LYS C 675 -11.11 3.81 6.40
C LYS C 675 -11.04 3.23 7.80
N PRO C 676 -9.89 2.66 8.18
CA PRO C 676 -9.78 2.07 9.52
C PRO C 676 -9.60 3.14 10.60
N ASN C 677 -9.57 2.67 11.84
CA ASN C 677 -9.37 3.54 12.99
C ASN C 677 -8.08 3.23 13.74
N SER C 678 -7.90 1.98 14.16
CA SER C 678 -6.72 1.45 14.85
C SER C 678 -6.51 2.04 16.25
N ALA C 679 -7.28 3.05 16.61
CA ALA C 679 -7.45 3.46 18.00
C ALA C 679 -8.71 2.87 18.60
N PHE C 680 -9.71 2.59 17.75
CA PHE C 680 -10.86 1.80 18.15
C PHE C 680 -10.54 0.32 18.20
N MET C 681 -9.44 -0.11 17.61
CA MET C 681 -9.01 -1.49 17.72
C MET C 681 -8.04 -1.71 18.86
N ARG C 682 -7.70 -0.66 19.59
CA ARG C 682 -6.79 -0.78 20.72
C ARG C 682 -7.43 -1.44 21.92
N LEU C 683 -8.76 -1.49 21.98
CA LEU C 683 -9.50 -2.02 23.12
C LEU C 683 -10.21 -3.32 22.75
N LYS C 684 -9.55 -4.13 21.93
CA LYS C 684 -10.15 -5.37 21.45
C LYS C 684 -10.24 -6.40 22.56
N GLY C 685 -9.11 -6.79 23.13
CA GLY C 685 -9.12 -7.85 24.10
C GLY C 685 -8.65 -7.45 25.49
N ARG C 686 -9.06 -6.28 25.95
CA ARG C 686 -8.62 -5.80 27.25
C ARG C 686 -9.79 -5.26 28.05
N GLY C 687 -9.65 -5.30 29.37
CA GLY C 687 -10.69 -4.94 30.28
C GLY C 687 -10.58 -3.59 30.94
N TYR C 688 -9.67 -2.73 30.51
CA TYR C 688 -9.52 -1.42 31.11
C TYR C 688 -9.14 -0.39 30.05
N GLY C 689 -9.76 0.78 30.14
CA GLY C 689 -9.43 1.90 29.29
C GLY C 689 -9.67 3.22 30.01
N TYR C 690 -8.73 4.14 29.88
CA TYR C 690 -8.84 5.44 30.53
C TYR C 690 -8.50 6.55 29.56
N PHE C 691 -9.29 7.61 29.62
CA PHE C 691 -9.07 8.84 28.86
C PHE C 691 -8.52 9.89 29.82
N GLU C 692 -7.42 10.51 29.43
CA GLU C 692 -6.68 11.39 30.32
C GLU C 692 -6.73 12.85 29.92
N GLU C 693 -7.28 13.19 28.76
CA GLU C 693 -7.15 14.52 28.19
C GLU C 693 -8.50 15.21 28.10
N THR C 694 -8.46 16.54 28.11
CA THR C 694 -9.64 17.37 27.91
C THR C 694 -9.14 18.74 27.45
N ASN C 695 -9.62 19.21 26.31
CA ASN C 695 -9.05 20.44 25.76
C ASN C 695 -9.64 21.68 26.42
N LYS C 696 -10.91 21.98 26.15
CA LYS C 696 -11.62 23.08 26.79
C LYS C 696 -13.12 22.75 26.71
N SER C 697 -13.63 22.10 27.76
CA SER C 697 -15.05 21.76 27.90
C SER C 697 -15.62 21.11 26.64
N GLU C 698 -15.07 19.93 26.32
CA GLU C 698 -15.43 19.26 25.08
C GLU C 698 -16.84 18.67 25.14
N VAL C 699 -17.52 18.68 24.01
CA VAL C 699 -18.75 17.91 23.82
C VAL C 699 -18.35 16.51 23.39
N LEU C 700 -19.18 15.52 23.70
CA LEU C 700 -18.83 14.14 23.40
C LEU C 700 -19.88 13.47 22.54
N ASN C 701 -19.40 12.60 21.66
CA ASN C 701 -20.29 11.85 20.77
C ASN C 701 -21.07 10.83 21.57
N THR C 702 -22.38 11.05 21.68
CA THR C 702 -23.25 10.14 22.41
C THR C 702 -23.33 8.78 21.71
N SER C 703 -23.25 8.77 20.38
CA SER C 703 -23.20 7.51 19.64
C SER C 703 -21.99 6.68 20.00
N ARG C 704 -20.82 7.32 20.09
CA ARG C 704 -19.61 6.60 20.46
C ARG C 704 -19.67 6.14 21.92
N LEU C 705 -20.33 6.90 22.78
CA LEU C 705 -20.53 6.47 24.16
C LEU C 705 -21.39 5.22 24.23
N LYS C 706 -22.54 5.23 23.54
CA LYS C 706 -23.40 4.05 23.54
C LYS C 706 -22.77 2.88 22.78
N GLU C 707 -21.79 3.15 21.92
CA GLU C 707 -21.10 2.08 21.22
C GLU C 707 -20.05 1.41 22.10
N MET C 708 -19.27 2.19 22.85
CA MET C 708 -18.16 1.64 23.60
C MET C 708 -18.52 1.21 25.02
N VAL C 709 -19.75 1.43 25.47
CA VAL C 709 -20.12 1.11 26.83
C VAL C 709 -21.09 -0.07 26.94
N ASN C 710 -21.97 -0.25 25.97
CA ASN C 710 -22.96 -1.34 26.03
C ASN C 710 -22.29 -2.71 25.94
N PRO C 711 -22.88 -3.73 26.57
CA PRO C 711 -22.34 -5.10 26.47
C PRO C 711 -22.79 -5.82 25.20
N GLY C 712 -22.15 -5.45 24.09
CA GLY C 712 -22.50 -6.03 22.81
C GLY C 712 -21.30 -6.23 21.93
N ASP C 713 -21.49 -6.13 20.62
CA ASP C 713 -20.42 -6.28 19.64
C ASP C 713 -20.18 -4.96 18.93
N VAL C 714 -18.95 -4.77 18.47
CA VAL C 714 -18.57 -3.59 17.70
C VAL C 714 -17.77 -4.04 16.50
N THR C 715 -17.82 -3.24 15.44
CA THR C 715 -17.19 -3.56 14.16
C THR C 715 -16.20 -2.49 13.76
N ALA C 716 -14.97 -2.91 13.44
CA ALA C 716 -13.93 -2.03 12.96
C ALA C 716 -12.85 -2.88 12.31
N ARG C 717 -11.84 -2.21 11.76
CA ARG C 717 -10.73 -2.89 11.11
C ARG C 717 -9.42 -2.20 11.40
N GLU C 718 -8.33 -2.97 11.29
CA GLU C 718 -6.97 -2.45 11.40
C GLU C 718 -6.52 -1.86 10.06
N LEU C 719 -5.21 -1.58 9.98
CA LEU C 719 -4.66 -0.81 8.87
C LEU C 719 -4.80 -1.53 7.54
N ASN C 720 -4.28 -2.76 7.44
CA ASN C 720 -4.38 -3.54 6.21
C ASN C 720 -4.95 -4.92 6.55
N GLN C 721 -6.26 -4.98 6.73
CA GLN C 721 -7.04 -6.21 6.84
C GLN C 721 -8.52 -5.83 6.82
N LYS C 722 -9.35 -6.84 6.63
CA LYS C 722 -10.78 -6.62 6.46
C LYS C 722 -11.44 -6.31 7.80
N GLN C 723 -12.71 -5.89 7.73
CA GLN C 723 -13.45 -5.54 8.93
C GLN C 723 -13.74 -6.76 9.77
N GLU C 724 -13.84 -6.55 11.07
CA GLU C 724 -14.14 -7.61 12.02
C GLU C 724 -14.96 -7.07 13.18
N SER C 725 -15.65 -7.99 13.84
CA SER C 725 -16.48 -7.69 14.99
C SER C 725 -15.89 -8.33 16.24
N PHE C 726 -15.99 -7.63 17.35
CA PHE C 726 -15.49 -8.16 18.61
C PHE C 726 -16.34 -7.64 19.76
N GLN C 727 -16.25 -8.33 20.89
CA GLN C 727 -17.04 -8.04 22.07
C GLN C 727 -16.39 -6.94 22.90
N MET C 728 -17.23 -6.09 23.50
CA MET C 728 -16.76 -4.99 24.33
C MET C 728 -16.69 -5.43 25.78
N THR C 729 -15.48 -5.43 26.35
CA THR C 729 -15.25 -5.94 27.69
C THR C 729 -14.45 -4.99 28.57
N ALA C 730 -14.45 -3.69 28.26
CA ALA C 730 -13.56 -2.76 28.92
C ALA C 730 -14.28 -1.93 29.97
N THR C 731 -13.58 -1.63 31.06
CA THR C 731 -14.03 -0.69 32.07
C THR C 731 -13.46 0.69 31.73
N MET C 732 -14.33 1.68 31.58
CA MET C 732 -13.95 3.01 31.10
C MET C 732 -13.88 4.00 32.25
N VAL C 733 -12.78 4.76 32.30
CA VAL C 733 -12.67 5.91 33.19
C VAL C 733 -12.18 7.09 32.37
N ALA C 734 -12.85 8.24 32.49
CA ALA C 734 -12.42 9.47 31.84
C ALA C 734 -12.16 10.54 32.88
N ALA C 735 -11.01 11.18 32.80
CA ALA C 735 -10.62 12.24 33.73
C ALA C 735 -10.62 13.57 33.00
N SER C 736 -11.32 14.55 33.58
CA SER C 736 -11.51 15.85 32.97
C SER C 736 -11.08 16.94 33.93
N ASN C 737 -10.74 18.10 33.38
CA ASN C 737 -10.31 19.25 34.16
C ASN C 737 -11.40 20.29 34.35
N TYR C 738 -12.23 20.54 33.35
CA TYR C 738 -13.26 21.56 33.44
C TYR C 738 -14.67 20.96 33.52
N ASN C 739 -15.09 20.24 32.49
CA ASN C 739 -16.41 19.61 32.41
C ASN C 739 -16.49 18.84 31.10
N PHE C 740 -17.58 18.10 30.94
CA PHE C 740 -17.95 17.48 29.69
C PHE C 740 -19.36 17.94 29.36
N ILE C 741 -19.61 18.26 28.10
CA ILE C 741 -20.92 18.76 27.69
C ILE C 741 -21.76 17.57 27.22
N ILE C 742 -22.85 17.31 27.93
CA ILE C 742 -23.79 16.26 27.55
C ILE C 742 -24.83 16.89 26.63
N ASP C 743 -24.94 16.39 25.41
CA ASP C 743 -25.78 16.98 24.40
C ASP C 743 -27.22 16.48 24.47
N THR C 744 -27.44 15.25 24.92
CA THR C 744 -28.73 14.59 24.83
C THR C 744 -29.32 14.35 26.22
N THR C 745 -30.64 14.48 26.33
CA THR C 745 -31.36 14.15 27.55
C THR C 745 -31.96 12.75 27.50
N ASP C 746 -31.39 11.87 26.67
CA ASP C 746 -31.91 10.53 26.50
C ASP C 746 -31.64 9.70 27.76
N HIS C 747 -32.53 8.75 28.02
CA HIS C 747 -32.30 7.83 29.14
C HIS C 747 -31.13 6.89 28.85
N GLY C 748 -30.96 6.49 27.59
CA GLY C 748 -29.94 5.52 27.26
C GLY C 748 -28.53 6.08 27.36
N THR C 749 -28.38 7.39 27.25
CA THR C 749 -27.08 8.02 27.44
C THR C 749 -26.83 8.46 28.87
N TRP C 750 -27.83 8.37 29.75
CA TRP C 750 -27.69 8.79 31.13
C TRP C 750 -27.79 7.65 32.13
N ARG C 751 -28.18 6.47 31.69
CA ARG C 751 -28.14 5.30 32.56
C ARG C 751 -26.76 4.66 32.60
N ARG C 752 -25.83 5.12 31.77
CA ARG C 752 -24.49 4.58 31.71
C ARG C 752 -23.44 5.64 32.02
N LEU C 753 -23.82 6.66 32.77
CA LEU C 753 -22.92 7.75 33.12
C LEU C 753 -22.89 7.92 34.63
N ARG C 754 -21.68 7.96 35.18
CA ARG C 754 -21.47 8.23 36.59
C ARG C 754 -20.45 9.36 36.72
N HIS C 755 -20.67 10.25 37.69
CA HIS C 755 -19.83 11.44 37.87
C HIS C 755 -19.31 11.50 39.29
N TYR C 756 -18.08 12.00 39.43
CA TYR C 756 -17.50 12.25 40.73
C TYR C 756 -16.56 13.43 40.60
N ARG C 757 -16.59 14.32 41.59
CA ARG C 757 -15.70 15.48 41.63
C ARG C 757 -14.76 15.36 42.81
N SER C 758 -13.46 15.48 42.55
CA SER C 758 -12.46 15.35 43.59
C SER C 758 -12.47 16.57 44.50
N LYS C 759 -12.31 16.34 45.80
CA LYS C 759 -12.38 17.40 46.81
C LYS C 759 -11.05 17.67 47.48
N VAL C 760 -9.94 17.17 46.93
CA VAL C 760 -8.62 17.30 47.56
C VAL C 760 -7.68 17.95 46.55
N LYS C 761 -6.99 19.00 46.99
CA LYS C 761 -5.96 19.66 46.19
C LYS C 761 -4.60 19.35 46.81
N PHE C 762 -3.65 19.00 45.96
CA PHE C 762 -2.31 18.57 46.40
C PHE C 762 -1.27 19.64 46.06
N CYS C 763 -1.16 20.61 46.97
CA CYS C 763 -0.37 21.81 46.71
C CYS C 763 1.09 21.59 47.08
N HIS C 764 2.00 22.22 46.33
CA HIS C 764 3.42 21.95 46.51
C HIS C 764 4.03 22.77 47.64
N ASN C 765 4.20 24.07 47.40
CA ASN C 765 4.89 24.94 48.35
C ASN C 765 4.06 25.36 49.55
N PRO C 766 2.88 26.05 49.39
CA PRO C 766 2.32 26.78 50.54
C PRO C 766 1.75 25.88 51.64
N ASP C 767 0.81 25.00 51.26
CA ASP C 767 0.13 24.06 52.14
C ASP C 767 -0.48 24.72 53.38
N PRO C 768 -1.60 25.42 53.26
CA PRO C 768 -2.25 26.00 54.44
C PRO C 768 -2.99 24.95 55.27
N SER C 769 -3.75 25.41 56.27
CA SER C 769 -4.46 24.52 57.19
C SER C 769 -5.87 24.20 56.71
N ASN C 770 -6.10 24.23 55.40
CA ASN C 770 -7.37 23.78 54.84
C ASN C 770 -7.51 22.28 55.04
N PRO C 771 -8.62 21.80 55.62
CA PRO C 771 -8.80 20.34 55.76
C PRO C 771 -8.84 19.59 54.44
N TYR C 772 -9.27 20.24 53.36
CA TYR C 772 -9.32 19.61 52.06
C TYR C 772 -8.01 19.72 51.30
N GLU C 773 -6.99 20.34 51.89
CA GLU C 773 -5.71 20.52 51.22
C GLU C 773 -4.60 19.83 51.99
N LYS C 774 -3.75 19.10 51.27
CA LYS C 774 -2.70 18.30 51.88
C LYS C 774 -1.37 18.51 51.18
N LYS C 775 -0.30 18.23 51.93
CA LYS C 775 1.06 18.18 51.39
C LYS C 775 1.20 16.99 50.45
N GLU C 776 1.93 17.16 49.35
CA GLU C 776 1.88 16.13 48.34
C GLU C 776 3.32 15.70 48.07
N ASP C 777 3.55 14.40 47.96
CA ASP C 777 4.90 13.84 47.81
C ASP C 777 5.14 13.65 46.31
N PRO C 778 6.20 14.24 45.73
CA PRO C 778 6.43 14.07 44.28
C PRO C 778 6.65 12.62 43.84
N ARG C 779 7.21 11.78 44.73
CA ARG C 779 7.61 10.43 44.35
C ARG C 779 6.44 9.57 43.88
N PHE C 780 5.23 9.88 44.37
CA PHE C 780 4.01 9.17 43.95
C PHE C 780 3.85 9.17 42.43
N ILE C 781 4.27 10.23 41.76
CA ILE C 781 4.22 10.22 40.30
C ILE C 781 5.53 9.74 39.69
N HIS C 782 6.66 9.95 40.38
CA HIS C 782 7.95 9.75 39.74
C HIS C 782 8.64 8.46 40.15
N GLU C 783 8.37 7.94 41.33
CA GLU C 783 9.08 6.76 41.82
C GLU C 783 8.18 5.61 42.19
N TYR C 784 7.03 5.90 42.82
CA TYR C 784 6.21 4.83 43.39
C TYR C 784 5.49 4.06 42.29
N ILE C 785 5.09 4.75 41.23
CA ILE C 785 4.31 4.13 40.17
C ILE C 785 5.17 3.22 39.28
N MET C 786 6.49 3.40 39.28
CA MET C 786 7.41 2.51 38.61
C MET C 786 8.01 1.45 39.53
N ASP C 787 7.70 1.47 40.81
CA ASP C 787 8.26 0.46 41.69
C ASP C 787 7.46 -0.83 41.58
N PRO C 788 8.10 -1.96 41.27
CA PRO C 788 7.35 -3.22 41.12
C PRO C 788 6.67 -3.70 42.40
N ASP C 789 7.21 -3.40 43.58
CA ASP C 789 6.57 -3.82 44.82
C ASP C 789 5.27 -3.07 45.06
N CYS C 790 5.25 -1.77 44.74
CA CYS C 790 4.01 -0.98 44.83
C CYS C 790 2.97 -1.51 43.86
N GLN C 791 3.39 -1.91 42.66
CA GLN C 791 2.47 -2.48 41.68
C GLN C 791 1.90 -3.81 42.16
N ASN C 792 2.73 -4.65 42.79
CA ASN C 792 2.25 -5.91 43.33
C ASN C 792 1.23 -5.67 44.44
N ALA C 793 1.50 -4.71 45.33
CA ALA C 793 0.56 -4.40 46.41
C ALA C 793 -0.76 -3.87 45.87
N PHE C 794 -0.71 -3.00 44.86
CA PHE C 794 -1.96 -2.47 44.30
C PHE C 794 -2.75 -3.54 43.55
N PHE C 795 -2.06 -4.48 42.88
CA PHE C 795 -2.77 -5.58 42.25
C PHE C 795 -3.45 -6.47 43.29
N SER C 796 -2.79 -6.69 44.43
CA SER C 796 -3.42 -7.43 45.51
C SER C 796 -4.67 -6.72 46.03
N ILE C 797 -4.60 -5.39 46.14
CA ILE C 797 -5.77 -4.61 46.58
C ILE C 797 -6.92 -4.74 45.58
N LEU C 798 -6.59 -4.71 44.28
CA LEU C 798 -7.62 -4.84 43.25
C LEU C 798 -8.29 -6.21 43.30
N VAL C 799 -7.52 -7.28 43.49
CA VAL C 799 -8.10 -8.62 43.56
C VAL C 799 -8.96 -8.75 44.82
N TYR C 800 -8.51 -8.15 45.92
CA TYR C 800 -9.30 -8.17 47.15
C TYR C 800 -10.65 -7.47 46.97
N PHE C 801 -10.65 -6.32 46.30
CA PHE C 801 -11.91 -5.60 46.12
C PHE C 801 -12.81 -6.30 45.11
N TRP C 802 -12.23 -6.98 44.12
CA TRP C 802 -13.05 -7.80 43.23
C TRP C 802 -13.75 -8.91 44.00
N GLU C 803 -13.01 -9.58 44.89
CA GLU C 803 -13.62 -10.63 45.70
C GLU C 803 -14.69 -10.08 46.64
N LYS C 804 -14.45 -8.87 47.19
CA LYS C 804 -15.44 -8.23 48.03
C LYS C 804 -16.73 -7.93 47.26
N LEU C 805 -16.59 -7.46 46.02
CA LEU C 805 -17.75 -7.19 45.18
C LEU C 805 -18.50 -8.49 44.85
N GLN C 806 -17.76 -9.57 44.60
CA GLN C 806 -18.41 -10.84 44.28
C GLN C 806 -19.09 -11.44 45.51
N LYS C 807 -18.59 -11.13 46.70
CA LYS C 807 -19.12 -11.71 47.93
C LYS C 807 -20.34 -10.94 48.45
N GLU C 808 -20.18 -9.63 48.67
CA GLU C 808 -21.23 -8.86 49.32
C GLU C 808 -22.43 -8.66 48.38
N TYR C 809 -22.17 -8.27 47.15
CA TYR C 809 -23.18 -8.21 46.12
C TYR C 809 -22.97 -9.39 45.18
N ASN C 810 -23.85 -9.54 44.20
CA ASN C 810 -23.69 -10.64 43.25
C ASN C 810 -22.89 -10.19 42.03
N GLY C 811 -21.75 -9.55 42.27
CA GLY C 811 -20.95 -9.00 41.20
C GLY C 811 -21.54 -7.82 40.48
N GLN C 812 -22.66 -7.29 40.95
CA GLN C 812 -23.35 -6.20 40.29
C GLN C 812 -22.99 -4.89 40.96
N ILE C 813 -22.46 -3.95 40.17
CA ILE C 813 -22.07 -2.66 40.73
C ILE C 813 -23.25 -1.71 40.88
N LYS C 814 -24.39 -2.02 40.26
CA LYS C 814 -25.58 -1.22 40.49
C LYS C 814 -26.18 -1.47 41.86
N LYS C 815 -25.91 -2.64 42.45
CA LYS C 815 -26.37 -2.92 43.80
C LYS C 815 -25.57 -2.17 44.85
N VAL C 816 -24.40 -1.65 44.50
CA VAL C 816 -23.57 -0.91 45.44
C VAL C 816 -24.25 0.43 45.71
N PHE C 817 -24.58 0.67 46.97
CA PHE C 817 -25.32 1.87 47.36
C PHE C 817 -24.33 2.94 47.82
N CYS C 818 -24.23 4.00 47.05
CA CYS C 818 -23.36 5.14 47.38
C CYS C 818 -24.13 6.42 47.13
N PRO C 819 -24.70 7.03 48.17
CA PRO C 819 -25.48 8.27 47.97
C PRO C 819 -24.67 9.44 47.42
N THR C 820 -23.37 9.50 47.69
CA THR C 820 -22.55 10.59 47.18
C THR C 820 -22.47 10.57 45.65
N ILE C 821 -22.23 9.38 45.10
CA ILE C 821 -22.12 9.23 43.65
C ILE C 821 -23.46 9.51 42.98
N GLU C 822 -24.56 9.02 43.57
CA GLU C 822 -25.89 9.28 43.01
C GLU C 822 -26.22 10.76 43.04
N SER C 823 -25.92 11.45 44.14
CA SER C 823 -26.20 12.87 44.25
C SER C 823 -25.38 13.68 43.26
N GLU C 824 -24.10 13.34 43.09
CA GLU C 824 -23.27 14.03 42.12
C GLU C 824 -23.77 13.80 40.70
N THR C 825 -24.27 12.60 40.41
CA THR C 825 -24.81 12.33 39.07
C THR C 825 -26.07 13.13 38.80
N GLU C 826 -27.00 13.21 39.77
CA GLU C 826 -28.21 13.97 39.48
C GLU C 826 -27.91 15.46 39.42
N ALA C 827 -26.95 15.94 40.20
CA ALA C 827 -26.54 17.34 40.09
C ALA C 827 -25.92 17.64 38.73
N TYR C 828 -25.08 16.72 38.24
CA TYR C 828 -24.48 16.90 36.91
C TYR C 828 -25.54 16.85 35.82
N ARG C 829 -26.51 15.95 35.96
CA ARG C 829 -27.58 15.83 34.97
C ARG C 829 -28.46 17.07 34.95
N LYS C 830 -28.79 17.61 36.11
CA LYS C 830 -29.58 18.84 36.17
C LYS C 830 -28.78 20.03 35.66
N SER C 831 -27.47 20.03 35.85
CA SER C 831 -26.64 21.10 35.30
C SER C 831 -26.58 21.02 33.78
N GLN C 832 -26.54 19.82 33.22
CA GLN C 832 -26.38 19.68 31.78
C GLN C 832 -27.67 19.88 30.99
N ASP C 833 -28.82 19.89 31.65
CA ASP C 833 -30.09 20.03 30.95
C ASP C 833 -30.33 21.51 30.65
N THR C 834 -30.15 21.89 29.39
CA THR C 834 -30.25 23.30 29.00
C THR C 834 -31.68 23.75 28.75
N LEU C 835 -32.55 22.85 28.28
CA LEU C 835 -33.94 23.22 28.01
C LEU C 835 -34.68 23.56 29.29
N HIS C 836 -34.43 22.81 30.36
CA HIS C 836 -35.09 23.12 31.63
C HIS C 836 -34.66 24.48 32.16
N ARG C 837 -33.37 24.81 32.02
CA ARG C 837 -32.89 26.12 32.43
C ARG C 837 -33.49 27.21 31.54
N PHE C 838 -33.71 26.91 30.25
CA PHE C 838 -34.37 27.87 29.36
C PHE C 838 -35.78 28.15 29.83
N ILE C 839 -36.55 27.10 30.15
CA ILE C 839 -37.92 27.28 30.63
C ILE C 839 -37.94 28.01 31.96
N THR C 840 -36.99 27.71 32.85
CA THR C 840 -36.93 28.39 34.14
C THR C 840 -36.52 29.85 34.01
N GLU C 841 -35.75 30.20 32.97
CA GLU C 841 -35.21 31.54 32.84
C GLU C 841 -36.08 32.44 31.98
N ARG C 842 -36.28 32.07 30.72
CA ARG C 842 -36.90 32.96 29.74
C ARG C 842 -38.41 32.81 29.64
N VAL C 843 -39.00 31.82 30.30
CA VAL C 843 -40.44 31.59 30.23
C VAL C 843 -41.03 31.87 31.61
N VAL C 844 -41.98 32.80 31.67
CA VAL C 844 -42.64 33.19 32.91
C VAL C 844 -44.15 33.14 32.69
N GLU C 845 -44.88 32.98 33.79
CA GLU C 845 -46.33 32.87 33.71
C GLU C 845 -46.95 34.24 33.44
N SER C 846 -47.83 34.30 32.43
CA SER C 846 -48.46 35.53 31.99
C SER C 846 -49.97 35.34 32.01
N PRO C 847 -50.65 35.70 33.09
CA PRO C 847 -52.12 35.55 33.11
C PRO C 847 -52.79 36.51 32.15
N SER C 848 -53.91 36.04 31.58
CA SER C 848 -54.74 36.80 30.63
C SER C 848 -53.93 37.28 29.43
N ALA C 849 -53.06 36.41 28.91
CA ALA C 849 -52.24 36.73 27.76
C ALA C 849 -52.92 36.22 26.49
N GLU C 850 -53.17 37.12 25.55
CA GLU C 850 -53.89 36.79 24.33
C GLU C 850 -52.96 36.45 23.16
N THR C 851 -51.66 36.37 23.42
CA THR C 851 -50.68 36.07 22.37
C THR C 851 -50.46 34.56 22.30
N VAL C 852 -50.65 33.99 21.12
CA VAL C 852 -50.47 32.55 20.90
C VAL C 852 -49.01 32.29 20.57
N TYR C 853 -48.39 31.37 21.31
CA TYR C 853 -46.98 31.02 21.14
C TYR C 853 -46.91 29.59 20.61
N ASN C 854 -46.60 29.45 19.33
CA ASN C 854 -46.54 28.14 18.71
C ASN C 854 -45.19 27.48 18.98
N LEU C 855 -45.07 26.23 18.53
CA LEU C 855 -43.86 25.45 18.82
C LEU C 855 -42.66 25.95 18.04
N SER C 856 -42.87 26.49 16.84
CA SER C 856 -41.75 26.97 16.04
C SER C 856 -41.09 28.18 16.69
N GLU C 857 -41.88 29.07 17.30
CA GLU C 857 -41.32 30.27 17.90
C GLU C 857 -40.50 29.93 19.14
N VAL C 858 -40.98 29.02 19.99
CA VAL C 858 -40.19 28.65 21.16
C VAL C 858 -38.97 27.83 20.74
N VAL C 859 -39.07 27.04 19.66
CA VAL C 859 -37.92 26.30 19.16
C VAL C 859 -36.83 27.27 18.67
N THR C 860 -37.22 28.29 17.90
CA THR C 860 -36.21 29.22 17.41
C THR C 860 -35.72 30.16 18.52
N ALA C 861 -36.58 30.41 19.51
CA ALA C 861 -36.18 31.26 20.66
C ALA C 861 -35.16 30.50 21.51
N TYR C 862 -35.40 29.20 21.74
CA TYR C 862 -34.45 28.38 22.53
C TYR C 862 -33.11 28.33 21.81
N ALA C 863 -33.13 28.29 20.47
CA ALA C 863 -31.87 28.28 19.70
C ALA C 863 -31.05 29.51 20.08
N GLU C 864 -31.67 30.70 20.06
CA GLU C 864 -30.98 31.94 20.48
C GLU C 864 -30.54 31.81 21.93
N TRP C 865 -31.46 31.35 22.80
CA TRP C 865 -31.14 31.20 24.25
C TRP C 865 -29.90 30.31 24.41
N TYR C 866 -29.88 29.16 23.72
CA TYR C 866 -28.74 28.22 23.82
C TYR C 866 -27.49 28.87 23.24
N ASN C 867 -27.61 29.49 22.07
CA ASN C 867 -26.44 30.11 21.39
C ASN C 867 -25.86 31.22 22.28
N THR C 868 -26.74 31.97 22.97
CA THR C 868 -26.27 33.07 23.84
C THR C 868 -25.67 32.50 25.13
N ASN C 869 -26.37 31.57 25.78
CA ASN C 869 -25.88 31.02 27.09
C ASN C 869 -24.67 30.13 26.87
N ILE C 870 -24.70 29.25 25.86
CA ILE C 870 -23.57 28.30 25.63
C ILE C 870 -23.10 28.41 24.18
N ASN C 871 -22.16 27.57 23.77
CA ASN C 871 -21.66 27.59 22.37
C ASN C 871 -22.83 27.39 21.41
N VAL C 872 -22.82 28.09 20.27
CA VAL C 872 -23.92 27.98 19.27
C VAL C 872 -23.90 26.55 18.70
N LYS C 873 -25.08 26.00 18.42
CA LYS C 873 -25.16 24.63 17.81
C LYS C 873 -26.56 24.44 17.19
N ARG C 874 -26.61 24.02 15.93
CA ARG C 874 -27.91 23.76 15.25
C ARG C 874 -28.45 22.41 15.70
N HIS C 875 -29.76 22.17 15.57
CA HIS C 875 -30.35 20.91 16.07
C HIS C 875 -31.67 20.62 15.35
N ILE C 876 -31.88 19.35 14.94
CA ILE C 876 -33.12 18.97 14.29
C ILE C 876 -34.28 19.62 15.02
N ALA C 877 -35.02 20.46 14.33
CA ALA C 877 -36.14 21.17 14.95
C ALA C 877 -37.28 20.22 15.29
N LEU C 878 -37.48 19.17 14.50
CA LEU C 878 -38.48 18.16 14.85
C LEU C 878 -38.10 17.43 16.13
N GLU C 879 -36.83 17.07 16.28
CA GLU C 879 -36.39 16.43 17.51
C GLU C 879 -36.41 17.40 18.68
N LEU C 880 -36.13 18.69 18.45
CA LEU C 880 -36.25 19.68 19.51
C LEU C 880 -37.70 19.85 19.95
N SER C 881 -38.63 19.84 18.99
CA SER C 881 -40.04 19.90 19.31
C SER C 881 -40.47 18.68 20.12
N GLN C 882 -40.00 17.50 19.72
CA GLN C 882 -40.23 16.30 20.52
C GLN C 882 -39.57 16.40 21.89
N GLU C 883 -38.47 17.15 21.99
CA GLU C 883 -37.79 17.30 23.27
C GLU C 883 -38.61 18.14 24.24
N LEU C 884 -39.22 19.22 23.78
CA LEU C 884 -40.09 19.91 24.74
C LEU C 884 -41.51 19.35 24.74
N GLU C 885 -41.79 18.34 23.92
CA GLU C 885 -43.07 17.67 23.97
C GLU C 885 -43.29 16.91 25.29
N ASN C 886 -42.22 16.55 26.00
CA ASN C 886 -42.38 16.02 27.36
C ASN C 886 -42.09 17.08 28.41
N SER C 887 -40.85 17.60 28.43
CA SER C 887 -40.38 18.77 29.19
C SER C 887 -41.00 18.96 30.57
N VAL C 888 -41.43 20.18 30.88
CA VAL C 888 -42.23 20.47 32.05
C VAL C 888 -43.41 21.35 31.64
N LEU C 889 -43.66 21.42 30.33
CA LEU C 889 -44.67 22.32 29.77
C LEU C 889 -45.94 21.59 29.35
N GLU C 890 -46.31 20.52 30.05
CA GLU C 890 -47.52 19.80 29.72
C GLU C 890 -48.78 20.49 30.18
N LYS C 891 -48.67 21.43 31.11
CA LYS C 891 -49.87 22.01 31.72
C LYS C 891 -50.56 22.99 30.79
N TYR C 892 -49.80 23.75 30.01
CA TYR C 892 -50.38 24.88 29.29
C TYR C 892 -50.53 24.68 27.79
N LEU C 893 -50.03 23.59 27.23
CA LEU C 893 -50.13 23.40 25.79
C LEU C 893 -51.44 22.73 25.41
N GLN C 894 -51.88 22.95 24.18
CA GLN C 894 -53.14 22.38 23.69
C GLN C 894 -53.02 22.14 22.18
N TRP C 895 -53.97 21.36 21.67
CA TRP C 895 -54.09 21.14 20.24
C TRP C 895 -54.87 22.27 19.58
N SER C 896 -54.77 22.36 18.26
CA SER C 896 -55.39 23.39 17.47
C SER C 896 -56.27 22.78 16.38
N PRO C 897 -57.24 23.53 15.85
CA PRO C 897 -57.97 23.05 14.67
C PRO C 897 -57.08 22.85 13.45
N ASN C 898 -55.96 23.55 13.37
CA ASN C 898 -54.98 23.38 12.31
C ASN C 898 -53.98 22.27 12.62
N LYS C 899 -54.34 21.33 13.51
CA LYS C 899 -53.55 20.22 14.03
C LYS C 899 -52.10 20.58 14.36
N THR C 900 -51.89 21.78 14.87
CA THR C 900 -50.60 22.23 15.39
C THR C 900 -50.77 22.57 16.87
N ARG C 901 -49.73 23.17 17.46
CA ARG C 901 -49.76 23.54 18.87
C ARG C 901 -50.03 25.03 19.00
N ILE C 902 -51.07 25.37 19.76
CA ILE C 902 -51.62 26.72 19.82
C ILE C 902 -51.47 27.24 21.25
N LEU C 903 -50.39 26.82 21.91
CA LEU C 903 -50.09 27.14 23.30
C LEU C 903 -50.14 28.64 23.56
N LYS C 904 -51.09 29.05 24.39
CA LYS C 904 -51.27 30.45 24.73
C LYS C 904 -50.63 30.74 26.09
N GLY C 905 -50.39 32.03 26.34
CA GLY C 905 -49.77 32.42 27.58
C GLY C 905 -48.28 32.07 27.60
N CYS C 906 -47.69 32.29 28.77
CA CYS C 906 -46.27 32.03 29.04
C CYS C 906 -45.37 32.74 28.03
N ARG C 907 -45.44 34.07 28.06
CA ARG C 907 -44.69 34.87 27.10
C ARG C 907 -43.20 34.79 27.38
N ILE C 908 -42.41 34.67 26.30
CA ILE C 908 -40.97 34.68 26.45
C ILE C 908 -40.49 36.10 26.72
N LEU C 909 -39.33 36.22 27.35
CA LEU C 909 -38.81 37.53 27.67
C LEU C 909 -38.22 38.24 26.47
N HIS C 910 -37.70 37.47 25.51
CA HIS C 910 -37.05 37.90 24.24
C HIS C 910 -36.03 39.03 24.44
N LYS C 911 -35.45 39.13 25.63
CA LYS C 911 -34.45 40.13 25.99
C LYS C 911 -33.96 39.79 27.39
N PHE C 912 -33.01 40.58 27.88
CA PHE C 912 -32.60 40.50 29.27
C PHE C 912 -33.60 41.21 30.16
N GLU C 913 -33.71 40.72 31.40
CA GLU C 913 -34.60 41.26 32.44
C GLU C 913 -36.03 41.18 31.94
N THR C 914 -36.76 42.29 31.82
CA THR C 914 -38.18 42.34 31.41
C THR C 914 -39.04 41.43 32.29
N LEU C 915 -39.07 41.76 33.58
CA LEU C 915 -39.82 40.97 34.54
C LEU C 915 -41.33 41.11 34.31
N GLN C 916 -42.03 39.99 34.47
CA GLN C 916 -43.46 39.97 34.24
C GLN C 916 -44.20 40.67 35.37
N PRO C 917 -45.14 41.57 35.07
CA PRO C 917 -45.91 42.23 36.15
C PRO C 917 -46.85 41.29 36.89
N GLY C 918 -47.10 40.09 36.39
CA GLY C 918 -47.94 39.13 37.08
C GLY C 918 -47.19 38.38 38.17
N GLU C 919 -47.29 37.06 38.19
CA GLU C 919 -46.64 36.26 39.22
C GLU C 919 -46.33 34.87 38.66
N SER C 920 -45.64 34.08 39.49
CA SER C 920 -45.32 32.67 39.29
C SER C 920 -44.39 32.39 38.11
N TYR C 921 -43.90 31.16 38.03
CA TYR C 921 -43.06 30.70 36.94
C TYR C 921 -43.52 29.30 36.54
N ILE C 922 -43.44 29.01 35.24
CA ILE C 922 -43.72 27.66 34.77
C ILE C 922 -42.54 26.73 34.98
N GLY C 923 -41.37 27.27 35.30
CA GLY C 923 -40.17 26.49 35.50
C GLY C 923 -40.01 25.85 36.86
N VAL C 924 -41.03 26.01 37.74
CA VAL C 924 -41.09 25.58 39.13
C VAL C 924 -39.94 25.85 40.11
N SER C 925 -39.35 27.04 39.99
CA SER C 925 -38.09 27.39 40.63
C SER C 925 -38.13 27.13 42.12
N CYS C 936 -21.19 8.39 57.20
CA CYS C 936 -20.23 7.33 56.96
C CYS C 936 -18.82 7.75 57.35
N GLU C 937 -18.32 7.21 58.46
CA GLU C 937 -17.00 7.53 58.97
C GLU C 937 -16.17 6.25 59.12
N PRO C 938 -14.92 6.24 58.63
CA PRO C 938 -14.09 5.03 58.75
C PRO C 938 -13.40 4.95 60.11
N LYS C 939 -13.59 3.82 60.80
CA LYS C 939 -13.10 3.73 62.17
C LYS C 939 -11.62 3.34 62.22
N ASN C 940 -11.29 2.11 61.82
CA ASN C 940 -9.90 1.70 61.73
C ASN C 940 -9.54 1.15 60.35
N LYS C 941 -10.34 0.21 59.87
CA LYS C 941 -10.10 -0.49 58.60
C LYS C 941 -11.27 -0.20 57.68
N TRP C 942 -11.10 0.79 56.80
CA TRP C 942 -12.20 1.19 55.94
C TRP C 942 -12.47 0.16 54.86
N TRP C 943 -11.45 -0.61 54.45
CA TRP C 943 -11.64 -1.61 53.41
C TRP C 943 -12.49 -2.78 53.87
N GLU C 944 -12.63 -2.99 55.18
CA GLU C 944 -13.40 -4.08 55.71
C GLU C 944 -14.85 -3.69 55.98
N TRP C 945 -15.23 -2.45 55.70
CA TRP C 945 -16.55 -1.96 56.04
C TRP C 945 -17.60 -2.55 55.11
N SER C 946 -18.76 -2.87 55.69
CA SER C 946 -19.90 -3.38 54.94
C SER C 946 -21.15 -2.70 55.48
N PRO C 947 -21.84 -1.89 54.67
CA PRO C 947 -23.09 -1.28 55.15
C PRO C 947 -24.18 -2.32 55.38
N ASN C 948 -24.97 -2.11 56.43
CA ASN C 948 -26.13 -2.95 56.67
C ASN C 948 -27.19 -2.85 55.56
N ARG D 301 31.57 -28.12 33.85
CA ARG D 301 32.88 -28.48 34.42
C ARG D 301 33.94 -27.48 33.99
N TYR D 302 33.79 -26.94 32.78
CA TYR D 302 34.71 -25.92 32.30
C TYR D 302 34.54 -24.62 33.07
N LEU D 303 33.30 -24.29 33.46
CA LEU D 303 33.06 -23.14 34.33
C LEU D 303 33.72 -23.33 35.69
N HIS D 304 33.80 -24.57 36.17
CA HIS D 304 34.51 -24.85 37.42
C HIS D 304 36.00 -24.56 37.27
N LYS D 305 36.60 -24.90 36.13
CA LYS D 305 37.99 -24.57 35.88
C LYS D 305 38.19 -23.06 35.79
N ILE D 306 37.26 -22.36 35.15
CA ILE D 306 37.35 -20.90 35.04
C ILE D 306 37.24 -20.25 36.43
N LEU D 307 36.36 -20.78 37.28
CA LEU D 307 36.26 -20.30 38.66
C LEU D 307 37.54 -20.59 39.44
N ASN D 308 38.13 -21.76 39.23
CA ASN D 308 39.41 -22.08 39.87
C ASN D 308 40.54 -21.20 39.37
N LEU D 309 40.43 -20.64 38.16
CA LEU D 309 41.43 -19.70 37.69
C LEU D 309 41.37 -18.36 38.41
N LEU D 310 40.27 -18.06 39.10
CA LEU D 310 40.15 -16.79 39.80
C LEU D 310 41.07 -16.76 41.02
N PRO D 311 41.66 -15.63 41.34
CA PRO D 311 42.55 -15.54 42.51
C PRO D 311 41.76 -15.61 43.80
N PRO D 312 42.40 -15.99 44.91
CA PRO D 312 41.68 -16.05 46.20
C PRO D 312 41.22 -14.69 46.71
N GLU D 313 41.75 -13.59 46.17
CA GLU D 313 41.35 -12.25 46.58
C GLU D 313 39.85 -12.02 46.38
N TYR D 314 39.25 -12.75 45.44
CA TYR D 314 37.81 -12.63 45.19
C TYR D 314 36.98 -13.13 46.37
N TYR D 315 37.50 -14.04 47.20
CA TYR D 315 36.79 -14.35 48.44
C TYR D 315 37.27 -13.49 49.59
N VAL D 316 38.35 -12.72 49.40
CA VAL D 316 38.79 -11.79 50.43
C VAL D 316 37.83 -10.61 50.54
N GLU D 317 37.42 -10.05 49.40
CA GLU D 317 36.54 -8.88 49.38
C GLU D 317 35.08 -9.33 49.31
N TYR D 318 34.28 -8.90 50.28
CA TYR D 318 32.88 -9.33 50.34
C TYR D 318 32.02 -8.81 49.19
N PRO D 319 32.07 -7.51 48.79
CA PRO D 319 31.27 -7.12 47.62
C PRO D 319 31.68 -7.81 46.32
N LEU D 320 32.98 -8.06 46.14
CA LEU D 320 33.43 -8.81 44.97
C LEU D 320 32.98 -10.26 45.04
N TRP D 321 32.94 -10.82 46.25
CA TRP D 321 32.40 -12.16 46.48
C TRP D 321 30.93 -12.22 46.06
N SER D 322 30.15 -11.22 46.47
CA SER D 322 28.74 -11.16 46.08
C SER D 322 28.58 -10.95 44.59
N ASN D 323 29.48 -10.19 43.96
CA ASN D 323 29.44 -10.00 42.52
C ASN D 323 29.66 -11.32 41.78
N VAL D 324 30.65 -12.11 42.23
CA VAL D 324 30.93 -13.39 41.59
C VAL D 324 29.78 -14.37 41.83
N VAL D 325 29.21 -14.38 43.04
CA VAL D 325 28.10 -15.27 43.35
C VAL D 325 26.88 -14.93 42.51
N PHE D 326 26.57 -13.64 42.37
CA PHE D 326 25.41 -13.23 41.58
C PHE D 326 25.66 -13.44 40.08
N ALA D 327 26.92 -13.33 39.65
CA ALA D 327 27.25 -13.67 38.26
C ALA D 327 27.05 -15.17 38.01
N LEU D 328 27.37 -16.00 39.00
CA LEU D 328 27.13 -17.43 38.87
C LEU D 328 25.66 -17.78 38.95
N ALA D 329 24.87 -17.00 39.68
CA ALA D 329 23.48 -17.35 39.96
C ALA D 329 22.59 -17.21 38.73
N ASN D 330 22.99 -16.44 37.72
CA ASN D 330 22.20 -16.24 36.52
C ASN D 330 22.61 -17.15 35.37
N THR D 331 23.40 -18.18 35.65
CA THR D 331 23.90 -19.08 34.62
C THR D 331 23.30 -20.48 34.72
N SER D 332 23.45 -21.14 35.87
CA SER D 332 23.02 -22.52 36.04
C SER D 332 21.70 -22.66 36.78
N ALA D 333 21.21 -21.57 37.40
CA ALA D 333 19.96 -21.56 38.17
C ALA D 333 19.96 -22.58 39.31
N ASN D 334 21.13 -22.82 39.90
CA ASN D 334 21.28 -23.75 41.01
C ASN D 334 22.57 -23.40 41.74
N TYR D 335 22.90 -24.20 42.74
CA TYR D 335 24.07 -23.95 43.58
C TYR D 335 25.13 -25.03 43.49
N ARG D 336 25.01 -25.97 42.54
CA ARG D 336 26.02 -27.02 42.41
C ARG D 336 27.39 -26.47 42.01
N PRO D 337 27.54 -25.63 40.96
CA PRO D 337 28.85 -24.98 40.77
C PRO D 337 29.21 -24.02 41.89
N LEU D 338 28.20 -23.41 42.51
CA LEU D 338 28.45 -22.59 43.70
C LEU D 338 29.02 -23.42 44.83
N ALA D 339 28.45 -24.61 45.07
CA ALA D 339 28.96 -25.49 46.12
C ALA D 339 30.38 -25.96 45.80
N GLU D 340 30.64 -26.29 44.52
CA GLU D 340 31.97 -26.72 44.12
C GLU D 340 33.00 -25.61 44.34
N TRP D 341 32.67 -24.39 43.93
CA TRP D 341 33.59 -23.27 44.11
C TRP D 341 33.78 -22.94 45.59
N PHE D 342 32.70 -23.03 46.39
CA PHE D 342 32.79 -22.72 47.81
C PHE D 342 33.67 -23.72 48.53
N SER D 343 33.58 -25.00 48.15
CA SER D 343 34.44 -26.01 48.76
C SER D 343 35.87 -25.88 48.26
N GLN D 344 36.06 -25.48 46.99
CA GLN D 344 37.41 -25.42 46.43
C GLN D 344 38.20 -24.21 46.89
N LYS D 345 37.53 -23.10 47.21
CA LYS D 345 38.24 -21.88 47.56
C LYS D 345 38.35 -21.63 49.06
N CYS D 346 37.23 -21.59 49.77
CA CYS D 346 37.21 -21.20 51.19
C CYS D 346 36.50 -22.27 52.00
N PRO D 347 37.21 -23.34 52.38
CA PRO D 347 36.59 -24.37 53.23
C PRO D 347 36.26 -23.89 54.64
N GLU D 348 36.90 -22.80 55.10
CA GLU D 348 36.60 -22.28 56.44
C GLU D 348 35.20 -21.69 56.52
N LYS D 349 34.81 -20.92 55.51
CA LYS D 349 33.51 -20.26 55.52
C LYS D 349 32.42 -21.11 54.89
N TRP D 350 32.78 -22.06 54.02
CA TRP D 350 31.78 -22.96 53.45
C TRP D 350 31.19 -23.89 54.50
N ASN D 351 32.02 -24.35 55.43
CA ASN D 351 31.56 -25.19 56.53
C ASN D 351 30.98 -24.33 57.65
N THR D 352 30.53 -25.00 58.72
CA THR D 352 29.91 -24.39 59.90
C THR D 352 28.72 -23.50 59.51
N GLY D 353 27.89 -24.02 58.60
CA GLY D 353 26.70 -23.31 58.19
C GLY D 353 25.47 -24.21 58.17
N GLY D 354 25.69 -25.51 58.32
CA GLY D 354 24.60 -26.48 58.29
C GLY D 354 23.87 -26.57 56.96
N LYS D 355 24.57 -26.34 55.85
CA LYS D 355 24.05 -26.39 54.48
C LYS D 355 22.90 -25.43 54.24
N GLU D 356 22.74 -24.40 55.08
CA GLU D 356 21.74 -23.36 54.88
C GLU D 356 22.37 -21.99 54.64
N LYS D 357 23.61 -21.80 55.08
CA LYS D 357 24.31 -20.54 54.83
C LYS D 357 24.54 -20.32 53.34
N LEU D 358 24.87 -21.38 52.61
CA LEU D 358 25.11 -21.26 51.17
C LEU D 358 23.84 -20.87 50.43
N GLU D 359 22.70 -21.49 50.77
CA GLU D 359 21.44 -21.14 50.14
C GLU D 359 21.00 -19.73 50.54
N LYS D 360 21.26 -19.35 51.79
CA LYS D 360 20.93 -17.98 52.23
C LYS D 360 21.74 -16.95 51.46
N LEU D 361 23.04 -17.20 51.28
CA LEU D 361 23.89 -16.27 50.55
C LEU D 361 23.52 -16.23 49.06
N TRP D 362 23.16 -17.37 48.48
CA TRP D 362 22.75 -17.41 47.08
C TRP D 362 21.45 -16.65 46.87
N ASN D 363 20.46 -16.86 47.75
CA ASN D 363 19.20 -16.14 47.63
C ASN D 363 19.35 -14.66 47.92
N ASP D 364 20.28 -14.28 48.80
CA ASP D 364 20.53 -12.87 49.05
C ASP D 364 21.21 -12.21 47.85
N ALA D 365 22.20 -12.88 47.25
CA ALA D 365 22.92 -12.29 46.13
C ALA D 365 22.11 -12.30 44.85
N SER D 366 21.10 -13.17 44.72
CA SER D 366 20.30 -13.24 43.51
C SER D 366 19.39 -12.03 43.32
N HIS D 367 19.26 -11.15 44.32
CA HIS D 367 18.41 -9.98 44.22
C HIS D 367 19.24 -8.70 44.29
N HIS D 368 20.33 -8.64 43.54
CA HIS D 368 21.31 -7.57 43.67
C HIS D 368 21.34 -6.70 42.42
N THR D 369 21.27 -5.38 42.64
CA THR D 369 21.69 -4.26 41.78
C THR D 369 21.05 -4.18 40.39
N GLU D 370 20.14 -5.11 40.06
CA GLU D 370 19.36 -5.15 38.82
C GLU D 370 20.22 -5.21 37.56
N LYS D 371 21.52 -5.47 37.66
CA LYS D 371 22.41 -5.61 36.52
C LYS D 371 22.73 -7.09 36.36
N LYS D 372 22.25 -7.70 35.28
CA LYS D 372 22.43 -9.14 35.10
C LYS D 372 23.87 -9.45 34.74
N ILE D 373 24.62 -9.99 35.69
CA ILE D 373 25.98 -10.47 35.48
C ILE D 373 25.89 -11.96 35.19
N THR D 374 26.76 -12.44 34.30
CA THR D 374 26.70 -13.84 33.88
C THR D 374 28.12 -14.36 33.72
N LYS D 375 28.24 -15.49 33.01
CA LYS D 375 29.52 -16.19 32.85
C LYS D 375 30.56 -15.35 32.12
N ARG D 376 30.11 -14.41 31.28
CA ARG D 376 31.03 -13.62 30.45
C ARG D 376 31.93 -12.73 31.30
N SER D 377 31.37 -12.13 32.36
CA SER D 377 32.17 -11.28 33.24
C SER D 377 33.21 -12.09 34.01
N ILE D 378 32.84 -13.28 34.48
CA ILE D 378 33.80 -14.15 35.17
C ILE D 378 34.89 -14.59 34.21
N MET D 379 34.52 -14.88 32.96
CA MET D 379 35.50 -15.25 31.94
C MET D 379 36.49 -14.12 31.67
N TYR D 380 35.97 -12.90 31.57
CA TYR D 380 36.87 -11.73 31.37
C TYR D 380 37.66 -11.49 32.66
N TRP D 381 37.04 -11.76 33.82
CA TRP D 381 37.77 -11.63 35.11
C TRP D 381 38.96 -12.59 35.10
N ALA D 382 38.73 -13.84 34.70
CA ALA D 382 39.81 -14.85 34.67
C ALA D 382 40.89 -14.41 33.67
N HIS D 383 40.48 -13.93 32.49
CA HIS D 383 41.44 -13.45 31.48
C HIS D 383 42.26 -12.30 32.07
N LYS D 384 41.57 -11.30 32.61
CA LYS D 384 42.27 -10.13 33.21
C LYS D 384 43.22 -10.61 34.30
N HIS D 385 42.76 -11.53 35.15
CA HIS D 385 43.63 -12.10 36.20
C HIS D 385 44.76 -12.92 35.55
N ALA D 386 44.42 -14.07 34.96
CA ALA D 386 45.44 -14.93 34.31
C ALA D 386 45.16 -15.01 32.80
N PRO D 387 45.78 -14.14 31.97
CA PRO D 387 45.51 -14.13 30.52
C PRO D 387 46.01 -15.39 29.82
N GLN D 388 47.25 -15.81 30.12
CA GLN D 388 47.81 -17.04 29.50
C GLN D 388 46.97 -18.25 29.93
N GLN D 389 46.65 -18.34 31.21
CA GLN D 389 45.80 -19.45 31.71
C GLN D 389 44.44 -19.36 31.01
N TYR D 390 43.94 -18.14 30.79
CA TYR D 390 42.67 -17.96 30.07
C TYR D 390 42.83 -18.46 28.62
N LYS D 391 43.92 -18.07 27.97
CA LYS D 391 44.15 -18.49 26.55
C LYS D 391 44.16 -20.01 26.47
N GLU D 392 44.88 -20.67 27.39
CA GLU D 392 44.94 -22.15 27.42
C GLU D 392 43.64 -22.68 28.05
N ILE D 393 43.43 -24.01 28.01
CA ILE D 393 42.20 -24.62 28.59
C ILE D 393 41.01 -24.27 27.71
N VAL D 394 40.69 -22.98 27.57
CA VAL D 394 39.54 -22.54 26.74
C VAL D 394 39.79 -22.98 25.30
N GLU D 395 41.01 -22.78 24.80
CA GLU D 395 41.36 -23.22 23.42
C GLU D 395 41.18 -24.74 23.35
N GLN D 396 41.67 -25.46 24.36
CA GLN D 396 41.51 -26.93 24.41
C GLN D 396 40.02 -27.26 24.45
N GLY D 397 39.23 -26.43 25.15
CA GLY D 397 37.78 -26.69 25.29
C GLY D 397 37.11 -26.79 23.93
N TYR D 398 37.36 -25.81 23.05
CA TYR D 398 36.79 -25.87 21.67
C TYR D 398 37.40 -27.07 20.94
N PHE D 399 38.70 -27.27 21.10
CA PHE D 399 39.40 -28.39 20.41
C PHE D 399 38.78 -29.72 20.87
N SER D 400 38.51 -29.85 22.17
CA SER D 400 37.94 -31.11 22.72
C SER D 400 36.60 -31.41 22.05
N ILE D 401 35.73 -30.40 21.95
CA ILE D 401 34.37 -30.62 21.36
C ILE D 401 34.55 -31.13 19.93
N LEU D 402 35.38 -30.46 19.13
CA LEU D 402 35.57 -30.87 17.71
C LEU D 402 36.17 -32.28 17.66
N ALA D 403 37.15 -32.56 18.53
CA ALA D 403 37.80 -33.89 18.55
C ALA D 403 36.76 -34.97 18.83
N GLU D 404 35.93 -34.77 19.86
CA GLU D 404 34.86 -35.74 20.18
C GLU D 404 34.00 -35.94 18.93
N TYR D 405 33.46 -34.86 18.40
CA TYR D 405 32.62 -34.94 17.19
C TYR D 405 33.32 -35.72 16.09
N VAL D 406 34.61 -35.42 15.85
CA VAL D 406 35.36 -36.09 14.80
C VAL D 406 35.52 -37.57 15.10
N TYR D 407 35.83 -37.93 16.35
CA TYR D 407 36.07 -39.33 16.67
C TYR D 407 34.78 -40.14 16.72
N SER D 408 33.70 -39.55 17.22
CA SER D 408 32.46 -40.28 17.40
C SER D 408 31.54 -40.23 16.20
N TYR D 409 31.87 -39.45 15.17
CA TYR D 409 31.08 -39.45 13.94
C TYR D 409 31.95 -39.76 12.72
N ASN D 410 33.07 -40.45 12.95
CA ASN D 410 33.96 -40.96 11.90
C ASN D 410 34.50 -39.84 11.01
N GLY D 411 34.76 -38.68 11.60
CA GLY D 411 35.35 -37.59 10.86
C GLY D 411 34.42 -36.86 9.92
N MET D 412 33.12 -37.16 9.96
CA MET D 412 32.14 -36.49 9.11
C MET D 412 31.50 -35.40 9.94
N LEU D 413 31.61 -34.15 9.48
CA LEU D 413 31.19 -32.98 10.25
C LEU D 413 29.98 -32.34 9.59
N GLU D 414 29.05 -31.89 10.42
CA GLU D 414 27.82 -31.27 9.95
C GLU D 414 27.67 -29.89 10.57
N HIS D 415 26.54 -29.23 10.27
CA HIS D 415 26.37 -27.82 10.59
C HIS D 415 26.34 -27.57 12.09
N TYR D 416 25.62 -28.41 12.84
CA TYR D 416 25.46 -28.16 14.27
C TYR D 416 26.75 -28.38 15.04
N MET D 417 27.59 -29.31 14.60
CA MET D 417 28.84 -29.58 15.31
C MET D 417 29.77 -28.37 15.30
N ILE D 418 30.02 -27.83 14.10
CA ILE D 418 30.92 -26.68 14.04
C ILE D 418 30.22 -25.43 14.51
N ALA D 419 28.88 -25.36 14.47
CA ALA D 419 28.18 -24.25 15.10
C ALA D 419 28.38 -24.26 16.61
N LYS D 420 28.32 -25.44 17.24
CA LYS D 420 28.58 -25.57 18.67
C LYS D 420 30.01 -25.18 19.01
N VAL D 421 30.97 -25.60 18.19
CA VAL D 421 32.36 -25.22 18.43
C VAL D 421 32.54 -23.72 18.28
N ILE D 422 31.95 -23.13 17.25
CA ILE D 422 32.08 -21.69 17.00
C ILE D 422 31.46 -20.88 18.14
N TYR D 423 30.31 -21.34 18.66
CA TYR D 423 29.74 -20.69 19.83
C TYR D 423 30.64 -20.83 21.05
N ALA D 424 31.36 -21.95 21.16
CA ALA D 424 32.32 -22.08 22.26
C ALA D 424 33.45 -21.08 22.13
N MET D 425 33.96 -20.81 20.92
CA MET D 425 35.09 -19.91 20.81
C MET D 425 34.73 -18.47 20.48
N MET D 426 33.47 -18.15 20.21
CA MET D 426 33.11 -16.78 19.85
C MET D 426 31.82 -16.30 20.47
N GLY D 427 31.29 -16.96 21.50
CA GLY D 427 29.99 -16.60 22.02
C GLY D 427 29.96 -15.34 22.84
N ASN D 428 31.12 -14.79 23.18
CA ASN D 428 31.21 -13.56 23.96
C ASN D 428 31.02 -12.31 23.12
N LYS D 429 31.12 -12.42 21.80
CA LYS D 429 31.18 -11.28 20.92
C LYS D 429 29.94 -11.07 20.07
N PHE D 430 29.06 -12.07 19.98
CA PHE D 430 27.89 -11.99 19.12
C PHE D 430 26.65 -12.36 19.92
N VAL D 431 25.51 -11.86 19.45
CA VAL D 431 24.24 -12.23 20.05
C VAL D 431 23.17 -12.19 18.96
N VAL D 432 22.12 -12.99 19.15
CA VAL D 432 21.01 -13.06 18.21
C VAL D 432 19.73 -12.76 18.96
N ASP D 433 18.82 -12.01 18.34
CA ASP D 433 17.49 -11.91 18.92
C ASP D 433 16.45 -11.71 17.83
N VAL D 434 15.20 -11.98 18.19
CA VAL D 434 14.07 -11.87 17.27
C VAL D 434 13.40 -10.52 17.48
N ASP D 435 13.20 -9.77 16.41
CA ASP D 435 12.58 -8.46 16.49
C ASP D 435 11.06 -8.59 16.36
N SER D 436 10.37 -7.46 16.18
CA SER D 436 8.93 -7.46 16.09
C SER D 436 8.41 -8.06 14.78
N ASN D 437 9.23 -8.07 13.74
CA ASN D 437 8.83 -8.62 12.45
C ASN D 437 9.03 -10.12 12.36
N GLY D 438 9.56 -10.76 13.40
CA GLY D 438 9.81 -12.17 13.37
C GLY D 438 11.11 -12.57 12.71
N LYS D 439 12.08 -11.68 12.65
CA LYS D 439 13.35 -11.92 11.99
C LYS D 439 14.46 -12.04 13.02
N TYR D 440 15.39 -12.95 12.77
CA TYR D 440 16.57 -13.09 13.61
C TYR D 440 17.61 -12.06 13.20
N VAL D 441 18.03 -11.23 14.14
CA VAL D 441 18.95 -10.12 13.91
C VAL D 441 20.20 -10.38 14.71
N TRP D 442 21.37 -10.17 14.10
CA TRP D 442 22.62 -10.37 14.80
C TRP D 442 23.11 -9.05 15.37
N PHE D 443 23.86 -9.13 16.47
CA PHE D 443 24.50 -7.97 17.06
C PHE D 443 25.92 -8.35 17.41
N GLU D 444 26.85 -7.45 17.14
CA GLU D 444 28.27 -7.68 17.41
C GLU D 444 28.79 -6.63 18.37
N PHE D 445 29.54 -7.08 19.38
CA PHE D 445 30.25 -6.18 20.27
C PHE D 445 31.55 -5.73 19.63
N VAL D 446 31.77 -4.42 19.58
CA VAL D 446 32.85 -3.82 18.81
C VAL D 446 34.04 -3.56 19.72
N LEU D 447 35.20 -4.02 19.29
CA LEU D 447 36.48 -3.93 19.97
C LEU D 447 37.35 -2.84 19.32
N PRO D 448 38.34 -2.30 20.04
CA PRO D 448 39.10 -1.16 19.51
C PRO D 448 39.81 -1.37 18.18
N GLY D 449 40.41 -2.53 17.95
CA GLY D 449 41.06 -2.72 16.67
C GLY D 449 40.18 -3.44 15.68
N GLN D 450 39.45 -2.67 14.86
CA GLN D 450 38.40 -3.21 14.01
C GLN D 450 38.07 -2.19 12.94
N PRO D 451 37.65 -2.62 11.76
CA PRO D 451 37.11 -1.69 10.77
C PRO D 451 35.76 -1.17 11.22
N MET D 452 35.79 -0.07 11.97
CA MET D 452 34.69 0.37 12.82
C MET D 452 34.14 1.71 12.34
N ASN D 453 32.82 1.82 12.31
CA ASN D 453 32.13 3.10 12.13
C ASN D 453 32.32 3.97 13.37
N GLN D 454 32.62 5.25 13.16
CA GLN D 454 33.12 6.09 14.23
C GLN D 454 32.07 6.26 15.32
N GLY D 455 32.45 5.95 16.55
CA GLY D 455 31.58 6.05 17.71
C GLY D 455 30.96 4.75 18.15
N GLU D 456 31.28 3.64 17.50
CA GLU D 456 30.64 2.37 17.77
C GLU D 456 31.42 1.50 18.75
N ILE D 457 32.51 2.01 19.32
CA ILE D 457 33.38 1.21 20.16
C ILE D 457 32.68 0.89 21.47
N TRP D 458 32.92 -0.33 21.98
CA TRP D 458 32.34 -0.84 23.23
C TRP D 458 30.82 -0.80 23.23
N LYS D 459 30.22 -1.15 22.09
CA LYS D 459 28.77 -1.18 21.94
C LYS D 459 28.38 -2.32 21.04
N TRP D 460 27.08 -2.55 20.93
CA TRP D 460 26.53 -3.58 20.06
C TRP D 460 26.06 -2.92 18.77
N ARG D 461 26.56 -3.38 17.64
CA ARG D 461 26.11 -2.90 16.35
C ARG D 461 25.28 -3.98 15.65
N LYS D 462 24.28 -3.54 14.88
CA LYS D 462 23.39 -4.52 14.17
C LYS D 462 24.15 -5.08 12.97
N GLU D 463 23.96 -6.38 12.70
CA GLU D 463 24.63 -7.02 11.54
C GLU D 463 23.58 -7.75 10.70
N VAL D 464 23.37 -7.30 9.45
CA VAL D 464 22.44 -8.04 8.54
C VAL D 464 22.96 -9.47 8.43
N ASN D 465 24.27 -9.63 8.24
CA ASN D 465 24.88 -10.99 8.19
C ASN D 465 26.05 -11.02 9.17
N PRO D 466 26.34 -12.15 9.86
CA PRO D 466 27.51 -12.23 10.74
C PRO D 466 28.78 -12.30 9.87
N ASP D 467 29.06 -11.24 9.12
CA ASP D 467 30.23 -11.25 8.19
C ASP D 467 31.46 -11.73 8.94
N GLU D 468 31.67 -11.26 10.17
CA GLU D 468 32.86 -11.65 10.97
C GLU D 468 32.86 -13.16 11.17
N LEU D 469 31.69 -13.74 11.51
CA LEU D 469 31.60 -15.20 11.78
C LEU D 469 31.97 -15.99 10.51
N HIS D 470 31.51 -15.53 9.35
CA HIS D 470 31.80 -16.24 8.07
C HIS D 470 33.33 -16.31 7.88
N ILE D 471 34.00 -15.17 8.05
CA ILE D 471 35.48 -15.13 7.90
C ILE D 471 36.11 -16.01 8.98
N TYR D 472 35.57 -15.94 10.20
CA TYR D 472 36.11 -16.74 11.34
C TYR D 472 36.10 -18.23 10.96
N ILE D 473 35.01 -18.70 10.35
CA ILE D 473 34.88 -20.14 9.98
C ILE D 473 35.96 -20.51 8.96
N SER D 474 36.21 -19.66 7.97
CA SER D 474 37.17 -20.01 6.90
C SER D 474 38.61 -19.62 7.29
N GLU D 475 38.80 -19.08 8.50
CA GLU D 475 40.15 -18.62 8.92
C GLU D 475 40.52 -19.25 10.27
N ASN D 476 40.04 -18.65 11.37
CA ASN D 476 40.42 -19.14 12.72
C ASN D 476 39.98 -20.60 12.88
N PHE D 477 38.76 -20.93 12.49
CA PHE D 477 38.23 -22.32 12.64
C PHE D 477 39.10 -23.27 11.80
N SER D 478 39.51 -22.84 10.61
CA SER D 478 40.33 -23.70 9.73
C SER D 478 41.63 -24.07 10.46
N ARG D 479 42.19 -23.11 11.21
CA ARG D 479 43.45 -23.37 11.97
C ARG D 479 43.21 -24.47 13.00
N VAL D 480 42.08 -24.40 13.72
CA VAL D 480 41.75 -25.45 14.73
C VAL D 480 41.55 -26.78 13.99
N MET D 481 40.95 -26.73 12.78
CA MET D 481 40.76 -27.95 11.97
C MET D 481 42.12 -28.57 11.68
N ASP D 482 43.11 -27.73 11.33
CA ASP D 482 44.49 -28.22 11.07
C ASP D 482 45.00 -28.96 12.30
N ARG D 483 44.94 -28.31 13.47
CA ARG D 483 45.36 -28.98 14.71
C ARG D 483 44.76 -30.37 14.82
N ILE D 484 43.49 -30.53 14.44
CA ILE D 484 42.83 -31.84 14.52
C ILE D 484 43.51 -32.85 13.58
N THR D 485 43.80 -32.44 12.34
CA THR D 485 44.42 -33.40 11.43
C THR D 485 45.87 -33.69 11.80
N GLU D 486 46.57 -32.73 12.44
CA GLU D 486 47.89 -33.03 12.98
C GLU D 486 47.81 -34.06 14.11
N HIS D 487 46.81 -33.94 14.97
CA HIS D 487 46.60 -34.94 16.02
C HIS D 487 46.24 -36.30 15.43
N ILE D 488 45.50 -36.31 14.33
CA ILE D 488 45.17 -37.56 13.65
C ILE D 488 46.41 -38.23 13.11
N LYS D 489 47.31 -37.45 12.50
CA LYS D 489 48.58 -38.03 12.02
C LYS D 489 49.44 -38.52 13.18
N TYR D 490 49.45 -37.79 14.29
CA TYR D 490 50.19 -38.20 15.48
C TYR D 490 49.68 -39.55 16.02
N HIS D 491 48.37 -39.72 16.08
CA HIS D 491 47.82 -41.01 16.48
C HIS D 491 47.95 -42.06 15.38
N LEU D 492 48.16 -41.64 14.14
CA LEU D 492 48.41 -42.55 13.03
C LEU D 492 49.83 -43.08 13.05
N SER D 493 50.74 -42.41 13.77
CA SER D 493 52.08 -42.96 13.98
C SER D 493 52.08 -44.20 14.90
N GLN D 494 50.95 -44.56 15.50
CA GLN D 494 50.84 -45.75 16.33
C GLN D 494 51.09 -47.02 15.52
N PRO D 495 51.71 -48.03 16.11
CA PRO D 495 51.92 -49.31 15.42
C PRO D 495 50.60 -50.00 15.04
N HIS D 496 50.73 -51.04 14.22
CA HIS D 496 49.57 -51.59 13.52
C HIS D 496 48.67 -52.37 14.47
N GLU D 497 49.19 -53.44 15.07
CA GLU D 497 48.44 -54.40 15.88
C GLU D 497 47.26 -54.97 15.09
N SER D 498 46.05 -54.62 15.51
CA SER D 498 44.84 -55.06 14.84
C SER D 498 44.51 -54.13 13.69
N ASN D 499 43.28 -54.22 13.17
CA ASN D 499 42.83 -53.36 12.09
C ASN D 499 42.33 -52.01 12.64
N ILE D 500 43.25 -51.32 13.33
CA ILE D 500 42.97 -50.00 13.85
C ILE D 500 43.61 -48.90 13.00
N LEU D 501 44.75 -49.16 12.36
CA LEU D 501 45.27 -48.20 11.40
C LEU D 501 44.43 -48.16 10.13
N ASN D 502 43.72 -49.24 9.79
CA ASN D 502 42.73 -49.13 8.73
C ASN D 502 41.63 -48.16 9.12
N TYR D 503 41.20 -48.22 10.38
CA TYR D 503 40.22 -47.27 10.89
C TYR D 503 40.78 -45.85 10.86
N TYR D 504 42.07 -45.69 11.16
CA TYR D 504 42.67 -44.36 11.12
C TYR D 504 42.83 -43.83 9.70
N LYS D 505 43.12 -44.70 8.72
CA LYS D 505 43.12 -44.27 7.33
C LYS D 505 41.73 -43.83 6.87
N LYS D 506 40.69 -44.58 7.25
CA LYS D 506 39.34 -44.15 6.92
C LYS D 506 38.98 -42.83 7.61
N LEU D 507 39.39 -42.67 8.87
CA LEU D 507 39.11 -41.43 9.59
C LEU D 507 39.82 -40.25 8.96
N LEU D 508 41.09 -40.42 8.57
CA LEU D 508 41.84 -39.35 7.92
C LEU D 508 41.25 -39.00 6.57
N LYS D 509 40.84 -40.01 5.78
CA LYS D 509 40.24 -39.74 4.49
C LYS D 509 38.93 -38.98 4.64
N ALA D 510 38.08 -39.38 5.59
CA ALA D 510 36.83 -38.69 5.82
C ALA D 510 37.05 -37.27 6.32
N PHE D 511 38.05 -37.07 7.18
CA PHE D 511 38.27 -35.72 7.71
C PHE D 511 38.86 -34.80 6.66
N GLU D 512 39.76 -35.30 5.81
CA GLU D 512 40.22 -34.48 4.69
C GLU D 512 39.10 -34.19 3.70
N ARG D 513 38.17 -35.12 3.53
CA ARG D 513 37.02 -34.86 2.67
C ARG D 513 36.12 -33.77 3.24
N SER D 514 35.92 -33.77 4.55
CA SER D 514 35.01 -32.82 5.17
C SER D 514 35.68 -31.53 5.61
N LYS D 515 37.00 -31.43 5.51
CA LYS D 515 37.69 -30.19 5.90
C LYS D 515 37.45 -29.08 4.91
N SER D 516 37.20 -29.42 3.65
CA SER D 516 36.99 -28.43 2.61
C SER D 516 35.61 -27.79 2.65
N LYS D 517 34.68 -28.32 3.46
CA LYS D 517 33.32 -27.80 3.48
C LYS D 517 33.21 -26.46 4.18
N ILE D 518 34.19 -26.08 5.02
CA ILE D 518 34.11 -24.81 5.72
C ILE D 518 34.42 -23.62 4.84
N PHE D 519 34.78 -23.85 3.58
CA PHE D 519 34.91 -22.78 2.60
C PHE D 519 33.74 -22.73 1.64
N ASN D 520 32.77 -23.63 1.78
CA ASN D 520 31.62 -23.69 0.90
C ASN D 520 30.54 -22.72 1.39
N ASP D 521 29.87 -22.07 0.45
CA ASP D 521 28.91 -21.03 0.80
C ASP D 521 27.66 -21.59 1.45
N SER D 522 27.14 -22.70 0.90
CA SER D 522 25.92 -23.30 1.44
C SER D 522 26.17 -23.90 2.82
N PHE D 523 27.33 -24.52 3.02
CA PHE D 523 27.67 -25.06 4.33
C PHE D 523 27.80 -23.96 5.37
N LYS D 524 28.43 -22.84 5.00
CA LYS D 524 28.57 -21.73 5.94
C LYS D 524 27.21 -21.11 6.25
N LYS D 525 26.33 -21.02 5.26
CA LYS D 525 24.98 -20.52 5.51
C LYS D 525 24.22 -21.44 6.45
N GLY D 526 24.38 -22.76 6.29
CA GLY D 526 23.74 -23.69 7.20
C GLY D 526 24.29 -23.61 8.61
N VAL D 527 25.60 -23.43 8.74
CA VAL D 527 26.22 -23.28 10.05
C VAL D 527 25.73 -22.02 10.74
N ILE D 528 25.63 -20.92 10.01
CA ILE D 528 25.14 -19.67 10.59
C ILE D 528 23.67 -19.79 10.97
N ARG D 529 22.86 -20.45 10.14
CA ARG D 529 21.46 -20.65 10.47
C ARG D 529 21.27 -21.55 11.69
N GLN D 530 22.14 -22.53 11.88
CA GLN D 530 22.07 -23.35 13.06
C GLN D 530 22.61 -22.64 14.30
N ALA D 531 23.54 -21.72 14.12
CA ALA D 531 24.11 -20.97 15.24
C ALA D 531 23.17 -19.91 15.78
N GLU D 532 22.10 -19.58 15.05
CA GLU D 532 21.14 -18.60 15.54
C GLU D 532 20.37 -19.11 16.75
N PHE D 533 20.29 -20.42 16.94
CA PHE D 533 19.67 -20.97 18.13
C PHE D 533 20.62 -21.08 19.30
N LEU D 534 21.92 -20.99 19.07
CA LEU D 534 22.90 -21.09 20.14
C LEU D 534 23.30 -19.74 20.68
N PHE D 535 23.36 -18.72 19.83
CA PHE D 535 23.74 -17.38 20.24
C PHE D 535 22.56 -16.56 20.75
N ARG D 536 21.37 -17.15 20.80
CA ARG D 536 20.17 -16.40 21.12
C ARG D 536 20.12 -16.00 22.59
N GLN D 537 19.81 -14.74 22.84
CA GLN D 537 19.50 -14.23 24.17
C GLN D 537 18.07 -13.73 24.13
N ARG D 538 17.24 -14.23 25.03
CA ARG D 538 15.79 -14.11 24.86
C ARG D 538 15.24 -12.73 25.15
N SER D 539 15.96 -11.89 25.88
CA SER D 539 15.46 -10.58 26.27
C SER D 539 16.49 -9.51 25.97
N PHE D 540 17.04 -9.53 24.76
CA PHE D 540 18.08 -8.57 24.39
C PHE D 540 17.49 -7.33 23.72
N ILE D 541 16.58 -7.53 22.76
CA ILE D 541 16.06 -6.42 21.98
C ILE D 541 15.14 -5.54 22.84
N GLN D 542 14.31 -6.15 23.68
CA GLN D 542 13.41 -5.40 24.54
C GLN D 542 14.14 -4.68 25.67
N THR D 543 15.41 -4.99 25.90
CA THR D 543 16.21 -4.41 26.96
C THR D 543 17.24 -3.43 26.40
N LEU D 544 17.32 -3.34 25.07
CA LEU D 544 18.50 -2.83 24.37
C LEU D 544 18.83 -1.39 24.74
N ASP D 545 17.87 -0.50 24.74
CA ASP D 545 18.13 0.87 25.21
C ASP D 545 17.00 1.25 26.16
N THR D 546 17.12 0.80 27.41
CA THR D 546 16.09 0.98 28.41
C THR D 546 16.61 1.54 29.72
N ASN D 547 17.92 1.57 29.91
CA ASN D 547 18.49 2.20 31.10
C ASN D 547 18.67 3.67 30.81
N PRO D 548 17.97 4.57 31.50
CA PRO D 548 18.14 6.01 31.25
C PRO D 548 19.39 6.59 31.87
N HIS D 549 20.16 5.82 32.62
CA HIS D 549 21.39 6.28 33.23
C HIS D 549 22.62 5.90 32.42
N LEU D 550 22.45 5.33 31.24
CA LEU D 550 23.55 4.93 30.38
C LEU D 550 23.43 5.63 29.04
N LEU D 551 24.52 6.22 28.57
CA LEU D 551 24.56 6.93 27.30
C LEU D 551 25.70 6.39 26.46
N GLY D 552 25.41 5.96 25.24
CA GLY D 552 26.47 5.65 24.31
C GLY D 552 27.16 6.91 23.87
N VAL D 553 28.49 6.96 24.01
CA VAL D 553 29.28 8.11 23.58
C VAL D 553 30.40 7.59 22.70
N GLY D 554 31.04 8.52 21.99
CA GLY D 554 31.99 8.20 20.94
C GLY D 554 33.21 7.43 21.40
N ASN D 555 33.48 7.39 22.70
CA ASN D 555 34.60 6.62 23.22
C ASN D 555 34.18 5.57 24.25
N GLY D 556 32.91 5.19 24.28
CA GLY D 556 32.50 4.14 25.18
C GLY D 556 31.08 4.37 25.67
N VAL D 557 30.85 4.05 26.95
CA VAL D 557 29.55 4.22 27.57
C VAL D 557 29.70 5.14 28.77
N LEU D 558 28.91 6.20 28.83
CA LEU D 558 28.89 7.09 29.98
C LEU D 558 27.82 6.63 30.95
N SER D 559 28.19 6.49 32.22
CA SER D 559 27.27 6.07 33.27
C SER D 559 27.11 7.20 34.26
N ILE D 560 25.86 7.62 34.48
CA ILE D 560 25.51 8.68 35.43
C ILE D 560 24.67 8.09 36.54
N GLU D 561 24.88 6.80 36.85
CA GLU D 561 24.19 6.19 37.98
C GLU D 561 24.68 6.76 39.30
N THR D 562 25.98 6.99 39.43
CA THR D 562 26.57 7.49 40.66
C THR D 562 27.50 8.66 40.33
N ILE D 563 27.67 9.54 41.31
CA ILE D 563 28.53 10.71 41.17
C ILE D 563 29.92 10.35 41.67
N PRO D 564 30.99 10.61 40.90
CA PRO D 564 31.04 11.23 39.57
C PRO D 564 30.68 10.27 38.45
N ALA D 565 30.24 10.79 37.31
CA ALA D 565 29.93 9.96 36.15
C ALA D 565 31.18 9.27 35.63
N LYS D 566 31.02 8.02 35.22
CA LYS D 566 32.17 7.21 34.84
C LYS D 566 32.10 6.81 33.38
N LEU D 567 33.27 6.65 32.77
CA LEU D 567 33.39 6.24 31.37
C LEU D 567 33.80 4.78 31.33
N ILE D 568 32.87 3.92 30.92
CA ILE D 568 33.14 2.52 30.66
C ILE D 568 33.77 2.42 29.28
N ASN D 569 35.06 2.10 29.22
CA ASN D 569 35.75 1.90 27.96
C ASN D 569 36.44 0.54 27.98
N HIS D 570 35.70 -0.48 28.42
CA HIS D 570 36.19 -1.85 28.46
C HIS D 570 34.98 -2.76 28.23
N PHE D 571 35.20 -4.07 28.35
CA PHE D 571 34.11 -5.02 28.20
C PHE D 571 33.12 -4.90 29.34
N HIS D 572 31.83 -5.02 29.03
CA HIS D 572 30.78 -4.85 30.01
C HIS D 572 29.56 -5.62 29.55
N GLU D 573 28.57 -5.72 30.42
CA GLU D 573 27.36 -6.48 30.16
C GLU D 573 26.14 -5.59 29.95
N HIS D 574 26.32 -4.29 29.88
CA HIS D 574 25.20 -3.39 29.60
C HIS D 574 24.87 -3.44 28.12
N PRO D 575 23.64 -3.75 27.74
CA PRO D 575 23.28 -3.64 26.32
C PRO D 575 23.15 -2.19 25.91
N ILE D 576 24.01 -1.73 25.01
CA ILE D 576 23.96 -0.36 24.51
C ILE D 576 24.13 -0.42 23.00
N HIS D 577 23.16 0.12 22.26
CA HIS D 577 23.22 0.14 20.81
C HIS D 577 23.34 1.55 20.25
N GLN D 578 22.44 2.46 20.61
CA GLN D 578 22.51 3.83 20.13
C GLN D 578 23.62 4.60 20.86
N TYR D 579 24.03 5.70 20.25
CA TYR D 579 25.11 6.50 20.80
C TYR D 579 25.06 7.91 20.20
N THR D 580 25.90 8.77 20.73
CA THR D 580 26.20 10.06 20.13
C THR D 580 27.67 10.08 19.72
N HIS D 581 27.98 10.89 18.71
CA HIS D 581 29.33 10.96 18.18
C HIS D 581 30.28 11.72 19.10
N ILE D 582 29.78 12.36 20.13
CA ILE D 582 30.59 13.20 21.00
C ILE D 582 31.34 12.32 21.99
N CYS D 583 32.64 12.55 22.12
CA CYS D 583 33.44 11.86 23.12
C CYS D 583 33.34 12.57 24.46
N TYR D 584 33.42 11.80 25.54
CA TYR D 584 33.27 12.34 26.89
C TYR D 584 34.63 12.55 27.53
N VAL D 585 34.95 13.79 27.83
CA VAL D 585 36.11 14.16 28.64
C VAL D 585 35.55 14.85 29.88
N PRO D 586 36.09 14.59 31.08
CA PRO D 586 35.55 15.24 32.28
C PRO D 586 35.74 16.75 32.27
N PHE D 587 34.86 17.43 33.01
CA PHE D 587 34.77 18.88 32.97
C PHE D 587 36.05 19.53 33.51
N ASN D 588 36.60 20.44 32.72
CA ASN D 588 37.82 21.12 33.09
C ASN D 588 37.74 22.58 32.64
N PRO D 589 37.62 23.53 33.57
CA PRO D 589 37.52 24.94 33.17
C PRO D 589 38.78 25.50 32.54
N GLU D 590 39.92 24.84 32.70
CA GLU D 590 41.16 25.30 32.09
C GLU D 590 41.24 24.98 30.61
N ASN D 591 40.34 24.16 30.09
CA ASN D 591 40.28 23.91 28.66
C ASN D 591 39.90 25.20 27.94
N PRO D 592 40.55 25.54 26.82
CA PRO D 592 40.22 26.80 26.13
C PRO D 592 38.81 26.81 25.55
N TRP D 593 38.34 25.71 24.99
CA TRP D 593 36.97 25.66 24.48
C TRP D 593 35.95 25.74 25.62
N THR D 594 36.24 25.09 26.75
CA THR D 594 35.35 25.16 27.90
C THR D 594 35.29 26.57 28.47
N LYS D 595 36.44 27.25 28.54
CA LYS D 595 36.48 28.63 29.00
C LYS D 595 35.71 29.55 28.04
N LEU D 596 35.86 29.34 26.74
CA LEU D 596 35.12 30.11 25.76
C LEU D 596 33.61 29.91 25.90
N LEU D 597 33.19 28.66 26.10
CA LEU D 597 31.77 28.37 26.24
C LEU D 597 31.20 28.95 27.54
N LEU D 598 31.97 28.91 28.62
CA LEU D 598 31.50 29.49 29.87
C LEU D 598 31.40 31.01 29.77
N ASN D 599 32.34 31.64 29.06
CA ASN D 599 32.25 33.09 28.84
C ASN D 599 31.05 33.43 27.97
N ALA D 600 30.76 32.62 26.96
CA ALA D 600 29.59 32.85 26.12
C ALA D 600 28.30 32.70 26.92
N LEU D 601 28.26 31.71 27.82
CA LEU D 601 27.10 31.54 28.68
C LEU D 601 26.92 32.72 29.63
N GLN D 602 28.03 33.25 30.14
CA GLN D 602 27.96 34.46 30.97
C GLN D 602 27.45 35.65 30.17
N ASP D 603 27.84 35.74 28.90
CA ASP D 603 27.39 36.84 28.06
C ASP D 603 25.91 36.75 27.74
N ILE D 604 25.41 35.54 27.47
CA ILE D 604 24.04 35.38 27.01
C ILE D 604 23.05 35.66 28.14
N ILE D 605 23.29 35.10 29.33
CA ILE D 605 22.41 35.29 30.47
C ILE D 605 23.16 36.10 31.51
N PRO D 606 22.82 37.37 31.71
CA PRO D 606 23.58 38.17 32.70
C PRO D 606 23.24 37.84 34.14
N GLU D 607 21.98 37.52 34.43
CA GLU D 607 21.59 37.20 35.81
C GLU D 607 22.15 35.85 36.21
N LEU D 608 22.77 35.80 37.40
CA LEU D 608 23.48 34.59 37.81
C LEU D 608 22.50 33.47 38.17
N ASP D 609 21.45 33.79 38.92
CA ASP D 609 20.47 32.78 39.32
C ASP D 609 19.73 32.23 38.11
N ALA D 610 19.36 33.10 37.17
CA ALA D 610 18.70 32.65 35.95
C ALA D 610 19.63 31.79 35.10
N ARG D 611 20.92 32.15 35.05
CA ARG D 611 21.88 31.34 34.31
C ARG D 611 22.03 29.95 34.91
N LEU D 612 22.12 29.88 36.25
CA LEU D 612 22.20 28.59 36.91
C LEU D 612 20.94 27.76 36.71
N TRP D 613 19.77 28.42 36.77
CA TRP D 613 18.51 27.70 36.54
C TRP D 613 18.44 27.16 35.12
N ILE D 614 18.83 27.95 34.13
CA ILE D 614 18.74 27.52 32.74
C ILE D 614 19.72 26.39 32.47
N MET D 615 20.92 26.44 33.07
CA MET D 615 21.86 25.35 32.87
C MET D 615 21.43 24.09 33.60
N PHE D 616 20.82 24.22 34.79
CA PHE D 616 20.27 23.07 35.47
C PHE D 616 19.15 22.43 34.67
N TYR D 617 18.32 23.26 34.04
CA TYR D 617 17.22 22.73 33.22
C TYR D 617 17.76 22.05 31.97
N LEU D 618 18.77 22.62 31.33
CA LEU D 618 19.29 22.03 30.10
C LEU D 618 20.15 20.80 30.37
N SER D 619 20.67 20.66 31.59
CA SER D 619 21.44 19.46 31.92
C SER D 619 20.57 18.22 32.03
N THR D 620 19.27 18.38 32.26
CA THR D 620 18.37 17.25 32.35
C THR D 620 18.05 16.62 31.01
N ALA D 621 18.53 17.21 29.92
CA ALA D 621 18.29 16.63 28.59
C ALA D 621 19.10 15.36 28.36
N ILE D 622 20.16 15.13 29.13
CA ILE D 622 20.91 13.89 29.00
C ILE D 622 20.25 12.72 29.70
N PHE D 623 19.21 12.97 30.48
CA PHE D 623 18.44 11.93 31.15
C PHE D 623 17.20 11.61 30.33
N ARG D 624 16.96 10.33 30.07
CA ARG D 624 15.86 9.88 29.23
C ARG D 624 14.78 9.15 30.02
N GLY D 625 14.56 9.55 31.28
CA GLY D 625 13.55 8.97 32.11
C GLY D 625 12.42 9.96 32.40
N LEU D 626 11.64 9.62 33.42
CA LEU D 626 10.55 10.48 33.83
C LEU D 626 11.09 11.72 34.53
N LYS D 627 10.71 12.89 34.04
CA LYS D 627 11.13 14.15 34.61
C LYS D 627 9.91 14.96 35.01
N GLU D 628 10.17 16.06 35.72
CA GLU D 628 9.09 16.91 36.21
C GLU D 628 8.40 17.62 35.05
N ALA D 629 7.10 17.87 35.24
CA ALA D 629 6.30 18.52 34.22
C ALA D 629 6.64 19.99 34.13
N LEU D 630 7.59 20.33 33.26
CA LEU D 630 8.02 21.70 33.11
C LEU D 630 8.38 21.95 31.65
N MET D 631 8.27 23.21 31.24
CA MET D 631 8.59 23.61 29.89
C MET D 631 9.00 25.06 29.90
N LEU D 632 10.11 25.38 29.24
CA LEU D 632 10.67 26.72 29.27
C LEU D 632 10.36 27.44 27.96
N LEU D 633 9.76 28.61 28.08
CA LEU D 633 9.50 29.49 26.94
C LEU D 633 10.52 30.62 26.97
N TRP D 634 11.37 30.69 25.96
CA TRP D 634 12.40 31.70 25.86
C TRP D 634 11.95 32.77 24.88
N LEU D 635 11.80 33.99 25.38
CA LEU D 635 11.39 35.14 24.58
C LEU D 635 12.51 36.14 24.47
N GLY D 636 12.64 36.75 23.30
CA GLY D 636 13.64 37.77 23.09
C GLY D 636 13.33 38.58 21.86
N GLY D 637 13.84 39.81 21.86
CA GLY D 637 13.57 40.72 20.76
C GLY D 637 14.31 40.39 19.48
N GLY D 638 15.63 40.48 19.49
CA GLY D 638 16.39 40.37 18.27
C GLY D 638 17.42 39.26 18.22
N CYS D 639 18.69 39.63 18.07
CA CYS D 639 19.79 38.66 18.02
C CYS D 639 20.25 38.39 19.44
N ASN D 640 19.54 37.49 20.11
CA ASN D 640 19.80 37.14 21.50
C ASN D 640 20.63 35.88 21.58
N GLY D 641 20.77 35.33 22.77
CA GLY D 641 21.55 34.13 22.89
C GLY D 641 20.88 32.84 22.50
N LYS D 642 19.58 32.88 22.19
CA LYS D 642 18.87 31.68 21.78
C LYS D 642 19.33 31.25 20.39
N THR D 643 18.80 30.08 19.96
CA THR D 643 19.01 29.49 18.63
C THR D 643 20.46 29.05 18.40
N PHE D 644 21.34 29.35 19.35
CA PHE D 644 22.68 28.80 19.41
C PHE D 644 22.85 27.83 20.56
N LEU D 645 22.23 28.14 21.70
CA LEU D 645 22.31 27.26 22.86
C LEU D 645 21.47 25.99 22.65
N MET D 646 20.24 26.16 22.16
CA MET D 646 19.35 25.03 21.95
C MET D 646 19.88 24.09 20.86
N ARG D 647 20.38 24.67 19.77
CA ARG D 647 21.00 23.86 18.73
C ARG D 647 22.27 23.18 19.23
N LEU D 648 23.01 23.82 20.15
CA LEU D 648 24.19 23.19 20.73
C LEU D 648 23.82 21.97 21.56
N VAL D 649 22.76 22.07 22.36
CA VAL D 649 22.31 20.93 23.17
C VAL D 649 21.88 19.79 22.25
N ALA D 650 21.11 20.11 21.21
CA ALA D 650 20.67 19.07 20.27
C ALA D 650 21.86 18.45 19.53
N MET D 651 22.85 19.26 19.17
CA MET D 651 23.98 18.74 18.40
C MET D 651 24.89 17.87 19.24
N VAL D 652 25.08 18.20 20.52
CA VAL D 652 25.90 17.33 21.34
C VAL D 652 25.13 16.06 21.72
N LEU D 653 23.81 16.11 21.82
CA LEU D 653 23.08 14.90 22.16
C LEU D 653 22.93 13.96 20.97
N GLY D 654 22.81 14.48 19.76
CA GLY D 654 22.75 13.64 18.58
C GLY D 654 21.34 13.35 18.14
N ASP D 655 21.25 12.56 17.07
CA ASP D 655 19.96 12.27 16.44
C ASP D 655 19.12 11.28 17.24
N HIS D 656 19.76 10.33 17.93
CA HIS D 656 19.01 9.34 18.68
C HIS D 656 18.46 9.94 19.97
N TYR D 657 19.19 10.86 20.60
CA TYR D 657 18.85 11.36 21.92
C TYR D 657 18.18 12.73 21.89
N ALA D 658 18.17 13.42 20.75
CA ALA D 658 17.55 14.72 20.68
C ALA D 658 16.95 14.92 19.30
N SER D 659 15.99 15.83 19.22
CA SER D 659 15.33 16.09 17.94
C SER D 659 14.77 17.50 17.95
N LYS D 660 14.49 17.98 16.75
CA LYS D 660 13.85 19.27 16.53
C LYS D 660 12.39 19.02 16.16
N LEU D 661 11.49 19.75 16.80
CA LEU D 661 10.06 19.57 16.62
C LEU D 661 9.44 20.84 16.08
N ASN D 662 8.54 20.71 15.11
CA ASN D 662 7.89 21.87 14.55
C ASN D 662 6.74 22.31 15.44
N ILE D 663 6.40 23.60 15.34
CA ILE D 663 5.53 24.28 16.30
C ILE D 663 4.08 23.87 16.05
N SER D 664 3.83 23.19 14.93
CA SER D 664 2.51 22.67 14.64
C SER D 664 2.04 21.64 15.66
N LEU D 665 2.97 21.00 16.37
CA LEU D 665 2.62 20.10 17.46
C LEU D 665 1.91 20.85 18.58
N LEU D 666 2.26 22.12 18.78
CA LEU D 666 1.72 22.89 19.89
C LEU D 666 0.58 23.81 19.50
N THR D 667 0.50 24.23 18.24
CA THR D 667 -0.45 25.26 17.85
C THR D 667 -1.74 24.70 17.29
N SER D 668 -1.66 23.65 16.48
CA SER D 668 -2.84 23.14 15.79
C SER D 668 -3.74 22.37 16.75
N CYS D 669 -4.98 22.14 16.31
CA CYS D 669 -5.99 21.48 17.12
C CYS D 669 -5.79 19.96 17.05
N ARG D 670 -6.69 19.22 17.69
CA ARG D 670 -6.56 17.77 17.76
C ARG D 670 -6.90 17.12 16.43
N GLU D 671 -6.01 16.26 15.96
CA GLU D 671 -6.30 15.43 14.81
C GLU D 671 -7.13 14.22 15.22
N THR D 672 -7.83 13.64 14.25
CA THR D 672 -8.68 12.50 14.55
C THR D 672 -7.84 11.25 14.73
N ALA D 673 -8.49 10.19 15.23
CA ALA D 673 -7.78 8.98 15.64
C ALA D 673 -7.31 8.13 14.47
N GLU D 674 -7.72 8.42 13.25
CA GLU D 674 -7.41 7.57 12.10
C GLU D 674 -6.04 7.89 11.52
N LYS D 675 -5.82 9.13 11.08
CA LYS D 675 -4.59 9.48 10.41
C LYS D 675 -3.43 9.55 11.39
N PRO D 676 -2.22 9.18 10.95
CA PRO D 676 -1.07 9.22 11.86
C PRO D 676 -0.68 10.63 12.24
N ASN D 677 -0.04 10.76 13.39
CA ASN D 677 0.39 12.06 13.87
C ASN D 677 1.74 12.43 13.26
N SER D 678 2.05 13.73 13.34
CA SER D 678 3.19 14.31 12.63
C SER D 678 4.53 13.81 13.12
N ALA D 679 4.91 14.21 14.33
CA ALA D 679 6.26 13.96 14.83
C ALA D 679 6.22 13.47 16.27
N PHE D 680 5.17 12.75 16.65
CA PHE D 680 5.17 12.14 17.97
C PHE D 680 6.20 11.03 18.05
N MET D 681 6.38 10.27 16.98
CA MET D 681 7.48 9.31 16.93
C MET D 681 8.83 9.99 16.84
N ARG D 682 8.88 11.31 16.63
CA ARG D 682 10.12 12.06 16.74
C ARG D 682 10.42 12.47 18.17
N LEU D 683 9.60 12.09 19.16
CA LEU D 683 10.05 12.20 20.55
C LEU D 683 9.73 10.93 21.32
N LYS D 684 9.82 9.78 20.66
CA LYS D 684 9.58 8.48 21.26
C LYS D 684 10.56 8.15 22.37
N GLY D 685 11.83 8.01 22.04
CA GLY D 685 12.81 7.57 23.01
C GLY D 685 13.97 8.52 23.21
N ARG D 686 13.70 9.81 23.17
CA ARG D 686 14.74 10.82 23.31
C ARG D 686 14.38 11.80 24.40
N GLY D 687 15.40 12.38 25.02
CA GLY D 687 15.24 13.21 26.19
C GLY D 687 15.25 14.71 25.97
N TYR D 688 15.38 15.17 24.73
CA TYR D 688 15.44 16.60 24.46
C TYR D 688 14.62 16.95 23.23
N GLY D 689 13.86 18.04 23.34
CA GLY D 689 13.09 18.57 22.23
C GLY D 689 13.05 20.09 22.27
N TYR D 690 13.40 20.73 21.17
CA TYR D 690 13.37 22.18 21.07
C TYR D 690 12.47 22.59 19.93
N PHE D 691 11.62 23.58 20.21
CA PHE D 691 10.79 24.24 19.22
C PHE D 691 11.50 25.52 18.81
N GLU D 692 11.81 25.65 17.51
CA GLU D 692 12.55 26.84 17.02
C GLU D 692 11.62 28.04 16.89
N GLU D 693 12.14 29.18 16.44
CA GLU D 693 11.34 30.42 16.31
C GLU D 693 10.22 30.19 15.29
N THR D 694 9.02 30.69 15.59
CA THR D 694 7.86 30.55 14.65
C THR D 694 7.81 31.79 13.75
N ASN D 695 8.59 32.83 14.06
CA ASN D 695 8.63 34.06 13.23
C ASN D 695 7.26 34.74 13.24
N LYS D 696 6.41 34.43 14.22
CA LYS D 696 5.07 35.08 14.31
C LYS D 696 4.44 34.76 15.67
N SER D 697 3.55 35.62 16.16
CA SER D 697 2.83 35.33 17.42
C SER D 697 1.97 34.07 17.22
N GLU D 698 1.96 33.16 18.21
CA GLU D 698 1.25 31.88 18.02
C GLU D 698 0.31 31.60 19.21
N VAL D 699 -0.76 30.84 18.98
CA VAL D 699 -1.69 30.46 20.08
C VAL D 699 -1.51 28.95 20.31
N LEU D 700 -0.80 28.57 21.38
CA LEU D 700 -0.52 27.13 21.61
C LEU D 700 -1.76 26.43 22.20
N ASN D 701 -1.88 25.12 21.97
CA ASN D 701 -3.02 24.34 22.51
C ASN D 701 -2.70 23.92 23.95
N THR D 702 -3.51 24.38 24.91
CA THR D 702 -3.26 24.04 26.34
C THR D 702 -3.33 22.52 26.52
N SER D 703 -4.34 21.88 25.91
CA SER D 703 -4.51 20.41 26.08
C SER D 703 -3.27 19.69 25.55
N ARG D 704 -2.84 20.03 24.33
CA ARG D 704 -1.65 19.37 23.74
C ARG D 704 -0.42 19.64 24.61
N LEU D 705 -0.32 20.85 25.15
CA LEU D 705 0.82 21.20 26.04
C LEU D 705 0.86 20.20 27.19
N LYS D 706 -0.28 20.00 27.86
CA LYS D 706 -0.35 19.04 28.99
C LYS D 706 -0.02 17.63 28.50
N GLU D 707 -0.44 17.29 27.27
CA GLU D 707 -0.21 15.93 26.72
C GLU D 707 1.29 15.63 26.63
N MET D 708 2.10 16.62 26.20
CA MET D 708 3.55 16.35 26.00
C MET D 708 4.39 16.96 27.13
N VAL D 709 3.76 17.34 28.25
CA VAL D 709 4.52 17.86 29.42
C VAL D 709 4.31 16.92 30.61
N ASN D 710 3.15 16.28 30.70
CA ASN D 710 2.84 15.38 31.85
C ASN D 710 3.81 14.20 31.85
N PRO D 711 4.31 13.75 33.01
CA PRO D 711 5.20 12.58 33.09
C PRO D 711 4.39 11.28 32.99
N GLY D 712 3.90 10.95 31.79
CA GLY D 712 3.11 9.72 31.59
C GLY D 712 3.16 9.25 30.14
N ASP D 713 2.66 8.05 29.87
CA ASP D 713 2.64 7.50 28.49
C ASP D 713 1.65 8.29 27.63
N VAL D 714 1.92 8.41 26.33
CA VAL D 714 1.00 9.13 25.40
C VAL D 714 0.68 8.19 24.23
N THR D 715 -0.59 8.13 23.81
CA THR D 715 -1.00 7.23 22.70
C THR D 715 -0.96 8.00 21.38
N ALA D 716 -0.31 7.43 20.35
CA ALA D 716 -0.22 8.08 19.03
C ALA D 716 0.07 7.01 17.97
N ARG D 717 0.28 7.43 16.72
CA ARG D 717 0.60 6.47 15.63
C ARG D 717 1.36 7.17 14.50
N GLU D 718 2.04 6.41 13.65
CA GLU D 718 2.75 6.99 12.48
C GLU D 718 2.27 6.26 11.23
N LEU D 719 2.73 6.68 10.05
CA LEU D 719 2.24 6.06 8.78
C LEU D 719 2.44 4.55 8.86
N ASN D 720 1.37 3.78 8.63
CA ASN D 720 1.46 2.29 8.63
C ASN D 720 1.96 1.81 10.00
N GLN D 721 1.58 2.49 11.08
CA GLN D 721 2.09 2.12 12.43
C GLN D 721 0.91 1.79 13.35
N LYS D 722 -0.28 1.56 12.79
CA LYS D 722 -1.47 1.20 13.59
C LYS D 722 -1.54 2.22 14.73
N GLN D 723 -1.41 1.78 15.99
CA GLN D 723 -1.42 2.71 17.14
C GLN D 723 -0.40 2.27 18.19
N GLU D 724 0.08 3.21 19.02
CA GLU D 724 1.12 2.89 20.02
C GLU D 724 1.07 3.90 21.17
N SER D 725 1.52 3.50 22.37
CA SER D 725 1.57 4.43 23.52
C SER D 725 2.99 4.46 24.09
N PHE D 726 3.61 5.64 24.13
CA PHE D 726 5.01 5.76 24.62
C PHE D 726 5.08 6.76 25.77
N GLN D 727 5.85 6.42 26.82
CA GLN D 727 6.00 7.32 27.99
C GLN D 727 6.73 8.60 27.56
N MET D 728 6.28 9.76 28.06
CA MET D 728 6.91 11.05 27.69
C MET D 728 8.14 11.28 28.58
N THR D 729 9.33 11.37 27.97
CA THR D 729 10.59 11.55 28.75
C THR D 729 11.54 12.48 28.00
N ALA D 730 11.13 13.73 27.77
CA ALA D 730 11.98 14.66 26.97
C ALA D 730 11.94 16.07 27.56
N THR D 731 13.09 16.72 27.70
CA THR D 731 13.13 18.12 28.18
C THR D 731 12.57 19.02 27.06
N MET D 732 11.69 19.97 27.39
CA MET D 732 11.03 20.77 26.34
C MET D 732 11.48 22.23 26.44
N VAL D 733 11.92 22.82 25.33
CA VAL D 733 12.32 24.27 25.32
C VAL D 733 11.74 24.91 24.06
N ALA D 734 11.02 26.04 24.22
CA ALA D 734 10.43 26.74 23.05
C ALA D 734 11.00 28.16 22.98
N ALA D 735 11.56 28.54 21.82
CA ALA D 735 12.14 29.89 21.65
C ALA D 735 11.24 30.71 20.71
N SER D 736 10.84 31.90 21.13
CA SER D 736 10.00 32.79 20.27
C SER D 736 10.61 34.19 20.24
N ASN D 737 10.56 34.85 19.08
CA ASN D 737 11.13 36.22 18.93
C ASN D 737 10.01 37.25 19.15
N TYR D 738 8.82 36.80 19.59
CA TYR D 738 7.67 37.72 19.73
C TYR D 738 6.92 36.74 20.63
N ASN D 739 5.68 37.07 21.01
CA ASN D 739 4.92 36.26 21.94
C ASN D 739 4.34 34.87 21.77
N PHE D 740 3.82 34.33 22.86
CA PHE D 740 2.93 33.18 22.86
C PHE D 740 1.59 33.63 23.43
N ILE D 741 0.51 33.11 22.88
CA ILE D 741 -0.84 33.44 23.35
C ILE D 741 -1.35 32.27 24.15
N ILE D 742 -1.64 32.50 25.43
CA ILE D 742 -2.22 31.50 26.30
C ILE D 742 -3.67 31.85 26.54
N ASP D 743 -4.57 30.98 26.09
CA ASP D 743 -5.99 31.29 26.15
C ASP D 743 -6.60 31.02 27.52
N THR D 744 -6.05 30.06 28.26
CA THR D 744 -6.65 29.62 29.52
C THR D 744 -5.83 30.11 30.70
N THR D 745 -6.54 30.47 31.77
CA THR D 745 -5.93 30.86 33.04
C THR D 745 -5.97 29.72 34.05
N ASP D 746 -6.01 28.48 33.57
CA ASP D 746 -6.13 27.31 34.42
C ASP D 746 -4.82 27.12 35.17
N HIS D 747 -4.93 26.64 36.42
CA HIS D 747 -3.74 26.37 37.22
C HIS D 747 -2.95 25.19 36.68
N GLY D 748 -3.62 24.23 36.03
CA GLY D 748 -2.92 23.05 35.54
C GLY D 748 -2.07 23.28 34.32
N THR D 749 -2.22 24.44 33.66
CA THR D 749 -1.37 24.77 32.53
C THR D 749 -0.31 25.81 32.86
N TRP D 750 -0.42 26.49 33.99
CA TRP D 750 0.57 27.48 34.39
C TRP D 750 1.54 26.96 35.42
N ARG D 751 1.27 25.79 36.00
CA ARG D 751 2.20 25.14 36.90
C ARG D 751 3.29 24.40 36.15
N ARG D 752 3.13 24.22 34.83
CA ARG D 752 4.12 23.52 34.00
C ARG D 752 4.68 24.42 32.91
N LEU D 753 4.64 25.73 33.12
CA LEU D 753 5.18 26.69 32.17
C LEU D 753 6.17 27.59 32.88
N ARG D 754 7.34 27.77 32.29
CA ARG D 754 8.35 28.69 32.79
C ARG D 754 8.72 29.67 31.70
N HIS D 755 9.09 30.88 32.11
CA HIS D 755 9.28 31.99 31.19
C HIS D 755 10.57 32.72 31.53
N TYR D 756 11.37 33.00 30.50
CA TYR D 756 12.54 33.86 30.63
C TYR D 756 12.57 34.79 29.43
N ARG D 757 12.79 36.07 29.69
CA ARG D 757 12.97 37.07 28.63
C ARG D 757 14.43 37.49 28.60
N SER D 758 15.06 37.31 27.44
CA SER D 758 16.48 37.64 27.31
C SER D 758 16.68 39.15 27.25
N LYS D 759 17.82 39.60 27.77
CA LYS D 759 18.11 41.02 27.89
C LYS D 759 19.27 41.50 27.06
N VAL D 760 19.94 40.62 26.31
CA VAL D 760 21.17 40.97 25.61
C VAL D 760 20.92 40.92 24.11
N LYS D 761 21.31 42.01 23.42
CA LYS D 761 21.18 42.04 21.94
C LYS D 761 22.59 42.05 21.32
N PHE D 762 22.98 40.95 20.69
CA PHE D 762 24.35 40.87 20.09
C PHE D 762 24.35 41.63 18.77
N CYS D 763 24.96 42.81 18.75
CA CYS D 763 24.99 43.65 17.53
C CYS D 763 26.38 43.57 16.87
N HIS D 764 26.52 44.13 15.66
CA HIS D 764 27.85 44.17 14.99
C HIS D 764 28.44 45.56 15.18
N ASN D 765 28.01 46.52 14.35
CA ASN D 765 28.51 47.92 14.46
C ASN D 765 28.03 48.57 15.76
N PRO D 766 26.72 48.51 16.13
CA PRO D 766 26.20 49.21 17.34
C PRO D 766 26.65 48.54 18.62
N ASP D 767 27.90 48.79 19.02
CA ASP D 767 28.43 48.22 20.30
C ASP D 767 28.83 49.38 21.22
N PRO D 768 27.87 50.01 21.95
CA PRO D 768 28.16 51.19 22.81
C PRO D 768 28.69 50.76 24.18
N SER D 769 28.79 51.69 25.12
CA SER D 769 29.27 51.38 26.49
C SER D 769 28.34 50.36 27.15
N ASN D 770 27.01 50.56 27.03
CA ASN D 770 26.04 49.66 27.73
C ASN D 770 26.28 48.20 27.32
N PRO D 771 26.30 47.25 28.27
CA PRO D 771 26.60 45.81 27.99
C PRO D 771 25.44 45.15 27.23
N TYR D 772 24.24 45.72 27.33
CA TYR D 772 23.04 45.10 26.68
C TYR D 772 23.37 44.86 25.20
N GLU D 773 24.06 45.80 24.57
CA GLU D 773 24.48 45.60 23.16
C GLU D 773 25.92 45.09 23.13
N LYS D 774 26.12 43.80 22.89
CA LYS D 774 27.48 43.20 22.84
C LYS D 774 27.89 43.01 21.37
N LYS D 775 29.19 42.80 21.12
CA LYS D 775 29.64 42.52 19.73
C LYS D 775 29.27 41.08 19.39
N GLU D 776 28.76 40.85 18.17
CA GLU D 776 28.32 39.48 17.79
C GLU D 776 29.45 38.72 17.09
N ASP D 777 29.66 37.47 17.46
CA ASP D 777 30.69 36.63 16.79
C ASP D 777 29.94 35.55 15.98
N PRO D 778 29.86 35.67 14.64
CA PRO D 778 29.09 34.72 13.82
C PRO D 778 29.59 33.29 13.98
N ARG D 779 30.90 33.11 14.15
CA ARG D 779 31.48 31.74 14.23
C ARG D 779 30.70 30.91 15.26
N PHE D 780 30.12 31.54 16.27
CA PHE D 780 29.39 30.80 17.33
C PHE D 780 28.39 29.84 16.68
N ILE D 781 27.55 30.34 15.77
CA ILE D 781 26.54 29.47 15.10
C ILE D 781 27.05 29.10 13.71
N HIS D 782 28.24 29.57 13.34
CA HIS D 782 28.78 29.30 11.98
C HIS D 782 29.72 28.08 12.02
N GLU D 783 30.68 28.08 12.96
CA GLU D 783 31.66 26.97 13.02
C GLU D 783 31.77 26.43 14.45
N TYR D 784 31.73 27.30 15.45
CA TYR D 784 31.92 26.86 16.85
C TYR D 784 30.94 25.72 17.16
N ILE D 785 29.67 25.89 16.79
CA ILE D 785 28.64 24.85 17.08
C ILE D 785 29.02 23.56 16.34
N MET D 786 29.53 23.69 15.11
CA MET D 786 29.89 22.49 14.30
C MET D 786 31.21 21.90 14.82
N ASP D 787 32.06 22.71 15.42
CA ASP D 787 33.39 22.24 15.90
C ASP D 787 33.19 21.04 16.84
N PRO D 788 33.91 19.93 16.65
CA PRO D 788 33.81 18.76 17.53
C PRO D 788 34.31 19.08 18.94
N ASP D 789 35.51 19.68 19.05
CA ASP D 789 36.06 20.00 20.37
C ASP D 789 35.13 20.89 21.17
N CYS D 790 34.47 21.85 20.50
CA CYS D 790 33.47 22.67 21.18
C CYS D 790 32.30 21.83 21.66
N GLN D 791 31.89 20.85 20.85
CA GLN D 791 30.82 19.95 21.25
C GLN D 791 31.21 19.09 22.44
N ASN D 792 32.45 18.61 22.46
CA ASN D 792 32.94 17.83 23.60
C ASN D 792 32.97 18.68 24.87
N ALA D 793 33.43 19.92 24.77
CA ALA D 793 33.47 20.80 25.94
C ALA D 793 32.08 21.12 26.45
N PHE D 794 31.12 21.36 25.55
CA PHE D 794 29.77 21.64 26.00
C PHE D 794 29.09 20.42 26.61
N PHE D 795 29.37 19.23 26.09
CA PHE D 795 28.85 18.01 26.71
C PHE D 795 29.43 17.83 28.11
N SER D 796 30.72 18.14 28.29
CA SER D 796 31.31 18.09 29.62
C SER D 796 30.63 19.07 30.57
N ILE D 797 30.31 20.27 30.08
CA ILE D 797 29.60 21.27 30.88
C ILE D 797 28.22 20.75 31.28
N LEU D 798 27.51 20.12 30.34
CA LEU D 798 26.18 19.58 30.63
C LEU D 798 26.24 18.49 31.70
N VAL D 799 27.23 17.59 31.60
CA VAL D 799 27.35 16.53 32.59
C VAL D 799 27.71 17.11 33.96
N TYR D 800 28.57 18.14 33.98
CA TYR D 800 28.92 18.78 35.24
C TYR D 800 27.71 19.41 35.90
N PHE D 801 26.85 20.07 35.12
CA PHE D 801 25.69 20.71 35.70
C PHE D 801 24.64 19.70 36.12
N TRP D 802 24.55 18.56 35.42
CA TRP D 802 23.69 17.48 35.90
C TRP D 802 24.15 16.95 37.25
N GLU D 803 25.47 16.77 37.41
CA GLU D 803 26.02 16.34 38.69
C GLU D 803 25.74 17.35 39.79
N LYS D 804 25.88 18.64 39.46
CA LYS D 804 25.61 19.70 40.42
C LYS D 804 24.16 19.70 40.86
N LEU D 805 23.23 19.50 39.91
CA LEU D 805 21.81 19.43 40.25
C LEU D 805 21.51 18.22 41.11
N GLN D 806 22.15 17.08 40.83
CA GLN D 806 21.93 15.89 41.66
C GLN D 806 22.51 16.06 43.05
N LYS D 807 23.58 16.84 43.18
CA LYS D 807 24.23 17.00 44.48
C LYS D 807 23.51 18.03 45.35
N GLU D 808 23.39 19.27 44.86
CA GLU D 808 22.91 20.36 45.70
C GLU D 808 21.43 20.21 46.03
N TYR D 809 20.61 19.96 45.02
CA TYR D 809 19.21 19.64 45.22
C TYR D 809 19.05 18.13 45.07
N ASN D 810 17.82 17.66 45.22
CA ASN D 810 17.58 16.23 45.03
C ASN D 810 17.17 15.93 43.59
N GLY D 811 17.91 16.48 42.64
CA GLY D 811 17.58 16.34 41.24
C GLY D 811 16.27 16.97 40.83
N GLN D 812 15.77 17.94 41.59
CA GLN D 812 14.48 18.55 41.32
C GLN D 812 14.70 19.97 40.82
N ILE D 813 14.17 20.27 39.64
CA ILE D 813 14.27 21.62 39.10
C ILE D 813 13.40 22.58 39.91
N LYS D 814 12.26 22.11 40.41
CA LYS D 814 11.33 22.96 41.16
C LYS D 814 11.91 23.44 42.49
N LYS D 815 12.93 22.75 43.02
CA LYS D 815 13.58 23.20 44.24
C LYS D 815 14.64 24.26 43.99
N VAL D 816 15.03 24.50 42.74
CA VAL D 816 16.07 25.48 42.44
C VAL D 816 15.47 26.87 42.61
N PHE D 817 15.95 27.61 43.60
CA PHE D 817 15.38 28.91 43.92
C PHE D 817 15.96 29.96 42.97
N CYS D 818 15.10 30.52 42.13
CA CYS D 818 15.48 31.58 41.20
C CYS D 818 14.39 32.63 41.20
N PRO D 819 14.62 33.76 41.88
CA PRO D 819 13.60 34.82 41.90
C PRO D 819 13.33 35.46 40.55
N THR D 820 14.33 35.48 39.65
CA THR D 820 14.14 36.08 38.34
C THR D 820 13.11 35.32 37.53
N ILE D 821 13.22 34.00 37.48
CA ILE D 821 12.30 33.19 36.69
C ILE D 821 10.89 33.25 37.27
N GLU D 822 10.78 33.25 38.61
CA GLU D 822 9.48 33.35 39.25
C GLU D 822 8.81 34.69 38.95
N SER D 823 9.57 35.79 39.04
CA SER D 823 9.01 37.11 38.74
C SER D 823 8.60 37.22 37.28
N GLU D 824 9.42 36.69 36.37
CA GLU D 824 9.08 36.77 34.95
C GLU D 824 7.85 35.92 34.62
N THR D 825 7.72 34.75 35.26
CA THR D 825 6.53 33.93 35.04
C THR D 825 5.28 34.61 35.58
N GLU D 826 5.37 35.24 36.75
CA GLU D 826 4.22 35.95 37.29
C GLU D 826 3.82 37.12 36.41
N ALA D 827 4.80 37.87 35.90
CA ALA D 827 4.52 38.97 34.99
C ALA D 827 3.89 38.46 33.70
N TYR D 828 4.39 37.34 33.17
CA TYR D 828 3.81 36.77 31.95
C TYR D 828 2.38 36.28 32.18
N ARG D 829 2.12 35.67 33.34
CA ARG D 829 0.77 35.20 33.65
C ARG D 829 -0.20 36.37 33.80
N LYS D 830 0.23 37.45 34.46
CA LYS D 830 -0.64 38.61 34.57
C LYS D 830 -0.82 39.31 33.24
N SER D 831 0.16 39.21 32.35
CA SER D 831 0.02 39.79 31.02
C SER D 831 -0.89 38.96 30.12
N GLN D 832 -0.98 37.66 30.35
CA GLN D 832 -1.74 36.78 29.45
C GLN D 832 -3.19 36.63 29.85
N ASP D 833 -3.63 37.23 30.95
CA ASP D 833 -5.02 37.11 31.40
C ASP D 833 -5.83 38.24 30.78
N THR D 834 -6.60 37.93 29.74
CA THR D 834 -7.35 38.94 29.02
C THR D 834 -8.61 39.38 29.76
N LEU D 835 -9.20 38.50 30.56
CA LEU D 835 -10.44 38.85 31.27
C LEU D 835 -10.20 39.93 32.30
N HIS D 836 -9.07 39.86 33.02
CA HIS D 836 -8.73 40.90 33.99
C HIS D 836 -8.50 42.24 33.30
N ARG D 837 -7.85 42.22 32.13
CA ARG D 837 -7.65 43.46 31.39
C ARG D 837 -8.98 44.02 30.90
N PHE D 838 -9.90 43.14 30.47
CA PHE D 838 -11.23 43.60 30.06
C PHE D 838 -11.97 44.24 31.23
N ILE D 839 -11.90 43.60 32.40
CA ILE D 839 -12.60 44.11 33.58
C ILE D 839 -12.04 45.46 33.99
N THR D 840 -10.70 45.60 33.95
CA THR D 840 -10.08 46.88 34.24
C THR D 840 -10.45 47.94 33.22
N GLU D 841 -10.54 47.57 31.93
CA GLU D 841 -10.69 48.55 30.87
C GLU D 841 -12.12 49.03 30.72
N ARG D 842 -13.10 48.12 30.79
CA ARG D 842 -14.46 48.45 30.41
C ARG D 842 -15.49 48.32 31.52
N VAL D 843 -15.11 47.88 32.71
CA VAL D 843 -16.04 47.77 33.84
C VAL D 843 -15.58 48.76 34.91
N VAL D 844 -16.49 49.66 35.29
CA VAL D 844 -16.22 50.67 36.30
C VAL D 844 -17.30 50.61 37.36
N GLU D 845 -16.96 51.09 38.55
CA GLU D 845 -17.93 51.13 39.65
C GLU D 845 -19.00 52.18 39.39
N SER D 846 -20.26 51.78 39.50
CA SER D 846 -21.41 52.66 39.28
C SER D 846 -22.27 52.66 40.55
N PRO D 847 -22.07 53.64 41.43
CA PRO D 847 -22.88 53.69 42.66
C PRO D 847 -24.30 54.12 42.38
N SER D 848 -25.24 53.48 43.10
CA SER D 848 -26.68 53.76 43.02
C SER D 848 -27.22 53.58 41.60
N ALA D 849 -26.74 52.55 40.92
CA ALA D 849 -27.17 52.26 39.55
C ALA D 849 -28.32 51.27 39.58
N GLU D 850 -29.40 51.60 38.87
CA GLU D 850 -30.58 50.75 38.81
C GLU D 850 -30.55 49.78 37.65
N THR D 851 -29.49 49.77 36.85
CA THR D 851 -29.39 48.86 35.72
C THR D 851 -28.83 47.52 36.18
N VAL D 852 -29.54 46.44 35.84
CA VAL D 852 -29.17 45.09 36.21
C VAL D 852 -28.45 44.45 35.03
N TYR D 853 -27.24 43.95 35.26
CA TYR D 853 -26.43 43.32 34.23
C TYR D 853 -26.37 41.82 34.51
N ASN D 854 -26.91 41.02 33.59
CA ASN D 854 -26.81 39.57 33.68
C ASN D 854 -25.46 39.10 33.17
N LEU D 855 -25.23 37.78 33.23
CA LEU D 855 -23.97 37.25 32.71
C LEU D 855 -23.93 37.24 31.19
N SER D 856 -25.09 37.18 30.53
CA SER D 856 -25.11 37.08 29.07
C SER D 856 -24.52 38.33 28.41
N GLU D 857 -24.90 39.52 28.87
CA GLU D 857 -24.44 40.74 28.26
C GLU D 857 -22.93 40.95 28.44
N VAL D 858 -22.41 40.63 29.63
CA VAL D 858 -20.97 40.80 29.85
C VAL D 858 -20.19 39.70 29.10
N VAL D 859 -20.75 38.50 29.01
CA VAL D 859 -20.08 37.43 28.22
C VAL D 859 -19.85 37.96 26.81
N THR D 860 -20.91 38.48 26.17
CA THR D 860 -20.80 39.02 24.79
C THR D 860 -19.79 40.19 24.78
N ALA D 861 -19.85 41.04 25.81
CA ALA D 861 -18.95 42.21 25.87
C ALA D 861 -17.50 41.74 25.85
N TYR D 862 -17.18 40.72 26.65
CA TYR D 862 -15.79 40.20 26.73
C TYR D 862 -15.39 39.61 25.38
N ALA D 863 -16.33 38.92 24.72
CA ALA D 863 -16.03 38.33 23.38
C ALA D 863 -15.63 39.45 22.42
N GLU D 864 -16.40 40.54 22.39
CA GLU D 864 -16.06 41.70 21.52
C GLU D 864 -14.70 42.25 21.96
N TRP D 865 -14.50 42.42 23.26
CA TRP D 865 -13.22 42.97 23.79
C TRP D 865 -12.06 42.04 23.38
N TYR D 866 -12.30 40.72 23.41
CA TYR D 866 -11.24 39.75 23.01
C TYR D 866 -10.86 39.99 21.55
N ASN D 867 -11.87 40.11 20.67
CA ASN D 867 -11.59 40.28 19.23
C ASN D 867 -10.83 41.58 18.98
N THR D 868 -11.21 42.66 19.67
CA THR D 868 -10.54 43.98 19.46
C THR D 868 -9.17 43.98 20.12
N ASN D 869 -9.05 43.43 21.33
CA ASN D 869 -7.76 43.44 22.07
C ASN D 869 -6.78 42.43 21.46
N ILE D 870 -7.22 41.17 21.29
CA ILE D 870 -6.32 40.11 20.77
C ILE D 870 -6.83 39.68 19.40
N ASN D 871 -6.16 38.70 18.77
CA ASN D 871 -6.65 38.18 17.46
C ASN D 871 -8.12 37.75 17.62
N VAL D 872 -8.96 38.09 16.64
CA VAL D 872 -10.42 37.77 16.73
C VAL D 872 -10.56 36.28 17.05
N LYS D 873 -11.38 35.94 18.06
CA LYS D 873 -11.53 34.53 18.49
C LYS D 873 -12.92 34.33 19.10
N ARG D 874 -13.51 33.14 18.92
CA ARG D 874 -14.83 32.83 19.54
C ARG D 874 -14.62 31.82 20.67
N HIS D 875 -15.18 32.10 21.85
CA HIS D 875 -14.99 31.19 23.03
C HIS D 875 -16.37 30.73 23.53
N ILE D 876 -16.41 29.57 24.18
CA ILE D 876 -17.69 29.04 24.74
C ILE D 876 -18.21 30.04 25.78
N ALA D 877 -19.42 30.54 25.59
CA ALA D 877 -20.02 31.50 26.55
C ALA D 877 -20.10 30.80 27.90
N LEU D 878 -20.62 29.56 27.92
CA LEU D 878 -20.81 28.82 29.19
C LEU D 878 -19.46 28.68 29.90
N GLU D 879 -18.43 28.24 29.16
CA GLU D 879 -17.08 28.07 29.76
C GLU D 879 -16.58 29.45 30.22
N LEU D 880 -16.76 30.48 29.38
CA LEU D 880 -16.32 31.84 29.73
C LEU D 880 -17.05 32.32 30.98
N SER D 881 -18.35 32.03 31.07
CA SER D 881 -19.17 32.49 32.23
C SER D 881 -18.59 31.92 33.52
N GLN D 882 -18.22 30.64 33.52
CA GLN D 882 -17.57 30.05 34.72
C GLN D 882 -16.21 30.73 34.93
N GLU D 883 -15.41 30.86 33.87
CA GLU D 883 -14.12 31.57 33.97
C GLU D 883 -14.39 32.97 34.53
N LEU D 884 -15.64 33.41 34.51
CA LEU D 884 -15.99 34.76 35.00
C LEU D 884 -16.68 34.62 36.36
N GLU D 885 -17.23 33.44 36.65
CA GLU D 885 -17.87 33.19 37.96
C GLU D 885 -16.82 33.41 39.05
N ASN D 886 -15.62 32.87 38.86
CA ASN D 886 -14.54 33.00 39.87
C ASN D 886 -13.67 34.22 39.55
N SER D 887 -14.12 35.07 38.63
CA SER D 887 -13.36 36.29 38.27
C SER D 887 -13.49 37.33 39.39
N VAL D 888 -12.82 38.48 39.26
CA VAL D 888 -12.85 39.52 40.31
C VAL D 888 -14.31 39.90 40.61
N LEU D 889 -15.19 39.73 39.62
CA LEU D 889 -16.63 40.10 39.79
C LEU D 889 -17.26 39.21 40.85
N GLU D 890 -16.59 38.14 41.25
CA GLU D 890 -17.13 37.19 42.27
C GLU D 890 -17.93 37.86 43.40
N LYS D 891 -17.41 38.95 43.96
CA LYS D 891 -18.15 39.67 45.04
C LYS D 891 -19.47 40.24 44.50
N TYR D 892 -19.42 40.98 43.38
CA TYR D 892 -20.66 41.63 42.87
C TYR D 892 -21.63 40.58 42.31
N LEU D 893 -21.10 39.48 41.76
CA LEU D 893 -21.96 38.42 41.17
C LEU D 893 -23.00 37.99 42.20
N GLN D 894 -24.29 37.96 41.81
CA GLN D 894 -25.37 37.60 42.77
C GLN D 894 -26.43 36.74 42.06
N TRP D 895 -27.03 35.79 42.78
CA TRP D 895 -28.05 34.88 42.19
C TRP D 895 -29.36 35.63 41.95
N SER D 896 -30.13 35.23 40.93
CA SER D 896 -31.41 35.90 40.61
C SER D 896 -32.59 35.07 41.11
N PRO D 897 -33.84 35.60 41.11
CA PRO D 897 -35.01 34.81 41.51
C PRO D 897 -35.13 33.55 40.64
N ASN D 898 -34.79 33.66 39.35
CA ASN D 898 -34.82 32.48 38.44
C ASN D 898 -33.45 31.83 38.55
N LYS D 899 -32.95 31.64 39.79
CA LYS D 899 -31.64 30.98 40.02
C LYS D 899 -30.60 31.34 38.94
N THR D 900 -30.56 32.61 38.52
CA THR D 900 -29.52 33.04 37.54
C THR D 900 -28.80 34.23 38.18
N ARG D 901 -28.03 34.98 37.39
CA ARG D 901 -27.26 36.10 37.93
C ARG D 901 -27.88 37.48 37.68
N ILE D 902 -28.09 38.23 38.76
CA ILE D 902 -28.86 39.47 38.73
C ILE D 902 -27.94 40.60 39.21
N LEU D 903 -26.65 40.47 38.88
CA LEU D 903 -25.60 41.40 39.28
C LEU D 903 -25.94 42.85 38.97
N LYS D 904 -26.03 43.66 40.01
CA LYS D 904 -26.36 45.07 39.91
C LYS D 904 -25.11 45.92 40.10
N GLY D 905 -25.18 47.15 39.59
CA GLY D 905 -24.02 48.01 39.61
C GLY D 905 -22.99 47.55 38.59
N CYS D 906 -21.82 48.18 38.66
CA CYS D 906 -20.67 47.90 37.80
C CYS D 906 -21.04 48.00 36.33
N ARG D 907 -21.38 49.21 35.91
CA ARG D 907 -21.88 49.42 34.56
C ARG D 907 -20.77 49.25 33.53
N ILE D 908 -21.16 48.81 32.34
CA ILE D 908 -20.23 48.50 31.27
C ILE D 908 -20.12 49.71 30.34
N LEU D 909 -18.88 50.10 30.03
CA LEU D 909 -18.64 51.27 29.18
C LEU D 909 -19.18 51.09 27.77
N HIS D 910 -19.10 49.87 27.22
CA HIS D 910 -19.62 49.42 25.92
C HIS D 910 -19.22 50.35 24.76
N LYS D 911 -18.12 51.08 24.91
CA LYS D 911 -17.60 52.01 23.91
C LYS D 911 -16.23 52.47 24.41
N PHE D 912 -15.60 53.35 23.63
CA PHE D 912 -14.41 54.02 24.09
C PHE D 912 -14.77 55.17 25.03
N GLU D 913 -13.87 55.45 25.97
CA GLU D 913 -13.98 56.53 26.96
C GLU D 913 -15.24 56.31 27.80
N THR D 914 -16.20 57.24 27.78
CA THR D 914 -17.39 57.23 28.65
C THR D 914 -17.00 57.07 30.11
N LEU D 915 -16.27 58.06 30.61
CA LEU D 915 -15.75 58.02 31.97
C LEU D 915 -16.89 58.15 32.98
N GLN D 916 -16.82 57.35 34.03
CA GLN D 916 -17.92 57.28 35.00
C GLN D 916 -17.92 58.54 35.88
N PRO D 917 -19.07 59.17 36.08
CA PRO D 917 -19.14 60.33 37.00
C PRO D 917 -18.86 59.98 38.46
N GLY D 918 -18.95 58.71 38.84
CA GLY D 918 -18.64 58.30 40.18
C GLY D 918 -17.14 58.12 40.39
N GLU D 919 -16.74 57.00 41.00
CA GLU D 919 -15.33 56.79 41.31
C GLU D 919 -15.08 55.29 41.42
N SER D 920 -13.80 54.95 41.64
CA SER D 920 -13.29 53.60 41.92
C SER D 920 -13.45 52.63 40.76
N TYR D 921 -12.76 51.49 40.86
CA TYR D 921 -12.84 50.42 39.88
C TYR D 921 -13.04 49.09 40.60
N ILE D 922 -13.94 48.26 40.06
CA ILE D 922 -14.24 46.94 40.70
C ILE D 922 -13.15 45.95 40.29
N GLY D 923 -12.52 46.17 39.13
CA GLY D 923 -11.47 45.27 38.64
C GLY D 923 -10.18 46.02 38.34
N VAL D 924 -9.90 47.09 39.08
CA VAL D 924 -8.66 47.89 38.86
C VAL D 924 -7.46 46.96 38.98
N SER D 925 -7.48 46.06 39.98
CA SER D 925 -6.37 45.11 40.19
C SER D 925 -6.89 43.83 40.84
N CYS D 936 25.52 39.21 41.72
CA CYS D 936 26.03 38.81 43.02
C CYS D 936 27.56 38.67 42.98
N GLU D 937 28.04 37.47 42.65
CA GLU D 937 29.48 37.20 42.54
C GLU D 937 29.76 36.49 41.21
N PRO D 938 29.78 37.23 40.10
CA PRO D 938 30.06 36.62 38.80
C PRO D 938 31.50 36.74 38.31
N LYS D 939 32.41 37.29 39.11
CA LYS D 939 33.73 37.64 38.60
C LYS D 939 34.62 36.42 38.41
N ASN D 940 34.47 35.41 39.25
CA ASN D 940 35.29 34.20 39.15
C ASN D 940 34.49 33.00 39.63
N LYS D 941 34.55 31.91 38.85
CA LYS D 941 33.95 30.63 39.19
C LYS D 941 32.45 30.74 39.42
N TRP D 942 31.75 31.35 38.45
CA TRP D 942 30.30 31.47 38.58
C TRP D 942 29.58 30.13 38.49
N TRP D 943 30.21 29.14 37.87
CA TRP D 943 29.55 27.85 37.68
C TRP D 943 29.48 27.03 38.96
N GLU D 944 30.24 27.38 39.99
CA GLU D 944 30.22 26.65 41.24
C GLU D 944 29.62 27.48 42.37
N TRP D 945 28.82 28.49 42.03
CA TRP D 945 28.14 29.28 43.05
C TRP D 945 27.07 28.44 43.73
N SER D 946 26.96 28.62 45.04
CA SER D 946 26.00 27.87 45.84
C SER D 946 25.24 28.83 46.75
N PRO D 947 23.97 28.55 47.03
CA PRO D 947 23.21 29.44 47.93
C PRO D 947 23.67 29.27 49.37
N ASN D 948 23.50 30.36 50.13
CA ASN D 948 23.96 30.38 51.52
C ASN D 948 23.27 29.35 52.43
N PRO D 949 21.93 29.16 52.39
CA PRO D 949 21.46 28.04 53.20
C PRO D 949 21.74 26.68 52.57
N ARG E 301 53.56 -9.14 4.36
CA ARG E 301 54.83 -9.48 3.74
C ARG E 301 54.88 -8.99 2.29
N TYR E 302 53.75 -9.13 1.58
CA TYR E 302 53.62 -8.54 0.26
C TYR E 302 53.64 -7.03 0.33
N LEU E 303 53.00 -6.48 1.38
CA LEU E 303 53.06 -5.05 1.63
C LEU E 303 54.49 -4.58 1.89
N HIS E 304 55.30 -5.43 2.54
CA HIS E 304 56.71 -5.09 2.75
C HIS E 304 57.47 -5.07 1.43
N LYS E 305 57.15 -5.98 0.52
CA LYS E 305 57.79 -5.96 -0.81
C LYS E 305 57.37 -4.71 -1.58
N ILE E 306 56.11 -4.29 -1.45
CA ILE E 306 55.64 -3.06 -2.09
C ILE E 306 56.36 -1.86 -1.50
N LEU E 307 56.54 -1.83 -0.18
CA LEU E 307 57.28 -0.74 0.46
C LEU E 307 58.75 -0.72 0.03
N ASN E 308 59.35 -1.91 -0.11
CA ASN E 308 60.72 -2.01 -0.60
C ASN E 308 60.83 -1.54 -2.04
N LEU E 309 59.75 -1.68 -2.82
CA LEU E 309 59.74 -1.16 -4.18
C LEU E 309 59.81 0.37 -4.18
N LEU E 310 59.23 1.01 -3.17
CA LEU E 310 59.28 2.46 -3.07
C LEU E 310 60.71 2.93 -2.79
N PRO E 311 61.16 3.99 -3.45
CA PRO E 311 62.53 4.48 -3.25
C PRO E 311 62.66 5.23 -1.93
N PRO E 312 63.89 5.45 -1.45
CA PRO E 312 64.07 6.30 -0.26
C PRO E 312 63.76 7.77 -0.50
N GLU E 313 63.45 8.19 -1.73
CA GLU E 313 62.98 9.55 -1.97
C GLU E 313 61.67 9.84 -1.25
N TYR E 314 60.89 8.81 -0.93
CA TYR E 314 59.68 9.00 -0.13
C TYR E 314 60.01 9.29 1.33
N TYR E 315 61.09 8.71 1.85
CA TYR E 315 61.52 9.07 3.20
C TYR E 315 62.23 10.42 3.21
N VAL E 316 62.89 10.78 2.10
CA VAL E 316 63.62 12.04 2.03
C VAL E 316 62.66 13.23 2.14
N GLU E 317 61.56 13.18 1.40
CA GLU E 317 60.58 14.26 1.46
C GLU E 317 59.59 13.97 2.59
N TYR E 318 59.43 14.92 3.50
CA TYR E 318 58.60 14.74 4.68
C TYR E 318 57.09 14.70 4.38
N PRO E 319 56.54 15.44 3.40
CA PRO E 319 55.17 15.13 2.97
C PRO E 319 54.98 13.70 2.48
N LEU E 320 55.94 13.16 1.72
CA LEU E 320 55.83 11.77 1.27
C LEU E 320 55.98 10.80 2.45
N TRP E 321 56.86 11.14 3.39
CA TRP E 321 57.02 10.35 4.61
C TRP E 321 55.72 10.30 5.40
N SER E 322 55.06 11.46 5.56
CA SER E 322 53.80 11.53 6.29
C SER E 322 52.69 10.79 5.54
N ASN E 323 52.69 10.87 4.20
CA ASN E 323 51.70 10.14 3.41
C ASN E 323 51.86 8.63 3.60
N VAL E 324 53.10 8.14 3.55
CA VAL E 324 53.36 6.71 3.72
C VAL E 324 52.97 6.26 5.14
N VAL E 325 53.33 7.05 6.15
CA VAL E 325 53.02 6.67 7.54
C VAL E 325 51.52 6.67 7.79
N PHE E 326 50.80 7.68 7.27
CA PHE E 326 49.36 7.74 7.47
C PHE E 326 48.63 6.71 6.63
N ALA E 327 49.20 6.30 5.49
CA ALA E 327 48.62 5.20 4.74
C ALA E 327 48.77 3.88 5.48
N LEU E 328 49.93 3.66 6.08
CA LEU E 328 50.14 2.42 6.85
C LEU E 328 49.36 2.43 8.16
N ALA E 329 49.09 3.62 8.71
CA ALA E 329 48.45 3.71 10.01
C ALA E 329 46.97 3.36 9.95
N ASN E 330 46.32 3.48 8.80
CA ASN E 330 44.91 3.20 8.65
C ASN E 330 44.62 1.75 8.29
N THR E 331 45.65 0.93 8.06
CA THR E 331 45.46 -0.44 7.59
C THR E 331 45.80 -1.46 8.65
N SER E 332 47.03 -1.46 9.17
CA SER E 332 47.46 -2.43 10.17
C SER E 332 47.19 -1.96 11.59
N ALA E 333 46.91 -0.67 11.79
CA ALA E 333 46.61 -0.07 13.09
C ALA E 333 47.74 -0.27 14.10
N ASN E 334 48.98 -0.32 13.62
CA ASN E 334 50.14 -0.54 14.47
C ASN E 334 51.36 0.09 13.80
N TYR E 335 52.54 -0.25 14.29
CA TYR E 335 53.79 0.31 13.78
C TYR E 335 54.75 -0.76 13.27
N ARG E 336 54.33 -2.03 13.18
CA ARG E 336 55.24 -3.08 12.72
C ARG E 336 55.68 -2.91 11.27
N PRO E 337 54.81 -2.67 10.27
CA PRO E 337 55.35 -2.30 8.96
C PRO E 337 56.07 -0.96 8.96
N LEU E 338 55.63 -0.03 9.82
CA LEU E 338 56.34 1.24 9.97
C LEU E 338 57.75 1.02 10.49
N ALA E 339 57.89 0.18 11.53
CA ALA E 339 59.22 -0.10 12.08
C ALA E 339 60.10 -0.85 11.08
N GLU E 340 59.51 -1.79 10.33
CA GLU E 340 60.28 -2.51 9.31
C GLU E 340 60.75 -1.57 8.21
N TRP E 341 59.88 -0.65 7.76
CA TRP E 341 60.27 0.31 6.74
C TRP E 341 61.34 1.27 7.25
N PHE E 342 61.22 1.68 8.52
CA PHE E 342 62.21 2.60 9.09
C PHE E 342 63.57 1.93 9.24
N SER E 343 63.58 0.67 9.66
CA SER E 343 64.85 -0.05 9.80
C SER E 343 65.46 -0.36 8.45
N GLN E 344 64.64 -0.69 7.45
CA GLN E 344 65.17 -1.07 6.15
C GLN E 344 65.64 0.13 5.34
N LYS E 345 64.91 1.24 5.39
CA LYS E 345 65.16 2.36 4.49
C LYS E 345 66.01 3.46 5.11
N CYS E 346 65.78 3.81 6.38
CA CYS E 346 66.44 4.93 7.02
C CYS E 346 67.05 4.49 8.35
N PRO E 347 68.22 3.85 8.32
CA PRO E 347 68.86 3.45 9.59
C PRO E 347 69.38 4.63 10.40
N GLU E 348 69.65 5.78 9.78
CA GLU E 348 70.19 6.92 10.51
C GLU E 348 69.13 7.61 11.37
N LYS E 349 67.90 7.72 10.84
CA LYS E 349 66.84 8.41 11.57
C LYS E 349 65.99 7.48 12.42
N TRP E 350 65.99 6.18 12.14
CA TRP E 350 65.24 5.23 12.96
C TRP E 350 65.85 5.12 14.36
N ASN E 351 67.17 5.13 14.45
CA ASN E 351 67.85 5.03 15.74
C ASN E 351 67.93 6.40 16.41
N THR E 352 68.65 6.42 17.54
CA THR E 352 68.85 7.62 18.38
C THR E 352 67.51 8.22 18.81
N GLY E 353 66.56 7.35 19.14
CA GLY E 353 65.26 7.79 19.60
C GLY E 353 64.79 7.06 20.85
N GLY E 354 65.46 5.97 21.19
CA GLY E 354 65.09 5.19 22.35
C GLY E 354 63.72 4.54 22.27
N LYS E 355 63.31 4.11 21.08
CA LYS E 355 62.01 3.48 20.81
C LYS E 355 60.83 4.34 21.24
N GLU E 356 60.97 5.66 21.14
CA GLU E 356 59.90 6.61 21.44
C GLU E 356 59.65 7.59 20.32
N LYS E 357 60.67 7.91 19.52
CA LYS E 357 60.49 8.80 18.38
C LYS E 357 59.57 8.19 17.33
N LEU E 358 59.66 6.88 17.13
CA LEU E 358 58.80 6.20 16.16
C LEU E 358 57.33 6.28 16.56
N GLU E 359 57.04 6.00 17.83
CA GLU E 359 55.67 6.10 18.32
C GLU E 359 55.17 7.54 18.32
N LYS E 360 56.05 8.49 18.66
CA LYS E 360 55.68 9.91 18.64
C LYS E 360 55.33 10.36 17.23
N LEU E 361 56.14 9.98 16.24
CA LEU E 361 55.88 10.35 14.86
C LEU E 361 54.63 9.66 14.32
N TRP E 362 54.41 8.39 14.71
CA TRP E 362 53.21 7.69 14.28
C TRP E 362 51.95 8.32 14.86
N ASN E 363 51.99 8.72 16.13
CA ASN E 363 50.85 9.41 16.73
C ASN E 363 50.65 10.79 16.12
N ASP E 364 51.73 11.47 15.75
CA ASP E 364 51.61 12.78 15.11
C ASP E 364 50.99 12.65 13.71
N ALA E 365 51.40 11.64 12.95
CA ALA E 365 50.93 11.47 11.58
C ALA E 365 49.63 10.67 11.47
N SER E 366 49.13 10.12 12.57
CA SER E 366 47.87 9.38 12.53
C SER E 366 46.65 10.29 12.44
N HIS E 367 46.81 11.61 12.52
CA HIS E 367 45.70 12.56 12.49
C HIS E 367 46.00 13.71 11.54
N HIS E 368 46.43 13.38 10.31
CA HIS E 368 46.94 14.37 9.36
C HIS E 368 45.97 14.52 8.20
N THR E 369 45.51 15.76 7.97
CA THR E 369 44.78 16.26 6.80
C THR E 369 43.43 15.59 6.54
N GLU E 370 43.00 14.67 7.42
CA GLU E 370 41.69 14.03 7.43
C GLU E 370 41.34 13.29 6.14
N LYS E 371 42.32 12.99 5.29
CA LYS E 371 42.08 12.27 4.04
C LYS E 371 42.58 10.84 4.21
N LYS E 372 41.67 9.88 4.06
CA LYS E 372 41.99 8.48 4.32
C LYS E 372 42.81 7.93 3.16
N ILE E 373 44.09 8.25 3.17
CA ILE E 373 45.06 7.59 2.30
C ILE E 373 45.29 6.18 2.84
N THR E 374 45.30 5.19 1.95
CA THR E 374 45.35 3.80 2.38
C THR E 374 46.36 2.99 1.58
N LYS E 375 46.29 1.66 1.72
CA LYS E 375 47.24 0.76 1.09
C LYS E 375 47.18 0.81 -0.44
N ARG E 376 45.99 1.09 -0.99
CA ARG E 376 45.83 1.20 -2.43
C ARG E 376 46.65 2.34 -3.00
N SER E 377 46.81 3.43 -2.23
CA SER E 377 47.68 4.51 -2.64
C SER E 377 49.14 4.05 -2.73
N ILE E 378 49.58 3.21 -1.78
CA ILE E 378 50.93 2.69 -1.82
C ILE E 378 51.13 1.79 -3.02
N MET E 379 50.11 0.97 -3.35
CA MET E 379 50.20 0.17 -4.56
C MET E 379 50.26 1.02 -5.82
N TYR E 380 49.48 2.11 -5.85
CA TYR E 380 49.54 3.02 -7.00
C TYR E 380 50.90 3.70 -7.12
N TRP E 381 51.49 4.10 -5.99
CA TRP E 381 52.82 4.70 -6.02
C TRP E 381 53.88 3.70 -6.48
N ALA E 382 53.78 2.45 -6.02
CA ALA E 382 54.70 1.42 -6.46
C ALA E 382 54.54 1.12 -7.95
N HIS E 383 53.30 1.16 -8.44
CA HIS E 383 53.06 0.97 -9.87
C HIS E 383 53.61 2.13 -10.67
N LYS E 384 53.49 3.34 -10.12
CA LYS E 384 54.02 4.55 -10.82
C LYS E 384 55.55 4.52 -10.75
N HIS E 385 56.10 4.24 -9.57
CA HIS E 385 57.58 4.17 -9.40
C HIS E 385 58.14 3.08 -10.31
N ALA E 386 57.48 1.91 -10.33
CA ALA E 386 57.94 0.79 -11.18
C ALA E 386 56.74 -0.05 -11.60
N PRO E 387 56.13 0.21 -12.78
CA PRO E 387 54.94 -0.53 -13.22
C PRO E 387 55.23 -2.02 -13.42
N GLN E 388 56.35 -2.34 -14.07
CA GLN E 388 56.71 -3.76 -14.33
C GLN E 388 56.94 -4.48 -12.98
N GLN E 389 57.65 -3.83 -12.07
CA GLN E 389 57.91 -4.43 -10.72
C GLN E 389 56.57 -4.63 -10.00
N TYR E 390 55.69 -3.63 -10.08
CA TYR E 390 54.34 -3.78 -9.47
C TYR E 390 53.57 -4.86 -10.23
N LYS E 391 53.72 -4.89 -11.56
CA LYS E 391 53.03 -5.92 -12.39
C LYS E 391 53.48 -7.31 -11.91
N GLU E 392 54.79 -7.50 -11.75
CA GLU E 392 55.31 -8.80 -11.23
C GLU E 392 55.09 -8.82 -9.71
N ILE E 393 55.51 -9.91 -9.05
CA ILE E 393 55.34 -10.04 -7.57
C ILE E 393 53.86 -10.26 -7.28
N VAL E 394 53.00 -9.30 -7.65
CA VAL E 394 51.54 -9.42 -7.40
C VAL E 394 51.01 -10.64 -8.15
N GLU E 395 51.54 -10.90 -9.35
CA GLU E 395 51.12 -12.08 -10.15
C GLU E 395 51.32 -13.33 -9.28
N GLN E 396 52.51 -13.46 -8.67
CA GLN E 396 52.79 -14.61 -7.78
C GLN E 396 52.08 -14.41 -6.44
N GLY E 397 51.79 -13.16 -6.07
CA GLY E 397 51.16 -12.88 -4.77
C GLY E 397 49.85 -13.63 -4.62
N TYR E 398 48.97 -13.52 -5.61
CA TYR E 398 47.67 -14.27 -5.56
C TYR E 398 47.91 -15.69 -6.07
N PHE E 399 48.89 -15.87 -6.96
CA PHE E 399 49.23 -17.22 -7.47
C PHE E 399 49.67 -18.10 -6.29
N SER E 400 50.46 -17.53 -5.38
CA SER E 400 50.92 -18.27 -4.19
C SER E 400 49.71 -18.67 -3.33
N ILE E 401 48.76 -17.75 -3.17
CA ILE E 401 47.53 -18.05 -2.36
C ILE E 401 46.83 -19.25 -2.99
N LEU E 402 46.62 -19.21 -4.31
CA LEU E 402 45.92 -20.33 -5.01
C LEU E 402 46.74 -21.60 -4.86
N ALA E 403 48.06 -21.51 -5.04
CA ALA E 403 48.94 -22.69 -4.93
C ALA E 403 48.87 -23.26 -3.51
N GLU E 404 48.98 -22.39 -2.50
CA GLU E 404 48.89 -22.84 -1.09
C GLU E 404 47.58 -23.60 -0.91
N TYR E 405 46.47 -23.02 -1.36
CA TYR E 405 45.16 -23.67 -1.21
C TYR E 405 45.12 -25.00 -1.95
N VAL E 406 45.60 -25.02 -3.19
CA VAL E 406 45.52 -26.23 -4.01
C VAL E 406 46.48 -27.30 -3.51
N TYR E 407 47.53 -26.94 -2.79
CA TYR E 407 48.42 -27.94 -2.24
C TYR E 407 47.98 -28.44 -0.87
N SER E 408 47.33 -27.59 -0.08
CA SER E 408 46.92 -28.01 1.25
C SER E 408 45.50 -28.56 1.29
N TYR E 409 44.75 -28.52 0.18
CA TYR E 409 43.42 -29.13 0.17
C TYR E 409 43.26 -30.14 -0.97
N ASN E 410 44.37 -30.65 -1.50
CA ASN E 410 44.39 -31.75 -2.47
C ASN E 410 43.62 -31.43 -3.74
N GLY E 411 43.72 -30.20 -4.21
CA GLY E 411 43.13 -29.82 -5.47
C GLY E 411 41.65 -29.49 -5.45
N MET E 412 41.00 -29.60 -4.30
CA MET E 412 39.58 -29.27 -4.19
C MET E 412 39.46 -27.80 -3.80
N LEU E 413 38.79 -27.02 -4.64
CA LEU E 413 38.63 -25.60 -4.44
C LEU E 413 37.19 -25.25 -4.16
N GLU E 414 36.96 -24.35 -3.21
CA GLU E 414 35.63 -23.93 -2.83
C GLU E 414 35.50 -22.42 -3.03
N HIS E 415 34.35 -21.88 -2.61
CA HIS E 415 33.99 -20.51 -2.93
C HIS E 415 34.91 -19.50 -2.25
N TYR E 416 35.23 -19.73 -0.98
CA TYR E 416 36.02 -18.75 -0.23
C TYR E 416 37.45 -18.66 -0.73
N MET E 417 38.02 -19.77 -1.19
CA MET E 417 39.40 -19.75 -1.65
C MET E 417 39.57 -18.85 -2.88
N ILE E 418 38.75 -19.08 -3.90
CA ILE E 418 38.87 -18.26 -5.09
C ILE E 418 38.32 -16.86 -4.86
N ALA E 419 37.41 -16.69 -3.89
CA ALA E 419 37.02 -15.33 -3.50
C ALA E 419 38.19 -14.57 -2.90
N LYS E 420 39.00 -15.24 -2.08
CA LYS E 420 40.19 -14.61 -1.51
C LYS E 420 41.22 -14.26 -2.57
N VAL E 421 41.42 -15.15 -3.54
CA VAL E 421 42.36 -14.84 -4.62
C VAL E 421 41.84 -13.70 -5.48
N ILE E 422 40.54 -13.66 -5.74
CA ILE E 422 39.93 -12.59 -6.53
C ILE E 422 40.07 -11.26 -5.80
N TYR E 423 39.86 -11.25 -4.47
CA TYR E 423 40.07 -10.03 -3.70
C TYR E 423 41.53 -9.61 -3.71
N ALA E 424 42.45 -10.57 -3.74
CA ALA E 424 43.86 -10.22 -3.84
C ALA E 424 44.19 -9.58 -5.19
N MET E 425 43.51 -9.99 -6.26
CA MET E 425 43.87 -9.46 -7.57
C MET E 425 42.96 -8.35 -8.08
N MET E 426 41.82 -8.09 -7.42
CA MET E 426 40.92 -7.04 -7.89
C MET E 426 40.34 -6.22 -6.75
N GLY E 427 41.08 -6.08 -5.65
CA GLY E 427 40.53 -5.39 -4.50
C GLY E 427 40.53 -3.87 -4.59
N ASN E 428 41.26 -3.31 -5.55
CA ASN E 428 41.30 -1.86 -5.73
C ASN E 428 40.22 -1.33 -6.64
N LYS E 429 39.46 -2.21 -7.31
CA LYS E 429 38.50 -1.78 -8.30
C LYS E 429 37.05 -1.93 -7.87
N PHE E 430 36.77 -2.69 -6.82
CA PHE E 430 35.41 -2.96 -6.40
C PHE E 430 35.29 -2.72 -4.90
N VAL E 431 34.09 -2.34 -4.47
CA VAL E 431 33.80 -2.17 -3.06
C VAL E 431 32.36 -2.59 -2.83
N VAL E 432 32.06 -3.01 -1.59
CA VAL E 432 30.74 -3.48 -1.21
C VAL E 432 30.31 -2.73 0.04
N ASP E 433 29.06 -2.30 0.09
CA ASP E 433 28.54 -1.76 1.35
C ASP E 433 27.07 -2.07 1.50
N VAL E 434 26.59 -1.97 2.73
CA VAL E 434 25.19 -2.21 3.05
C VAL E 434 24.46 -0.88 3.11
N ASP E 435 23.40 -0.74 2.32
CA ASP E 435 22.63 0.49 2.30
C ASP E 435 21.55 0.46 3.37
N SER E 436 20.62 1.41 3.31
CA SER E 436 19.61 1.54 4.35
C SER E 436 18.55 0.45 4.29
N ASN E 437 18.45 -0.27 3.19
CA ASN E 437 17.46 -1.33 3.04
C ASN E 437 17.99 -2.70 3.45
N GLY E 438 19.23 -2.78 3.89
CA GLY E 438 19.81 -4.06 4.27
C GLY E 438 20.28 -4.90 3.12
N LYS E 439 20.68 -4.28 2.01
CA LYS E 439 21.16 -5.00 0.84
C LYS E 439 22.62 -4.66 0.60
N TYR E 440 23.35 -5.62 0.05
CA TYR E 440 24.75 -5.43 -0.28
C TYR E 440 24.87 -4.89 -1.69
N VAL E 441 25.42 -3.69 -1.82
CA VAL E 441 25.51 -2.97 -3.08
C VAL E 441 26.97 -2.99 -3.52
N TRP E 442 27.20 -3.23 -4.82
CA TRP E 442 28.55 -3.20 -5.34
C TRP E 442 28.83 -1.85 -5.97
N PHE E 443 30.08 -1.43 -5.92
CA PHE E 443 30.52 -0.21 -6.58
C PHE E 443 31.81 -0.52 -7.32
N GLU E 444 31.91 -0.03 -8.54
CA GLU E 444 33.07 -0.25 -9.39
C GLU E 444 33.73 1.08 -9.71
N PHE E 445 35.04 1.15 -9.53
CA PHE E 445 35.82 2.29 -9.99
C PHE E 445 36.04 2.20 -11.48
N VAL E 446 35.74 3.27 -12.20
CA VAL E 446 35.69 3.26 -13.66
C VAL E 446 36.99 3.81 -14.22
N LEU E 447 37.58 3.09 -15.14
CA LEU E 447 38.84 3.41 -15.79
C LEU E 447 38.59 3.85 -17.24
N PRO E 448 39.55 4.57 -17.85
CA PRO E 448 39.33 5.06 -19.23
C PRO E 448 39.05 4.00 -20.26
N GLY E 449 39.69 2.84 -20.20
CA GLY E 449 39.39 1.82 -21.18
C GLY E 449 38.28 0.90 -20.70
N GLN E 450 37.05 1.21 -21.07
CA GLN E 450 35.88 0.55 -20.50
C GLN E 450 34.64 0.90 -21.30
N PRO E 451 33.66 0.00 -21.40
CA PRO E 451 32.35 0.38 -21.96
C PRO E 451 31.63 1.33 -21.02
N MET E 452 31.97 2.61 -21.15
CA MET E 452 31.68 3.62 -20.16
C MET E 452 30.41 4.39 -20.50
N ASN E 453 29.63 4.69 -19.46
CA ASN E 453 28.55 5.66 -19.56
C ASN E 453 29.16 7.05 -19.40
N GLN E 454 28.64 8.03 -20.15
CA GLN E 454 29.30 9.32 -20.28
C GLN E 454 29.34 10.07 -18.95
N GLY E 455 30.54 10.55 -18.59
CA GLY E 455 30.75 11.28 -17.37
C GLY E 455 31.12 10.45 -16.16
N GLU E 456 31.25 9.14 -16.31
CA GLU E 456 31.44 8.24 -15.18
C GLU E 456 32.89 7.92 -14.89
N ILE E 457 33.83 8.56 -15.60
CA ILE E 457 35.24 8.20 -15.47
C ILE E 457 35.78 8.67 -14.13
N TRP E 458 36.70 7.86 -13.58
CA TRP E 458 37.39 8.13 -12.30
C TRP E 458 36.41 8.29 -11.15
N LYS E 459 35.34 7.51 -11.16
CA LYS E 459 34.32 7.57 -10.11
C LYS E 459 33.84 6.17 -9.79
N TRP E 460 33.01 6.07 -8.75
CA TRP E 460 32.45 4.74 -8.36
C TRP E 460 31.04 4.60 -8.93
N ARG E 461 30.82 3.60 -9.80
CA ARG E 461 29.47 3.38 -10.39
C ARG E 461 28.75 2.27 -9.61
N LYS E 462 27.51 2.53 -9.21
CA LYS E 462 26.71 1.52 -8.46
C LYS E 462 26.42 0.33 -9.40
N GLU E 463 26.72 -0.88 -8.95
CA GLU E 463 26.54 -2.09 -9.81
C GLU E 463 25.52 -3.04 -9.17
N VAL E 464 24.45 -3.37 -9.89
CA VAL E 464 23.46 -4.36 -9.37
C VAL E 464 24.19 -5.68 -9.14
N ASN E 465 24.96 -6.13 -10.13
CA ASN E 465 25.76 -7.38 -9.99
C ASN E 465 27.21 -7.06 -10.35
N PRO E 466 28.22 -7.76 -9.78
CA PRO E 466 29.61 -7.55 -10.16
C PRO E 466 29.85 -8.13 -11.56
N ASP E 467 29.15 -7.60 -12.57
CA ASP E 467 29.26 -8.13 -13.96
C ASP E 467 30.73 -8.33 -14.32
N GLU E 468 31.59 -7.36 -14.02
CA GLU E 468 33.03 -7.45 -14.38
C GLU E 468 33.66 -8.63 -13.65
N LEU E 469 33.35 -8.80 -12.37
CA LEU E 469 33.96 -9.89 -11.56
C LEU E 469 33.58 -11.25 -12.15
N HIS E 470 32.31 -11.41 -12.55
CA HIS E 470 31.84 -12.71 -13.10
C HIS E 470 32.69 -13.07 -14.32
N ILE E 471 32.83 -12.12 -15.25
CA ILE E 471 33.62 -12.37 -16.48
C ILE E 471 35.09 -12.60 -16.08
N TYR E 472 35.58 -11.82 -15.12
CA TYR E 472 37.00 -11.93 -14.68
C TYR E 472 37.26 -13.35 -14.15
N ILE E 473 36.30 -13.91 -13.40
CA ILE E 473 36.47 -15.26 -12.82
C ILE E 473 36.60 -16.29 -13.94
N SER E 474 35.80 -16.16 -15.01
CA SER E 474 35.81 -17.16 -16.10
C SER E 474 36.89 -16.81 -17.15
N GLU E 475 37.64 -15.73 -16.93
CA GLU E 475 38.64 -15.30 -17.94
C GLU E 475 40.01 -15.09 -17.26
N ASN E 476 40.19 -13.95 -16.59
CA ASN E 476 41.51 -13.65 -15.97
C ASN E 476 41.87 -14.73 -14.96
N PHE E 477 40.93 -15.10 -14.09
CA PHE E 477 41.22 -16.11 -13.04
C PHE E 477 41.57 -17.45 -13.69
N SER E 478 40.87 -17.81 -14.78
CA SER E 478 41.12 -19.10 -15.46
C SER E 478 42.58 -19.18 -15.91
N ARG E 479 43.12 -18.07 -16.43
CA ARG E 479 44.54 -18.03 -16.86
C ARG E 479 45.43 -18.43 -15.67
N VAL E 480 45.10 -17.93 -14.47
CA VAL E 480 45.86 -18.28 -13.27
C VAL E 480 45.82 -19.79 -13.00
N MET E 481 44.64 -20.41 -13.14
CA MET E 481 44.59 -21.88 -12.98
C MET E 481 45.35 -22.62 -14.07
N ASP E 482 45.42 -22.05 -15.28
CA ASP E 482 46.28 -22.64 -16.31
C ASP E 482 47.75 -22.62 -15.87
N ARG E 483 48.16 -21.54 -15.23
CA ARG E 483 49.51 -21.50 -14.65
C ARG E 483 49.70 -22.56 -13.58
N ILE E 484 48.67 -22.77 -12.75
CA ILE E 484 48.77 -23.76 -11.67
C ILE E 484 48.95 -25.17 -12.24
N THR E 485 48.14 -25.52 -13.25
CA THR E 485 48.25 -26.88 -13.79
C THR E 485 49.53 -27.07 -14.60
N GLU E 486 50.05 -25.99 -15.22
CA GLU E 486 51.35 -26.10 -15.85
C GLU E 486 52.45 -26.37 -14.83
N HIS E 487 52.38 -25.70 -13.68
CA HIS E 487 53.34 -25.96 -12.60
C HIS E 487 53.21 -27.38 -12.07
N ILE E 488 51.97 -27.88 -11.97
CA ILE E 488 51.74 -29.23 -11.47
C ILE E 488 52.34 -30.26 -12.43
N LYS E 489 52.17 -30.05 -13.73
CA LYS E 489 52.76 -30.96 -14.71
C LYS E 489 54.28 -30.90 -14.69
N TYR E 490 54.84 -29.70 -14.50
CA TYR E 490 56.30 -29.57 -14.38
C TYR E 490 56.82 -30.33 -13.17
N HIS E 491 56.13 -30.25 -12.04
CA HIS E 491 56.50 -31.06 -10.89
C HIS E 491 56.25 -32.55 -11.13
N LEU E 492 55.30 -32.89 -12.00
CA LEU E 492 55.05 -34.28 -12.36
C LEU E 492 56.17 -34.83 -13.22
N SER E 493 56.93 -33.97 -13.90
CA SER E 493 58.12 -34.42 -14.63
C SER E 493 59.24 -34.92 -13.72
N GLN E 494 59.15 -34.71 -12.41
CA GLN E 494 60.11 -35.25 -11.46
C GLN E 494 60.03 -36.79 -11.45
N PRO E 495 61.18 -37.47 -11.25
CA PRO E 495 61.18 -38.95 -11.19
C PRO E 495 60.32 -39.58 -10.10
N HIS E 496 60.23 -40.91 -10.12
CA HIS E 496 59.14 -41.61 -9.43
C HIS E 496 59.27 -41.55 -7.92
N GLU E 497 60.51 -41.64 -7.40
CA GLU E 497 60.79 -41.83 -5.97
C GLU E 497 60.06 -43.08 -5.51
N SER E 498 59.15 -43.00 -4.54
CA SER E 498 58.46 -44.19 -4.03
C SER E 498 56.98 -44.18 -4.34
N ASN E 499 56.24 -43.17 -3.89
CA ASN E 499 54.81 -43.10 -4.16
C ASN E 499 54.31 -41.68 -4.40
N ILE E 500 55.20 -40.71 -4.54
CA ILE E 500 54.76 -39.31 -4.63
C ILE E 500 54.19 -38.96 -5.98
N LEU E 501 54.54 -39.71 -7.04
CA LEU E 501 53.93 -39.41 -8.34
C LEU E 501 52.50 -39.91 -8.41
N ASN E 502 52.16 -40.96 -7.66
CA ASN E 502 50.75 -41.32 -7.53
C ASN E 502 49.97 -40.20 -6.86
N TYR E 503 50.57 -39.57 -5.84
CA TYR E 503 49.95 -38.42 -5.19
C TYR E 503 49.81 -37.25 -6.16
N TYR E 504 50.82 -37.04 -7.00
CA TYR E 504 50.74 -35.98 -7.99
C TYR E 504 49.68 -36.25 -9.05
N LYS E 505 49.50 -37.52 -9.42
CA LYS E 505 48.44 -37.88 -10.36
C LYS E 505 47.05 -37.65 -9.74
N LYS E 506 46.89 -37.99 -8.47
CA LYS E 506 45.62 -37.70 -7.79
C LYS E 506 45.38 -36.20 -7.70
N LEU E 507 46.42 -35.43 -7.40
CA LEU E 507 46.30 -33.98 -7.31
C LEU E 507 45.93 -33.38 -8.66
N LEU E 508 46.55 -33.87 -9.74
CA LEU E 508 46.20 -33.40 -11.08
C LEU E 508 44.76 -33.74 -11.43
N LYS E 509 44.32 -34.96 -11.12
CA LYS E 509 42.94 -35.35 -11.44
C LYS E 509 41.94 -34.48 -10.67
N ALA E 510 42.20 -34.24 -9.38
CA ALA E 510 41.31 -33.39 -8.60
C ALA E 510 41.31 -31.96 -9.09
N PHE E 511 42.48 -31.46 -9.53
CA PHE E 511 42.52 -30.07 -9.96
C PHE E 511 41.84 -29.88 -11.31
N GLU E 512 42.00 -30.80 -12.25
CA GLU E 512 41.24 -30.67 -13.49
C GLU E 512 39.76 -30.95 -13.28
N ARG E 513 39.40 -31.71 -12.24
CA ARG E 513 37.99 -31.85 -11.91
C ARG E 513 37.40 -30.54 -11.41
N SER E 514 38.14 -29.82 -10.56
CA SER E 514 37.64 -28.58 -9.99
C SER E 514 37.94 -27.35 -10.84
N LYS E 515 38.69 -27.49 -11.93
CA LYS E 515 39.00 -26.36 -12.78
C LYS E 515 37.79 -25.90 -13.58
N SER E 516 36.88 -26.80 -13.89
CA SER E 516 35.71 -26.45 -14.68
C SER E 516 34.60 -25.80 -13.86
N LYS E 517 34.77 -25.70 -12.54
CA LYS E 517 33.73 -25.12 -11.71
C LYS E 517 33.64 -23.61 -11.83
N ILE E 518 34.70 -22.94 -12.30
CA ILE E 518 34.67 -21.49 -12.42
C ILE E 518 33.90 -21.01 -13.64
N PHE E 519 33.33 -21.91 -14.42
CA PHE E 519 32.40 -21.56 -15.48
C PHE E 519 30.96 -21.90 -15.11
N ASN E 520 30.74 -22.45 -13.92
CA ASN E 520 29.41 -22.83 -13.46
C ASN E 520 28.71 -21.64 -12.82
N ASP E 521 27.41 -21.49 -13.12
CA ASP E 521 26.67 -20.32 -12.66
C ASP E 521 26.50 -20.32 -11.15
N SER E 522 26.16 -21.47 -10.57
CA SER E 522 25.92 -21.54 -9.12
C SER E 522 27.21 -21.36 -8.34
N PHE E 523 28.31 -21.92 -8.85
CA PHE E 523 29.60 -21.74 -8.20
C PHE E 523 30.04 -20.28 -8.22
N LYS E 524 29.85 -19.61 -9.34
CA LYS E 524 30.22 -18.20 -9.42
C LYS E 524 29.33 -17.33 -8.55
N LYS E 525 28.06 -17.69 -8.44
CA LYS E 525 27.16 -16.97 -7.52
C LYS E 525 27.61 -17.14 -6.07
N GLY E 526 28.02 -18.36 -5.70
CA GLY E 526 28.53 -18.57 -4.36
C GLY E 526 29.83 -17.84 -4.10
N VAL E 527 30.70 -17.76 -5.12
CA VAL E 527 31.95 -17.03 -4.99
C VAL E 527 31.69 -15.55 -4.79
N ILE E 528 30.75 -14.98 -5.55
CA ILE E 528 30.42 -13.56 -5.42
C ILE E 528 29.76 -13.30 -4.06
N ARG E 529 28.94 -14.24 -3.58
CA ARG E 529 28.32 -14.08 -2.28
C ARG E 529 29.35 -14.15 -1.15
N GLN E 530 30.39 -14.96 -1.33
CA GLN E 530 31.45 -15.00 -0.32
C GLN E 530 32.38 -13.80 -0.41
N ALA E 531 32.55 -13.22 -1.60
CA ALA E 531 33.41 -12.07 -1.77
C ALA E 531 32.80 -10.78 -1.23
N GLU E 532 31.51 -10.79 -0.87
CA GLU E 532 30.89 -9.60 -0.31
C GLU E 532 31.41 -9.30 1.08
N PHE E 533 31.85 -10.32 1.82
CA PHE E 533 32.45 -10.10 3.12
C PHE E 533 33.90 -9.65 3.05
N LEU E 534 34.57 -9.88 1.92
CA LEU E 534 35.97 -9.50 1.77
C LEU E 534 36.14 -8.12 1.16
N PHE E 535 35.27 -7.75 0.22
CA PHE E 535 35.31 -6.45 -0.43
C PHE E 535 34.61 -5.37 0.37
N ARG E 536 34.06 -5.70 1.53
CA ARG E 536 33.25 -4.77 2.29
C ARG E 536 34.09 -3.66 2.90
N GLN E 537 33.62 -2.42 2.75
CA GLN E 537 34.15 -1.25 3.44
C GLN E 537 33.04 -0.65 4.27
N ARG E 538 33.31 -0.44 5.56
CA ARG E 538 32.23 -0.23 6.52
C ARG E 538 31.65 1.17 6.50
N SER E 539 32.32 2.15 5.90
CA SER E 539 31.85 3.53 5.92
C SER E 539 31.92 4.13 4.53
N PHE E 540 31.45 3.40 3.53
CA PHE E 540 31.53 3.87 2.15
C PHE E 540 30.27 4.62 1.73
N ILE E 541 29.10 4.03 1.97
CA ILE E 541 27.85 4.68 1.58
C ILE E 541 27.59 5.90 2.45
N GLN E 542 27.96 5.81 3.75
CA GLN E 542 27.77 6.92 4.67
C GLN E 542 28.57 8.15 4.25
N THR E 543 29.81 7.95 3.81
CA THR E 543 30.68 9.04 3.38
C THR E 543 30.78 9.11 1.86
N LEU E 544 29.69 8.84 1.15
CA LEU E 544 29.76 8.73 -0.29
C LEU E 544 29.94 10.08 -0.97
N ASP E 545 29.03 11.01 -0.74
CA ASP E 545 29.16 12.37 -1.30
C ASP E 545 29.00 13.35 -0.15
N THR E 546 30.09 13.57 0.58
CA THR E 546 30.08 14.40 1.78
C THR E 546 31.16 15.46 1.81
N ASN E 547 32.24 15.31 1.07
CA ASN E 547 33.26 16.34 1.00
C ASN E 547 32.79 17.45 0.08
N PRO E 548 32.60 18.69 0.57
CA PRO E 548 32.09 19.76 -0.29
C PRO E 548 33.13 20.33 -1.23
N HIS E 549 34.39 20.00 -1.07
CA HIS E 549 35.45 20.55 -1.90
C HIS E 549 35.75 19.69 -3.13
N LEU E 550 35.01 18.60 -3.32
CA LEU E 550 35.18 17.73 -4.46
C LEU E 550 33.88 17.66 -5.25
N LEU E 551 34.00 17.73 -6.57
CA LEU E 551 32.84 17.77 -7.45
C LEU E 551 33.08 16.82 -8.61
N GLY E 552 32.19 15.86 -8.82
CA GLY E 552 32.35 14.96 -9.95
C GLY E 552 32.01 15.67 -11.25
N VAL E 553 32.93 15.64 -12.21
CA VAL E 553 32.73 16.29 -13.50
C VAL E 553 32.97 15.27 -14.60
N GLY E 554 32.54 15.62 -15.81
CA GLY E 554 32.53 14.71 -16.94
C GLY E 554 33.89 14.22 -17.39
N ASN E 555 34.98 14.84 -16.93
CA ASN E 555 36.32 14.34 -17.23
C ASN E 555 37.09 14.04 -15.95
N GLY E 556 36.41 13.77 -14.84
CA GLY E 556 37.12 13.37 -13.64
C GLY E 556 36.57 13.97 -12.36
N VAL E 557 37.46 14.45 -11.49
CA VAL E 557 37.06 15.08 -10.24
C VAL E 557 37.65 16.49 -10.22
N LEU E 558 36.83 17.47 -9.84
CA LEU E 558 37.29 18.83 -9.63
C LEU E 558 37.50 19.05 -8.13
N SER E 559 38.71 19.46 -7.76
CA SER E 559 39.08 19.69 -6.37
C SER E 559 39.26 21.20 -6.17
N ILE E 560 38.49 21.77 -5.26
CA ILE E 560 38.56 23.20 -4.97
C ILE E 560 39.02 23.40 -3.54
N GLU E 561 39.80 22.46 -3.01
CA GLU E 561 40.34 22.59 -1.67
C GLU E 561 41.40 23.68 -1.61
N THR E 562 42.18 23.85 -2.68
CA THR E 562 43.26 24.81 -2.73
C THR E 562 43.19 25.59 -4.03
N ILE E 563 43.82 26.75 -4.03
CA ILE E 563 43.88 27.62 -5.20
C ILE E 563 45.18 27.34 -5.94
N PRO E 564 45.14 27.05 -7.25
CA PRO E 564 43.97 26.93 -8.12
C PRO E 564 43.28 25.57 -8.03
N ALA E 565 42.04 25.47 -8.50
CA ALA E 565 41.32 24.22 -8.49
C ALA E 565 41.96 23.23 -9.46
N LYS E 566 42.04 21.98 -9.02
CA LYS E 566 42.77 20.95 -9.76
C LYS E 566 41.81 19.92 -10.34
N LEU E 567 42.22 19.30 -11.43
CA LEU E 567 41.45 18.24 -12.07
C LEU E 567 42.15 16.90 -11.82
N ILE E 568 41.55 16.10 -10.95
CA ILE E 568 42.01 14.74 -10.70
C ILE E 568 41.48 13.86 -11.83
N ASN E 569 42.38 13.40 -12.68
CA ASN E 569 42.07 12.46 -13.75
C ASN E 569 43.00 11.26 -13.67
N HIS E 570 43.19 10.74 -12.46
CA HIS E 570 43.96 9.54 -12.22
C HIS E 570 43.34 8.82 -11.02
N PHE E 571 44.01 7.79 -10.53
CA PHE E 571 43.49 7.03 -9.41
C PHE E 571 43.54 7.85 -8.13
N HIS E 572 42.53 7.65 -7.27
CA HIS E 572 42.43 8.38 -6.02
C HIS E 572 41.57 7.58 -5.06
N GLU E 573 41.61 7.97 -3.79
CA GLU E 573 40.83 7.31 -2.75
C GLU E 573 39.63 8.15 -2.30
N HIS E 574 39.28 9.19 -3.04
CA HIS E 574 38.13 10.00 -2.67
C HIS E 574 36.85 9.28 -3.10
N PRO E 575 35.92 9.01 -2.18
CA PRO E 575 34.64 8.42 -2.57
C PRO E 575 33.78 9.46 -3.28
N ILE E 576 33.45 9.20 -4.54
CA ILE E 576 32.65 10.11 -5.35
C ILE E 576 31.75 9.26 -6.25
N HIS E 577 30.45 9.48 -6.16
CA HIS E 577 29.48 8.77 -6.98
C HIS E 577 28.73 9.70 -7.92
N GLN E 578 28.08 10.74 -7.41
CA GLN E 578 27.35 11.68 -8.24
C GLN E 578 28.31 12.59 -9.00
N TYR E 579 27.82 13.14 -10.09
CA TYR E 579 28.63 13.97 -10.97
C TYR E 579 27.71 14.85 -11.80
N THR E 580 28.34 15.72 -12.60
CA THR E 580 27.65 16.51 -13.60
C THR E 580 28.30 16.22 -14.95
N HIS E 581 27.53 16.40 -16.02
CA HIS E 581 28.00 16.06 -17.36
C HIS E 581 28.99 17.07 -17.92
N ILE E 582 29.21 18.19 -17.25
CA ILE E 582 30.06 19.25 -17.77
C ILE E 582 31.52 18.86 -17.52
N CYS E 583 32.34 18.96 -18.56
CA CYS E 583 33.78 18.75 -18.42
C CYS E 583 34.44 20.05 -18.01
N TYR E 584 35.47 19.95 -17.18
CA TYR E 584 36.13 21.12 -16.61
C TYR E 584 37.33 21.51 -17.47
N VAL E 585 37.29 22.73 -17.98
CA VAL E 585 38.45 23.35 -18.64
C VAL E 585 38.80 24.58 -17.80
N PRO E 586 40.07 24.92 -17.64
CA PRO E 586 40.42 26.14 -16.89
C PRO E 586 39.94 27.40 -17.60
N PHE E 587 39.75 28.44 -16.79
CA PHE E 587 39.18 29.70 -17.29
C PHE E 587 40.11 30.36 -18.29
N ASN E 588 39.56 30.73 -19.44
CA ASN E 588 40.33 31.32 -20.53
C ASN E 588 39.45 32.32 -21.24
N PRO E 589 39.65 33.62 -20.98
CA PRO E 589 38.77 34.64 -21.61
C PRO E 589 38.91 34.74 -23.12
N GLU E 590 39.97 34.19 -23.72
CA GLU E 590 40.10 34.23 -25.17
C GLU E 590 39.30 33.14 -25.86
N ASN E 591 38.69 32.23 -25.11
CA ASN E 591 37.75 31.27 -25.68
C ASN E 591 36.54 32.02 -26.23
N PRO E 592 36.09 31.71 -27.45
CA PRO E 592 34.93 32.43 -28.01
C PRO E 592 33.66 32.29 -27.20
N TRP E 593 33.39 31.11 -26.64
CA TRP E 593 32.20 30.95 -25.82
C TRP E 593 32.33 31.71 -24.49
N THR E 594 33.52 31.70 -23.90
CA THR E 594 33.76 32.46 -22.67
C THR E 594 33.63 33.96 -22.93
N LYS E 595 34.17 34.44 -24.05
CA LYS E 595 34.03 35.84 -24.40
C LYS E 595 32.58 36.22 -24.64
N LEU E 596 31.82 35.35 -25.31
CA LEU E 596 30.40 35.59 -25.54
C LEU E 596 29.64 35.65 -24.22
N LEU E 597 29.95 34.75 -23.28
CA LEU E 597 29.25 34.73 -22.01
C LEU E 597 29.61 35.94 -21.16
N LEU E 598 30.86 36.38 -21.20
CA LEU E 598 31.25 37.57 -20.46
C LEU E 598 30.59 38.81 -21.03
N ASN E 599 30.45 38.88 -22.37
CA ASN E 599 29.72 39.99 -22.98
C ASN E 599 28.24 39.96 -22.60
N ALA E 600 27.64 38.77 -22.54
CA ALA E 600 26.25 38.66 -22.12
C ALA E 600 26.08 39.09 -20.67
N LEU E 601 27.03 38.73 -19.81
CA LEU E 601 26.98 39.16 -18.42
C LEU E 601 27.13 40.67 -18.29
N GLN E 602 27.97 41.27 -19.14
CA GLN E 602 28.08 42.72 -19.17
C GLN E 602 26.79 43.37 -19.64
N ASP E 603 26.10 42.74 -20.59
CA ASP E 603 24.85 43.30 -21.09
C ASP E 603 23.72 43.22 -20.07
N ILE E 604 23.64 42.10 -19.33
CA ILE E 604 22.49 41.88 -18.46
C ILE E 604 22.54 42.80 -17.24
N ILE E 605 23.71 42.92 -16.61
CA ILE E 605 23.89 43.78 -15.45
C ILE E 605 24.81 44.93 -15.86
N PRO E 606 24.30 46.15 -16.02
CA PRO E 606 25.17 47.24 -16.51
C PRO E 606 26.16 47.75 -15.48
N GLU E 607 25.73 47.92 -14.23
CA GLU E 607 26.61 48.47 -13.20
C GLU E 607 27.61 47.41 -12.75
N LEU E 608 28.85 47.86 -12.52
CA LEU E 608 29.95 46.92 -12.32
C LEU E 608 29.90 46.24 -10.96
N ASP E 609 29.60 47.00 -9.91
CA ASP E 609 29.64 46.46 -8.55
C ASP E 609 28.55 45.42 -8.34
N ALA E 610 27.34 45.67 -8.86
CA ALA E 610 26.28 44.68 -8.74
C ALA E 610 26.56 43.45 -9.59
N ARG E 611 27.20 43.63 -10.74
CA ARG E 611 27.59 42.48 -11.57
C ARG E 611 28.60 41.61 -10.83
N LEU E 612 29.59 42.23 -10.20
CA LEU E 612 30.58 41.49 -9.43
C LEU E 612 29.93 40.78 -8.24
N TRP E 613 29.01 41.46 -7.56
CA TRP E 613 28.34 40.85 -6.42
C TRP E 613 27.49 39.66 -6.83
N ILE E 614 26.73 39.79 -7.92
CA ILE E 614 25.86 38.71 -8.36
C ILE E 614 26.68 37.52 -8.86
N MET E 615 27.80 37.80 -9.55
CA MET E 615 28.66 36.71 -9.98
C MET E 615 29.31 35.99 -8.79
N PHE E 616 29.73 36.75 -7.77
CA PHE E 616 30.27 36.13 -6.56
C PHE E 616 29.22 35.29 -5.85
N TYR E 617 27.99 35.79 -5.79
CA TYR E 617 26.92 35.06 -5.10
C TYR E 617 26.55 33.79 -5.85
N LEU E 618 26.49 33.86 -7.18
CA LEU E 618 26.18 32.67 -7.96
C LEU E 618 27.32 31.68 -7.99
N SER E 619 28.56 32.14 -7.80
CA SER E 619 29.70 31.23 -7.78
C SER E 619 29.71 30.32 -6.57
N THR E 620 29.03 30.70 -5.49
CA THR E 620 28.95 29.86 -4.30
C THR E 620 28.00 28.69 -4.47
N ALA E 621 27.35 28.56 -5.62
CA ALA E 621 26.49 27.42 -5.89
C ALA E 621 27.29 26.14 -6.12
N ILE E 622 28.57 26.25 -6.48
CA ILE E 622 29.39 25.06 -6.66
C ILE E 622 29.90 24.48 -5.35
N PHE E 623 29.68 25.18 -4.23
CA PHE E 623 30.09 24.70 -2.92
C PHE E 623 28.88 24.08 -2.23
N ARG E 624 29.06 22.88 -1.70
CA ARG E 624 27.99 22.13 -1.05
C ARG E 624 28.18 22.02 0.45
N GLY E 625 28.62 23.11 1.08
CA GLY E 625 28.74 23.14 2.53
C GLY E 625 27.85 24.20 3.15
N LEU E 626 28.05 24.47 4.43
CA LEU E 626 27.28 25.51 5.10
C LEU E 626 27.69 26.88 4.57
N LYS E 627 26.71 27.70 4.21
CA LYS E 627 26.96 29.02 3.66
C LYS E 627 26.16 30.05 4.46
N GLU E 628 26.32 31.32 4.07
CA GLU E 628 25.65 32.40 4.77
C GLU E 628 24.14 32.34 4.54
N ALA E 629 23.39 32.82 5.52
CA ALA E 629 21.94 32.89 5.41
C ALA E 629 21.60 34.06 4.51
N LEU E 630 21.51 33.79 3.20
CA LEU E 630 21.17 34.83 2.25
C LEU E 630 20.23 34.28 1.19
N MET E 631 19.41 35.16 0.63
CA MET E 631 18.54 34.84 -0.47
C MET E 631 18.41 36.08 -1.34
N LEU E 632 18.62 35.91 -2.65
CA LEU E 632 18.55 37.01 -3.59
C LEU E 632 17.17 37.05 -4.23
N LEU E 633 16.57 38.23 -4.24
CA LEU E 633 15.31 38.47 -4.93
C LEU E 633 15.61 39.32 -6.15
N TRP E 634 15.47 38.74 -7.34
CA TRP E 634 15.72 39.42 -8.60
C TRP E 634 14.39 39.84 -9.21
N LEU E 635 14.20 41.13 -9.40
CA LEU E 635 12.94 41.67 -9.90
C LEU E 635 13.17 42.37 -11.23
N GLY E 636 12.15 42.36 -12.08
CA GLY E 636 12.27 43.00 -13.37
C GLY E 636 10.91 43.16 -14.02
N GLY E 637 10.89 44.00 -15.04
CA GLY E 637 9.65 44.27 -15.75
C GLY E 637 9.27 43.20 -16.74
N GLY E 638 10.10 43.00 -17.76
CA GLY E 638 9.75 42.11 -18.84
C GLY E 638 10.87 41.19 -19.30
N CYS E 639 11.24 41.28 -20.58
CA CYS E 639 12.29 40.45 -21.15
C CYS E 639 13.63 40.95 -20.65
N ASN E 640 14.15 40.29 -19.62
CA ASN E 640 15.35 40.73 -18.91
C ASN E 640 16.42 39.64 -19.08
N GLY E 641 17.50 39.80 -18.34
CA GLY E 641 18.48 38.72 -18.35
C GLY E 641 18.15 37.56 -17.44
N LYS E 642 17.11 37.67 -16.62
CA LYS E 642 16.68 36.60 -15.75
C LYS E 642 16.17 35.42 -16.58
N THR E 643 16.02 34.27 -15.92
CA THR E 643 15.53 33.00 -16.46
C THR E 643 16.50 32.39 -17.47
N PHE E 644 17.54 33.10 -17.86
CA PHE E 644 18.62 32.55 -18.66
C PHE E 644 19.87 32.32 -17.82
N LEU E 645 20.18 33.24 -16.91
CA LEU E 645 21.36 33.07 -16.06
C LEU E 645 21.13 32.01 -15.00
N MET E 646 19.96 32.03 -14.35
CA MET E 646 19.64 31.05 -13.32
C MET E 646 19.51 29.64 -13.92
N ARG E 647 18.86 29.54 -15.08
CA ARG E 647 18.80 28.27 -15.78
C ARG E 647 20.17 27.80 -16.23
N LEU E 648 21.06 28.72 -16.58
CA LEU E 648 22.42 28.34 -16.93
C LEU E 648 23.17 27.75 -15.75
N VAL E 649 23.01 28.35 -14.57
CA VAL E 649 23.66 27.80 -13.38
C VAL E 649 23.12 26.41 -13.07
N ALA E 650 21.79 26.24 -13.16
CA ALA E 650 21.18 24.94 -12.91
C ALA E 650 21.65 23.90 -13.92
N MET E 651 21.78 24.30 -15.20
CA MET E 651 22.15 23.34 -16.23
C MET E 651 23.61 22.94 -16.12
N VAL E 652 24.51 23.87 -15.77
CA VAL E 652 25.90 23.48 -15.60
C VAL E 652 26.13 22.72 -14.30
N LEU E 653 25.24 22.85 -13.33
CA LEU E 653 25.43 22.06 -12.10
C LEU E 653 24.77 20.69 -12.17
N GLY E 654 23.73 20.53 -12.99
CA GLY E 654 23.14 19.22 -13.16
C GLY E 654 22.05 18.91 -12.15
N ASP E 655 21.50 17.70 -12.29
CA ASP E 655 20.37 17.30 -11.47
C ASP E 655 20.78 16.95 -10.05
N HIS E 656 21.99 16.44 -9.85
CA HIS E 656 22.43 16.11 -8.50
C HIS E 656 22.80 17.34 -7.69
N TYR E 657 23.45 18.32 -8.32
CA TYR E 657 24.03 19.45 -7.62
C TYR E 657 23.18 20.71 -7.67
N ALA E 658 22.02 20.67 -8.34
CA ALA E 658 21.12 21.82 -8.36
C ALA E 658 19.71 21.33 -8.60
N SER E 659 18.74 22.17 -8.25
CA SER E 659 17.35 21.78 -8.42
C SER E 659 16.47 23.01 -8.61
N LYS E 660 15.32 22.77 -9.22
CA LYS E 660 14.29 23.77 -9.40
C LYS E 660 13.23 23.58 -8.32
N LEU E 661 12.88 24.67 -7.65
CA LEU E 661 11.89 24.65 -6.59
C LEU E 661 10.69 25.50 -7.01
N ASN E 662 9.50 25.05 -6.63
CA ASN E 662 8.29 25.79 -6.96
C ASN E 662 8.01 26.84 -5.89
N ILE E 663 7.30 27.90 -6.31
CA ILE E 663 7.00 29.01 -5.42
C ILE E 663 6.02 28.64 -4.31
N SER E 664 5.33 27.51 -4.44
CA SER E 664 4.40 27.06 -3.40
C SER E 664 5.12 26.71 -2.10
N LEU E 665 6.44 26.49 -2.16
CA LEU E 665 7.23 26.29 -0.96
C LEU E 665 7.29 27.55 -0.10
N LEU E 666 7.21 28.72 -0.72
CA LEU E 666 7.39 29.98 -0.01
C LEU E 666 6.11 30.75 0.19
N THR E 667 5.15 30.65 -0.74
CA THR E 667 4.07 31.63 -0.77
C THR E 667 3.02 31.38 0.31
N SER E 668 2.68 30.14 0.59
CA SER E 668 1.55 29.85 1.47
C SER E 668 1.63 28.40 1.92
N CYS E 669 0.51 27.93 2.48
CA CYS E 669 0.18 26.51 2.71
C CYS E 669 1.25 25.78 3.50
N ARG E 670 1.74 26.42 4.55
CA ARG E 670 2.47 25.70 5.58
C ARG E 670 1.42 24.96 6.41
N GLU E 671 1.69 23.71 6.72
CA GLU E 671 0.66 22.81 7.21
C GLU E 671 1.14 22.06 8.44
N THR E 672 0.20 21.36 9.07
CA THR E 672 0.55 20.39 10.09
C THR E 672 1.35 19.27 9.45
N ALA E 673 2.40 18.82 10.15
CA ALA E 673 3.37 17.92 9.53
C ALA E 673 2.90 16.47 9.44
N GLU E 674 1.62 16.19 9.69
CA GLU E 674 1.04 14.93 9.24
C GLU E 674 1.07 14.85 7.73
N LYS E 675 0.76 15.96 7.06
CA LYS E 675 0.86 16.00 5.61
C LYS E 675 2.33 16.00 5.18
N PRO E 676 2.68 15.28 4.12
CA PRO E 676 4.11 15.15 3.77
C PRO E 676 4.71 16.40 3.15
N ASN E 677 3.89 17.22 2.46
CA ASN E 677 4.24 18.46 1.76
C ASN E 677 5.03 18.18 0.47
N SER E 678 5.50 16.94 0.31
CA SER E 678 5.92 16.31 -0.94
C SER E 678 7.14 16.93 -1.62
N ALA E 679 7.63 18.07 -1.14
CA ALA E 679 8.81 18.68 -1.75
C ALA E 679 9.54 19.50 -0.69
N PHE E 680 10.42 18.85 0.05
CA PHE E 680 11.39 19.54 0.89
C PHE E 680 12.77 18.92 0.79
N MET E 681 12.87 17.70 0.27
CA MET E 681 14.10 16.98 0.04
C MET E 681 14.60 17.16 -1.38
N ARG E 682 13.95 18.05 -2.14
CA ARG E 682 14.46 18.49 -3.43
C ARG E 682 15.72 19.33 -3.30
N LEU E 683 16.07 19.76 -2.09
CA LEU E 683 17.33 20.45 -1.80
C LEU E 683 18.07 19.74 -0.68
N LYS E 684 18.18 18.41 -0.83
CA LYS E 684 18.82 17.60 0.19
C LYS E 684 20.32 17.82 0.22
N GLY E 685 21.01 17.47 -0.86
CA GLY E 685 22.45 17.56 -0.88
C GLY E 685 23.01 18.33 -2.06
N ARG E 686 22.29 19.36 -2.49
CA ARG E 686 22.69 20.16 -3.64
C ARG E 686 22.92 21.60 -3.23
N GLY E 687 23.83 22.26 -3.94
CA GLY E 687 24.27 23.58 -3.58
C GLY E 687 23.59 24.72 -4.32
N TYR E 688 22.46 24.44 -4.95
CA TYR E 688 21.74 25.48 -5.73
C TYR E 688 20.24 25.17 -5.81
N GLY E 689 19.40 26.10 -5.38
CA GLY E 689 17.94 25.91 -5.44
C GLY E 689 17.58 27.33 -5.84
N TYR E 690 16.76 27.30 -7.07
CA TYR E 690 16.28 28.59 -7.61
C TYR E 690 14.77 28.42 -7.82
N PHE E 691 14.02 29.53 -7.76
CA PHE E 691 12.56 29.48 -8.02
C PHE E 691 12.26 30.25 -9.30
N GLU E 692 11.70 29.57 -10.31
CA GLU E 692 11.37 30.22 -11.60
C GLU E 692 10.32 31.32 -11.35
N GLU E 693 10.26 32.32 -12.24
CA GLU E 693 9.30 33.45 -12.06
C GLU E 693 7.89 32.98 -12.39
N THR E 694 6.87 33.70 -11.91
CA THR E 694 5.45 33.33 -12.16
C THR E 694 4.67 34.59 -12.58
N ASN E 695 3.60 34.43 -13.37
CA ASN E 695 2.84 35.61 -13.86
C ASN E 695 1.82 36.06 -12.81
N LYS E 696 2.29 36.63 -11.69
CA LYS E 696 1.36 37.16 -10.65
C LYS E 696 2.18 37.72 -9.48
N SER E 697 1.57 38.58 -8.65
CA SER E 697 2.27 39.04 -7.42
C SER E 697 2.19 37.91 -6.40
N GLU E 698 3.32 37.53 -5.80
CA GLU E 698 3.31 36.34 -4.91
C GLU E 698 3.45 36.76 -3.45
N VAL E 699 2.37 36.65 -2.66
CA VAL E 699 2.48 36.95 -1.24
C VAL E 699 3.22 35.76 -0.61
N LEU E 700 4.33 36.03 0.05
CA LEU E 700 5.19 34.96 0.55
C LEU E 700 5.13 34.89 2.06
N ASN E 701 5.02 33.67 2.58
CA ASN E 701 4.99 33.47 4.02
C ASN E 701 6.39 33.66 4.59
N THR E 702 6.49 34.52 5.62
CA THR E 702 7.79 34.79 6.20
C THR E 702 8.29 33.65 7.07
N SER E 703 7.39 32.78 7.54
CA SER E 703 7.81 31.67 8.39
C SER E 703 8.73 30.71 7.65
N ARG E 704 8.34 30.31 6.43
CA ARG E 704 9.22 29.50 5.60
C ARG E 704 10.48 30.27 5.21
N LEU E 705 10.38 31.60 5.10
CA LEU E 705 11.53 32.40 4.72
C LEU E 705 12.62 32.37 5.79
N LYS E 706 12.24 32.47 7.06
CA LYS E 706 13.26 32.27 8.08
C LYS E 706 13.53 30.80 8.35
N GLU E 707 12.65 29.91 7.87
CA GLU E 707 12.91 28.49 8.06
C GLU E 707 14.01 27.97 7.15
N MET E 708 13.97 28.33 5.87
CA MET E 708 14.85 27.68 4.90
C MET E 708 16.03 28.52 4.48
N VAL E 709 16.29 29.66 5.13
CA VAL E 709 17.45 30.48 4.82
C VAL E 709 18.50 30.38 5.91
N ASN E 710 18.08 30.35 7.18
CA ASN E 710 19.03 30.29 8.29
C ASN E 710 19.76 28.95 8.30
N PRO E 711 21.03 28.93 8.74
CA PRO E 711 21.81 27.67 8.71
C PRO E 711 21.57 26.76 9.90
N GLY E 712 20.46 26.04 9.85
CA GLY E 712 20.13 25.06 10.87
C GLY E 712 19.69 23.75 10.27
N ASP E 713 19.02 22.92 11.07
CA ASP E 713 18.45 21.67 10.59
C ASP E 713 16.94 21.81 10.51
N VAL E 714 16.36 21.21 9.46
CA VAL E 714 14.92 21.28 9.22
C VAL E 714 14.38 19.86 9.13
N THR E 715 13.17 19.67 9.66
CA THR E 715 12.52 18.37 9.66
C THR E 715 11.31 18.37 8.73
N ALA E 716 11.21 17.30 7.94
CA ALA E 716 10.10 17.09 7.02
C ALA E 716 10.09 15.63 6.61
N ARG E 717 9.00 15.22 5.96
CA ARG E 717 8.85 13.86 5.44
C ARG E 717 8.47 13.92 3.97
N GLU E 718 8.47 12.75 3.33
CA GLU E 718 8.23 12.68 1.89
C GLU E 718 7.24 11.57 1.58
N LEU E 719 6.27 11.89 0.72
CA LEU E 719 5.42 10.92 0.03
C LEU E 719 4.84 10.01 1.11
N ASN E 720 5.23 8.74 1.09
CA ASN E 720 4.83 7.77 2.09
C ASN E 720 5.98 7.21 2.94
N GLN E 721 6.84 8.09 3.42
CA GLN E 721 7.99 7.69 4.23
C GLN E 721 8.03 8.49 5.52
N LYS E 722 9.02 8.18 6.35
CA LYS E 722 9.12 8.72 7.70
C LYS E 722 9.62 10.16 7.68
N GLN E 723 9.53 10.81 8.84
CA GLN E 723 10.10 12.14 9.02
C GLN E 723 11.60 12.05 9.22
N GLU E 724 12.30 13.09 8.75
CA GLU E 724 13.73 13.16 8.93
C GLU E 724 14.17 14.62 8.90
N SER E 725 15.36 14.86 9.45
CA SER E 725 15.95 16.18 9.52
C SER E 725 17.18 16.24 8.61
N PHE E 726 17.46 17.44 8.11
CA PHE E 726 18.59 17.61 7.20
C PHE E 726 19.10 19.05 7.26
N GLN E 727 20.29 19.24 6.71
CA GLN E 727 21.00 20.51 6.65
C GLN E 727 20.85 21.12 5.26
N MET E 728 21.03 22.43 5.17
CA MET E 728 20.96 23.16 3.91
C MET E 728 22.33 23.64 3.48
N THR E 729 22.65 23.41 2.21
CA THR E 729 23.91 23.85 1.60
C THR E 729 23.66 24.64 0.33
N ALA E 730 22.44 25.10 0.09
CA ALA E 730 22.01 25.57 -1.22
C ALA E 730 21.97 27.08 -1.28
N THR E 731 22.58 27.63 -2.33
CA THR E 731 22.42 29.04 -2.68
C THR E 731 21.07 29.21 -3.38
N MET E 732 20.21 30.07 -2.83
CA MET E 732 18.84 30.19 -3.30
C MET E 732 18.62 31.53 -3.99
N VAL E 733 18.04 31.50 -5.18
CA VAL E 733 17.73 32.69 -5.97
C VAL E 733 16.27 32.62 -6.38
N ALA E 734 15.50 33.67 -6.08
CA ALA E 734 14.10 33.73 -6.47
C ALA E 734 13.90 34.92 -7.40
N ALA E 735 13.26 34.68 -8.54
CA ALA E 735 12.99 35.71 -9.52
C ALA E 735 11.50 35.89 -9.71
N SER E 736 11.09 37.12 -9.99
CA SER E 736 9.69 37.42 -10.22
C SER E 736 9.59 38.58 -11.20
N ASN E 737 8.42 38.69 -11.83
CA ASN E 737 8.18 39.71 -12.82
C ASN E 737 7.19 40.78 -12.35
N TYR E 738 6.48 40.55 -11.26
CA TYR E 738 5.51 41.53 -10.78
C TYR E 738 5.89 42.12 -9.44
N ASN E 739 5.95 41.31 -8.38
CA ASN E 739 6.17 41.84 -7.03
C ASN E 739 6.35 40.69 -6.06
N PHE E 740 7.28 40.86 -5.14
CA PHE E 740 7.43 39.99 -3.98
C PHE E 740 6.97 40.77 -2.75
N ILE E 741 6.12 40.14 -1.95
CA ILE E 741 5.31 40.84 -0.96
C ILE E 741 5.70 40.32 0.42
N ILE E 742 6.36 41.15 1.22
CA ILE E 742 6.85 40.73 2.52
C ILE E 742 5.92 41.33 3.58
N ASP E 743 5.47 40.51 4.52
CA ASP E 743 4.43 40.91 5.45
C ASP E 743 4.97 41.57 6.72
N THR E 744 6.20 41.25 7.12
CA THR E 744 6.73 41.69 8.39
C THR E 744 7.77 42.79 8.21
N THR E 745 8.20 43.34 9.34
CA THR E 745 9.30 44.29 9.41
C THR E 745 10.38 43.80 10.38
N ASP E 746 10.52 42.49 10.50
CA ASP E 746 11.47 41.90 11.42
C ASP E 746 12.89 42.13 10.90
N HIS E 747 13.78 42.56 11.80
CA HIS E 747 15.18 42.76 11.43
C HIS E 747 15.88 41.43 11.19
N GLY E 748 15.41 40.35 11.81
CA GLY E 748 16.04 39.06 11.61
C GLY E 748 15.82 38.51 10.20
N THR E 749 14.63 38.72 9.64
CA THR E 749 14.33 38.22 8.31
C THR E 749 14.82 39.15 7.20
N TRP E 750 15.18 40.39 7.52
CA TRP E 750 15.65 41.33 6.51
C TRP E 750 17.16 41.40 6.42
N ARG E 751 17.87 40.86 7.41
CA ARG E 751 19.32 40.74 7.30
C ARG E 751 19.72 39.62 6.37
N ARG E 752 18.81 38.68 6.10
CA ARG E 752 19.07 37.55 5.23
C ARG E 752 18.49 37.74 3.83
N LEU E 753 17.96 38.92 3.52
CA LEU E 753 17.32 39.19 2.25
C LEU E 753 18.12 40.20 1.44
N ARG E 754 18.28 39.94 0.15
CA ARG E 754 18.93 40.84 -0.78
C ARG E 754 18.01 41.09 -1.96
N HIS E 755 18.07 42.30 -2.50
CA HIS E 755 17.19 42.70 -3.59
C HIS E 755 18.00 43.33 -4.72
N TYR E 756 17.67 42.95 -5.95
CA TYR E 756 18.21 43.61 -7.14
C TYR E 756 17.09 43.73 -8.16
N ARG E 757 17.01 44.89 -8.80
CA ARG E 757 16.04 45.12 -9.86
C ARG E 757 16.79 45.36 -11.16
N SER E 758 16.48 44.55 -12.17
CA SER E 758 17.15 44.65 -13.45
C SER E 758 16.69 45.89 -14.21
N LYS E 759 17.61 46.45 -15.00
CA LYS E 759 17.37 47.70 -15.70
C LYS E 759 17.37 47.59 -17.21
N VAL E 760 17.72 46.44 -17.77
CA VAL E 760 17.90 46.29 -19.22
C VAL E 760 16.71 45.51 -19.77
N LYS E 761 16.06 46.07 -20.79
CA LYS E 761 14.96 45.42 -21.48
C LYS E 761 15.44 44.92 -22.84
N PHE E 762 15.14 43.67 -23.15
CA PHE E 762 15.57 43.05 -24.40
C PHE E 762 14.43 43.05 -25.42
N CYS E 763 14.21 44.22 -26.04
CA CYS E 763 13.13 44.35 -27.00
C CYS E 763 13.52 43.73 -28.32
N HIS E 764 12.56 43.08 -28.97
CA HIS E 764 12.86 42.25 -30.13
C HIS E 764 12.74 43.05 -31.42
N ASN E 765 11.52 43.53 -31.70
CA ASN E 765 11.26 44.26 -32.93
C ASN E 765 11.57 45.75 -32.86
N PRO E 766 11.11 46.56 -31.83
CA PRO E 766 11.28 48.02 -31.92
C PRO E 766 12.72 48.51 -31.96
N ASP E 767 13.53 48.11 -30.97
CA ASP E 767 14.93 48.51 -30.81
C ASP E 767 15.17 50.01 -30.86
N PRO E 768 14.79 50.78 -29.84
CA PRO E 768 15.09 52.23 -29.87
C PRO E 768 16.55 52.54 -29.57
N SER E 769 16.90 53.82 -29.54
CA SER E 769 18.25 54.25 -29.23
C SER E 769 18.47 54.46 -27.74
N ASN E 770 17.60 53.93 -26.89
CA ASN E 770 17.75 54.05 -25.45
C ASN E 770 18.91 53.15 -24.99
N PRO E 771 19.77 53.65 -24.08
CA PRO E 771 20.90 52.83 -23.61
C PRO E 771 20.50 51.59 -22.85
N TYR E 772 19.28 51.55 -22.29
CA TYR E 772 18.83 50.41 -21.51
C TYR E 772 18.07 49.38 -22.33
N GLU E 773 18.04 49.54 -23.65
CA GLU E 773 17.44 48.56 -24.54
C GLU E 773 18.50 48.01 -25.50
N LYS E 774 18.48 46.69 -25.67
CA LYS E 774 19.44 46.02 -26.53
C LYS E 774 18.73 45.34 -27.69
N LYS E 775 19.52 44.92 -28.68
CA LYS E 775 19.00 44.37 -29.93
C LYS E 775 18.35 43.02 -29.66
N GLU E 776 18.93 42.24 -28.73
CA GLU E 776 18.50 40.93 -28.25
C GLU E 776 18.91 39.83 -29.23
N ASP E 777 19.09 38.61 -28.70
CA ASP E 777 19.44 37.43 -29.46
C ASP E 777 18.61 36.35 -28.78
N PRO E 778 17.61 35.77 -29.46
CA PRO E 778 16.78 34.76 -28.79
C PRO E 778 17.50 33.43 -28.58
N ARG E 779 18.56 33.19 -29.34
CA ARG E 779 19.34 31.95 -29.31
C ARG E 779 19.85 31.64 -27.91
N PHE E 780 20.10 32.68 -27.12
CA PHE E 780 20.56 32.56 -25.73
C PHE E 780 19.64 31.67 -24.91
N ILE E 781 18.34 31.71 -25.15
CA ILE E 781 17.44 30.82 -24.44
C ILE E 781 17.27 29.50 -25.20
N HIS E 782 17.31 29.54 -26.53
CA HIS E 782 16.88 28.36 -27.29
C HIS E 782 17.97 27.28 -27.31
N GLU E 783 19.14 27.59 -27.85
CA GLU E 783 20.16 26.56 -27.99
C GLU E 783 21.53 26.91 -27.43
N TYR E 784 21.76 28.16 -26.99
CA TYR E 784 23.01 28.44 -26.31
C TYR E 784 23.06 27.79 -24.94
N ILE E 785 21.89 27.59 -24.32
CA ILE E 785 21.83 26.97 -23.01
C ILE E 785 21.96 25.45 -23.10
N MET E 786 21.79 24.87 -24.28
CA MET E 786 21.90 23.43 -24.46
C MET E 786 23.21 23.01 -25.10
N ASP E 787 24.03 23.96 -25.53
CA ASP E 787 25.31 23.63 -26.11
C ASP E 787 26.30 23.22 -25.03
N PRO E 788 26.96 22.07 -25.16
CA PRO E 788 27.92 21.65 -24.13
C PRO E 788 29.14 22.57 -24.00
N ASP E 789 29.59 23.19 -25.09
CA ASP E 789 30.74 24.09 -25.00
C ASP E 789 30.40 25.34 -24.19
N CYS E 790 29.20 25.88 -24.39
CA CYS E 790 28.76 27.03 -23.60
C CYS E 790 28.63 26.68 -22.13
N GLN E 791 28.14 25.48 -21.84
CA GLN E 791 28.04 25.03 -20.45
C GLN E 791 29.43 24.85 -19.83
N ASN E 792 30.39 24.32 -20.59
CA ASN E 792 31.75 24.19 -20.08
C ASN E 792 32.36 25.56 -19.80
N ALA E 793 32.14 26.53 -20.70
CA ALA E 793 32.67 27.87 -20.49
C ALA E 793 32.04 28.54 -19.28
N PHE E 794 30.73 28.38 -19.08
CA PHE E 794 30.09 28.99 -17.93
C PHE E 794 30.52 28.34 -16.63
N PHE E 795 30.75 27.03 -16.64
CA PHE E 795 31.29 26.38 -15.44
C PHE E 795 32.70 26.88 -15.12
N SER E 796 33.51 27.10 -16.15
CA SER E 796 34.84 27.67 -15.94
C SER E 796 34.75 29.07 -15.35
N ILE E 797 33.78 29.87 -15.82
CA ILE E 797 33.58 31.22 -15.28
C ILE E 797 33.17 31.15 -13.80
N LEU E 798 32.27 30.22 -13.46
CA LEU E 798 31.85 30.06 -12.07
C LEU E 798 33.02 29.65 -11.18
N VAL E 799 33.88 28.75 -11.67
CA VAL E 799 35.05 28.35 -10.89
C VAL E 799 36.01 29.52 -10.70
N TYR E 800 36.20 30.32 -11.76
CA TYR E 800 37.07 31.49 -11.68
C TYR E 800 36.56 32.50 -10.66
N PHE E 801 35.25 32.71 -10.62
CA PHE E 801 34.70 33.67 -9.67
C PHE E 801 34.72 33.13 -8.25
N TRP E 802 34.61 31.80 -8.08
CA TRP E 802 34.81 31.22 -6.76
C TRP E 802 36.24 31.44 -6.27
N GLU E 803 37.21 31.26 -7.17
CA GLU E 803 38.61 31.51 -6.81
C GLU E 803 38.84 32.98 -6.47
N LYS E 804 38.22 33.88 -7.23
CA LYS E 804 38.33 35.31 -6.96
C LYS E 804 37.73 35.67 -5.61
N LEU E 805 36.59 35.06 -5.26
CA LEU E 805 35.99 35.30 -3.95
C LEU E 805 36.87 34.76 -2.83
N GLN E 806 37.54 33.64 -3.07
CA GLN E 806 38.42 33.11 -2.04
C GLN E 806 39.69 33.92 -1.90
N LYS E 807 40.11 34.60 -2.97
CA LYS E 807 41.35 35.37 -2.95
C LYS E 807 41.16 36.78 -2.40
N GLU E 808 40.20 37.53 -2.95
CA GLU E 808 40.03 38.93 -2.56
C GLU E 808 39.43 39.05 -1.16
N TYR E 809 38.55 38.13 -0.79
CA TYR E 809 37.92 38.12 0.52
C TYR E 809 38.19 36.77 1.17
N ASN E 810 37.80 36.66 2.43
CA ASN E 810 37.96 35.38 3.13
C ASN E 810 36.69 34.54 3.04
N GLY E 811 36.19 34.38 1.81
CA GLY E 811 35.04 33.55 1.54
C GLY E 811 33.71 34.09 2.03
N GLN E 812 33.66 35.31 2.56
CA GLN E 812 32.43 35.89 3.08
C GLN E 812 31.81 36.76 2.01
N ILE E 813 30.53 36.54 1.72
CA ILE E 813 29.85 37.38 0.74
C ILE E 813 29.35 38.67 1.36
N LYS E 814 29.28 38.75 2.69
CA LYS E 814 28.89 39.98 3.36
C LYS E 814 30.00 41.03 3.36
N LYS E 815 31.24 40.63 3.12
CA LYS E 815 32.34 41.57 3.04
C LYS E 815 32.47 42.23 1.67
N VAL E 816 31.78 41.71 0.66
CA VAL E 816 31.83 42.31 -0.68
C VAL E 816 31.05 43.61 -0.66
N PHE E 817 31.73 44.71 -0.96
CA PHE E 817 31.12 46.03 -0.87
C PHE E 817 30.44 46.36 -2.19
N CYS E 818 29.14 46.63 -2.11
CA CYS E 818 28.33 46.91 -3.30
C CYS E 818 27.23 47.88 -2.90
N PRO E 819 27.44 49.18 -3.14
CA PRO E 819 26.42 50.16 -2.73
C PRO E 819 25.08 50.03 -3.45
N THR E 820 25.09 49.52 -4.69
CA THR E 820 23.86 49.38 -5.45
C THR E 820 22.91 48.38 -4.78
N ILE E 821 23.44 47.22 -4.38
CA ILE E 821 22.61 46.18 -3.77
C ILE E 821 22.05 46.65 -2.44
N GLU E 822 22.88 47.31 -1.62
CA GLU E 822 22.43 47.81 -0.32
C GLU E 822 21.38 48.90 -0.48
N SER E 823 21.58 49.82 -1.42
CA SER E 823 20.61 50.88 -1.64
C SER E 823 19.27 50.33 -2.14
N GLU E 824 19.31 49.39 -3.07
CA GLU E 824 18.07 48.80 -3.58
C GLU E 824 17.38 47.96 -2.52
N THR E 825 18.15 47.27 -1.67
CA THR E 825 17.55 46.50 -0.59
C THR E 825 16.90 47.41 0.44
N GLU E 826 17.54 48.54 0.77
CA GLU E 826 16.94 49.49 1.70
C GLU E 826 15.67 50.11 1.13
N ALA E 827 15.69 50.45 -0.16
CA ALA E 827 14.49 51.00 -0.79
C ALA E 827 13.36 49.98 -0.83
N TYR E 828 13.69 48.71 -1.10
CA TYR E 828 12.68 47.66 -1.09
C TYR E 828 12.11 47.45 0.31
N ARG E 829 12.96 47.50 1.33
CA ARG E 829 12.49 47.38 2.71
C ARG E 829 11.59 48.55 3.09
N LYS E 830 11.92 49.75 2.65
CA LYS E 830 11.09 50.91 2.96
C LYS E 830 9.75 50.85 2.24
N SER E 831 9.74 50.34 1.00
CA SER E 831 8.48 50.24 0.27
C SER E 831 7.62 49.09 0.80
N GLN E 832 8.24 48.04 1.35
CA GLN E 832 7.48 46.90 1.84
C GLN E 832 6.94 47.10 3.24
N ASP E 833 7.21 48.24 3.87
CA ASP E 833 6.64 48.56 5.18
C ASP E 833 5.32 49.29 4.97
N THR E 834 4.21 48.55 5.11
CA THR E 834 2.89 49.12 4.86
C THR E 834 2.41 50.02 5.98
N LEU E 835 2.86 49.76 7.22
CA LEU E 835 2.42 50.56 8.35
C LEU E 835 2.91 51.99 8.24
N HIS E 836 4.15 52.19 7.80
CA HIS E 836 4.67 53.54 7.61
C HIS E 836 3.90 54.26 6.51
N ARG E 837 3.51 53.54 5.46
CA ARG E 837 2.69 54.15 4.40
C ARG E 837 1.32 54.54 4.94
N PHE E 838 0.73 53.71 5.79
CA PHE E 838 -0.52 54.04 6.46
C PHE E 838 -0.39 55.36 7.23
N ILE E 839 0.61 55.44 8.10
CA ILE E 839 0.75 56.63 8.95
C ILE E 839 1.10 57.85 8.11
N THR E 840 1.85 57.66 7.02
CA THR E 840 2.23 58.80 6.19
C THR E 840 1.06 59.31 5.36
N GLU E 841 0.14 58.44 4.94
CA GLU E 841 -0.88 58.86 3.99
C GLU E 841 -2.24 59.10 4.61
N ARG E 842 -2.65 58.35 5.64
CA ARG E 842 -4.03 58.37 6.09
C ARG E 842 -4.23 58.93 7.49
N VAL E 843 -3.17 59.26 8.22
CA VAL E 843 -3.31 59.85 9.54
C VAL E 843 -2.40 61.08 9.59
N VAL E 844 -2.95 62.23 9.97
CA VAL E 844 -2.25 63.51 9.87
C VAL E 844 -2.22 64.18 11.24
N GLU E 845 -1.50 65.29 11.30
CA GLU E 845 -1.40 66.09 12.52
C GLU E 845 -2.75 66.72 12.86
N SER E 846 -3.00 66.86 14.16
CA SER E 846 -4.21 67.53 14.64
C SER E 846 -3.86 68.31 15.90
N PRO E 847 -3.39 69.55 15.76
CA PRO E 847 -3.09 70.35 16.94
C PRO E 847 -4.37 70.81 17.64
N SER E 848 -4.32 70.81 18.97
CA SER E 848 -5.43 71.21 19.83
C SER E 848 -6.70 70.41 19.55
N ALA E 849 -6.53 69.09 19.35
CA ALA E 849 -7.65 68.21 19.07
C ALA E 849 -8.14 67.60 20.37
N GLU E 850 -9.43 67.75 20.65
CA GLU E 850 -10.05 67.19 21.84
C GLU E 850 -10.47 65.75 21.65
N THR E 851 -10.31 65.19 20.46
CA THR E 851 -10.64 63.80 20.18
C THR E 851 -9.46 62.91 20.53
N VAL E 852 -9.72 61.85 21.28
CA VAL E 852 -8.69 60.91 21.72
C VAL E 852 -8.91 59.59 21.01
N TYR E 853 -7.89 59.12 20.31
CA TYR E 853 -7.93 57.86 19.57
C TYR E 853 -7.12 56.83 20.33
N ASN E 854 -7.73 55.68 20.59
CA ASN E 854 -7.06 54.56 21.23
C ASN E 854 -6.52 53.60 20.19
N LEU E 855 -5.80 52.58 20.68
CA LEU E 855 -5.07 51.68 19.78
C LEU E 855 -6.00 50.76 19.01
N SER E 856 -7.17 50.43 19.56
CA SER E 856 -8.09 49.54 18.87
C SER E 856 -8.63 50.15 17.59
N GLU E 857 -8.94 51.45 17.62
CA GLU E 857 -9.48 52.11 16.44
C GLU E 857 -8.45 52.18 15.32
N VAL E 858 -7.20 52.49 15.64
CA VAL E 858 -6.18 52.53 14.59
C VAL E 858 -5.83 51.11 14.14
N VAL E 859 -6.02 50.10 14.99
CA VAL E 859 -5.84 48.72 14.56
C VAL E 859 -6.88 48.34 13.52
N THR E 860 -8.14 48.66 13.79
CA THR E 860 -9.20 48.39 12.79
C THR E 860 -8.87 49.14 11.50
N ALA E 861 -8.43 50.40 11.62
CA ALA E 861 -8.14 51.22 10.43
C ALA E 861 -7.03 50.58 9.59
N TYR E 862 -5.92 50.18 10.22
CA TYR E 862 -4.78 49.62 9.46
C TYR E 862 -5.23 48.34 8.74
N ALA E 863 -6.05 47.53 9.39
CA ALA E 863 -6.54 46.27 8.78
C ALA E 863 -7.21 46.61 7.44
N GLU E 864 -8.19 47.53 7.48
CA GLU E 864 -8.93 47.90 6.24
C GLU E 864 -7.94 48.50 5.24
N TRP E 865 -7.10 49.44 5.71
CA TRP E 865 -6.15 50.13 4.79
C TRP E 865 -5.26 49.10 4.10
N TYR E 866 -4.70 48.16 4.86
CA TYR E 866 -3.78 47.16 4.27
C TYR E 866 -4.52 46.34 3.20
N ASN E 867 -5.73 45.89 3.52
CA ASN E 867 -6.48 45.02 2.58
C ASN E 867 -6.74 45.78 1.27
N THR E 868 -7.24 47.02 1.36
CA THR E 868 -7.59 47.79 0.14
C THR E 868 -6.32 48.25 -0.58
N ASN E 869 -5.30 48.70 0.17
CA ASN E 869 -4.07 49.26 -0.46
C ASN E 869 -3.23 48.12 -1.07
N ILE E 870 -3.03 47.02 -0.35
CA ILE E 870 -2.13 45.94 -0.85
C ILE E 870 -2.95 44.68 -1.16
N ASN E 871 -3.31 43.92 -0.11
CA ASN E 871 -4.08 42.66 -0.32
C ASN E 871 -4.88 42.35 0.95
N VAL E 872 -5.98 41.61 0.81
CA VAL E 872 -6.84 41.26 1.99
C VAL E 872 -6.20 40.10 2.74
N LYS E 873 -5.85 40.31 4.01
CA LYS E 873 -5.27 39.21 4.84
C LYS E 873 -5.68 39.42 6.30
N ARG E 874 -5.76 38.34 7.08
CA ARG E 874 -6.11 38.45 8.52
C ARG E 874 -4.84 38.66 9.34
N HIS E 875 -4.98 39.08 10.60
CA HIS E 875 -3.83 39.30 11.47
C HIS E 875 -4.29 39.30 12.91
N ILE E 876 -3.40 39.79 13.77
CA ILE E 876 -3.54 39.72 15.23
C ILE E 876 -3.46 41.13 15.78
N ALA E 877 -4.43 41.49 16.62
CA ALA E 877 -4.46 42.83 17.19
C ALA E 877 -3.31 43.07 18.16
N LEU E 878 -2.93 42.06 18.94
CA LEU E 878 -1.87 42.25 19.92
C LEU E 878 -0.51 42.42 19.26
N GLU E 879 -0.23 41.57 18.25
CA GLU E 879 1.02 41.70 17.51
C GLU E 879 1.07 43.00 16.73
N LEU E 880 -0.08 43.43 16.17
CA LEU E 880 -0.14 44.70 15.47
C LEU E 880 0.08 45.87 16.40
N SER E 881 -0.47 45.78 17.63
CA SER E 881 -0.26 46.82 18.62
C SER E 881 1.21 46.92 19.03
N GLN E 882 1.86 45.77 19.21
CA GLN E 882 3.29 45.79 19.49
C GLN E 882 4.08 46.31 18.30
N GLU E 883 3.61 46.05 17.08
CA GLU E 883 4.32 46.51 15.88
C GLU E 883 4.22 48.03 15.73
N LEU E 884 3.08 48.61 16.08
CA LEU E 884 2.93 50.06 15.97
C LEU E 884 3.29 50.78 17.26
N GLU E 885 3.63 50.05 18.32
CA GLU E 885 4.07 50.67 19.57
C GLU E 885 5.33 51.50 19.37
N ASN E 886 6.32 50.97 18.66
CA ASN E 886 7.51 51.77 18.37
C ASN E 886 7.19 52.67 17.18
N SER E 887 7.09 52.09 15.98
CA SER E 887 6.67 52.70 14.71
C SER E 887 7.25 54.07 14.40
N VAL E 888 6.39 55.09 14.34
CA VAL E 888 6.81 56.47 14.19
C VAL E 888 5.93 57.27 15.13
N LEU E 889 4.95 56.59 15.73
CA LEU E 889 3.95 57.23 16.59
C LEU E 889 4.27 57.12 18.07
N GLU E 890 5.47 56.65 18.45
CA GLU E 890 5.78 56.51 19.87
C GLU E 890 6.00 57.85 20.54
N LYS E 891 6.50 58.83 19.79
CA LYS E 891 6.81 60.14 20.35
C LYS E 891 5.54 60.84 20.83
N TYR E 892 4.41 60.47 20.26
CA TYR E 892 3.13 61.11 20.50
C TYR E 892 2.15 60.23 21.26
N LEU E 893 2.44 58.93 21.37
CA LEU E 893 1.66 58.03 22.21
C LEU E 893 1.93 58.33 23.69
N GLN E 894 0.92 58.10 24.53
CA GLN E 894 1.07 58.34 25.96
C GLN E 894 0.18 57.39 26.75
N TRP E 895 0.50 57.26 28.03
CA TRP E 895 -0.16 56.32 28.92
C TRP E 895 -1.39 56.95 29.57
N SER E 896 -2.29 56.09 30.02
CA SER E 896 -3.53 56.48 30.66
C SER E 896 -3.58 55.94 32.09
N PRO E 897 -4.36 56.56 32.97
CA PRO E 897 -4.59 55.96 34.30
C PRO E 897 -5.31 54.62 34.25
N ASN E 898 -6.01 54.33 33.15
CA ASN E 898 -6.64 53.04 32.92
C ASN E 898 -5.74 52.06 32.19
N LYS E 899 -4.41 52.20 32.35
CA LYS E 899 -3.35 51.37 31.73
C LYS E 899 -3.57 51.11 30.25
N THR E 900 -4.14 52.10 29.55
CA THR E 900 -4.39 52.00 28.12
C THR E 900 -3.61 53.11 27.41
N ARG E 901 -3.73 53.12 26.08
CA ARG E 901 -3.10 54.14 25.25
C ARG E 901 -4.13 55.20 24.91
N ILE E 902 -3.87 56.44 25.32
CA ILE E 902 -4.85 57.51 25.32
C ILE E 902 -4.35 58.62 24.39
N LEU E 903 -3.71 58.19 23.29
CA LEU E 903 -3.07 59.07 22.30
C LEU E 903 -3.99 60.19 21.85
N LYS E 904 -3.59 61.42 22.15
CA LYS E 904 -4.39 62.61 21.87
C LYS E 904 -3.89 63.30 20.61
N GLY E 905 -4.80 64.04 19.98
CA GLY E 905 -4.48 64.61 18.69
C GLY E 905 -4.40 63.50 17.65
N CYS E 906 -3.75 63.83 16.53
CA CYS E 906 -3.41 62.88 15.47
C CYS E 906 -4.65 62.19 14.92
N ARG E 907 -5.56 63.00 14.37
CA ARG E 907 -6.86 62.46 13.95
C ARG E 907 -6.73 61.59 12.72
N ILE E 908 -7.56 60.55 12.66
CA ILE E 908 -7.59 59.61 11.55
C ILE E 908 -8.52 60.18 10.48
N LEU E 909 -8.10 60.06 9.22
CA LEU E 909 -8.80 60.72 8.13
C LEU E 909 -10.13 60.06 7.82
N HIS E 910 -10.18 58.72 7.89
CA HIS E 910 -11.34 57.85 7.69
C HIS E 910 -12.11 58.12 6.40
N LYS E 911 -11.48 58.77 5.42
CA LYS E 911 -12.07 59.09 4.13
C LYS E 911 -10.96 59.61 3.23
N PHE E 912 -11.32 59.91 1.98
CA PHE E 912 -10.39 60.51 1.04
C PHE E 912 -10.37 62.02 1.20
N GLU E 913 -9.18 62.60 1.01
CA GLU E 913 -8.92 64.04 1.10
C GLU E 913 -9.29 64.52 2.50
N THR E 914 -10.16 65.52 2.65
CA THR E 914 -10.55 66.13 3.93
C THR E 914 -9.33 66.59 4.72
N LEU E 915 -8.62 67.57 4.14
CA LEU E 915 -7.35 68.02 4.70
C LEU E 915 -7.57 68.78 6.01
N GLN E 916 -6.68 68.51 6.97
CA GLN E 916 -6.74 69.17 8.26
C GLN E 916 -6.26 70.62 8.13
N PRO E 917 -6.96 71.59 8.73
CA PRO E 917 -6.44 72.97 8.74
C PRO E 917 -5.12 73.11 9.47
N GLY E 918 -4.86 72.28 10.47
CA GLY E 918 -3.56 72.28 11.12
C GLY E 918 -2.47 71.74 10.21
N GLU E 919 -1.27 72.29 10.37
CA GLU E 919 -0.18 72.03 9.44
C GLU E 919 0.45 70.67 9.69
N SER E 920 1.19 70.20 8.68
CA SER E 920 2.06 69.02 8.71
C SER E 920 1.30 67.70 8.78
N TYR E 921 1.99 66.60 8.50
CA TYR E 921 1.45 65.26 8.62
C TYR E 921 2.17 64.50 9.72
N ILE E 922 1.43 63.61 10.40
CA ILE E 922 2.02 62.83 11.53
C ILE E 922 2.97 61.78 10.93
N GLY E 923 2.71 61.36 9.69
CA GLY E 923 3.62 60.40 9.02
C GLY E 923 4.65 61.13 8.19
N VAL E 924 5.94 61.00 8.54
CA VAL E 924 7.01 61.74 7.82
C VAL E 924 6.87 61.45 6.33
N SER E 925 6.70 62.50 5.51
CA SER E 925 6.53 62.32 4.04
C SER E 925 7.88 62.55 3.34
N CYS E 936 31.38 51.60 -9.76
CA CYS E 936 32.46 52.40 -10.33
C CYS E 936 32.46 52.34 -11.85
N GLU E 937 33.46 52.93 -12.46
CA GLU E 937 33.55 52.94 -13.92
C GLU E 937 34.08 51.61 -14.43
N PRO E 938 33.40 50.95 -15.35
CA PRO E 938 33.89 49.67 -15.87
C PRO E 938 35.11 49.82 -16.75
N LYS E 939 35.88 48.74 -16.85
CA LYS E 939 37.09 48.67 -17.65
C LYS E 939 36.91 47.61 -18.74
N ASN E 940 38.01 47.34 -19.47
CA ASN E 940 37.96 46.29 -20.49
C ASN E 940 37.96 44.90 -19.86
N LYS E 941 38.82 44.67 -18.89
CA LYS E 941 38.88 43.40 -18.18
C LYS E 941 38.11 43.51 -16.87
N TRP E 942 36.78 43.60 -16.99
CA TRP E 942 35.94 43.88 -15.83
C TRP E 942 35.95 42.76 -14.81
N TRP E 943 36.23 41.52 -15.22
CA TRP E 943 36.28 40.42 -14.27
C TRP E 943 37.53 40.46 -13.40
N GLU E 944 38.54 41.23 -13.77
CA GLU E 944 39.74 41.38 -12.96
C GLU E 944 39.67 42.58 -12.03
N TRP E 945 38.54 43.28 -11.99
CA TRP E 945 38.41 44.47 -11.16
C TRP E 945 38.43 44.12 -9.69
N SER E 946 39.13 44.94 -8.92
CA SER E 946 39.29 44.77 -7.49
C SER E 946 39.19 46.13 -6.82
N PRO E 947 38.79 46.18 -5.55
CA PRO E 947 38.90 47.44 -4.80
C PRO E 947 40.34 47.89 -4.69
N ASN E 948 40.54 49.22 -4.76
CA ASN E 948 41.86 49.83 -4.78
C ASN E 948 42.70 49.59 -3.53
N PRO E 949 42.14 49.46 -2.30
CA PRO E 949 43.12 49.05 -1.29
C PRO E 949 43.36 47.54 -1.30
N LEU F 290 20.34 -6.08 -48.41
CA LEU F 290 21.70 -6.41 -47.90
C LEU F 290 21.79 -7.92 -47.65
N SER F 291 22.93 -8.40 -47.13
CA SER F 291 23.10 -9.84 -46.83
C SER F 291 22.46 -10.15 -45.47
N ILE F 292 21.15 -9.92 -45.35
CA ILE F 292 20.43 -10.22 -44.07
C ILE F 292 20.55 -11.71 -43.79
N LEU F 293 20.67 -12.53 -44.85
CA LEU F 293 20.81 -14.00 -44.68
C LEU F 293 21.90 -14.28 -43.65
N MET F 294 22.97 -13.48 -43.66
CA MET F 294 24.09 -13.68 -42.71
C MET F 294 23.53 -13.64 -41.28
N LEU F 295 22.68 -12.65 -40.99
CA LEU F 295 22.11 -12.51 -39.62
C LEU F 295 21.44 -13.84 -39.25
N HIS F 296 20.76 -14.48 -40.20
CA HIS F 296 20.08 -15.77 -39.94
C HIS F 296 21.11 -16.87 -39.68
N ASP F 297 22.18 -16.91 -40.47
CA ASP F 297 23.18 -18.01 -40.34
C ASP F 297 24.57 -17.43 -40.00
N PRO F 298 25.13 -17.71 -38.81
CA PRO F 298 26.47 -17.23 -38.44
C PRO F 298 27.53 -17.79 -39.40
N GLU F 299 27.35 -19.02 -39.86
CA GLU F 299 28.31 -19.64 -40.82
C GLU F 299 28.60 -18.63 -41.93
N ALA F 300 27.56 -17.99 -42.47
CA ALA F 300 27.77 -16.95 -43.48
C ALA F 300 28.82 -15.94 -43.02
N ARG F 301 28.76 -15.53 -41.75
CA ARG F 301 29.77 -14.63 -41.22
C ARG F 301 31.13 -15.31 -41.14
N TYR F 302 31.16 -16.60 -40.77
CA TYR F 302 32.42 -17.36 -40.76
C TYR F 302 33.05 -17.40 -42.14
N LEU F 303 32.25 -17.72 -43.16
CA LEU F 303 32.76 -17.77 -44.53
C LEU F 303 33.15 -16.38 -45.03
N HIS F 304 32.46 -15.34 -44.56
CA HIS F 304 32.84 -13.97 -44.94
C HIS F 304 34.19 -13.59 -44.36
N LYS F 305 34.46 -13.98 -43.11
CA LYS F 305 35.79 -13.74 -42.54
C LYS F 305 36.85 -14.54 -43.28
N ILE F 306 36.53 -15.76 -43.70
CA ILE F 306 37.47 -16.55 -44.50
C ILE F 306 37.73 -15.88 -45.85
N LEU F 307 36.68 -15.34 -46.48
CA LEU F 307 36.83 -14.69 -47.78
C LEU F 307 37.62 -13.39 -47.66
N ASN F 308 37.45 -12.66 -46.55
CA ASN F 308 38.29 -11.50 -46.29
C ASN F 308 39.73 -11.91 -46.03
N LEU F 309 39.94 -13.10 -45.45
CA LEU F 309 41.27 -13.64 -45.26
C LEU F 309 41.92 -14.08 -46.58
N LEU F 310 41.13 -14.29 -47.63
CA LEU F 310 41.67 -14.72 -48.91
C LEU F 310 42.54 -13.63 -49.53
N PRO F 311 43.51 -14.00 -50.39
CA PRO F 311 44.39 -12.99 -50.97
C PRO F 311 43.64 -12.06 -51.91
N PRO F 312 44.10 -10.83 -52.09
CA PRO F 312 43.40 -9.88 -52.96
C PRO F 312 43.63 -10.09 -54.45
N GLU F 313 44.21 -11.23 -54.86
CA GLU F 313 44.32 -11.53 -56.28
C GLU F 313 42.95 -11.79 -56.90
N TYR F 314 41.99 -12.29 -56.12
CA TYR F 314 40.64 -12.52 -56.62
C TYR F 314 39.90 -11.22 -56.92
N TYR F 315 40.36 -10.10 -56.37
CA TYR F 315 39.78 -8.80 -56.71
C TYR F 315 40.14 -8.44 -58.15
N VAL F 316 39.14 -7.90 -58.87
CA VAL F 316 39.13 -7.57 -60.30
C VAL F 316 39.73 -8.58 -61.28
N GLU F 317 39.38 -9.85 -61.10
CA GLU F 317 39.99 -10.98 -61.77
C GLU F 317 38.89 -11.93 -62.24
N TYR F 318 39.04 -12.45 -63.46
CA TYR F 318 38.05 -13.42 -63.93
C TYR F 318 38.25 -14.85 -63.43
N PRO F 319 39.41 -15.54 -63.66
CA PRO F 319 39.41 -17.01 -63.47
C PRO F 319 39.34 -17.50 -62.03
N LEU F 320 40.24 -17.01 -61.17
CA LEU F 320 40.33 -17.54 -59.81
C LEU F 320 39.17 -17.04 -58.95
N TRP F 321 38.69 -15.83 -59.20
CA TRP F 321 37.48 -15.34 -58.55
C TRP F 321 36.28 -16.20 -58.94
N SER F 322 36.20 -16.61 -60.20
CA SER F 322 35.16 -17.54 -60.62
C SER F 322 35.33 -18.90 -59.96
N ASN F 323 36.57 -19.34 -59.74
CA ASN F 323 36.80 -20.60 -59.03
C ASN F 323 36.29 -20.53 -57.59
N VAL F 324 36.55 -19.43 -56.90
CA VAL F 324 36.08 -19.27 -55.53
C VAL F 324 34.56 -19.13 -55.50
N VAL F 325 33.98 -18.43 -56.49
CA VAL F 325 32.53 -18.34 -56.63
C VAL F 325 31.92 -19.72 -56.82
N PHE F 326 32.54 -20.55 -57.66
CA PHE F 326 32.07 -21.90 -57.91
C PHE F 326 32.16 -22.75 -56.65
N ALA F 327 33.25 -22.62 -55.89
CA ALA F 327 33.40 -23.36 -54.64
C ALA F 327 32.33 -22.96 -53.63
N LEU F 328 32.07 -21.65 -53.50
CA LEU F 328 31.04 -21.17 -52.58
C LEU F 328 29.66 -21.65 -52.99
N ALA F 329 29.37 -21.64 -54.30
CA ALA F 329 28.09 -22.16 -54.78
C ALA F 329 27.97 -23.65 -54.54
N ASN F 330 29.08 -24.38 -54.62
CA ASN F 330 29.04 -25.81 -54.36
C ASN F 330 28.81 -26.11 -52.88
N THR F 331 29.34 -25.26 -52.00
CA THR F 331 29.13 -25.45 -50.56
C THR F 331 27.66 -25.30 -50.21
N SER F 332 27.01 -24.27 -50.76
CA SER F 332 25.58 -24.04 -50.49
C SER F 332 25.02 -23.22 -51.65
N ALA F 333 24.20 -23.86 -52.47
CA ALA F 333 23.57 -23.18 -53.61
C ALA F 333 22.32 -22.45 -53.15
N ASN F 334 22.55 -21.36 -52.40
CA ASN F 334 21.45 -20.57 -51.86
C ASN F 334 21.70 -19.07 -51.96
N TYR F 335 22.65 -18.66 -52.82
CA TYR F 335 23.06 -17.28 -53.12
C TYR F 335 23.80 -16.61 -51.96
N ARG F 336 23.94 -17.26 -50.81
CA ARG F 336 24.47 -16.59 -49.63
C ARG F 336 26.00 -16.42 -49.61
N PRO F 337 26.82 -17.48 -49.77
CA PRO F 337 28.27 -17.23 -49.74
C PRO F 337 28.75 -16.42 -50.94
N LEU F 338 28.05 -16.54 -52.07
CA LEU F 338 28.29 -15.65 -53.19
C LEU F 338 27.94 -14.20 -52.84
N ALA F 339 26.93 -14.00 -51.99
CA ALA F 339 26.62 -12.65 -51.54
C ALA F 339 27.71 -12.10 -50.64
N GLU F 340 28.30 -12.95 -49.80
CA GLU F 340 29.45 -12.49 -49.01
C GLU F 340 30.65 -12.18 -49.89
N TRP F 341 30.85 -12.97 -50.95
CA TRP F 341 31.93 -12.68 -51.90
C TRP F 341 31.66 -11.40 -52.68
N PHE F 342 30.39 -11.07 -52.91
CA PHE F 342 30.05 -9.77 -53.45
C PHE F 342 30.38 -8.65 -52.47
N SER F 343 30.06 -8.86 -51.18
CA SER F 343 30.29 -7.83 -50.18
C SER F 343 31.76 -7.66 -49.83
N GLN F 344 32.60 -8.66 -50.11
CA GLN F 344 33.99 -8.59 -49.72
C GLN F 344 34.83 -7.82 -50.75
N LYS F 345 34.91 -8.32 -51.98
CA LYS F 345 35.78 -7.70 -52.99
C LYS F 345 35.00 -6.71 -53.84
N CYS F 346 34.03 -7.20 -54.62
CA CYS F 346 33.25 -6.42 -55.58
C CYS F 346 32.14 -7.27 -56.15
N PRO F 347 30.96 -6.69 -56.41
CA PRO F 347 29.89 -7.47 -57.06
C PRO F 347 30.21 -7.89 -58.48
N GLU F 348 30.44 -6.94 -59.39
CA GLU F 348 30.78 -7.27 -60.77
C GLU F 348 31.80 -6.29 -61.35
N LYS F 349 32.82 -5.95 -60.57
CA LYS F 349 33.86 -5.01 -61.05
C LYS F 349 34.87 -5.77 -61.93
N TRP F 350 34.37 -6.22 -63.07
CA TRP F 350 35.13 -6.91 -64.11
C TRP F 350 34.34 -6.74 -65.41
N ASN F 351 34.59 -7.64 -66.38
CA ASN F 351 33.95 -7.59 -67.69
C ASN F 351 32.43 -7.50 -67.58
N THR F 352 31.86 -6.59 -68.36
CA THR F 352 30.47 -6.17 -68.19
C THR F 352 29.50 -7.29 -68.53
N GLY F 353 28.30 -7.20 -67.94
CA GLY F 353 27.33 -8.27 -68.07
C GLY F 353 27.67 -9.50 -67.27
N GLY F 354 28.53 -9.37 -66.26
CA GLY F 354 29.02 -10.51 -65.53
C GLY F 354 28.01 -11.12 -64.56
N LYS F 355 27.00 -10.36 -64.16
CA LYS F 355 26.04 -10.87 -63.19
C LYS F 355 25.11 -11.92 -63.81
N GLU F 356 24.75 -11.78 -65.08
CA GLU F 356 23.87 -12.75 -65.71
C GLU F 356 24.57 -14.09 -65.88
N LYS F 357 25.80 -14.07 -66.40
CA LYS F 357 26.58 -15.29 -66.50
C LYS F 357 26.99 -15.82 -65.12
N LEU F 358 27.07 -14.94 -64.13
CA LEU F 358 27.28 -15.40 -62.75
C LEU F 358 26.08 -16.18 -62.23
N GLU F 359 24.86 -15.71 -62.54
CA GLU F 359 23.66 -16.46 -62.16
C GLU F 359 23.57 -17.77 -62.93
N LYS F 360 24.01 -17.76 -64.20
CA LYS F 360 24.09 -19.01 -64.96
C LYS F 360 25.10 -19.98 -64.33
N LEU F 361 26.23 -19.45 -63.84
CA LEU F 361 27.21 -20.27 -63.14
C LEU F 361 26.64 -20.81 -61.84
N TRP F 362 25.84 -20.01 -61.15
CA TRP F 362 25.15 -20.49 -59.95
C TRP F 362 24.18 -21.62 -60.31
N ASN F 363 23.49 -21.51 -61.44
CA ASN F 363 22.58 -22.57 -61.87
C ASN F 363 23.34 -23.86 -62.21
N ASP F 364 24.46 -23.75 -62.94
CA ASP F 364 25.17 -24.97 -63.31
C ASP F 364 25.93 -25.58 -62.14
N ALA F 365 26.29 -24.77 -61.13
CA ALA F 365 26.75 -25.35 -59.88
C ALA F 365 25.61 -25.96 -59.08
N SER F 366 24.40 -25.43 -59.26
CA SER F 366 23.23 -25.97 -58.55
C SER F 366 22.87 -27.35 -59.06
N HIS F 367 22.92 -27.58 -60.37
CA HIS F 367 22.61 -28.90 -60.89
C HIS F 367 23.85 -29.77 -61.10
N HIS F 368 24.89 -29.55 -60.29
CA HIS F 368 25.99 -30.49 -60.05
C HIS F 368 26.77 -30.81 -61.33
N THR F 369 27.51 -29.81 -61.81
CA THR F 369 28.44 -30.03 -62.91
C THR F 369 29.64 -30.85 -62.44
N GLU F 370 30.61 -31.04 -63.36
CA GLU F 370 31.64 -32.06 -63.23
C GLU F 370 32.60 -31.87 -62.07
N LYS F 371 32.64 -30.69 -61.46
CA LYS F 371 33.50 -30.43 -60.32
C LYS F 371 32.66 -30.03 -59.11
N LYS F 372 33.15 -30.39 -57.92
CA LYS F 372 32.50 -30.03 -56.66
C LYS F 372 33.59 -29.62 -55.67
N ILE F 373 33.90 -28.33 -55.64
CA ILE F 373 34.91 -27.78 -54.75
C ILE F 373 34.24 -27.41 -53.43
N THR F 374 34.77 -27.91 -52.33
CA THR F 374 34.14 -27.79 -51.03
C THR F 374 34.74 -26.64 -50.23
N LYS F 375 34.25 -26.48 -49.00
CA LYS F 375 34.72 -25.43 -48.10
C LYS F 375 36.15 -25.67 -47.64
N ARG F 376 36.56 -26.95 -47.61
CA ARG F 376 37.91 -27.29 -47.17
C ARG F 376 38.96 -26.73 -48.12
N SER F 377 38.69 -26.74 -49.43
CA SER F 377 39.62 -26.11 -50.36
C SER F 377 39.66 -24.59 -50.20
N ILE F 378 38.52 -23.99 -49.83
CA ILE F 378 38.48 -22.54 -49.61
C ILE F 378 39.35 -22.17 -48.41
N MET F 379 39.23 -22.92 -47.31
CA MET F 379 40.11 -22.63 -46.17
C MET F 379 41.53 -23.08 -46.43
N TYR F 380 41.75 -24.02 -47.36
CA TYR F 380 43.11 -24.35 -47.77
C TYR F 380 43.78 -23.16 -48.46
N TRP F 381 43.05 -22.51 -49.38
CA TRP F 381 43.58 -21.29 -50.01
C TRP F 381 43.76 -20.17 -48.99
N ALA F 382 42.84 -20.07 -48.03
CA ALA F 382 42.92 -19.06 -46.98
C ALA F 382 44.18 -19.26 -46.12
N HIS F 383 44.48 -20.50 -45.75
CA HIS F 383 45.71 -20.79 -45.02
C HIS F 383 46.94 -20.61 -45.90
N LYS F 384 46.79 -20.85 -47.21
CA LYS F 384 47.91 -20.66 -48.13
C LYS F 384 48.30 -19.18 -48.22
N HIS F 385 47.32 -18.28 -48.12
CA HIS F 385 47.64 -16.85 -48.16
C HIS F 385 48.49 -16.43 -46.96
N ALA F 386 48.04 -16.75 -45.75
CA ALA F 386 48.78 -16.38 -44.54
C ALA F 386 48.43 -17.33 -43.41
N PRO F 387 49.43 -18.00 -42.81
CA PRO F 387 49.11 -18.96 -41.73
C PRO F 387 48.65 -18.30 -40.44
N GLN F 388 49.31 -17.23 -40.01
CA GLN F 388 48.94 -16.57 -38.75
C GLN F 388 47.59 -15.87 -38.87
N GLN F 389 47.34 -15.23 -40.01
CA GLN F 389 46.03 -14.60 -40.23
C GLN F 389 44.92 -15.65 -40.30
N TYR F 390 45.20 -16.80 -40.91
CA TYR F 390 44.23 -17.89 -40.91
C TYR F 390 43.97 -18.39 -39.49
N LYS F 391 45.02 -18.50 -38.68
CA LYS F 391 44.88 -18.96 -37.31
C LYS F 391 44.02 -18.01 -36.50
N GLU F 392 44.26 -16.70 -36.63
CA GLU F 392 43.48 -15.75 -35.85
C GLU F 392 42.05 -15.62 -36.37
N ILE F 393 41.83 -15.75 -37.69
CA ILE F 393 40.49 -15.67 -38.24
C ILE F 393 39.65 -16.86 -37.80
N VAL F 394 40.21 -18.08 -37.85
CA VAL F 394 39.45 -19.22 -37.36
C VAL F 394 39.31 -19.16 -35.83
N GLU F 395 40.30 -18.60 -35.13
CA GLU F 395 40.22 -18.55 -33.67
C GLU F 395 39.16 -17.55 -33.20
N GLN F 396 38.83 -16.56 -34.02
CA GLN F 396 37.70 -15.71 -33.71
C GLN F 396 36.35 -16.40 -33.95
N GLY F 397 36.34 -17.55 -34.63
CA GLY F 397 35.10 -18.24 -34.94
C GLY F 397 34.53 -19.01 -33.74
N TYR F 398 33.26 -19.39 -33.88
CA TYR F 398 32.53 -20.02 -32.78
C TYR F 398 32.93 -21.48 -32.63
N PHE F 399 33.13 -22.18 -33.75
CA PHE F 399 33.48 -23.60 -33.69
C PHE F 399 34.84 -23.80 -33.04
N SER F 400 35.78 -22.90 -33.32
CA SER F 400 37.09 -23.01 -32.68
C SER F 400 37.02 -22.71 -31.19
N ILE F 401 36.14 -21.78 -30.78
CA ILE F 401 35.95 -21.51 -29.36
C ILE F 401 35.40 -22.74 -28.65
N LEU F 402 34.38 -23.36 -29.25
CA LEU F 402 33.79 -24.56 -28.66
C LEU F 402 34.79 -25.72 -28.63
N ALA F 403 35.56 -25.89 -29.71
CA ALA F 403 36.53 -26.98 -29.76
C ALA F 403 37.67 -26.75 -28.77
N GLU F 404 38.10 -25.50 -28.61
CA GLU F 404 39.12 -25.18 -27.62
C GLU F 404 38.64 -25.49 -26.22
N TYR F 405 37.39 -25.15 -25.90
CA TYR F 405 36.82 -25.49 -24.60
C TYR F 405 36.74 -27.00 -24.41
N VAL F 406 36.30 -27.73 -25.44
CA VAL F 406 36.13 -29.17 -25.36
C VAL F 406 37.47 -29.86 -25.12
N TYR F 407 38.50 -29.44 -25.85
CA TYR F 407 39.80 -30.10 -25.73
C TYR F 407 40.52 -29.68 -24.45
N SER F 408 40.39 -28.44 -24.02
CA SER F 408 41.12 -27.99 -22.85
C SER F 408 40.41 -28.27 -21.54
N TYR F 409 39.15 -28.73 -21.57
CA TYR F 409 38.48 -29.12 -20.35
C TYR F 409 37.95 -30.55 -20.41
N ASN F 410 38.51 -31.36 -21.32
CA ASN F 410 38.27 -32.81 -21.41
C ASN F 410 36.79 -33.14 -21.64
N GLY F 411 36.13 -32.34 -22.49
CA GLY F 411 34.76 -32.61 -22.86
C GLY F 411 33.73 -32.22 -21.83
N MET F 412 34.13 -31.59 -20.73
CA MET F 412 33.20 -31.10 -19.73
C MET F 412 32.76 -29.70 -20.10
N LEU F 413 31.47 -29.49 -20.26
CA LEU F 413 30.92 -28.23 -20.73
C LEU F 413 30.08 -27.58 -19.64
N GLU F 414 30.29 -26.29 -19.45
CA GLU F 414 29.59 -25.54 -18.41
C GLU F 414 28.86 -24.34 -19.02
N HIS F 415 28.25 -23.54 -18.14
CA HIS F 415 27.34 -22.49 -18.57
C HIS F 415 28.07 -21.39 -19.35
N TYR F 416 29.22 -20.94 -18.84
CA TYR F 416 29.89 -19.80 -19.46
C TYR F 416 30.48 -20.15 -20.81
N MET F 417 30.92 -21.38 -21.01
CA MET F 417 31.52 -21.76 -22.29
C MET F 417 30.50 -21.69 -23.42
N ILE F 418 29.36 -22.33 -23.24
CA ILE F 418 28.37 -22.30 -24.31
C ILE F 418 27.66 -20.95 -24.36
N ALA F 419 27.64 -20.18 -23.26
CA ALA F 419 27.18 -18.81 -23.33
C ALA F 419 28.09 -17.96 -24.21
N LYS F 420 29.40 -18.17 -24.09
CA LYS F 420 30.37 -17.49 -24.93
C LYS F 420 30.20 -17.86 -26.41
N VAL F 421 29.96 -19.14 -26.69
CA VAL F 421 29.75 -19.57 -28.07
C VAL F 421 28.46 -18.98 -28.63
N ILE F 422 27.38 -19.00 -27.83
CA ILE F 422 26.09 -18.46 -28.26
C ILE F 422 26.19 -16.97 -28.53
N TYR F 423 26.94 -16.24 -27.69
CA TYR F 423 27.18 -14.82 -27.95
C TYR F 423 28.02 -14.62 -29.20
N ALA F 424 28.98 -15.51 -29.46
CA ALA F 424 29.77 -15.40 -30.67
C ALA F 424 28.91 -15.60 -31.92
N MET F 425 27.84 -16.38 -31.83
CA MET F 425 27.07 -16.70 -33.01
C MET F 425 25.64 -16.14 -33.03
N MET F 426 25.24 -15.37 -32.01
CA MET F 426 23.98 -14.63 -32.04
C MET F 426 24.08 -13.26 -31.39
N GLY F 427 25.28 -12.67 -31.37
CA GLY F 427 25.48 -11.47 -30.58
C GLY F 427 24.87 -10.21 -31.18
N ASN F 428 24.60 -10.20 -32.47
CA ASN F 428 24.07 -9.03 -33.15
C ASN F 428 22.56 -8.98 -33.17
N LYS F 429 21.88 -10.03 -32.70
CA LYS F 429 20.43 -10.09 -32.74
C LYS F 429 19.78 -9.83 -31.39
N PHE F 430 20.52 -9.96 -30.29
CA PHE F 430 19.97 -9.78 -28.96
C PHE F 430 20.82 -8.79 -28.19
N VAL F 431 20.22 -8.15 -27.20
CA VAL F 431 20.94 -7.24 -26.32
C VAL F 431 20.29 -7.29 -24.94
N VAL F 432 21.09 -7.04 -23.91
CA VAL F 432 20.63 -7.02 -22.53
C VAL F 432 20.92 -5.66 -21.94
N ASP F 433 20.00 -5.11 -21.16
CA ASP F 433 20.33 -3.93 -20.39
C ASP F 433 19.52 -3.90 -19.09
N VAL F 434 19.99 -3.08 -18.15
CA VAL F 434 19.38 -2.96 -16.84
C VAL F 434 18.46 -1.76 -16.83
N ASP F 435 17.22 -1.95 -16.40
CA ASP F 435 16.23 -0.88 -16.40
C ASP F 435 16.30 -0.12 -15.07
N SER F 436 15.31 0.74 -14.83
CA SER F 436 15.29 1.56 -13.63
C SER F 436 14.96 0.76 -12.38
N ASN F 437 14.36 -0.41 -12.52
CA ASN F 437 14.01 -1.26 -11.38
C ASN F 437 15.13 -2.21 -11.00
N GLY F 438 16.26 -2.17 -11.70
CA GLY F 438 17.35 -3.07 -11.39
C GLY F 438 17.20 -4.47 -11.92
N LYS F 439 16.49 -4.64 -13.03
CA LYS F 439 16.29 -5.94 -13.65
C LYS F 439 16.95 -5.98 -15.02
N TYR F 440 17.44 -7.15 -15.40
CA TYR F 440 18.04 -7.35 -16.71
C TYR F 440 16.93 -7.69 -17.71
N VAL F 441 16.84 -6.89 -18.77
CA VAL F 441 15.78 -6.99 -19.76
C VAL F 441 16.42 -7.36 -21.09
N TRP F 442 15.79 -8.28 -21.84
CA TRP F 442 16.31 -8.65 -23.14
C TRP F 442 15.59 -7.89 -24.23
N PHE F 443 16.29 -7.63 -25.32
CA PHE F 443 15.70 -7.02 -26.50
C PHE F 443 16.16 -7.82 -27.72
N GLU F 444 15.24 -8.05 -28.64
CA GLU F 444 15.52 -8.81 -29.85
C GLU F 444 15.20 -7.96 -31.07
N PHE F 445 16.13 -7.95 -32.03
CA PHE F 445 15.90 -7.33 -33.33
C PHE F 445 15.03 -8.24 -34.18
N VAL F 446 13.96 -7.70 -34.75
CA VAL F 446 12.94 -8.48 -35.43
C VAL F 446 13.19 -8.43 -36.93
N LEU F 447 13.17 -9.61 -37.56
CA LEU F 447 13.42 -9.82 -38.98
C LEU F 447 12.12 -10.16 -39.70
N PRO F 448 12.07 -9.99 -41.04
CA PRO F 448 10.81 -10.23 -41.78
C PRO F 448 10.21 -11.62 -41.62
N GLY F 449 11.02 -12.67 -41.61
CA GLY F 449 10.43 -13.98 -41.40
C GLY F 449 10.46 -14.38 -39.94
N GLN F 450 9.38 -14.10 -39.22
CA GLN F 450 9.31 -14.24 -37.78
C GLN F 450 7.87 -14.09 -37.35
N PRO F 451 7.41 -14.87 -36.38
CA PRO F 451 6.08 -14.64 -35.82
C PRO F 451 6.05 -13.41 -34.93
N MET F 452 5.82 -12.25 -35.54
CA MET F 452 5.92 -10.96 -34.87
C MET F 452 4.56 -10.29 -34.77
N ASN F 453 4.45 -9.35 -33.83
CA ASN F 453 3.29 -8.47 -33.76
C ASN F 453 3.37 -7.45 -34.89
N GLN F 454 2.21 -6.95 -35.32
CA GLN F 454 2.16 -6.04 -36.45
C GLN F 454 2.88 -4.74 -36.16
N GLY F 455 3.76 -4.34 -37.09
CA GLY F 455 4.53 -3.13 -36.95
C GLY F 455 5.86 -3.26 -36.24
N GLU F 456 6.24 -4.45 -35.81
CA GLU F 456 7.44 -4.64 -35.03
C GLU F 456 8.67 -4.90 -35.88
N ILE F 457 8.56 -4.87 -37.20
CA ILE F 457 9.65 -5.29 -38.06
C ILE F 457 10.75 -4.22 -38.05
N TRP F 458 12.01 -4.69 -38.13
CA TRP F 458 13.21 -3.84 -38.14
C TRP F 458 13.30 -2.97 -36.88
N LYS F 459 12.91 -3.55 -35.74
CA LYS F 459 12.98 -2.79 -34.46
C LYS F 459 13.37 -3.76 -33.33
N TRP F 460 13.72 -3.24 -32.16
CA TRP F 460 14.03 -4.12 -31.01
C TRP F 460 12.78 -4.23 -30.12
N ARG F 461 12.31 -5.46 -29.87
CA ARG F 461 11.13 -5.65 -28.99
C ARG F 461 11.60 -6.20 -27.64
N LYS F 462 11.08 -5.66 -26.54
CA LYS F 462 11.45 -6.13 -25.19
C LYS F 462 11.04 -7.59 -25.03
N GLU F 463 11.91 -8.42 -24.46
CA GLU F 463 11.61 -9.87 -24.29
C GLU F 463 11.68 -10.22 -22.80
N VAL F 464 10.58 -10.74 -22.24
CA VAL F 464 10.58 -11.19 -20.82
C VAL F 464 11.64 -12.29 -20.69
N ASN F 465 11.64 -13.26 -21.61
CA ASN F 465 12.67 -14.34 -21.61
C ASN F 465 13.26 -14.44 -23.02
N PRO F 466 14.56 -14.79 -23.18
CA PRO F 466 15.14 -14.98 -24.53
C PRO F 466 14.55 -16.24 -25.17
N ASP F 467 13.23 -16.27 -25.36
CA ASP F 467 12.55 -17.47 -25.92
C ASP F 467 13.34 -18.01 -27.12
N GLU F 468 13.71 -17.13 -28.05
CA GLU F 468 14.43 -17.57 -29.27
C GLU F 468 15.75 -18.23 -28.87
N LEU F 469 16.47 -17.64 -27.93
CA LEU F 469 17.80 -18.18 -27.51
C LEU F 469 17.62 -19.59 -26.94
N HIS F 470 16.57 -19.79 -26.12
CA HIS F 470 16.34 -21.12 -25.50
C HIS F 470 16.20 -22.17 -26.62
N ILE F 471 15.33 -21.88 -27.59
CA ILE F 471 15.11 -22.84 -28.72
C ILE F 471 16.41 -22.99 -29.51
N TYR F 472 17.12 -21.88 -29.74
CA TYR F 472 18.37 -21.91 -30.53
C TYR F 472 19.39 -22.84 -29.85
N ILE F 473 19.46 -22.79 -28.51
CA ILE F 473 20.44 -23.63 -27.76
C ILE F 473 20.10 -25.11 -27.97
N SER F 474 18.81 -25.46 -27.97
CA SER F 474 18.41 -26.88 -28.09
C SER F 474 18.28 -27.29 -29.56
N GLU F 475 18.57 -26.39 -30.49
CA GLU F 475 18.42 -26.70 -31.93
C GLU F 475 19.71 -26.36 -32.69
N ASN F 476 19.94 -25.08 -32.99
CA ASN F 476 21.14 -24.68 -33.77
C ASN F 476 22.42 -25.10 -33.04
N PHE F 477 22.50 -24.80 -31.74
CA PHE F 477 23.72 -25.14 -30.96
C PHE F 477 23.91 -26.66 -30.95
N SER F 478 22.80 -27.41 -30.91
CA SER F 478 22.88 -28.90 -30.92
C SER F 478 23.61 -29.35 -32.18
N ARG F 479 23.33 -28.71 -33.32
CA ARG F 479 23.98 -29.08 -34.60
C ARG F 479 25.49 -28.85 -34.50
N VAL F 480 25.89 -27.69 -33.96
CA VAL F 480 27.33 -27.36 -33.82
C VAL F 480 27.96 -28.36 -32.84
N MET F 481 27.20 -28.79 -31.83
CA MET F 481 27.71 -29.79 -30.85
C MET F 481 28.03 -31.09 -31.60
N ASP F 482 27.19 -31.46 -32.58
CA ASP F 482 27.43 -32.68 -33.38
C ASP F 482 28.74 -32.50 -34.16
N ARG F 483 28.94 -31.32 -34.76
CA ARG F 483 30.20 -31.03 -35.49
C ARG F 483 31.38 -31.39 -34.59
N ILE F 484 31.24 -31.18 -33.28
CA ILE F 484 32.35 -31.49 -32.32
C ILE F 484 32.46 -33.00 -32.17
N THR F 485 31.34 -33.70 -31.97
CA THR F 485 31.40 -35.17 -31.73
C THR F 485 31.94 -35.89 -32.98
N GLU F 486 31.47 -35.49 -34.17
CA GLU F 486 31.93 -36.16 -35.42
C GLU F 486 33.43 -35.94 -35.56
N HIS F 487 33.89 -34.70 -35.37
CA HIS F 487 35.34 -34.45 -35.39
C HIS F 487 36.09 -35.38 -34.43
N ILE F 488 35.52 -35.62 -33.24
CA ILE F 488 36.15 -36.55 -32.30
C ILE F 488 36.13 -37.98 -32.84
N LYS F 489 35.05 -38.35 -33.53
CA LYS F 489 35.01 -39.68 -34.16
C LYS F 489 36.06 -39.82 -35.25
N TYR F 490 36.27 -38.76 -36.04
CA TYR F 490 37.33 -38.78 -37.04
C TYR F 490 38.69 -38.94 -36.39
N HIS F 491 38.91 -38.27 -35.25
CA HIS F 491 40.17 -38.48 -34.55
C HIS F 491 40.27 -39.88 -33.94
N LEU F 492 39.13 -40.49 -33.62
CA LEU F 492 39.10 -41.89 -33.22
C LEU F 492 39.42 -42.84 -34.35
N SER F 493 39.25 -42.40 -35.61
CA SER F 493 39.66 -43.23 -36.74
C SER F 493 41.17 -43.32 -36.91
N GLN F 494 41.94 -42.51 -36.18
CA GLN F 494 43.39 -42.54 -36.25
C GLN F 494 43.93 -43.86 -35.69
N PRO F 495 45.05 -44.38 -36.24
CA PRO F 495 45.68 -45.58 -35.68
C PRO F 495 46.10 -45.48 -34.22
N HIS F 496 46.48 -46.63 -33.65
CA HIS F 496 46.46 -46.84 -32.19
C HIS F 496 47.47 -45.96 -31.46
N GLU F 497 48.60 -45.66 -32.09
CA GLU F 497 49.74 -44.93 -31.48
C GLU F 497 50.14 -45.70 -30.22
N SER F 498 50.29 -45.05 -29.07
CA SER F 498 50.61 -45.78 -27.83
C SER F 498 49.50 -45.65 -26.79
N ASN F 499 49.17 -44.43 -26.36
CA ASN F 499 48.22 -44.28 -25.26
C ASN F 499 47.30 -43.08 -25.43
N ILE F 500 47.06 -42.62 -26.67
CA ILE F 500 46.16 -41.50 -26.89
C ILE F 500 44.76 -41.94 -27.28
N LEU F 501 44.60 -43.19 -27.73
CA LEU F 501 43.27 -43.65 -28.13
C LEU F 501 42.33 -43.77 -26.95
N ASN F 502 42.79 -44.29 -25.81
CA ASN F 502 41.93 -44.36 -24.64
C ASN F 502 41.62 -42.97 -24.09
N TYR F 503 42.56 -42.02 -24.27
CA TYR F 503 42.27 -40.62 -23.99
C TYR F 503 41.15 -40.10 -24.87
N TYR F 504 41.16 -40.48 -26.15
CA TYR F 504 40.07 -40.08 -27.03
C TYR F 504 38.76 -40.76 -26.68
N LYS F 505 38.80 -42.01 -26.22
CA LYS F 505 37.56 -42.68 -25.80
C LYS F 505 36.96 -42.00 -24.56
N LYS F 506 37.79 -41.65 -23.57
CA LYS F 506 37.23 -40.98 -22.40
C LYS F 506 36.78 -39.56 -22.73
N LEU F 507 37.46 -38.90 -23.68
CA LEU F 507 36.99 -37.61 -24.16
C LEU F 507 35.63 -37.73 -24.85
N LEU F 508 35.45 -38.77 -25.67
CA LEU F 508 34.18 -39.00 -26.33
C LEU F 508 33.08 -39.31 -25.32
N LYS F 509 33.40 -40.11 -24.30
CA LYS F 509 32.40 -40.44 -23.28
C LYS F 509 31.98 -39.20 -22.49
N ALA F 510 32.95 -38.36 -22.12
CA ALA F 510 32.63 -37.13 -21.40
C ALA F 510 31.81 -36.17 -22.26
N PHE F 511 32.13 -36.08 -23.55
CA PHE F 511 31.38 -35.18 -24.42
C PHE F 511 29.97 -35.70 -24.69
N GLU F 512 29.79 -37.01 -24.83
CA GLU F 512 28.45 -37.55 -24.99
C GLU F 512 27.63 -37.41 -23.72
N ARG F 513 28.28 -37.47 -22.56
CA ARG F 513 27.59 -37.17 -21.31
C ARG F 513 27.16 -35.71 -21.25
N SER F 514 28.02 -34.80 -21.71
CA SER F 514 27.71 -33.37 -21.63
C SER F 514 26.78 -32.90 -22.73
N LYS F 515 26.61 -33.68 -23.80
CA LYS F 515 25.82 -33.22 -24.93
C LYS F 515 24.33 -33.10 -24.60
N SER F 516 23.86 -33.89 -23.65
CA SER F 516 22.44 -33.87 -23.30
C SER F 516 22.06 -32.71 -22.39
N LYS F 517 23.02 -31.94 -21.89
CA LYS F 517 22.70 -30.87 -20.96
C LYS F 517 22.08 -29.66 -21.65
N ILE F 518 22.21 -29.54 -22.97
CA ILE F 518 21.67 -28.38 -23.66
C ILE F 518 20.17 -28.51 -23.84
N PHE F 519 19.61 -29.66 -23.44
CA PHE F 519 18.17 -29.86 -23.39
C PHE F 519 17.63 -29.80 -21.97
N ASN F 520 18.48 -29.59 -20.98
CA ASN F 520 18.06 -29.54 -19.59
C ASN F 520 17.61 -28.12 -19.25
N ASP F 521 16.54 -28.02 -18.46
CA ASP F 521 15.95 -26.72 -18.16
C ASP F 521 16.84 -25.89 -17.24
N SER F 522 17.41 -26.51 -16.20
CA SER F 522 18.25 -25.78 -15.27
C SER F 522 19.56 -25.35 -15.93
N PHE F 523 20.12 -26.21 -16.79
CA PHE F 523 21.33 -25.85 -17.52
C PHE F 523 21.09 -24.69 -18.47
N LYS F 524 19.96 -24.72 -19.19
CA LYS F 524 19.64 -23.63 -20.11
C LYS F 524 19.39 -22.34 -19.36
N LYS F 525 18.75 -22.42 -18.19
CA LYS F 525 18.55 -21.23 -17.36
C LYS F 525 19.88 -20.66 -16.89
N GLY F 526 20.82 -21.53 -16.50
CA GLY F 526 22.13 -21.06 -16.10
C GLY F 526 22.92 -20.45 -17.24
N VAL F 527 22.77 -21.01 -18.44
CA VAL F 527 23.44 -20.46 -19.62
C VAL F 527 22.89 -19.09 -19.94
N ILE F 528 21.56 -18.92 -19.88
CA ILE F 528 20.96 -17.62 -20.17
C ILE F 528 21.34 -16.60 -19.09
N ARG F 529 21.39 -17.03 -17.83
CA ARG F 529 21.78 -16.13 -16.76
C ARG F 529 23.24 -15.71 -16.88
N GLN F 530 24.10 -16.59 -17.37
CA GLN F 530 25.49 -16.22 -17.60
C GLN F 530 25.66 -15.36 -18.84
N ALA F 531 24.79 -15.52 -19.83
CA ALA F 531 24.87 -14.75 -21.07
C ALA F 531 24.42 -13.31 -20.91
N GLU F 532 23.82 -12.96 -19.78
CA GLU F 532 23.39 -11.58 -19.56
C GLU F 532 24.58 -10.64 -19.40
N PHE F 533 25.71 -11.15 -18.93
CA PHE F 533 26.91 -10.33 -18.79
C PHE F 533 27.67 -10.19 -20.10
N LEU F 534 27.39 -11.03 -21.09
CA LEU F 534 28.06 -10.97 -22.38
C LEU F 534 27.28 -10.19 -23.42
N PHE F 535 25.95 -10.28 -23.41
CA PHE F 535 25.11 -9.54 -24.32
C PHE F 535 24.85 -8.12 -23.86
N ARG F 536 25.36 -7.72 -22.70
CA ARG F 536 25.03 -6.44 -22.10
C ARG F 536 25.64 -5.29 -22.88
N GLN F 537 24.83 -4.28 -23.16
CA GLN F 537 25.29 -3.01 -23.71
C GLN F 537 24.89 -1.93 -22.72
N ARG F 538 25.87 -1.12 -22.30
CA ARG F 538 25.70 -0.32 -21.09
C ARG F 538 24.79 0.88 -21.28
N SER F 539 24.65 1.41 -22.49
CA SER F 539 23.87 2.62 -22.73
C SER F 539 22.82 2.37 -23.78
N PHE F 540 22.07 1.27 -23.64
CA PHE F 540 21.04 0.93 -24.62
C PHE F 540 19.68 1.49 -24.23
N ILE F 541 19.26 1.27 -22.99
CA ILE F 541 17.95 1.72 -22.55
C ILE F 541 17.91 3.24 -22.46
N GLN F 542 19.03 3.85 -22.05
CA GLN F 542 19.09 5.31 -21.93
C GLN F 542 18.94 6.00 -23.28
N THR F 543 19.53 5.44 -24.34
CA THR F 543 19.48 6.03 -25.67
C THR F 543 18.56 5.25 -26.59
N LEU F 544 17.43 4.75 -26.06
CA LEU F 544 16.58 3.89 -26.86
C LEU F 544 15.82 4.67 -27.91
N ASP F 545 14.95 5.58 -27.52
CA ASP F 545 14.21 6.40 -28.48
C ASP F 545 14.56 7.85 -28.18
N THR F 546 15.72 8.27 -28.67
CA THR F 546 16.24 9.60 -28.40
C THR F 546 16.63 10.36 -29.64
N ASN F 547 16.64 9.72 -30.80
CA ASN F 547 16.85 10.42 -32.05
C ASN F 547 15.53 11.02 -32.51
N PRO F 548 15.41 12.34 -32.60
CA PRO F 548 14.13 12.93 -33.03
C PRO F 548 13.88 12.83 -34.52
N HIS F 549 14.87 12.43 -35.31
CA HIS F 549 14.73 12.31 -36.75
C HIS F 549 14.38 10.90 -37.20
N LEU F 550 14.16 9.97 -36.28
CA LEU F 550 13.83 8.59 -36.59
C LEU F 550 12.49 8.26 -35.96
N LEU F 551 11.60 7.64 -36.74
CA LEU F 551 10.25 7.33 -36.28
C LEU F 551 9.93 5.89 -36.65
N GLY F 552 9.66 5.06 -35.66
CA GLY F 552 9.26 3.69 -35.95
C GLY F 552 7.89 3.65 -36.60
N VAL F 553 7.80 3.01 -37.75
CA VAL F 553 6.54 2.88 -38.48
C VAL F 553 6.30 1.41 -38.77
N GLY F 554 5.08 1.11 -39.19
CA GLY F 554 4.62 -0.27 -39.36
C GLY F 554 5.37 -1.07 -40.39
N ASN F 555 6.16 -0.43 -41.26
CA ASN F 555 6.96 -1.14 -42.24
C ASN F 555 8.44 -0.78 -42.10
N GLY F 556 8.87 -0.37 -40.92
CA GLY F 556 10.29 -0.11 -40.73
C GLY F 556 10.60 1.13 -39.92
N VAL F 557 11.60 1.90 -40.33
CA VAL F 557 11.95 3.14 -39.65
C VAL F 557 11.95 4.27 -40.66
N LEU F 558 11.16 5.30 -40.41
CA LEU F 558 11.16 6.50 -41.24
C LEU F 558 12.23 7.46 -40.74
N SER F 559 13.08 7.91 -41.66
CA SER F 559 14.17 8.83 -41.35
C SER F 559 13.92 10.15 -42.05
N ILE F 560 13.88 11.22 -41.27
CA ILE F 560 13.64 12.56 -41.80
C ILE F 560 14.87 13.43 -41.54
N GLU F 561 16.04 12.80 -41.49
CA GLU F 561 17.29 13.55 -41.34
C GLU F 561 17.56 14.43 -42.56
N THR F 562 17.33 13.90 -43.75
CA THR F 562 17.54 14.62 -44.99
C THR F 562 16.27 14.58 -45.83
N ILE F 563 16.17 15.52 -46.75
CA ILE F 563 15.04 15.57 -47.69
C ILE F 563 15.47 14.89 -48.98
N PRO F 564 14.71 13.93 -49.50
CA PRO F 564 13.43 13.40 -49.03
C PRO F 564 13.58 12.38 -47.90
N ALA F 565 12.49 12.12 -47.18
CA ALA F 565 12.51 11.15 -46.10
C ALA F 565 12.67 9.73 -46.64
N LYS F 566 13.41 8.92 -45.91
CA LYS F 566 13.81 7.60 -46.37
C LYS F 566 13.21 6.52 -45.46
N LEU F 567 12.71 5.46 -46.07
CA LEU F 567 12.17 4.32 -45.33
C LEU F 567 13.24 3.25 -45.21
N ILE F 568 13.80 3.11 -44.01
CA ILE F 568 14.73 2.04 -43.71
C ILE F 568 13.94 0.77 -43.48
N ASN F 569 14.06 -0.18 -44.40
CA ASN F 569 13.46 -1.51 -44.28
C ASN F 569 14.55 -2.57 -44.47
N HIS F 570 15.69 -2.36 -43.82
CA HIS F 570 16.78 -3.31 -43.85
C HIS F 570 17.48 -3.26 -42.50
N PHE F 571 18.57 -3.98 -42.37
CA PHE F 571 19.32 -3.99 -41.12
C PHE F 571 19.98 -2.64 -40.87
N HIS F 572 20.01 -2.24 -39.60
CA HIS F 572 20.58 -0.95 -39.23
C HIS F 572 21.02 -1.03 -37.78
N GLU F 573 21.79 -0.04 -37.35
CA GLU F 573 22.26 0.06 -35.99
C GLU F 573 21.50 1.07 -35.15
N HIS F 574 20.45 1.66 -35.69
CA HIS F 574 19.69 2.65 -34.93
C HIS F 574 18.84 1.96 -33.88
N PRO F 575 18.96 2.33 -32.61
CA PRO F 575 18.04 1.80 -31.58
C PRO F 575 16.65 2.39 -31.77
N ILE F 576 15.69 1.55 -32.09
CA ILE F 576 14.29 1.95 -32.22
C ILE F 576 13.44 0.90 -31.52
N HIS F 577 12.63 1.32 -30.55
CA HIS F 577 11.76 0.41 -29.84
C HIS F 577 10.29 0.73 -30.04
N GLN F 578 9.87 1.96 -29.78
CA GLN F 578 8.49 2.36 -29.97
C GLN F 578 8.21 2.61 -31.45
N TYR F 579 6.94 2.54 -31.81
CA TYR F 579 6.54 2.70 -33.20
C TYR F 579 5.08 3.12 -33.26
N THR F 580 4.64 3.48 -34.46
CA THR F 580 3.23 3.67 -34.76
C THR F 580 2.80 2.62 -35.78
N HIS F 581 1.52 2.23 -35.70
CA HIS F 581 1.00 1.19 -36.56
C HIS F 581 0.84 1.63 -38.01
N ILE F 582 1.01 2.91 -38.30
CA ILE F 582 0.82 3.43 -39.64
C ILE F 582 2.03 3.05 -40.49
N CYS F 583 1.77 2.52 -41.68
CA CYS F 583 2.82 2.25 -42.65
C CYS F 583 3.06 3.48 -43.51
N TYR F 584 4.32 3.78 -43.80
CA TYR F 584 4.70 4.97 -44.52
C TYR F 584 4.75 4.70 -46.02
N VAL F 585 3.91 5.40 -46.77
CA VAL F 585 3.95 5.41 -48.23
C VAL F 585 4.25 6.85 -48.64
N PRO F 586 5.09 7.09 -49.65
CA PRO F 586 5.40 8.47 -50.03
C PRO F 586 4.18 9.23 -50.54
N PHE F 587 4.24 10.55 -50.38
CA PHE F 587 3.10 11.42 -50.66
C PHE F 587 2.77 11.41 -52.14
N ASN F 588 1.53 11.08 -52.46
CA ASN F 588 1.06 11.06 -53.83
C ASN F 588 -0.34 11.67 -53.90
N PRO F 589 -0.51 12.82 -54.56
CA PRO F 589 -1.84 13.44 -54.61
C PRO F 589 -2.85 12.68 -55.46
N GLU F 590 -2.39 11.74 -56.29
CA GLU F 590 -3.30 10.96 -57.12
C GLU F 590 -4.00 9.85 -56.35
N ASN F 591 -3.57 9.57 -55.13
CA ASN F 591 -4.24 8.59 -54.29
C ASN F 591 -5.65 9.07 -53.96
N PRO F 592 -6.67 8.22 -54.07
CA PRO F 592 -8.04 8.65 -53.72
C PRO F 592 -8.19 9.12 -52.28
N TRP F 593 -7.54 8.45 -51.34
CA TRP F 593 -7.61 8.87 -49.94
C TRP F 593 -6.90 10.19 -49.72
N THR F 594 -5.73 10.38 -50.35
CA THR F 594 -5.00 11.62 -50.24
C THR F 594 -5.78 12.78 -50.86
N LYS F 595 -6.40 12.54 -52.01
CA LYS F 595 -7.21 13.58 -52.66
C LYS F 595 -8.42 13.93 -51.80
N LEU F 596 -9.07 12.92 -51.21
CA LEU F 596 -10.18 13.16 -50.31
C LEU F 596 -9.76 13.99 -49.11
N LEU F 597 -8.60 13.67 -48.53
CA LEU F 597 -8.14 14.40 -47.35
C LEU F 597 -7.74 15.83 -47.70
N LEU F 598 -7.13 16.04 -48.87
CA LEU F 598 -6.79 17.40 -49.28
C LEU F 598 -8.04 18.23 -49.55
N ASN F 599 -9.08 17.62 -50.13
CA ASN F 599 -10.34 18.34 -50.31
C ASN F 599 -11.00 18.65 -48.97
N ALA F 600 -10.91 17.73 -48.01
CA ALA F 600 -11.46 17.99 -46.67
C ALA F 600 -10.70 19.13 -45.98
N LEU F 601 -9.39 19.17 -46.15
CA LEU F 601 -8.59 20.26 -45.60
C LEU F 601 -8.94 21.59 -46.25
N GLN F 602 -9.21 21.58 -47.56
CA GLN F 602 -9.67 22.78 -48.24
C GLN F 602 -11.03 23.22 -47.72
N ASP F 603 -11.90 22.27 -47.41
CA ASP F 603 -13.24 22.60 -46.91
C ASP F 603 -13.18 23.17 -45.50
N ILE F 604 -12.30 22.65 -44.65
CA ILE F 604 -12.30 23.01 -43.24
C ILE F 604 -11.76 24.43 -43.05
N ILE F 605 -10.61 24.73 -43.65
CA ILE F 605 -9.99 26.05 -43.54
C ILE F 605 -10.09 26.73 -44.91
N PRO F 606 -10.96 27.73 -45.09
CA PRO F 606 -11.15 28.30 -46.43
C PRO F 606 -9.98 29.13 -46.93
N GLU F 607 -9.42 30.00 -46.10
CA GLU F 607 -8.34 30.87 -46.54
C GLU F 607 -7.04 30.09 -46.69
N LEU F 608 -6.28 30.43 -47.72
CA LEU F 608 -5.13 29.60 -48.09
C LEU F 608 -3.96 29.77 -47.12
N ASP F 609 -3.68 31.00 -46.70
CA ASP F 609 -2.54 31.26 -45.84
C ASP F 609 -2.70 30.62 -44.47
N ALA F 610 -3.91 30.67 -43.90
CA ALA F 610 -4.13 30.05 -42.59
C ALA F 610 -4.12 28.53 -42.72
N ARG F 611 -4.63 28.01 -43.84
CA ARG F 611 -4.56 26.56 -44.07
C ARG F 611 -3.12 26.08 -44.15
N LEU F 612 -2.27 26.81 -44.87
CA LEU F 612 -0.87 26.46 -44.96
C LEU F 612 -0.17 26.58 -43.60
N TRP F 613 -0.51 27.62 -42.83
CA TRP F 613 0.09 27.79 -41.52
C TRP F 613 -0.30 26.67 -40.57
N ILE F 614 -1.58 26.29 -40.58
CA ILE F 614 -2.06 25.25 -39.68
C ILE F 614 -1.47 23.89 -40.07
N MET F 615 -1.33 23.64 -41.37
CA MET F 615 -0.72 22.39 -41.80
C MET F 615 0.77 22.35 -41.46
N PHE F 616 1.47 23.48 -41.60
CA PHE F 616 2.86 23.55 -41.16
C PHE F 616 2.98 23.35 -39.66
N TYR F 617 2.01 23.83 -38.89
CA TYR F 617 2.03 23.65 -37.45
C TYR F 617 1.80 22.20 -37.05
N LEU F 618 0.84 21.55 -37.69
CA LEU F 618 0.55 20.16 -37.37
C LEU F 618 1.62 19.21 -37.89
N SER F 619 2.35 19.60 -38.95
CA SER F 619 3.40 18.74 -39.47
C SER F 619 4.60 18.64 -38.54
N THR F 620 4.75 19.55 -37.60
CA THR F 620 5.84 19.48 -36.64
C THR F 620 5.55 18.51 -35.50
N ALA F 621 4.37 17.89 -35.49
CA ALA F 621 4.07 16.88 -34.49
C ALA F 621 4.85 15.60 -34.68
N ILE F 622 5.35 15.35 -35.90
CA ILE F 622 6.19 14.17 -36.14
C ILE F 622 7.61 14.35 -35.63
N PHE F 623 8.00 15.57 -35.26
CA PHE F 623 9.32 15.84 -34.71
C PHE F 623 9.24 15.84 -33.19
N ARG F 624 10.16 15.12 -32.55
CA ARG F 624 10.16 14.98 -31.10
C ARG F 624 11.37 15.64 -30.46
N GLY F 625 11.88 16.70 -31.07
CA GLY F 625 12.98 17.46 -30.54
C GLY F 625 12.58 18.85 -30.12
N LEU F 626 13.58 19.72 -30.01
CA LEU F 626 13.33 21.10 -29.60
C LEU F 626 12.68 21.87 -30.74
N LYS F 627 11.56 22.54 -30.45
CA LYS F 627 10.85 23.35 -31.41
C LYS F 627 10.50 24.69 -30.78
N GLU F 628 9.83 25.54 -31.54
CA GLU F 628 9.46 26.86 -31.04
C GLU F 628 8.34 26.74 -30.02
N ALA F 629 8.38 27.60 -29.00
CA ALA F 629 7.39 27.60 -27.93
C ALA F 629 6.13 28.27 -28.46
N LEU F 630 5.13 27.47 -28.81
CA LEU F 630 3.89 27.96 -29.37
C LEU F 630 2.74 27.08 -28.90
N MET F 631 1.54 27.65 -28.98
CA MET F 631 0.32 26.91 -28.66
C MET F 631 -0.81 27.52 -29.45
N LEU F 632 -1.54 26.69 -30.20
CA LEU F 632 -2.62 27.16 -31.05
C LEU F 632 -3.94 27.01 -30.32
N LEU F 633 -4.72 28.10 -30.30
CA LEU F 633 -6.06 28.09 -29.75
C LEU F 633 -7.05 28.12 -30.91
N TRP F 634 -7.76 27.02 -31.11
CA TRP F 634 -8.73 26.90 -32.19
C TRP F 634 -10.13 27.10 -31.60
N LEU F 635 -10.79 28.17 -32.02
CA LEU F 635 -12.10 28.51 -31.52
C LEU F 635 -13.13 28.37 -32.64
N GLY F 636 -14.33 27.95 -32.26
CA GLY F 636 -15.39 27.79 -33.24
C GLY F 636 -16.74 27.77 -32.56
N GLY F 637 -17.78 27.99 -33.36
CA GLY F 637 -19.13 28.00 -32.84
C GLY F 637 -19.75 26.62 -32.69
N GLY F 638 -19.89 25.89 -33.78
CA GLY F 638 -20.63 24.65 -33.76
C GLY F 638 -19.92 23.49 -34.41
N CYS F 639 -20.55 22.87 -35.41
CA CYS F 639 -19.96 21.73 -36.12
C CYS F 639 -18.93 22.27 -37.11
N ASN F 640 -17.74 22.53 -36.60
CA ASN F 640 -16.64 23.04 -37.40
C ASN F 640 -15.76 21.87 -37.83
N GLY F 641 -14.60 22.17 -38.39
CA GLY F 641 -13.69 21.11 -38.77
C GLY F 641 -12.78 20.59 -37.67
N LYS F 642 -12.87 21.13 -36.46
CA LYS F 642 -12.06 20.69 -35.34
C LYS F 642 -12.47 19.29 -34.91
N THR F 643 -11.69 18.70 -34.00
CA THR F 643 -11.96 17.42 -33.32
C THR F 643 -11.89 16.24 -34.30
N PHE F 644 -11.81 16.52 -35.59
CA PHE F 644 -11.50 15.52 -36.59
C PHE F 644 -10.05 15.61 -37.03
N LEU F 645 -9.55 16.82 -37.24
CA LEU F 645 -8.16 17.00 -37.65
C LEU F 645 -7.21 16.69 -36.50
N MET F 646 -7.51 17.19 -35.30
CA MET F 646 -6.67 16.93 -34.15
C MET F 646 -6.67 15.46 -33.77
N ARG F 647 -7.85 14.83 -33.81
CA ARG F 647 -7.93 13.40 -33.56
C ARG F 647 -7.25 12.60 -34.68
N LEU F 648 -7.26 13.11 -35.91
CA LEU F 648 -6.54 12.43 -36.99
C LEU F 648 -5.03 12.45 -36.74
N VAL F 649 -4.50 13.60 -36.31
CA VAL F 649 -3.07 13.67 -36.00
C VAL F 649 -2.72 12.72 -34.86
N ALA F 650 -3.54 12.70 -33.82
CA ALA F 650 -3.30 11.79 -32.69
C ALA F 650 -3.37 10.33 -33.13
N MET F 651 -4.33 9.99 -33.99
CA MET F 651 -4.52 8.61 -34.41
C MET F 651 -3.41 8.14 -35.33
N VAL F 652 -2.88 9.01 -36.20
CA VAL F 652 -1.77 8.58 -37.04
C VAL F 652 -0.45 8.58 -36.29
N LEU F 653 -0.32 9.35 -35.20
CA LEU F 653 0.93 9.29 -34.46
C LEU F 653 0.96 8.18 -33.42
N GLY F 654 -0.18 7.79 -32.88
CA GLY F 654 -0.22 6.65 -31.97
C GLY F 654 -0.03 7.03 -30.52
N ASP F 655 -0.11 6.01 -29.67
CA ASP F 655 -0.10 6.24 -28.23
C ASP F 655 1.28 6.61 -27.71
N HIS F 656 2.34 6.16 -28.39
CA HIS F 656 3.69 6.51 -27.96
C HIS F 656 4.08 7.93 -28.35
N TYR F 657 3.59 8.42 -29.47
CA TYR F 657 4.03 9.69 -30.03
C TYR F 657 3.01 10.81 -29.90
N ALA F 658 1.81 10.54 -29.39
CA ALA F 658 0.81 11.58 -29.21
C ALA F 658 -0.05 11.22 -28.02
N SER F 659 -0.46 12.24 -27.27
CA SER F 659 -1.30 12.03 -26.10
C SER F 659 -2.40 13.08 -26.05
N LYS F 660 -3.47 12.72 -25.36
CA LYS F 660 -4.61 13.58 -25.12
C LYS F 660 -4.57 14.05 -23.68
N LEU F 661 -4.61 15.37 -23.49
CA LEU F 661 -4.49 15.98 -22.17
C LEU F 661 -5.81 16.65 -21.81
N ASN F 662 -6.26 16.44 -20.57
CA ASN F 662 -7.46 17.13 -20.13
C ASN F 662 -7.15 18.59 -19.85
N ILE F 663 -8.21 19.40 -19.82
CA ILE F 663 -8.04 20.85 -19.65
C ILE F 663 -7.66 21.22 -18.23
N SER F 664 -7.71 20.29 -17.28
CA SER F 664 -7.46 20.61 -15.88
C SER F 664 -6.01 20.94 -15.58
N LEU F 665 -5.06 20.49 -16.43
CA LEU F 665 -3.69 20.94 -16.24
C LEU F 665 -3.51 22.41 -16.54
N LEU F 666 -4.35 22.98 -17.41
CA LEU F 666 -4.26 24.39 -17.71
C LEU F 666 -5.14 25.25 -16.80
N THR F 667 -6.22 24.69 -16.27
CA THR F 667 -7.14 25.47 -15.46
C THR F 667 -6.60 25.71 -14.06
N SER F 668 -6.19 24.64 -13.37
CA SER F 668 -5.68 24.77 -12.02
C SER F 668 -4.34 24.06 -11.86
N MET F 681 4.38 13.39 -16.99
CA MET F 681 4.77 12.02 -17.28
C MET F 681 3.99 11.43 -18.44
N ARG F 682 2.89 12.08 -18.80
CA ARG F 682 2.08 11.63 -19.92
C ARG F 682 2.39 12.37 -21.21
N LEU F 683 3.41 13.22 -21.23
CA LEU F 683 3.83 13.89 -22.46
C LEU F 683 5.35 13.95 -22.54
N LYS F 684 6.02 12.93 -21.98
CA LYS F 684 7.48 12.97 -21.86
C LYS F 684 8.17 12.83 -23.21
N GLY F 685 7.93 11.73 -23.90
CA GLY F 685 8.66 11.48 -25.12
C GLY F 685 7.82 11.52 -26.37
N ARG F 686 6.87 12.45 -26.44
CA ARG F 686 5.96 12.53 -27.57
C ARG F 686 5.93 13.95 -28.13
N GLY F 687 5.63 14.04 -29.41
CA GLY F 687 5.65 15.30 -30.12
C GLY F 687 4.31 15.93 -30.39
N TYR F 688 3.23 15.47 -29.74
CA TYR F 688 1.92 16.04 -29.99
C TYR F 688 1.09 16.00 -28.71
N GLY F 689 0.41 17.09 -28.42
CA GLY F 689 -0.53 17.15 -27.31
C GLY F 689 -1.72 18.01 -27.68
N TYR F 690 -2.92 17.58 -27.31
CA TYR F 690 -4.11 18.32 -27.68
C TYR F 690 -5.14 18.27 -26.55
N PHE F 691 -5.81 19.41 -26.38
CA PHE F 691 -6.91 19.58 -25.43
C PHE F 691 -8.18 19.73 -26.25
N GLU F 692 -9.21 18.96 -25.91
CA GLU F 692 -10.43 18.96 -26.71
C GLU F 692 -11.68 19.19 -25.87
N GLU F 693 -11.65 18.78 -24.61
CA GLU F 693 -12.84 18.65 -23.79
C GLU F 693 -13.15 19.97 -23.10
N THR F 694 -14.19 20.65 -23.55
CA THR F 694 -14.62 21.91 -22.96
C THR F 694 -16.03 21.74 -22.44
N ASN F 695 -16.19 21.86 -21.12
CA ASN F 695 -17.51 21.75 -20.52
C ASN F 695 -18.27 23.07 -20.64
N LYS F 696 -17.77 24.11 -19.96
CA LYS F 696 -18.45 25.40 -19.98
C LYS F 696 -17.40 26.50 -19.75
N SER F 697 -16.88 27.05 -20.85
CA SER F 697 -16.13 28.31 -20.88
C SER F 697 -14.98 28.33 -19.87
N GLU F 698 -13.99 27.47 -20.14
CA GLU F 698 -12.92 27.24 -19.18
C GLU F 698 -11.98 28.44 -19.10
N VAL F 699 -11.66 28.85 -17.86
CA VAL F 699 -10.62 29.83 -17.61
C VAL F 699 -9.32 29.07 -17.38
N LEU F 700 -8.19 29.69 -17.69
CA LEU F 700 -6.94 28.94 -17.67
C LEU F 700 -5.85 29.77 -17.00
N ASN F 701 -5.11 29.12 -16.11
CA ASN F 701 -4.09 29.78 -15.31
C ASN F 701 -2.90 30.19 -16.17
N THR F 702 -2.42 31.41 -15.93
CA THR F 702 -1.23 31.88 -16.63
C THR F 702 0.04 31.17 -16.18
N SER F 703 0.05 30.63 -14.96
CA SER F 703 1.19 29.85 -14.49
C SER F 703 1.43 28.65 -15.37
N ARG F 704 0.40 27.85 -15.62
CA ARG F 704 0.58 26.62 -16.38
C ARG F 704 0.83 26.92 -17.84
N LEU F 705 0.29 28.02 -18.35
CA LEU F 705 0.65 28.48 -19.68
C LEU F 705 2.12 28.83 -19.78
N LYS F 706 2.68 29.41 -18.71
CA LYS F 706 4.11 29.68 -18.72
C LYS F 706 4.92 28.40 -18.56
N GLU F 707 4.46 27.48 -17.70
CA GLU F 707 5.22 26.28 -17.39
C GLU F 707 5.31 25.33 -18.58
N MET F 708 4.18 25.04 -19.21
CA MET F 708 4.09 23.91 -20.12
C MET F 708 4.14 24.32 -21.59
N VAL F 709 4.45 25.58 -21.87
CA VAL F 709 4.76 26.02 -23.22
C VAL F 709 6.27 26.23 -23.41
N ASN F 710 6.94 26.75 -22.38
CA ASN F 710 8.35 27.08 -22.49
C ASN F 710 9.23 25.84 -22.65
N PRO F 711 10.42 25.98 -23.24
CA PRO F 711 11.34 24.83 -23.36
C PRO F 711 12.19 24.62 -22.11
N GLY F 712 11.51 24.46 -20.97
CA GLY F 712 12.16 24.14 -19.72
C GLY F 712 12.29 22.64 -19.53
N ASP F 713 12.55 22.24 -18.30
CA ASP F 713 12.72 20.83 -17.97
C ASP F 713 11.54 20.29 -17.18
N GLN F 727 11.75 17.27 -20.40
CA GLN F 727 11.93 18.03 -21.63
C GLN F 727 10.67 18.05 -22.48
N MET F 728 10.19 19.24 -22.81
CA MET F 728 8.96 19.42 -23.57
C MET F 728 9.26 19.47 -25.06
N THR F 729 8.73 18.50 -25.81
CA THR F 729 8.95 18.41 -27.25
C THR F 729 7.66 18.29 -28.04
N ALA F 730 6.54 18.73 -27.47
CA ALA F 730 5.22 18.46 -28.02
C ALA F 730 4.64 19.69 -28.70
N THR F 731 4.08 19.49 -29.89
CA THR F 731 3.27 20.51 -30.55
C THR F 731 1.88 20.49 -29.93
N MET F 732 1.42 21.63 -29.44
CA MET F 732 0.27 21.72 -28.57
C MET F 732 -0.87 22.44 -29.24
N VAL F 733 -2.05 21.82 -29.24
CA VAL F 733 -3.26 22.41 -29.81
C VAL F 733 -4.37 22.29 -28.80
N ALA F 734 -5.07 23.39 -28.53
CA ALA F 734 -6.23 23.39 -27.65
C ALA F 734 -7.43 23.96 -28.38
N ALA F 735 -8.54 23.21 -28.37
CA ALA F 735 -9.75 23.63 -29.04
C ALA F 735 -10.86 23.87 -28.03
N SER F 736 -11.72 24.82 -28.33
CA SER F 736 -12.84 25.14 -27.45
C SER F 736 -14.03 25.56 -28.29
N ASN F 737 -15.21 25.47 -27.66
CA ASN F 737 -16.46 25.82 -28.32
C ASN F 737 -17.04 27.14 -27.85
N TYR F 738 -16.70 27.59 -26.63
CA TYR F 738 -17.23 28.86 -26.14
C TYR F 738 -16.16 29.93 -25.97
N ASN F 739 -15.20 29.72 -25.08
CA ASN F 739 -14.31 30.81 -24.69
C ASN F 739 -13.11 30.27 -23.92
N PHE F 740 -12.00 30.99 -24.05
CA PHE F 740 -10.83 30.81 -23.21
C PHE F 740 -10.58 32.14 -22.51
N ILE F 741 -10.53 32.12 -21.18
CA ILE F 741 -10.36 33.33 -20.39
C ILE F 741 -8.89 33.47 -20.05
N ILE F 742 -8.20 34.39 -20.72
CA ILE F 742 -6.82 34.72 -20.43
C ILE F 742 -6.81 35.93 -19.52
N ASP F 743 -6.34 35.75 -18.29
CA ASP F 743 -6.45 36.76 -17.25
C ASP F 743 -5.26 37.70 -17.22
N THR F 744 -4.34 37.59 -18.17
CA THR F 744 -3.09 38.32 -18.14
C THR F 744 -3.02 39.32 -19.28
N THR F 745 -1.97 40.15 -19.24
CA THR F 745 -1.61 41.01 -20.35
C THR F 745 -0.11 40.98 -20.59
N ASP F 746 0.56 39.91 -20.13
CA ASP F 746 2.00 39.79 -20.24
C ASP F 746 2.44 39.65 -21.70
N HIS F 747 3.54 40.31 -22.04
CA HIS F 747 4.09 40.18 -23.38
C HIS F 747 4.75 38.84 -23.59
N GLY F 748 5.41 38.29 -22.56
CA GLY F 748 6.06 37.00 -22.70
C GLY F 748 5.08 35.86 -22.86
N THR F 749 3.91 35.96 -22.22
CA THR F 749 2.91 34.92 -22.36
C THR F 749 2.20 34.98 -23.70
N TRP F 750 1.81 36.17 -24.14
CA TRP F 750 1.00 36.32 -25.34
C TRP F 750 1.78 36.09 -26.63
N ARG F 751 3.10 36.08 -26.60
CA ARG F 751 3.84 35.83 -27.83
C ARG F 751 3.94 34.35 -28.16
N ARG F 752 3.70 33.47 -27.20
CA ARG F 752 3.66 32.04 -27.45
C ARG F 752 2.26 31.53 -27.72
N LEU F 753 1.30 32.43 -27.94
CA LEU F 753 -0.09 32.08 -28.16
C LEU F 753 -0.49 32.47 -29.57
N ARG F 754 -1.13 31.54 -30.28
CA ARG F 754 -1.68 31.80 -31.59
C ARG F 754 -3.16 31.44 -31.57
N HIS F 755 -3.97 32.26 -32.22
CA HIS F 755 -5.42 32.10 -32.21
C HIS F 755 -5.95 31.99 -33.63
N TYR F 756 -6.88 31.06 -33.83
CA TYR F 756 -7.59 30.94 -35.10
C TYR F 756 -9.05 30.66 -34.79
N ARG F 757 -9.95 31.37 -35.48
CA ARG F 757 -11.39 31.16 -35.35
C ARG F 757 -11.91 30.61 -36.66
N SER F 758 -12.57 29.46 -36.60
CA SER F 758 -13.06 28.79 -37.80
C SER F 758 -14.31 29.48 -38.33
N LYS F 759 -14.48 29.41 -39.65
CA LYS F 759 -15.57 30.11 -40.32
C LYS F 759 -16.53 29.17 -41.05
N VAL F 760 -16.43 27.86 -40.83
CA VAL F 760 -17.27 26.88 -41.50
C VAL F 760 -18.09 26.13 -40.46
N LYS F 761 -19.40 26.07 -40.68
CA LYS F 761 -20.30 25.28 -39.87
C LYS F 761 -20.89 24.19 -40.76
N PHE F 762 -20.75 22.94 -40.35
CA PHE F 762 -21.18 21.82 -41.18
C PHE F 762 -22.61 21.45 -40.82
N CYS F 763 -23.54 21.77 -41.72
CA CYS F 763 -24.97 21.59 -41.48
C CYS F 763 -25.47 20.37 -42.22
N HIS F 764 -26.23 19.52 -41.53
CA HIS F 764 -26.67 18.25 -42.08
C HIS F 764 -28.06 18.32 -42.71
N ASN F 765 -29.08 18.65 -41.90
CA ASN F 765 -30.45 18.49 -42.37
C ASN F 765 -30.88 19.57 -43.36
N PRO F 766 -30.84 20.90 -43.05
CA PRO F 766 -31.40 21.84 -44.02
C PRO F 766 -30.47 22.17 -45.18
N ASP F 767 -29.16 22.32 -44.90
CA ASP F 767 -28.12 22.75 -45.83
C ASP F 767 -28.52 23.99 -46.62
N PRO F 768 -28.53 25.18 -46.03
CA PRO F 768 -28.76 26.39 -46.82
C PRO F 768 -27.58 26.70 -47.72
N SER F 769 -27.79 27.64 -48.64
CA SER F 769 -26.82 27.94 -49.70
C SER F 769 -25.83 29.03 -49.30
N ASN F 770 -25.56 29.19 -48.01
CA ASN F 770 -24.52 30.12 -47.58
C ASN F 770 -23.14 29.55 -47.92
N PRO F 771 -22.22 30.38 -48.42
CA PRO F 771 -20.88 29.86 -48.77
C PRO F 771 -20.07 29.36 -47.60
N TYR F 772 -20.38 29.78 -46.37
CA TYR F 772 -19.61 29.40 -45.19
C TYR F 772 -20.25 28.27 -44.42
N GLU F 773 -21.29 27.63 -44.96
CA GLU F 773 -21.81 26.40 -44.38
C GLU F 773 -22.03 25.38 -45.50
N LYS F 774 -21.62 24.15 -45.24
CA LYS F 774 -21.60 23.10 -46.25
C LYS F 774 -22.27 21.84 -45.72
N LYS F 775 -22.72 21.00 -46.63
CA LYS F 775 -23.30 19.71 -46.28
C LYS F 775 -22.20 18.75 -45.88
N GLU F 776 -22.40 18.04 -44.77
CA GLU F 776 -21.39 17.14 -44.25
C GLU F 776 -21.93 15.72 -44.14
N ASP F 777 -21.00 14.77 -44.18
CA ASP F 777 -21.27 13.38 -43.84
C ASP F 777 -20.60 13.05 -42.51
N PRO F 778 -21.26 12.26 -41.66
CA PRO F 778 -20.65 11.89 -40.37
C PRO F 778 -19.53 10.87 -40.47
N ARG F 779 -19.31 10.29 -41.66
CA ARG F 779 -18.32 9.23 -41.82
C ARG F 779 -16.92 9.69 -41.45
N PHE F 780 -16.63 10.98 -41.67
CA PHE F 780 -15.34 11.57 -41.30
C PHE F 780 -15.01 11.34 -39.83
N ILE F 781 -16.02 11.32 -38.97
CA ILE F 781 -15.80 11.00 -37.57
C ILE F 781 -15.88 9.50 -37.32
N HIS F 782 -16.76 8.80 -38.04
CA HIS F 782 -17.06 7.42 -37.70
C HIS F 782 -16.14 6.43 -38.44
N GLU F 783 -16.18 6.45 -39.77
CA GLU F 783 -15.47 5.45 -40.55
C GLU F 783 -14.11 5.93 -41.01
N TYR F 784 -14.00 7.19 -41.42
CA TYR F 784 -12.83 7.66 -42.15
C TYR F 784 -11.63 7.87 -41.24
N ILE F 785 -11.84 7.98 -39.93
CA ILE F 785 -10.72 8.17 -39.02
C ILE F 785 -10.13 6.84 -38.54
N MET F 786 -10.87 5.75 -38.66
CA MET F 786 -10.40 4.43 -38.25
C MET F 786 -9.93 3.58 -39.41
N ASP F 787 -9.97 4.10 -40.62
CA ASP F 787 -9.50 3.35 -41.77
C ASP F 787 -7.98 3.44 -41.86
N PRO F 788 -7.28 2.30 -41.94
CA PRO F 788 -5.81 2.34 -42.05
C PRO F 788 -5.29 3.05 -43.29
N ASP F 789 -6.01 2.97 -44.41
CA ASP F 789 -5.54 3.63 -45.62
C ASP F 789 -5.65 5.15 -45.51
N CYS F 790 -6.71 5.65 -44.88
CA CYS F 790 -6.82 7.07 -44.62
C CYS F 790 -5.72 7.55 -43.68
N GLN F 791 -5.40 6.75 -42.67
CA GLN F 791 -4.32 7.10 -41.76
C GLN F 791 -2.98 7.14 -42.46
N ASN F 792 -2.72 6.18 -43.37
CA ASN F 792 -1.49 6.20 -44.14
C ASN F 792 -1.41 7.43 -45.03
N ALA F 793 -2.52 7.79 -45.68
CA ALA F 793 -2.54 8.96 -46.54
C ALA F 793 -2.30 10.25 -45.75
N PHE F 794 -2.93 10.36 -44.58
CA PHE F 794 -2.72 11.56 -43.77
C PHE F 794 -1.31 11.65 -43.22
N PHE F 795 -0.70 10.51 -42.87
CA PHE F 795 0.70 10.53 -42.43
C PHE F 795 1.61 10.98 -43.57
N SER F 796 1.31 10.53 -44.80
CA SER F 796 2.08 10.99 -45.95
C SER F 796 1.93 12.50 -46.15
N ILE F 797 0.72 13.02 -45.94
CA ILE F 797 0.49 14.46 -46.04
C ILE F 797 1.29 15.23 -44.99
N LEU F 798 1.32 14.71 -43.75
CA LEU F 798 2.09 15.35 -42.69
C LEU F 798 3.58 15.37 -42.99
N VAL F 799 4.10 14.26 -43.52
CA VAL F 799 5.52 14.21 -43.88
C VAL F 799 5.83 15.17 -45.01
N TYR F 800 4.92 15.27 -45.99
CA TYR F 800 5.12 16.20 -47.11
C TYR F 800 5.15 17.64 -46.62
N PHE F 801 4.27 17.99 -45.69
CA PHE F 801 4.26 19.37 -45.20
C PHE F 801 5.45 19.66 -44.31
N TRP F 802 5.96 18.66 -43.58
CA TRP F 802 7.20 18.85 -42.85
C TRP F 802 8.36 19.14 -43.80
N GLU F 803 8.43 18.39 -44.91
CA GLU F 803 9.48 18.64 -45.89
C GLU F 803 9.33 20.01 -46.53
N LYS F 804 8.09 20.42 -46.79
CA LYS F 804 7.83 21.76 -47.35
C LYS F 804 8.28 22.85 -46.40
N LEU F 805 8.01 22.69 -45.10
CA LEU F 805 8.48 23.65 -44.11
C LEU F 805 10.00 23.67 -44.02
N GLN F 806 10.65 22.51 -44.12
CA GLN F 806 12.10 22.48 -44.07
C GLN F 806 12.72 23.09 -45.32
N LYS F 807 12.00 23.08 -46.44
CA LYS F 807 12.56 23.60 -47.69
C LYS F 807 12.31 25.10 -47.85
N GLU F 808 11.06 25.54 -47.70
CA GLU F 808 10.71 26.93 -47.98
C GLU F 808 11.26 27.88 -46.92
N TYR F 809 11.27 27.45 -45.67
CA TYR F 809 11.86 28.17 -44.55
C TYR F 809 12.94 27.29 -43.95
N ASN F 810 13.66 27.81 -42.97
CA ASN F 810 14.68 26.99 -42.31
C ASN F 810 14.13 26.30 -41.08
N GLY F 811 12.97 25.66 -41.23
CA GLY F 811 12.33 24.96 -40.15
C GLY F 811 11.73 25.83 -39.07
N GLN F 812 11.76 27.16 -39.23
CA GLN F 812 11.21 28.07 -38.24
C GLN F 812 9.81 28.45 -38.66
N ILE F 813 8.84 28.24 -37.77
CA ILE F 813 7.45 28.56 -38.07
C ILE F 813 7.12 30.01 -37.81
N LYS F 814 7.98 30.74 -37.09
CA LYS F 814 7.78 32.17 -36.93
C LYS F 814 8.07 32.92 -38.22
N LYS F 815 8.87 32.34 -39.10
CA LYS F 815 9.15 32.92 -40.41
C LYS F 815 8.00 32.71 -41.39
N VAL F 816 7.04 31.85 -41.08
CA VAL F 816 5.89 31.65 -41.96
C VAL F 816 5.00 32.88 -41.85
N PHE F 817 4.68 33.49 -42.98
CA PHE F 817 3.91 34.72 -43.02
C PHE F 817 2.46 34.41 -43.32
N CYS F 818 1.58 34.74 -42.38
CA CYS F 818 0.14 34.52 -42.51
C CYS F 818 -0.57 35.68 -41.82
N PRO F 819 -1.02 36.68 -42.59
CA PRO F 819 -1.69 37.83 -41.97
C PRO F 819 -2.98 37.51 -41.25
N THR F 820 -3.68 36.44 -41.65
CA THR F 820 -4.93 36.06 -40.97
C THR F 820 -4.68 35.69 -39.52
N ILE F 821 -3.65 34.86 -39.28
CA ILE F 821 -3.36 34.39 -37.93
C ILE F 821 -2.92 35.55 -37.04
N GLU F 822 -2.08 36.45 -37.58
CA GLU F 822 -1.64 37.61 -36.82
C GLU F 822 -2.79 38.55 -36.49
N SER F 823 -3.67 38.81 -37.46
CA SER F 823 -4.80 39.69 -37.22
C SER F 823 -5.75 39.10 -36.19
N GLU F 824 -6.03 37.80 -36.28
CA GLU F 824 -6.92 37.16 -35.32
C GLU F 824 -6.32 37.12 -33.92
N THR F 825 -5.00 36.88 -33.83
CA THR F 825 -4.34 36.87 -32.53
C THR F 825 -4.31 38.26 -31.91
N GLU F 826 -4.10 39.30 -32.73
CA GLU F 826 -4.15 40.67 -32.24
C GLU F 826 -5.55 41.03 -31.73
N ALA F 827 -6.58 40.65 -32.48
CA ALA F 827 -7.95 40.92 -32.06
C ALA F 827 -8.28 40.15 -30.77
N TYR F 828 -7.80 38.93 -30.65
CA TYR F 828 -8.04 38.15 -29.43
C TYR F 828 -7.32 38.77 -28.23
N ARG F 829 -6.11 39.27 -28.42
CA ARG F 829 -5.39 39.92 -27.33
C ARG F 829 -6.08 41.22 -26.92
N LYS F 830 -6.62 41.96 -27.88
CA LYS F 830 -7.39 43.15 -27.55
C LYS F 830 -8.66 42.79 -26.79
N SER F 831 -9.34 41.72 -27.21
CA SER F 831 -10.60 41.35 -26.56
C SER F 831 -10.37 40.77 -25.17
N GLN F 832 -9.20 40.20 -24.92
CA GLN F 832 -8.93 39.61 -23.61
C GLN F 832 -8.46 40.63 -22.58
N ASP F 833 -8.27 41.89 -22.96
CA ASP F 833 -7.83 42.93 -22.03
C ASP F 833 -9.07 43.55 -21.38
N THR F 834 -9.32 43.20 -20.12
CA THR F 834 -10.52 43.63 -19.43
C THR F 834 -10.38 45.00 -18.79
N LEU F 835 -9.16 45.37 -18.39
CA LEU F 835 -8.94 46.70 -17.81
C LEU F 835 -9.21 47.79 -18.82
N HIS F 836 -8.80 47.58 -20.07
CA HIS F 836 -9.08 48.54 -21.13
C HIS F 836 -10.58 48.66 -21.38
N ARG F 837 -11.30 47.54 -21.29
CA ARG F 837 -12.75 47.58 -21.44
C ARG F 837 -13.41 48.36 -20.31
N PHE F 838 -12.92 48.17 -19.08
CA PHE F 838 -13.43 48.94 -17.95
C PHE F 838 -13.17 50.44 -18.12
N ILE F 839 -11.97 50.79 -18.59
CA ILE F 839 -11.67 52.21 -18.80
C ILE F 839 -12.56 52.77 -19.90
N THR F 840 -12.81 52.00 -20.95
CA THR F 840 -13.62 52.48 -22.07
C THR F 840 -15.09 52.64 -21.68
N GLU F 841 -15.61 51.75 -20.84
CA GLU F 841 -17.05 51.73 -20.59
C GLU F 841 -17.47 52.34 -19.26
N ARG F 842 -16.55 52.58 -18.33
CA ARG F 842 -16.91 53.09 -17.02
C ARG F 842 -16.26 54.42 -16.63
N VAL F 843 -15.27 54.88 -17.38
CA VAL F 843 -14.58 56.13 -17.07
C VAL F 843 -14.71 57.05 -18.27
N VAL F 844 -15.29 58.23 -18.04
CA VAL F 844 -15.48 59.22 -19.09
C VAL F 844 -14.76 60.51 -18.68
N GLU F 845 -14.54 61.38 -19.66
CA GLU F 845 -13.90 62.66 -19.39
C GLU F 845 -14.84 63.57 -18.62
N SER F 846 -14.31 64.20 -17.58
CA SER F 846 -15.06 65.14 -16.73
C SER F 846 -14.28 66.45 -16.70
N PRO F 847 -14.46 67.31 -17.70
CA PRO F 847 -13.69 68.56 -17.73
C PRO F 847 -14.16 69.53 -16.65
N SER F 848 -13.19 70.21 -16.05
CA SER F 848 -13.41 71.18 -14.97
C SER F 848 -14.17 70.56 -13.79
N ALA F 849 -13.81 69.33 -13.45
CA ALA F 849 -14.39 68.63 -12.31
C ALA F 849 -13.38 68.64 -11.16
N GLU F 850 -13.81 69.14 -10.01
CA GLU F 850 -12.93 69.29 -8.86
C GLU F 850 -12.88 68.04 -7.97
N THR F 851 -13.55 66.96 -8.37
CA THR F 851 -13.53 65.75 -7.58
C THR F 851 -12.17 65.06 -7.71
N VAL F 852 -11.76 64.38 -6.65
CA VAL F 852 -10.47 63.70 -6.57
C VAL F 852 -10.74 62.21 -6.35
N TYR F 853 -10.16 61.38 -7.21
CA TYR F 853 -10.34 59.93 -7.13
C TYR F 853 -9.01 59.30 -6.75
N ASN F 854 -9.04 58.52 -5.68
CA ASN F 854 -7.87 57.77 -5.22
C ASN F 854 -7.87 56.40 -5.89
N LEU F 855 -6.68 55.85 -6.10
CA LEU F 855 -6.53 54.63 -6.89
C LEU F 855 -7.22 53.44 -6.25
N SER F 856 -7.35 53.43 -4.93
CA SER F 856 -7.95 52.28 -4.25
C SER F 856 -9.41 52.11 -4.64
N GLU F 857 -10.16 53.20 -4.75
CA GLU F 857 -11.56 53.05 -5.11
C GLU F 857 -11.74 52.74 -6.60
N VAL F 858 -10.78 53.18 -7.42
CA VAL F 858 -10.83 52.84 -8.87
C VAL F 858 -10.57 51.34 -9.01
N VAL F 859 -9.57 50.82 -8.30
CA VAL F 859 -9.28 49.36 -8.33
C VAL F 859 -10.53 48.62 -7.85
N THR F 860 -11.15 49.09 -6.77
CA THR F 860 -12.34 48.42 -6.21
C THR F 860 -13.46 48.37 -7.26
N ALA F 861 -13.70 49.49 -7.93
CA ALA F 861 -14.76 49.54 -8.97
C ALA F 861 -14.45 48.53 -10.07
N TYR F 862 -13.18 48.47 -10.51
CA TYR F 862 -12.77 47.53 -11.58
C TYR F 862 -13.04 46.09 -11.12
N ALA F 863 -12.73 45.79 -9.85
CA ALA F 863 -12.93 44.43 -9.32
C ALA F 863 -14.40 44.02 -9.49
N GLU F 864 -15.32 44.89 -9.07
CA GLU F 864 -16.77 44.59 -9.17
C GLU F 864 -17.13 44.42 -10.65
N TRP F 865 -16.67 45.33 -11.51
CA TRP F 865 -16.98 45.27 -12.95
C TRP F 865 -16.48 43.94 -13.52
N TYR F 866 -15.26 43.52 -13.14
CA TYR F 866 -14.69 42.26 -13.64
C TYR F 866 -15.57 41.08 -13.22
N ASN F 867 -15.97 41.06 -11.95
CA ASN F 867 -16.79 39.92 -11.44
C ASN F 867 -18.16 39.92 -12.12
N THR F 868 -18.79 41.08 -12.27
CA THR F 868 -20.16 41.14 -12.84
C THR F 868 -20.13 40.87 -14.35
N ASN F 869 -19.08 41.30 -15.05
CA ASN F 869 -19.03 41.15 -16.53
C ASN F 869 -18.32 39.86 -16.93
N ILE F 870 -17.19 39.55 -16.29
CA ILE F 870 -16.40 38.34 -16.67
C ILE F 870 -16.55 37.11 -15.75
N ASN F 871 -15.93 37.16 -14.57
CA ASN F 871 -16.01 36.03 -13.61
C ASN F 871 -15.53 36.58 -12.26
N VAL F 872 -16.05 36.02 -11.16
CA VAL F 872 -15.62 36.48 -9.80
C VAL F 872 -14.23 35.91 -9.51
N LYS F 873 -13.28 36.79 -9.15
CA LYS F 873 -11.90 36.34 -8.83
C LYS F 873 -11.21 37.40 -7.99
N ARG F 874 -10.53 36.99 -6.92
CA ARG F 874 -9.76 37.94 -6.07
C ARG F 874 -8.47 38.30 -6.80
N HIS F 875 -7.90 39.47 -6.49
CA HIS F 875 -6.63 39.90 -7.14
C HIS F 875 -5.88 40.89 -6.23
N ILE F 876 -4.56 40.76 -6.18
CA ILE F 876 -3.72 41.68 -5.34
C ILE F 876 -4.08 43.12 -5.71
N ALA F 877 -4.32 43.98 -4.70
CA ALA F 877 -4.74 45.34 -4.99
C ALA F 877 -3.59 46.22 -5.50
N LEU F 878 -2.43 46.10 -4.85
CA LEU F 878 -1.24 46.90 -5.26
C LEU F 878 -0.86 46.52 -6.69
N GLU F 879 -0.86 45.22 -7.00
CA GLU F 879 -0.54 44.75 -8.37
C GLU F 879 -1.53 45.38 -9.35
N LEU F 880 -2.82 45.33 -9.03
CA LEU F 880 -3.86 45.91 -9.91
C LEU F 880 -3.62 47.42 -10.06
N SER F 881 -3.26 48.09 -8.96
CA SER F 881 -2.95 49.54 -9.02
C SER F 881 -1.81 49.76 -10.02
N GLN F 882 -0.76 48.95 -9.94
CA GLN F 882 0.36 49.06 -10.91
C GLN F 882 -0.18 48.82 -12.32
N GLU F 883 -1.04 47.81 -12.49
CA GLU F 883 -1.59 47.47 -13.83
C GLU F 883 -2.35 48.67 -14.38
N LEU F 884 -3.25 49.26 -13.57
CA LEU F 884 -4.07 50.41 -14.06
C LEU F 884 -3.16 51.61 -14.29
N GLU F 885 -2.09 51.74 -13.51
CA GLU F 885 -1.11 52.84 -13.73
C GLU F 885 -0.53 52.67 -15.14
N ASN F 886 -0.48 51.44 -15.63
CA ASN F 886 0.04 51.17 -17.01
C ASN F 886 -1.04 51.49 -18.03
N SER F 887 -2.29 51.70 -17.58
CA SER F 887 -3.42 51.96 -18.52
C SER F 887 -3.42 53.45 -18.92
N VAL F 888 -4.38 53.84 -19.76
CA VAL F 888 -4.46 55.26 -20.24
C VAL F 888 -4.64 56.18 -19.03
N LEU F 889 -5.32 55.72 -17.98
CA LEU F 889 -5.57 56.55 -16.78
C LEU F 889 -4.29 57.32 -16.43
N GLU F 890 -3.12 56.70 -16.64
CA GLU F 890 -1.82 57.36 -16.33
C GLU F 890 -1.84 58.78 -16.88
N LYS F 891 -2.43 58.97 -18.07
CA LYS F 891 -2.49 60.33 -18.69
C LYS F 891 -3.14 61.30 -17.70
N TYR F 892 -4.15 60.85 -16.97
CA TYR F 892 -4.88 61.74 -16.04
C TYR F 892 -4.47 61.42 -14.59
N LEU F 893 -3.50 60.52 -14.42
CA LEU F 893 -3.04 60.12 -13.06
C LEU F 893 -1.81 60.95 -12.68
N GLN F 894 -1.85 61.59 -11.50
CA GLN F 894 -0.69 62.41 -11.04
C GLN F 894 -0.36 62.06 -9.59
N TRP F 895 0.87 62.33 -9.16
CA TRP F 895 1.30 62.06 -7.76
C TRP F 895 0.73 63.14 -6.83
N SER F 896 0.81 62.91 -5.52
CA SER F 896 0.28 63.89 -4.54
C SER F 896 1.37 64.27 -3.53
N PRO F 897 1.28 65.43 -2.84
CA PRO F 897 2.25 65.78 -1.80
C PRO F 897 2.44 64.71 -0.74
N ASN F 898 1.44 63.84 -0.54
CA ASN F 898 1.58 62.67 0.32
C ASN F 898 2.10 61.45 -0.44
N LYS F 899 2.79 61.67 -1.56
CA LYS F 899 3.28 60.65 -2.51
C LYS F 899 2.27 59.53 -2.75
N THR F 900 1.06 59.94 -3.10
CA THR F 900 -0.02 59.03 -3.51
C THR F 900 -0.51 59.41 -4.90
N ARG F 901 -1.46 58.63 -5.41
CA ARG F 901 -2.06 58.86 -6.72
C ARG F 901 -3.39 59.59 -6.52
N ILE F 902 -3.45 60.82 -7.01
CA ILE F 902 -4.48 61.77 -6.59
C ILE F 902 -5.23 62.31 -7.81
N LEU F 903 -5.37 61.45 -8.84
CA LEU F 903 -5.79 61.89 -10.17
C LEU F 903 -7.13 62.63 -10.16
N LYS F 904 -7.19 63.70 -10.94
CA LYS F 904 -8.30 64.64 -10.90
C LYS F 904 -9.08 64.56 -12.21
N GLY F 905 -10.37 64.88 -12.12
CA GLY F 905 -11.26 64.71 -13.23
C GLY F 905 -11.54 63.23 -13.46
N CYS F 906 -12.16 62.97 -14.63
CA CYS F 906 -12.43 61.61 -15.12
C CYS F 906 -13.27 60.81 -14.12
N ARG F 907 -14.50 61.28 -13.92
CA ARG F 907 -15.37 60.64 -12.95
C ARG F 907 -15.80 59.25 -13.41
N ILE F 908 -16.06 58.39 -12.44
CA ILE F 908 -16.49 57.02 -12.73
C ILE F 908 -18.00 56.95 -12.55
N LEU F 909 -18.65 56.15 -13.39
CA LEU F 909 -20.10 56.21 -13.52
C LEU F 909 -20.83 55.56 -12.36
N HIS F 910 -20.25 54.49 -11.79
CA HIS F 910 -20.80 53.64 -10.72
C HIS F 910 -22.26 53.22 -10.95
N LYS F 911 -22.69 53.17 -12.21
CA LYS F 911 -24.04 52.85 -12.64
C LYS F 911 -24.05 52.88 -14.16
N PHE F 912 -25.19 52.48 -14.74
CA PHE F 912 -25.43 52.67 -16.16
C PHE F 912 -25.84 54.12 -16.42
N GLU F 913 -25.70 54.53 -17.69
CA GLU F 913 -26.02 55.88 -18.17
C GLU F 913 -25.16 56.87 -17.39
N THR F 914 -25.73 57.89 -16.73
CA THR F 914 -25.02 58.90 -15.93
C THR F 914 -23.89 59.55 -16.72
N LEU F 915 -24.20 59.98 -17.95
CA LEU F 915 -23.19 60.58 -18.80
C LEU F 915 -22.86 62.00 -18.35
N GLN F 916 -21.58 62.36 -18.47
CA GLN F 916 -21.15 63.72 -18.20
C GLN F 916 -21.75 64.66 -19.25
N PRO F 917 -22.15 65.88 -18.86
CA PRO F 917 -22.58 66.87 -19.87
C PRO F 917 -21.50 67.19 -20.89
N GLY F 918 -20.24 67.25 -20.47
CA GLY F 918 -19.13 67.27 -21.40
C GLY F 918 -18.66 65.85 -21.66
N GLU F 919 -19.47 65.08 -22.37
CA GLU F 919 -19.24 63.65 -22.53
C GLU F 919 -18.09 63.39 -23.51
N SER F 920 -17.13 62.58 -23.08
CA SER F 920 -16.06 62.13 -23.96
C SER F 920 -15.51 60.84 -23.37
N TYR F 921 -15.72 59.72 -24.06
CA TYR F 921 -15.18 58.45 -23.59
C TYR F 921 -13.69 58.39 -23.86
N ILE F 922 -12.90 58.28 -22.79
CA ILE F 922 -11.41 58.27 -22.93
C ILE F 922 -10.94 56.83 -23.09
N GLY F 923 -11.76 55.86 -22.66
CA GLY F 923 -11.38 54.44 -22.78
C GLY F 923 -11.12 54.06 -24.23
N VAL F 924 -11.95 54.56 -25.15
CA VAL F 924 -11.78 54.25 -26.60
C VAL F 924 -10.51 54.96 -27.10
N SER F 925 -9.79 54.33 -28.03
CA SER F 925 -8.56 54.94 -28.60
C SER F 925 -8.91 56.27 -29.29
N CYS F 936 -5.61 36.05 -51.17
CA CYS F 936 -4.96 34.77 -51.39
C CYS F 936 -5.97 33.73 -51.87
N GLU F 937 -5.82 33.31 -53.13
CA GLU F 937 -6.71 32.34 -53.75
C GLU F 937 -5.89 31.25 -54.42
N PRO F 938 -6.14 29.98 -54.13
CA PRO F 938 -5.36 28.90 -54.76
C PRO F 938 -5.80 28.69 -56.20
N LYS F 939 -4.84 28.35 -57.05
CA LYS F 939 -5.16 28.14 -58.46
C LYS F 939 -5.68 26.73 -58.71
N ASN F 940 -4.82 25.73 -58.57
CA ASN F 940 -5.24 24.35 -58.77
C ASN F 940 -4.82 23.42 -57.65
N LYS F 941 -3.62 23.60 -57.10
CA LYS F 941 -3.05 22.72 -56.10
C LYS F 941 -2.60 23.60 -54.94
N TRP F 942 -3.46 23.73 -53.93
CA TRP F 942 -3.18 24.65 -52.83
C TRP F 942 -1.98 24.19 -52.00
N TRP F 943 -1.77 22.88 -51.88
CA TRP F 943 -0.61 22.36 -51.18
C TRP F 943 0.69 22.71 -51.87
N GLU F 944 0.64 22.96 -53.18
CA GLU F 944 1.81 23.35 -53.96
C GLU F 944 1.87 24.86 -54.16
N TRP F 945 1.44 25.61 -53.15
CA TRP F 945 1.43 27.06 -53.22
C TRP F 945 2.84 27.61 -53.32
N SER F 946 2.98 28.70 -54.06
CA SER F 946 4.30 29.26 -54.33
C SER F 946 4.93 29.77 -53.05
N PRO F 947 6.23 29.54 -52.85
CA PRO F 947 6.89 30.04 -51.63
C PRO F 947 7.12 31.54 -51.64
N ASN F 948 7.83 32.01 -50.62
CA ASN F 948 8.16 33.42 -50.53
C ASN F 948 9.17 33.81 -51.61
N PRO F 949 9.08 35.04 -52.13
CA PRO F 949 10.05 35.52 -53.13
C PRO F 949 11.45 35.70 -52.55
PG ANP H . -38.56 0.55 -8.12
O1G ANP H . -38.65 1.83 -8.89
O2G ANP H . -37.15 -0.12 -8.35
O3G ANP H . -38.74 0.85 -6.58
PB ANP H . -39.59 -0.79 -10.28
O1B ANP H . -40.91 -0.80 -10.97
O2B ANP H . -38.72 0.35 -10.90
N3B ANP H . -39.77 -0.50 -8.64
PA ANP H . -39.26 -3.37 -9.51
O1A ANP H . -38.05 -4.03 -8.97
O2A ANP H . -40.19 -2.80 -8.44
O3A ANP H . -38.88 -2.17 -10.47
O5' ANP H . -40.02 -4.42 -10.41
C5' ANP H . -41.18 -4.04 -11.19
C4' ANP H . -42.44 -4.42 -10.45
O4' ANP H . -43.55 -4.38 -11.37
C3' ANP H . -42.44 -5.82 -9.87
O3' ANP H . -43.30 -5.89 -8.73
C2' ANP H . -42.96 -6.67 -11.04
O2' ANP H . -43.66 -7.82 -10.59
C1' ANP H . -43.93 -5.70 -11.73
N9 ANP H . -43.89 -5.80 -13.20
C8 ANP H . -42.79 -5.68 -14.00
N7 ANP H . -43.05 -5.81 -15.27
C5 ANP H . -44.41 -6.01 -15.32
C6 ANP H . -45.30 -6.22 -16.38
N6 ANP H . -44.94 -6.25 -17.66
N1 ANP H . -46.61 -6.39 -16.08
C2 ANP H . -46.99 -6.36 -14.80
N3 ANP H . -46.24 -6.18 -13.71
C4 ANP H . -44.95 -6.00 -14.04
PG ANP I . -30.02 0.98 25.49
O1G ANP I . -29.66 0.81 26.94
O2G ANP I . -29.02 1.95 24.79
O3G ANP I . -31.48 1.54 25.37
PB ANP I . -31.25 -1.48 25.22
O1B ANP I . -32.54 -0.75 25.18
O2B ANP I . -31.34 -2.62 24.21
N3B ANP I . -29.95 -0.53 24.74
PA ANP I . -30.52 -3.63 26.70
O1A ANP I . -31.50 -4.60 26.20
O2A ANP I . -29.15 -3.68 26.00
O3A ANP I . -31.03 -2.14 26.61
O5' ANP I . -30.41 -3.90 28.23
C5' ANP I . -31.46 -3.48 29.11
C4' ANP I . -31.65 -4.52 30.17
O4' ANP I . -32.93 -5.16 30.02
C3' ANP I . -30.59 -5.63 30.20
O3' ANP I . -29.88 -5.64 31.42
C2' ANP I . -31.40 -6.92 29.99
O2' ANP I . -30.94 -7.96 30.84
C1' ANP I . -32.81 -6.50 30.39
N9 ANP I . -33.84 -7.25 29.68
C8 ANP I . -34.00 -7.37 28.33
N7 ANP I . -35.02 -8.10 27.97
C5 ANP I . -35.58 -8.50 29.17
C6 ANP I . -36.69 -9.31 29.47
N6 ANP I . -37.48 -9.87 28.55
N1 ANP I . -36.98 -9.51 30.78
C2 ANP I . -36.20 -8.94 31.71
N3 ANP I . -35.13 -8.17 31.53
C4 ANP I . -34.87 -7.99 30.24
PG ANP J . -3.02 17.08 36.10
O1G ANP J . -1.71 17.77 36.30
O2G ANP J . -3.43 17.17 34.59
O3G ANP J . -4.12 17.78 36.98
PB ANP J . -2.84 15.41 38.22
O1B ANP J . -3.06 16.80 38.70
O2B ANP J . -3.94 14.50 38.81
N3B ANP J . -2.90 15.45 36.54
PA ANP J . -1.26 14.51 40.18
O1A ANP J . -2.04 15.38 41.07
O2A ANP J . -1.58 13.01 40.28
O3A ANP J . -1.44 14.89 38.68
O5' ANP J . 0.24 14.86 40.48
C5' ANP J . 0.48 16.14 41.06
C4' ANP J . 1.58 16.02 42.05
O4' ANP J . 1.09 15.73 43.38
C3' ANP J . 2.71 15.04 41.76
O3' ANP J . 4.00 15.62 42.02
C2' ANP J . 2.40 13.87 42.70
O2' ANP J . 3.55 13.11 43.02
C1' ANP J . 1.70 14.56 43.90
N9 ANP J . 0.61 13.71 44.40
C8 ANP J . -0.43 13.27 43.64
N7 ANP J . -1.28 12.50 44.29
C5 ANP J . -0.74 12.43 45.56
C6 ANP J . -1.18 11.78 46.73
N6 ANP J . -2.29 11.05 46.78
N1 ANP J . -0.42 11.90 47.84
C2 ANP J . 0.69 12.65 47.77
N3 ANP J . 1.20 13.32 46.72
C4 ANP J . 0.43 13.15 45.65
PG ANP K . 17.09 34.81 15.21
O1G ANP K . 18.29 35.04 14.37
O2G ANP K . 15.89 34.34 14.30
O3G ANP K . 16.70 36.18 15.91
PB ANP K . 18.61 34.28 17.37
O1B ANP K . 18.54 35.76 17.22
O2B ANP K . 18.35 33.93 18.86
N3B ANP K . 17.42 33.66 16.39
PA ANP K . 21.34 34.26 17.56
O1A ANP K . 21.27 35.70 17.88
O2A ANP K . 21.70 33.33 18.72
O3A ANP K . 20.00 33.72 16.92
O5' ANP K . 22.40 34.21 16.40
C5' ANP K . 22.65 35.45 15.70
C4' ANP K . 24.10 35.83 15.80
O4' ANP K . 24.50 35.98 17.18
C3' ANP K . 25.06 34.82 15.18
O3' ANP K . 25.89 35.46 14.21
C2' ANP K . 25.85 34.28 16.37
O2' ANP K . 27.20 33.95 16.06
C1' ANP K . 25.80 35.47 17.33
N9 ANP K . 26.03 35.12 18.72
C8 ANP K . 25.33 34.22 19.47
N7 ANP K . 25.77 34.10 20.70
C5 ANP K . 26.83 34.96 20.75
C6 ANP K . 27.73 35.30 21.79
N6 ANP K . 27.68 34.77 23.01
N1 ANP K . 28.69 36.21 21.52
C2 ANP K . 28.74 36.74 20.31
N3 ANP K . 27.96 36.51 19.25
C4 ANP K . 27.02 35.60 19.54
PG ANP L . 10.16 37.13 -19.26
O1G ANP L . 9.13 37.85 -20.06
O2G ANP L . 9.83 35.59 -19.26
O3G ANP L . 10.18 37.66 -17.78
PB ANP L . 12.89 37.01 -18.86
O1B ANP L . 13.04 38.11 -17.87
O2B ANP L . 12.47 35.73 -18.10
N3B ANP L . 11.69 37.37 -19.96
PA ANP L . 14.45 35.59 -20.60
O1A ANP L . 15.85 35.13 -20.57
O2A ANP L . 13.41 34.54 -20.22
O3A ANP L . 14.23 36.81 -19.62
O5' ANP L . 14.19 36.16 -22.04
C5' ANP L . 14.70 37.45 -22.43
C4' ANP L . 15.14 37.38 -23.87
O4' ANP L . 16.40 38.06 -24.01
C3' ANP L . 15.32 35.98 -24.43
O3' ANP L . 14.85 35.89 -25.77
C2' ANP L . 16.84 35.78 -24.36
O2' ANP L . 17.29 34.91 -25.38
C1' ANP L . 17.36 37.19 -24.60
N9 ANP L . 18.64 37.47 -23.98
C8 ANP L . 19.08 37.06 -22.75
N7 ANP L . 20.29 37.46 -22.45
C5 ANP L . 20.68 38.18 -23.57
C6 ANP L . 21.87 38.87 -23.89
N6 ANP L . 22.92 38.95 -23.08
N1 ANP L . 21.93 39.48 -25.09
C2 ANP L . 20.89 39.40 -25.91
N3 ANP L . 19.71 38.78 -25.72
C4 ANP L . 19.68 38.19 -24.53
PG ANP M . -18.70 19.61 -31.60
O1G ANP M . -19.32 18.29 -31.95
O2G ANP M . -18.92 19.89 -30.07
O3G ANP M . -19.36 20.76 -32.47
PB ANP M . -16.82 19.53 -33.59
O1B ANP M . -17.52 20.69 -34.22
O2B ANP M . -15.31 19.66 -33.92
N3B ANP M . -17.04 19.55 -31.94
PA ANP M . -16.75 17.44 -35.36
O1A ANP M . -16.03 18.33 -36.28
O2A ANP M . -15.90 16.33 -34.74
O3A ANP M . -17.43 18.21 -34.17
O5' ANP M . -17.96 16.89 -36.20
C5' ANP M . -18.66 17.79 -37.07
C4' ANP M . -19.21 17.02 -38.25
O4' ANP M . -18.59 17.49 -39.46
C3' ANP M . -18.97 15.51 -38.20
O3' ANP M . -20.15 14.79 -38.56
C2' ANP M . -17.83 15.29 -39.20
O2' ANP M . -17.95 14.02 -39.83
C1' ANP M . -18.10 16.41 -40.20
N9 ANP M . -16.90 16.86 -40.92
C8 ANP M . -15.69 17.17 -40.37
N7 ANP M . -14.80 17.57 -41.25
C5 ANP M . -15.49 17.52 -42.46
C6 ANP M . -15.09 17.81 -43.77
N6 ANP M . -13.88 18.24 -44.12
N1 ANP M . -16.03 17.65 -44.75
C2 ANP M . -17.24 17.23 -44.42
N3 ANP M . -17.71 16.92 -43.21
C4 ANP M . -16.78 17.08 -42.27
#